data_6M7J
#
_entry.id   6M7J
#
_cell.length_a   1.0
_cell.length_b   1.0
_cell.length_c   1.0
_cell.angle_alpha   90.00
_cell.angle_beta   90.00
_cell.angle_gamma   90.00
#
_symmetry.space_group_name_H-M   'P 1'
#
loop_
_entity.id
_entity.type
_entity.pdbx_description
1 polymer 'DNA-directed RNA polymerase subunit alpha'
2 polymer 'DNA-directed RNA polymerase subunit beta'
3 polymer "DNA-directed RNA polymerase subunit beta'"
4 polymer 'DNA-directed RNA polymerase subunit omega'
5 polymer 'RNA polymerase sigma factor SigA'
6 polymer 'RNA polymerase-binding protein RbpA'
7 polymer 'DNA (31-MER)'
8 polymer 'DNA (26-MER)'
9 non-polymer 'ZINC ION'
10 non-polymer 'MAGNESIUM ION'
11 non-polymer 'methyl [(1E,5R)-5-{(3E)-3-[(2E,4E,8R,9E,12E)-1,8-dihydroxy-2,5,9-trimethyltetradeca-2,4,9,12-tetraen-1-ylidene]-2,4-dioxo-3,4-d ihydro-2H-pyran-6-yl}hex-1-en-1-yl]carbamate'
#
loop_
_entity_poly.entity_id
_entity_poly.type
_entity_poly.pdbx_seq_one_letter_code
_entity_poly.pdbx_strand_id
1 'polypeptide(L)'
;MLISQRPTLSEDVLTDNRSQFVIEPLEPGFGYTLGNSLRRTLLSSIPGAAVTSIRIDGVLHEFTTVPGVKEDVTEIILNL
KSLVVSSEEDEPVTMYLRKQGPGEVTAGDIVPPAGVTVHNPGMHIATLNDKGKLEVELVVERGRGYVPAVQNRASGAEIG
RIPVDSIYSPVLKVTYKVDATRVEQRTDFDKLILDVETKNSISPRDALASAGKTLVELFGLARELNVEAEGIEIGPSPAE
ADHIASFALPIDDLDLTVRSYNCLKREGVHTVGELVARTESDLLDIRNFGQKSIDEVKIKLHQLGLSLKDSPPSFDPSEV
AGYDVATGTWSTEGAYDEQDYAETEQL
;
A,B
2 'polypeptide(L)'
;MADSRQSKTAASPSPSRPQSSSNNSVPGAPNRVSFAKLREPLEVPGLLDVQTDSFEWLIGSPRWRESAAERGDVNPVGGL
EEVLYELSPIEDFSGSMSLSFSDPRFDDVKAPVDECKDKDMTYAAPLFVTAEFINNNTGEIKSQTVFMGDFPMMTEKGTF
IINGTERVVVSQLVRSPGVYFDETIDKSTDKTLHSVKVIPSRGAWLEFDVDKRDTVGVRIDRKRRQPVTVLLKALGWTSE
QIVERFGFSEIMRSTLEKDNTVGTDEALLDIYRKLRPGEPPTKESAQTLLENLFFKEKRYDLARVGRYKVNKKLGLHVGE
PITSSTLTEEDVVATIEYLVRLHEGQTTMTVPGGVEVPVETDDIDHFGNRRLRTVGELIQNQIRVGMSRMERVVRERMTT
QDVEAITPQTLINIRPVVAAIKEFFGTSQLSQFMDQNNPLSGLTHKRRLSALGPGGLSRERAGLEVRDVHPSHYGRMCPI
ETPEGPNIGLIGSLSVYARVNPFGFIETPYRKVVDGVVSDEIVYLTADEEDRHVVAQANSPIDADGRFVEPRVLVRRKAG
EVEYVPSSEVDYMDVSPRQMVSVATAMIPFLEHDDANRALMGANMQRQAVPLVRSEAPLVGTGMELRAAIDAGDVVVAEE
SGVIEEVSADYITVMHDNGTRRTYRMRKFARSNHGTCANQCPIVDAGDRVEAGQVIADGPCTDDGEMALGKNLLVAIMPW
EGHNYEDAIILSNRLVEEDVLTSIHIEEHEIDARDTKLGAEEITRDIPNISDEVLADLDERGIVRIGAEVRDGDILVGKV
TPKGETELTPEERLLRAIFGEKAREVRDTSLKVPHGESGKVIGIRVFSREDEDELPAGVNELVRVYVAQKRKISDGDKLA
GRHGNKGVIGKILPVEDMPFLADGTPVDIILNTHGVPRRMNIGQILETHLGWCAHSGWKVDAAKGVPDWAARLPDELLEA
QPNAIVSTPVFDGAQEAELQGLLSCTLPNRDGDVLVDADGKAMLFDGRSGEPFPYPVTVGYMYIMKLHHLVDDKIHARST
GPYSMITQQPLGGKAQFGGQRFGEMECWAMQAYGAAYTLQELLTIKSDDTVGRVKVYEAIVKGENIPEPGIPESFKVLLK
ELQSLCLNVEVLSSDGAAIELREGEDEDLERAAANLGINLSRNESASVEDLALARHGGS
;
C
3 'polypeptide(L)'
;GAMLDVNFFDELRIGLATAEDIRQWSYGEVKKPETINYRTLKPEKDGLFCEKIFGPTRDWECYCGKYKRVRFKGIICERC
GVEVTRAKVRRERMGHIELAAPVTHIWYFKGVPSRLGYLLDLAPKDLEKIIYFAAYVITSVDEEMRHNELSTLEAEMAVE
RKAVEDQRDGELEARAQKLEADLAELEAEGAKADARRKVRDGGEREMRQIRDRAQRELDRLEDIWSTFTKLAPKQLIVDE
NLYRELVDRYGEYFTGAMGAESIQKLIENFDIDAEAESLRDVIRNGKGQKKLRALKRLKVVAAFQQSGNSPMGMVLDAVP
VIPPELRPMVQLDGGRFATSDLNDLYRRVINRNNRLKRLIDLGAPEIIVNNEKRMLQESVDALFDNGRRGRPVTGPGNRP
LKSLSDLLKGKQGRFRQNLLGKRVDYSGRSVIVVGPQLKLHQCGLPKLMALELFKPFVMKRLVDLNHAQNIKSAKRMVER
QRPQVWDVLEEVIAEHPVLLNRAPTLHRLGIQAFEPMLVEGKAIQLHPLVCEAFNADFDGDQMAVHLPLSAEAQAEARIL
MLSSNNILSPASGRPLAMPRLDMVTGLYYLTTEVPGDTGEYQPASGDHPETGVYSSPAEAIMAADRGVLSVRAKIKVRLT
QLRPPVEIEAELFGHSGWQPGDAWMAETTLGRVMFNELLPLGYPFVNKQMHKKVQAAIINDLAERYPMIVVAQTVDKLKD
AGFYWATRSGVTVSMADVLVPPRKKEILDHYEERADKVEKQFQRGALNHDERNEALVEIWKEATDEVGQALREHYPDDNP
IITIVDSGATGNFTQTRTLAGMKGLVTNPKGEFIPRPVKSSFREGLTVLEYFINTHGARKGLADTALRTADSGYLTRRLV
DVSQDVIVREHDCQTERGIVVELAERAPDGTLIRDPYIETSAYARTLGTDAVDEAGNVIVERGQDLGDPEIDALLAAGIT
QVKVRSVLTCATSTGVCATCYGRSMATGKLVDIGEAVGIVAAQSIGEPGTQLTMRTFHQGGVGEDITGGLPRVQELFEAR
VPRGKAPIADVTGRVRLEDGERFYKITIVPDDGGEEVVYDKISKRQRLRVFKHEDGSERVLSDGDHVEVGQQLMEGSADP
HEVLRVQGPREVQIHLVREVQEVYRAQGVSIHDKHIEVIVRQMLRRVTIIDSGSTEFLPGSLIDRAEFEAENRRVVAEGG
EPAAGRPVLMGITKASLATDSWLSAASFQETTRVLTDAAINCRSDKLNGLKENVIIGKLIPAGTGINRYRNIAVQPTEEA
RAAAYTIPSYEDQYYSPDFGAATGAAVPLDDYGYSDYRHHHHHHHH
;
D
4 'polypeptide(L)'
;GSISQSDASLAAVPAVDQFDPSSGASGGYDTPLGITNPPIDELLDRVSSKYALVIYAAKRARQINDYYNQLGEGILEYVG
PLVEPGLQEKPLSIALREIHADLLEHTEGE
;
E
5 'polypeptide(L)'
;GPHMAATKASTATDEPVKRTATKSPAASASGAKTGAKRTAAKSASGSPPAKRATKPAARSVKPASAPQDTTTSTIPKRKT
RAAAKSAAAKAPSARGHATKPRAPKDAQHEAATDPEDALDSVEELDAEPDLDVEPGEDLDLDAADLNLDDLEDDVAPDAD
DDLDSGDDEDHEDLEAEAAVAPGQTADDDEEIAEPTEKDKASGDFVWDEDESEALRQARKDAELTASADSVRAYLKQIGK
VALLNAEEEVELAKRIEAGLYATQLMTELSERGEKLPAAQRRDMMWICRDGDRAKNHLLEANLRLVVSLAKRYTGRGMAF
LDLIQEGNLGLIRAVEKFDYTKGYKFSTYATWWIRQAITRAMADQARTIRIPVHMVEVINKLGRIQRELLQDLGREPTPE
ELAKEMDITPEKVLEIQQYAREPISLDQTIGDEGDSQLGDFIEDSEAVVAVDAVSFTLLQDQLQSVLDTLSEREAGVVRL
RFGLTDGQPRTLDEIGQVYGVTRERIRQIESKTMSKLRHPSRSQVLRDYLD
;
F
6 'polypeptide(L)'
;MADRVLRGSRLGAVSYETDRNHDLAPRQIARYRTDNGEEFEVPFADDAEIPGTWLCRNGMEGTLIEGDLPEPKKVKPPRT
HWDMLLERRSIEELEELLKERLELIRSRRRG
;
J
7 'polydeoxyribonucleotide'
;(DG)(DC)(DT)(DT)(DG)(DA)(DC)(DA)(DA)(DA)(DA)(DG)(DT)(DG)(DT)(DT)(DA)(DA)(DA)(DT)
(DT)(DG)(DT)(DG)(DC)(DT)(DA)(DT)(DA)(DC)(DT)
;
O
8 'polydeoxyribonucleotide'
;(DA)(DG)(DC)(DA)(DC)(DA)(DA)(DT)(DT)(DT)(DA)(DA)(DC)(DA)(DC)(DT)(DT)(DT)(DT)(DG)
(DT)(DC)(DA)(DA)(DG)(DC)
;
P
#
loop_
_chem_comp.id
_chem_comp.type
_chem_comp.name
_chem_comp.formula
C0L non-polymer 'methyl [(1E,5R)-5-{(3E)-3-[(2E,4E,8R,9E,12E)-1,8-dihydroxy-2,5,9-trimethyltetradeca-2,4,9,12-tetraen-1-ylidene]-2,4-dioxo-3,4-d ihydro-2H-pyran-6-yl}hex-1-en-1-yl]carbamate' 'C30 H41 N O7'
DA DNA linking 2'-DEOXYADENOSINE-5'-MONOPHOSPHATE 'C10 H14 N5 O6 P'
DC DNA linking 2'-DEOXYCYTIDINE-5'-MONOPHOSPHATE 'C9 H14 N3 O7 P'
DG DNA linking 2'-DEOXYGUANOSINE-5'-MONOPHOSPHATE 'C10 H14 N5 O7 P'
DT DNA linking THYMIDINE-5'-MONOPHOSPHATE 'C10 H15 N2 O8 P'
MG non-polymer 'MAGNESIUM ION' 'Mg 2'
ZN non-polymer 'ZINC ION' 'Zn 2'
#
# COMPACT_ATOMS: atom_id res chain seq x y z
N LEU A 2 -33.39 -65.58 -0.23
CA LEU A 2 -33.41 -64.12 -0.35
C LEU A 2 -34.80 -63.64 -0.76
N ILE A 3 -34.93 -62.33 -0.93
CA ILE A 3 -36.19 -61.74 -1.34
C ILE A 3 -36.40 -61.95 -2.83
N SER A 4 -37.31 -62.85 -3.17
CA SER A 4 -37.58 -63.17 -4.57
C SER A 4 -38.77 -62.37 -5.08
N GLN A 5 -38.54 -61.08 -5.29
CA GLN A 5 -39.57 -60.23 -5.87
C GLN A 5 -38.95 -58.88 -6.19
N ARG A 6 -39.35 -58.30 -7.32
CA ARG A 6 -38.91 -56.95 -7.59
C ARG A 6 -39.79 -55.98 -6.82
N PRO A 7 -39.36 -54.75 -6.65
CA PRO A 7 -40.16 -53.76 -5.92
C PRO A 7 -41.36 -53.32 -6.73
N THR A 8 -42.07 -52.35 -6.19
CA THR A 8 -43.30 -51.86 -6.79
C THR A 8 -43.39 -50.35 -6.65
N LEU A 9 -43.84 -49.71 -7.72
CA LEU A 9 -44.02 -48.26 -7.76
C LEU A 9 -45.44 -47.96 -7.30
N SER A 10 -45.57 -47.45 -6.09
CA SER A 10 -46.86 -47.04 -5.59
C SER A 10 -47.00 -45.52 -5.64
N GLU A 11 -48.25 -45.07 -5.61
CA GLU A 11 -48.59 -43.67 -5.79
C GLU A 11 -49.41 -43.20 -4.61
N ASP A 12 -49.24 -41.93 -4.24
CA ASP A 12 -50.19 -41.29 -3.35
C ASP A 12 -50.42 -39.84 -3.81
N VAL A 13 -51.64 -39.55 -4.17
CA VAL A 13 -52.03 -38.17 -4.48
C VAL A 13 -52.04 -37.36 -3.21
N LEU A 14 -51.52 -36.14 -3.29
CA LEU A 14 -51.62 -35.18 -2.20
C LEU A 14 -52.54 -34.03 -2.54
N THR A 15 -52.23 -33.33 -3.62
CA THR A 15 -53.04 -32.25 -4.14
C THR A 15 -53.03 -32.35 -5.65
N ASP A 16 -53.51 -31.29 -6.30
CA ASP A 16 -53.25 -31.16 -7.72
C ASP A 16 -51.78 -30.87 -7.98
N ASN A 17 -51.27 -29.80 -7.39
CA ASN A 17 -49.92 -29.34 -7.62
C ASN A 17 -48.85 -30.22 -6.99
N ARG A 18 -49.24 -31.29 -6.30
CA ARG A 18 -48.26 -32.11 -5.62
C ARG A 18 -48.94 -33.36 -5.08
N SER A 19 -48.14 -34.41 -4.92
CA SER A 19 -48.63 -35.71 -4.46
C SER A 19 -47.43 -36.50 -3.92
N GLN A 20 -47.70 -37.72 -3.47
CA GLN A 20 -46.70 -38.57 -2.86
C GLN A 20 -46.44 -39.81 -3.69
N PHE A 21 -45.29 -40.42 -3.46
CA PHE A 21 -44.92 -41.68 -4.10
C PHE A 21 -44.04 -42.46 -3.14
N VAL A 22 -44.21 -43.78 -3.14
CA VAL A 22 -43.42 -44.67 -2.30
C VAL A 22 -43.33 -46.00 -3.02
N ILE A 23 -42.26 -46.73 -2.78
CA ILE A 23 -41.93 -47.92 -3.54
C ILE A 23 -41.25 -48.91 -2.61
N GLU A 24 -41.47 -50.19 -2.87
CA GLU A 24 -40.83 -51.28 -2.13
C GLU A 24 -41.23 -52.60 -2.77
N PRO A 25 -40.62 -53.72 -2.37
CA PRO A 25 -39.56 -53.84 -1.36
C PRO A 25 -38.28 -53.23 -1.87
N LEU A 26 -37.37 -52.84 -0.98
CA LEU A 26 -36.21 -52.10 -1.45
C LEU A 26 -34.92 -52.64 -0.88
N GLU A 27 -33.80 -52.26 -1.48
CA GLU A 27 -32.74 -52.92 -0.73
C GLU A 27 -32.29 -52.05 0.43
N PRO A 28 -31.96 -52.67 1.55
CA PRO A 28 -31.46 -51.91 2.71
C PRO A 28 -30.22 -51.11 2.34
N GLY A 29 -30.08 -49.93 2.93
CA GLY A 29 -28.97 -49.07 2.60
C GLY A 29 -29.00 -48.55 1.19
N PHE A 30 -30.18 -48.39 0.61
CA PHE A 30 -30.33 -48.02 -0.78
C PHE A 30 -31.31 -46.88 -1.02
N GLY A 31 -32.32 -46.75 -0.16
CA GLY A 31 -33.39 -45.81 -0.43
C GLY A 31 -32.90 -44.38 -0.53
N TYR A 32 -32.05 -43.97 0.40
CA TYR A 32 -31.44 -42.65 0.32
C TYR A 32 -30.75 -42.46 -1.02
N THR A 33 -30.04 -43.49 -1.46
CA THR A 33 -29.33 -43.44 -2.73
C THR A 33 -30.31 -43.10 -3.85
N LEU A 34 -31.34 -43.93 -4.01
CA LEU A 34 -32.27 -43.73 -5.09
C LEU A 34 -33.00 -42.39 -4.94
N GLY A 35 -33.25 -41.98 -3.71
CA GLY A 35 -33.98 -40.75 -3.49
C GLY A 35 -33.20 -39.54 -3.93
N ASN A 36 -31.95 -39.43 -3.46
CA ASN A 36 -31.12 -38.34 -3.94
C ASN A 36 -30.93 -38.41 -5.43
N SER A 37 -30.85 -39.63 -5.97
CA SER A 37 -30.85 -39.81 -7.41
C SER A 37 -31.98 -39.03 -8.06
N LEU A 38 -33.21 -39.37 -7.67
CA LEU A 38 -34.35 -38.74 -8.31
C LEU A 38 -34.41 -37.26 -8.00
N ARG A 39 -33.94 -36.86 -6.83
CA ARG A 39 -33.98 -35.45 -6.46
C ARG A 39 -33.08 -34.63 -7.38
N ARG A 40 -31.82 -35.03 -7.46
CA ARG A 40 -30.87 -34.39 -8.35
C ARG A 40 -31.40 -34.40 -9.78
N THR A 41 -32.07 -35.49 -10.16
CA THR A 41 -32.66 -35.55 -11.47
C THR A 41 -33.68 -34.43 -11.64
N LEU A 42 -34.76 -34.56 -10.89
CA LEU A 42 -35.95 -33.75 -11.02
C LEU A 42 -35.64 -32.28 -10.93
N LEU A 43 -34.68 -31.92 -10.10
CA LEU A 43 -34.46 -30.51 -9.88
C LEU A 43 -33.97 -29.79 -11.11
N SER A 44 -33.31 -30.46 -12.03
CA SER A 44 -32.74 -29.78 -13.18
C SER A 44 -33.10 -30.38 -14.53
N SER A 45 -33.27 -31.70 -14.62
CA SER A 45 -33.30 -32.38 -15.90
C SER A 45 -34.71 -32.45 -16.46
N ILE A 46 -35.51 -31.46 -16.15
CA ILE A 46 -36.89 -31.48 -16.60
C ILE A 46 -37.10 -30.40 -17.65
N PRO A 47 -37.44 -30.78 -18.87
CA PRO A 47 -37.65 -29.79 -19.91
C PRO A 47 -38.83 -28.89 -19.56
N GLY A 48 -38.60 -27.59 -19.65
CA GLY A 48 -39.67 -26.65 -19.40
C GLY A 48 -39.85 -25.69 -20.55
N ALA A 49 -40.52 -24.57 -20.28
CA ALA A 49 -40.75 -23.56 -21.31
C ALA A 49 -40.88 -22.23 -20.61
N ALA A 50 -40.16 -21.22 -21.09
CA ALA A 50 -40.08 -19.98 -20.36
C ALA A 50 -40.05 -18.82 -21.33
N VAL A 51 -40.45 -17.65 -20.82
CA VAL A 51 -40.30 -16.41 -21.57
C VAL A 51 -38.82 -16.19 -21.76
N THR A 52 -38.44 -15.55 -22.85
CA THR A 52 -37.04 -15.31 -23.14
C THR A 52 -36.64 -13.86 -22.95
N SER A 53 -37.25 -12.96 -23.70
CA SER A 53 -36.91 -11.55 -23.62
C SER A 53 -37.98 -10.80 -24.39
N ILE A 54 -38.48 -9.71 -23.82
CA ILE A 54 -39.60 -9.02 -24.40
C ILE A 54 -39.21 -7.61 -24.77
N ARG A 55 -40.18 -6.85 -25.24
CA ARG A 55 -39.98 -5.51 -25.75
C ARG A 55 -41.28 -4.74 -25.63
N ILE A 56 -41.17 -3.46 -25.32
CA ILE A 56 -42.31 -2.55 -25.34
C ILE A 56 -41.91 -1.30 -26.09
N ASP A 57 -42.88 -0.73 -26.80
CA ASP A 57 -42.63 0.42 -27.67
C ASP A 57 -42.01 1.58 -26.91
N GLY A 58 -42.61 1.96 -25.79
CA GLY A 58 -42.17 3.17 -25.12
C GLY A 58 -40.79 3.09 -24.52
N VAL A 59 -40.20 1.91 -24.44
CA VAL A 59 -38.98 1.70 -23.67
C VAL A 59 -37.81 1.57 -24.63
N LEU A 60 -36.62 1.86 -24.12
CA LEU A 60 -35.39 1.66 -24.86
C LEU A 60 -34.52 0.60 -24.24
N HIS A 61 -34.76 0.26 -22.98
CA HIS A 61 -33.87 -0.59 -22.22
C HIS A 61 -34.44 -0.77 -20.83
N GLU A 62 -33.82 -1.63 -20.05
CA GLU A 62 -34.27 -2.00 -18.71
C GLU A 62 -34.38 -0.82 -17.76
N PHE A 63 -33.75 0.30 -18.07
CA PHE A 63 -33.44 1.27 -17.04
C PHE A 63 -34.20 2.57 -17.27
N THR A 64 -35.48 2.45 -17.59
CA THR A 64 -36.31 3.60 -17.85
C THR A 64 -37.63 3.43 -17.12
N THR A 65 -38.61 4.26 -17.47
CA THR A 65 -39.90 4.28 -16.83
C THR A 65 -41.01 4.24 -17.86
N VAL A 66 -42.23 3.99 -17.39
CA VAL A 66 -43.42 4.03 -18.24
C VAL A 66 -44.30 5.17 -17.75
N PRO A 67 -44.72 6.06 -18.63
CA PRO A 67 -45.65 7.11 -18.20
C PRO A 67 -46.97 6.54 -17.72
N GLY A 68 -47.36 6.89 -16.51
CA GLY A 68 -48.66 6.50 -16.01
C GLY A 68 -48.60 5.41 -14.96
N VAL A 69 -47.70 4.45 -15.16
CA VAL A 69 -47.57 3.37 -14.20
C VAL A 69 -46.88 3.89 -12.94
N LYS A 70 -47.16 3.22 -11.82
CA LYS A 70 -46.31 3.41 -10.65
C LYS A 70 -45.01 2.64 -10.79
N GLU A 71 -45.11 1.35 -11.13
CA GLU A 71 -43.96 0.48 -11.21
C GLU A 71 -43.01 0.96 -12.32
N ASP A 72 -41.87 0.29 -12.45
CA ASP A 72 -40.94 0.62 -13.51
C ASP A 72 -40.65 -0.61 -14.35
N VAL A 73 -39.67 -0.43 -15.24
CA VAL A 73 -39.18 -1.52 -16.07
C VAL A 73 -38.79 -2.70 -15.22
N THR A 74 -37.79 -2.53 -14.36
CA THR A 74 -37.21 -3.65 -13.65
C THR A 74 -38.19 -4.26 -12.66
N GLU A 75 -39.04 -3.44 -12.05
CA GLU A 75 -40.12 -3.98 -11.23
C GLU A 75 -40.97 -4.94 -12.04
N ILE A 76 -41.41 -4.49 -13.20
CA ILE A 76 -42.14 -5.36 -14.10
C ILE A 76 -41.30 -6.58 -14.46
N ILE A 77 -39.99 -6.39 -14.55
CA ILE A 77 -39.10 -7.48 -14.91
C ILE A 77 -39.22 -8.60 -13.90
N LEU A 78 -39.00 -8.25 -12.63
CA LEU A 78 -39.09 -9.25 -11.58
C LEU A 78 -40.48 -9.84 -11.52
N ASN A 79 -41.51 -9.02 -11.71
CA ASN A 79 -42.87 -9.53 -11.67
C ASN A 79 -43.08 -10.58 -12.75
N LEU A 80 -42.65 -10.28 -13.96
CA LEU A 80 -42.85 -11.20 -15.07
C LEU A 80 -41.99 -12.43 -14.89
N LYS A 81 -40.87 -12.28 -14.19
CA LYS A 81 -40.01 -13.41 -13.89
C LYS A 81 -40.78 -14.42 -13.05
N SER A 82 -41.75 -13.94 -12.29
CA SER A 82 -42.64 -14.81 -11.55
C SER A 82 -43.53 -15.65 -12.44
N LEU A 83 -43.75 -15.23 -13.69
CA LEU A 83 -44.80 -15.80 -14.53
C LEU A 83 -44.63 -17.29 -14.74
N VAL A 84 -45.73 -17.94 -15.11
CA VAL A 84 -45.73 -19.36 -15.44
C VAL A 84 -46.54 -19.54 -16.70
N VAL A 85 -46.10 -20.44 -17.57
CA VAL A 85 -46.80 -20.72 -18.82
C VAL A 85 -46.21 -21.98 -19.42
N SER A 86 -47.05 -22.74 -20.11
CA SER A 86 -46.63 -24.00 -20.73
C SER A 86 -46.74 -23.85 -22.25
N SER A 87 -45.66 -24.21 -22.94
CA SER A 87 -45.68 -24.28 -24.39
C SER A 87 -46.01 -25.70 -24.83
N GLU A 88 -46.07 -25.89 -26.15
CA GLU A 88 -46.40 -27.19 -26.71
C GLU A 88 -45.40 -27.56 -27.78
N GLU A 89 -44.83 -26.53 -28.41
CA GLU A 89 -43.89 -26.66 -29.50
C GLU A 89 -42.62 -25.90 -29.13
N ASP A 90 -41.60 -26.03 -29.96
CA ASP A 90 -40.28 -25.54 -29.59
C ASP A 90 -39.88 -24.26 -30.31
N GLU A 91 -40.49 -23.96 -31.45
CA GLU A 91 -40.21 -22.70 -32.09
C GLU A 91 -40.70 -21.55 -31.21
N PRO A 92 -39.99 -20.44 -31.24
CA PRO A 92 -40.33 -19.34 -30.33
C PRO A 92 -41.65 -18.71 -30.69
N VAL A 93 -42.67 -18.95 -29.87
CA VAL A 93 -43.96 -18.29 -30.06
C VAL A 93 -43.91 -16.98 -29.31
N THR A 94 -44.88 -16.10 -29.58
CA THR A 94 -44.89 -14.79 -28.97
C THR A 94 -46.30 -14.41 -28.58
N MET A 95 -46.47 -14.03 -27.32
CA MET A 95 -47.71 -13.42 -26.88
C MET A 95 -47.53 -11.93 -26.72
N TYR A 96 -48.63 -11.23 -26.51
CA TYR A 96 -48.63 -9.78 -26.50
C TYR A 96 -49.52 -9.30 -25.38
N LEU A 97 -49.52 -7.98 -25.18
CA LEU A 97 -50.39 -7.39 -24.17
C LEU A 97 -50.38 -5.88 -24.33
N ARG A 98 -51.57 -5.28 -24.34
CA ARG A 98 -51.73 -3.85 -24.30
C ARG A 98 -52.74 -3.50 -23.22
N LYS A 99 -52.77 -2.23 -22.84
CA LYS A 99 -53.71 -1.85 -21.80
C LYS A 99 -53.78 -0.34 -21.73
N GLN A 100 -54.88 0.14 -21.15
CA GLN A 100 -55.13 1.57 -21.07
C GLN A 100 -56.00 1.84 -19.85
N GLY A 101 -55.91 3.08 -19.37
CA GLY A 101 -56.72 3.51 -18.25
C GLY A 101 -56.14 3.07 -16.93
N PRO A 102 -56.64 3.66 -15.84
CA PRO A 102 -56.14 3.29 -14.53
C PRO A 102 -56.51 1.87 -14.19
N GLY A 103 -55.55 1.11 -13.70
CA GLY A 103 -55.84 -0.27 -13.37
C GLY A 103 -54.66 -1.13 -13.00
N GLU A 104 -54.99 -2.34 -12.56
CA GLU A 104 -54.00 -3.35 -12.22
C GLU A 104 -53.66 -4.18 -13.44
N VAL A 105 -52.47 -4.76 -13.45
CA VAL A 105 -52.05 -5.67 -14.49
C VAL A 105 -51.92 -7.05 -13.85
N THR A 106 -52.81 -7.95 -14.22
CA THR A 106 -52.80 -9.30 -13.69
C THR A 106 -52.31 -10.27 -14.77
N ALA A 107 -51.99 -11.49 -14.35
CA ALA A 107 -51.47 -12.48 -15.28
C ALA A 107 -52.49 -12.81 -16.36
N GLY A 108 -53.77 -12.87 -15.98
CA GLY A 108 -54.81 -13.19 -16.94
C GLY A 108 -54.96 -12.19 -18.06
N ASP A 109 -54.40 -11.00 -17.87
CA ASP A 109 -54.58 -9.90 -18.81
C ASP A 109 -54.04 -10.19 -20.21
N ILE A 110 -53.20 -11.20 -20.36
CA ILE A 110 -52.35 -11.34 -21.53
C ILE A 110 -53.14 -11.93 -22.68
N VAL A 111 -52.89 -11.43 -23.89
CA VAL A 111 -53.37 -12.11 -25.10
C VAL A 111 -52.34 -13.18 -25.45
N PRO A 112 -52.70 -14.45 -25.32
CA PRO A 112 -51.77 -15.51 -25.67
C PRO A 112 -52.01 -15.97 -27.08
N PRO A 113 -50.96 -16.33 -27.81
CA PRO A 113 -51.15 -17.01 -29.09
C PRO A 113 -51.59 -18.45 -28.87
N ALA A 114 -51.88 -19.12 -29.97
CA ALA A 114 -52.32 -20.50 -29.89
C ALA A 114 -51.21 -21.38 -29.36
N GLY A 115 -51.56 -22.31 -28.47
CA GLY A 115 -50.64 -23.32 -27.96
C GLY A 115 -50.09 -23.00 -26.59
N VAL A 116 -50.14 -21.74 -26.19
CA VAL A 116 -49.56 -21.31 -24.93
C VAL A 116 -50.66 -21.23 -23.89
N THR A 117 -50.25 -21.24 -22.61
CA THR A 117 -51.21 -21.05 -21.54
C THR A 117 -50.54 -20.76 -20.20
N VAL A 118 -50.92 -19.64 -19.61
CA VAL A 118 -50.51 -19.32 -18.25
C VAL A 118 -51.27 -20.24 -17.32
N HIS A 119 -50.83 -20.33 -16.08
CA HIS A 119 -51.43 -21.22 -15.11
C HIS A 119 -51.72 -20.53 -13.80
N ASN A 120 -51.68 -19.21 -13.77
CA ASN A 120 -51.99 -18.44 -12.56
C ASN A 120 -52.29 -17.00 -12.98
N PRO A 121 -53.45 -16.77 -13.60
CA PRO A 121 -53.75 -15.42 -14.10
C PRO A 121 -53.83 -14.38 -13.01
N GLY A 122 -54.00 -14.80 -11.76
CA GLY A 122 -54.05 -13.88 -10.64
C GLY A 122 -52.71 -13.25 -10.31
N MET A 123 -51.64 -13.68 -10.99
CA MET A 123 -50.33 -13.10 -10.75
C MET A 123 -50.37 -11.62 -11.12
N HIS A 124 -50.26 -10.76 -10.11
CA HIS A 124 -50.17 -9.33 -10.38
C HIS A 124 -48.97 -9.01 -11.25
N ILE A 125 -49.15 -8.03 -12.13
CA ILE A 125 -48.05 -7.59 -12.95
C ILE A 125 -47.70 -6.15 -12.60
N ALA A 126 -48.66 -5.25 -12.81
CA ALA A 126 -48.40 -3.84 -12.55
C ALA A 126 -49.72 -3.10 -12.39
N THR A 127 -49.61 -1.85 -11.97
CA THR A 127 -50.75 -0.96 -11.85
C THR A 127 -50.47 0.33 -12.61
N LEU A 128 -51.54 0.93 -13.12
CA LEU A 128 -51.43 2.10 -13.97
C LEU A 128 -52.41 3.16 -13.51
N ASN A 129 -52.35 4.32 -14.16
CA ASN A 129 -53.29 5.39 -13.93
C ASN A 129 -54.08 5.64 -15.21
N ASP A 130 -54.84 6.73 -15.21
CA ASP A 130 -55.53 7.18 -16.41
C ASP A 130 -54.57 7.26 -17.59
N LYS A 131 -53.41 7.83 -17.35
CA LYS A 131 -52.36 7.89 -18.35
C LYS A 131 -51.66 6.58 -18.52
N GLY A 132 -51.96 5.65 -17.62
CA GLY A 132 -51.44 4.31 -17.73
C GLY A 132 -51.83 3.68 -19.05
N LYS A 133 -50.83 3.45 -19.91
CA LYS A 133 -51.02 2.81 -21.20
C LYS A 133 -49.98 1.72 -21.37
N LEU A 134 -50.43 0.54 -21.79
CA LEU A 134 -49.54 -0.60 -21.96
C LEU A 134 -49.55 -1.14 -23.37
N GLU A 135 -48.38 -1.56 -23.82
CA GLU A 135 -48.22 -2.53 -24.89
C GLU A 135 -47.05 -3.41 -24.48
N VAL A 136 -47.06 -4.66 -24.91
CA VAL A 136 -45.88 -5.50 -24.77
C VAL A 136 -46.01 -6.73 -25.65
N GLU A 137 -44.88 -7.13 -26.23
CA GLU A 137 -44.73 -8.41 -26.92
C GLU A 137 -43.95 -9.35 -26.01
N LEU A 138 -44.05 -10.64 -26.27
CA LEU A 138 -43.41 -11.60 -25.40
C LEU A 138 -42.69 -12.67 -26.22
N VAL A 139 -41.54 -13.10 -25.71
CA VAL A 139 -40.76 -14.16 -26.34
C VAL A 139 -40.69 -15.32 -25.37
N VAL A 140 -41.24 -16.45 -25.78
CA VAL A 140 -41.37 -17.61 -24.92
C VAL A 140 -40.91 -18.83 -25.68
N GLU A 141 -40.40 -19.82 -24.97
CA GLU A 141 -39.92 -21.04 -25.60
C GLU A 141 -39.81 -22.17 -24.60
N ARG A 142 -40.04 -23.39 -25.08
CA ARG A 142 -39.67 -24.59 -24.35
C ARG A 142 -38.18 -24.57 -24.05
N GLY A 143 -37.78 -25.31 -23.03
CA GLY A 143 -36.37 -25.46 -22.74
C GLY A 143 -36.18 -26.42 -21.60
N ARG A 144 -34.99 -26.36 -21.01
CA ARG A 144 -34.69 -27.14 -19.82
C ARG A 144 -33.68 -26.37 -18.98
N GLY A 145 -33.92 -26.34 -17.69
CA GLY A 145 -32.99 -25.74 -16.77
C GLY A 145 -32.96 -24.22 -16.85
N TYR A 146 -31.89 -23.67 -16.30
CA TYR A 146 -31.66 -22.23 -16.31
C TYR A 146 -30.79 -21.81 -17.48
N VAL A 147 -31.07 -20.63 -18.00
CA VAL A 147 -30.10 -19.93 -18.84
C VAL A 147 -30.07 -18.46 -18.43
N PRO A 148 -28.91 -17.84 -18.40
CA PRO A 148 -28.87 -16.38 -18.33
C PRO A 148 -29.29 -15.78 -19.66
N ALA A 149 -29.64 -14.51 -19.62
CA ALA A 149 -30.11 -13.80 -20.80
C ALA A 149 -29.01 -13.70 -21.84
N VAL A 150 -29.26 -14.22 -23.04
CA VAL A 150 -28.28 -14.12 -24.12
C VAL A 150 -28.15 -12.66 -24.52
N GLN A 151 -26.98 -12.31 -25.07
CA GLN A 151 -26.76 -10.95 -25.52
C GLN A 151 -27.45 -10.70 -26.84
N ASN A 152 -28.18 -9.59 -26.92
CA ASN A 152 -28.83 -9.22 -28.17
C ASN A 152 -27.79 -8.81 -29.21
N ARG A 153 -26.61 -8.37 -28.78
CA ARG A 153 -25.52 -8.17 -29.73
C ARG A 153 -25.11 -9.50 -30.34
N ALA A 154 -25.04 -10.54 -29.50
CA ALA A 154 -24.85 -11.88 -30.02
C ALA A 154 -25.94 -12.26 -30.99
N SER A 155 -27.17 -11.81 -30.74
CA SER A 155 -28.24 -11.91 -31.70
C SER A 155 -28.17 -10.70 -32.64
N GLY A 156 -29.22 -10.52 -33.42
CA GLY A 156 -29.34 -9.37 -34.29
C GLY A 156 -30.57 -8.52 -34.02
N ALA A 157 -31.34 -8.84 -32.99
CA ALA A 157 -32.62 -8.19 -32.73
C ALA A 157 -32.46 -6.70 -32.51
N GLU A 158 -33.56 -5.97 -32.53
CA GLU A 158 -33.51 -4.52 -32.47
C GLU A 158 -33.41 -4.05 -31.01
N ILE A 159 -33.16 -2.75 -30.84
CA ILE A 159 -32.83 -2.21 -29.53
C ILE A 159 -33.98 -2.30 -28.55
N GLY A 160 -35.21 -2.50 -29.03
CA GLY A 160 -36.32 -2.70 -28.12
C GLY A 160 -36.24 -4.01 -27.37
N ARG A 161 -35.50 -4.97 -27.91
CA ARG A 161 -35.37 -6.25 -27.24
C ARG A 161 -34.64 -6.08 -25.92
N ILE A 162 -35.07 -6.83 -24.92
CA ILE A 162 -34.43 -6.80 -23.61
C ILE A 162 -34.27 -8.23 -23.12
N PRO A 163 -33.08 -8.80 -23.19
CA PRO A 163 -32.89 -10.20 -22.81
C PRO A 163 -33.27 -10.43 -21.37
N VAL A 164 -33.71 -11.65 -21.10
CA VAL A 164 -34.15 -12.06 -19.77
C VAL A 164 -33.70 -13.49 -19.55
N ASP A 165 -33.22 -13.78 -18.35
CA ASP A 165 -32.80 -15.13 -18.04
C ASP A 165 -33.99 -16.07 -18.09
N SER A 166 -33.72 -17.37 -18.14
CA SER A 166 -34.77 -18.36 -18.25
C SER A 166 -34.52 -19.49 -17.28
N ILE A 167 -35.58 -19.96 -16.65
CA ILE A 167 -35.51 -21.05 -15.71
C ILE A 167 -36.55 -22.09 -16.09
N TYR A 168 -36.14 -23.08 -16.86
CA TYR A 168 -37.05 -24.12 -17.30
C TYR A 168 -37.20 -25.11 -16.15
N SER A 169 -38.02 -24.73 -15.17
CA SER A 169 -38.28 -25.57 -14.01
C SER A 169 -39.77 -25.85 -13.93
N PRO A 170 -40.21 -26.97 -14.42
CA PRO A 170 -41.60 -27.38 -14.18
C PRO A 170 -41.76 -27.81 -12.74
N VAL A 171 -40.66 -28.25 -12.17
CA VAL A 171 -40.62 -28.68 -10.78
C VAL A 171 -40.68 -27.48 -9.86
N LEU A 172 -41.30 -27.67 -8.70
CA LEU A 172 -41.30 -26.64 -7.68
C LEU A 172 -40.42 -26.99 -6.50
N LYS A 173 -40.64 -28.15 -5.88
CA LYS A 173 -39.81 -28.58 -4.77
C LYS A 173 -39.97 -30.07 -4.56
N VAL A 174 -38.94 -30.68 -3.95
CA VAL A 174 -38.88 -32.12 -3.78
C VAL A 174 -38.43 -32.41 -2.35
N THR A 175 -38.86 -33.55 -1.84
CA THR A 175 -38.30 -34.08 -0.60
C THR A 175 -38.85 -35.47 -0.41
N TYR A 176 -38.46 -36.13 0.67
CA TYR A 176 -38.83 -37.51 0.88
C TYR A 176 -38.32 -38.02 2.21
N LYS A 177 -38.58 -39.28 2.49
CA LYS A 177 -37.93 -39.94 3.60
C LYS A 177 -38.00 -41.44 3.37
N VAL A 178 -37.19 -42.17 4.12
CA VAL A 178 -36.98 -43.59 3.89
C VAL A 178 -37.78 -44.37 4.93
N ASP A 179 -37.86 -45.68 4.72
CA ASP A 179 -38.48 -46.59 5.66
C ASP A 179 -37.56 -47.78 5.85
N ALA A 180 -36.70 -47.70 6.87
CA ALA A 180 -35.78 -48.78 7.18
C ALA A 180 -36.58 -49.91 7.82
N THR A 181 -36.99 -50.88 7.00
CA THR A 181 -37.65 -52.06 7.55
C THR A 181 -36.72 -52.79 8.50
N ARG A 182 -35.62 -53.35 7.95
CA ARG A 182 -34.43 -53.78 8.68
C ARG A 182 -34.75 -54.48 10.00
N VAL A 183 -35.68 -55.42 9.94
CA VAL A 183 -36.05 -56.18 11.12
C VAL A 183 -34.93 -57.16 11.42
N GLU A 184 -34.95 -57.78 12.60
CA GLU A 184 -33.89 -58.71 12.96
C GLU A 184 -34.19 -60.11 12.48
N GLN A 185 -34.57 -60.24 11.21
CA GLN A 185 -34.66 -61.54 10.56
C GLN A 185 -33.96 -61.55 9.22
N ARG A 186 -33.42 -60.41 8.77
CA ARG A 186 -32.83 -60.26 7.45
C ARG A 186 -33.89 -60.32 6.36
N THR A 187 -35.17 -60.30 6.74
CA THR A 187 -36.27 -60.06 5.82
C THR A 187 -36.46 -58.54 5.71
N ASP A 188 -35.38 -57.86 5.33
CA ASP A 188 -35.29 -56.42 5.52
C ASP A 188 -35.26 -55.73 4.16
N PHE A 189 -35.62 -54.46 4.14
CA PHE A 189 -35.74 -53.76 2.89
C PHE A 189 -36.06 -52.30 3.18
N ASP A 190 -36.10 -51.50 2.13
CA ASP A 190 -36.42 -50.09 2.30
C ASP A 190 -37.81 -49.78 1.75
N LYS A 191 -38.24 -48.55 1.99
CA LYS A 191 -39.52 -48.05 1.52
C LYS A 191 -39.41 -46.52 1.47
N LEU A 192 -39.38 -45.97 0.27
CA LEU A 192 -39.14 -44.53 0.10
C LEU A 192 -40.42 -43.75 0.27
N ILE A 193 -40.56 -43.10 1.42
CA ILE A 193 -41.63 -42.13 1.57
C ILE A 193 -41.21 -40.88 0.82
N LEU A 194 -41.66 -40.76 -0.41
CA LEU A 194 -41.29 -39.65 -1.25
C LEU A 194 -42.46 -38.70 -1.44
N ASP A 195 -42.15 -37.43 -1.62
CA ASP A 195 -43.12 -36.40 -1.95
C ASP A 195 -42.63 -35.60 -3.14
N VAL A 196 -43.58 -35.01 -3.86
CA VAL A 196 -43.29 -34.20 -5.04
C VAL A 196 -44.10 -32.93 -4.92
N GLU A 197 -43.62 -31.87 -5.58
CA GLU A 197 -44.28 -30.58 -5.58
C GLU A 197 -44.12 -29.92 -6.94
N THR A 198 -45.10 -30.13 -7.80
CA THR A 198 -45.11 -29.47 -9.10
C THR A 198 -45.48 -28.01 -8.89
N LYS A 199 -44.90 -27.14 -9.72
CA LYS A 199 -45.26 -25.74 -9.65
C LYS A 199 -46.30 -25.36 -10.69
N ASN A 200 -47.45 -26.03 -10.65
CA ASN A 200 -48.63 -25.64 -11.43
C ASN A 200 -48.47 -25.94 -12.93
N SER A 201 -47.33 -26.48 -13.35
CA SER A 201 -47.17 -26.73 -14.76
C SER A 201 -47.73 -28.09 -15.16
N ILE A 202 -47.29 -29.15 -14.49
CA ILE A 202 -47.71 -30.50 -14.84
C ILE A 202 -47.96 -31.26 -13.55
N SER A 203 -48.30 -32.54 -13.69
CA SER A 203 -48.50 -33.34 -12.50
C SER A 203 -47.19 -33.96 -12.07
N PRO A 204 -47.11 -34.33 -10.80
CA PRO A 204 -45.90 -35.01 -10.31
C PRO A 204 -45.59 -36.25 -11.11
N ARG A 205 -46.60 -37.07 -11.40
CA ARG A 205 -46.36 -38.25 -12.20
C ARG A 205 -45.87 -37.88 -13.59
N ASP A 206 -46.40 -36.78 -14.14
CA ASP A 206 -45.98 -36.35 -15.47
C ASP A 206 -44.49 -36.08 -15.49
N ALA A 207 -44.02 -35.27 -14.55
CA ALA A 207 -42.58 -35.00 -14.51
C ALA A 207 -41.80 -36.25 -14.17
N LEU A 208 -42.38 -37.09 -13.32
CA LEU A 208 -41.64 -38.19 -12.73
C LEU A 208 -41.31 -39.25 -13.75
N ALA A 209 -42.31 -39.67 -14.53
CA ALA A 209 -42.06 -40.69 -15.55
C ALA A 209 -41.09 -40.17 -16.59
N SER A 210 -41.18 -38.88 -16.93
CA SER A 210 -40.22 -38.28 -17.86
C SER A 210 -38.81 -38.39 -17.33
N ALA A 211 -38.63 -38.01 -16.06
CA ALA A 211 -37.31 -38.10 -15.44
C ALA A 211 -36.80 -39.52 -15.47
N GLY A 212 -37.65 -40.47 -15.10
CA GLY A 212 -37.24 -41.87 -15.11
C GLY A 212 -36.85 -42.35 -16.49
N LYS A 213 -37.57 -41.89 -17.51
CA LYS A 213 -37.19 -42.21 -18.87
C LYS A 213 -35.81 -41.68 -19.19
N THR A 214 -35.53 -40.44 -18.81
CA THR A 214 -34.19 -39.90 -19.04
C THR A 214 -33.15 -40.71 -18.29
N LEU A 215 -33.49 -41.15 -17.09
CA LEU A 215 -32.56 -41.97 -16.32
C LEU A 215 -32.26 -43.26 -17.05
N VAL A 216 -33.30 -43.95 -17.50
CA VAL A 216 -33.14 -45.16 -18.29
C VAL A 216 -32.26 -44.90 -19.50
N GLU A 217 -32.41 -43.72 -20.09
CA GLU A 217 -31.45 -43.29 -21.10
C GLU A 217 -30.03 -43.37 -20.57
N LEU A 218 -29.81 -42.81 -19.39
CA LEU A 218 -28.45 -42.77 -18.85
C LEU A 218 -27.90 -44.15 -18.60
N PHE A 219 -28.63 -44.96 -17.82
CA PHE A 219 -28.07 -46.22 -17.33
C PHE A 219 -27.76 -47.18 -18.47
N GLY A 220 -28.67 -47.30 -19.43
CA GLY A 220 -28.47 -48.23 -20.52
C GLY A 220 -27.19 -47.96 -21.27
N LEU A 221 -26.77 -46.69 -21.30
CA LEU A 221 -25.46 -46.32 -21.83
C LEU A 221 -24.36 -47.18 -21.21
N ALA A 222 -24.41 -47.32 -19.90
CA ALA A 222 -23.46 -48.17 -19.20
C ALA A 222 -24.02 -49.57 -18.97
N ARG A 223 -25.25 -49.83 -19.39
CA ARG A 223 -25.85 -51.12 -19.09
C ARG A 223 -25.30 -52.21 -20.00
N GLU A 224 -25.55 -52.11 -21.30
CA GLU A 224 -25.25 -53.19 -22.23
C GLU A 224 -24.26 -52.79 -23.31
N LEU A 225 -23.87 -51.51 -23.38
CA LEU A 225 -22.91 -51.07 -24.38
C LEU A 225 -21.61 -51.84 -24.32
N ASN A 226 -21.27 -52.41 -23.17
CA ASN A 226 -20.09 -53.23 -23.05
C ASN A 226 -20.46 -54.70 -23.12
N MET B 1 -35.56 -34.59 -24.43
CA MET B 1 -34.52 -33.59 -24.72
C MET B 1 -33.39 -34.18 -25.52
N LEU B 2 -32.96 -33.42 -26.53
CA LEU B 2 -31.82 -33.79 -27.34
C LEU B 2 -30.59 -33.81 -26.44
N ILE B 3 -29.76 -34.84 -26.59
CA ILE B 3 -28.66 -35.01 -25.66
C ILE B 3 -27.63 -33.90 -25.81
N SER B 4 -27.44 -33.39 -27.03
CA SER B 4 -26.49 -32.32 -27.35
C SER B 4 -25.02 -32.75 -27.19
N GLN B 5 -24.78 -33.95 -26.70
CA GLN B 5 -23.44 -34.52 -26.56
C GLN B 5 -23.61 -35.94 -26.06
N ARG B 6 -22.68 -36.82 -26.42
CA ARG B 6 -22.91 -38.19 -25.98
C ARG B 6 -21.76 -38.67 -25.10
N PRO B 7 -22.04 -38.92 -23.83
CA PRO B 7 -21.02 -39.52 -22.97
C PRO B 7 -20.60 -40.88 -23.49
N THR B 8 -19.47 -41.37 -22.99
CA THR B 8 -18.87 -42.59 -23.49
C THR B 8 -18.36 -43.44 -22.33
N LEU B 9 -18.20 -44.73 -22.62
CA LEU B 9 -17.73 -45.71 -21.64
C LEU B 9 -16.49 -46.42 -22.17
N SER B 10 -15.37 -46.21 -21.52
CA SER B 10 -14.14 -46.94 -21.80
C SER B 10 -13.69 -47.61 -20.52
N GLU B 11 -13.97 -48.90 -20.36
CA GLU B 11 -13.43 -49.63 -19.23
C GLU B 11 -11.90 -49.65 -19.29
N ASP B 12 -11.29 -49.54 -18.12
CA ASP B 12 -9.87 -49.76 -17.98
C ASP B 12 -9.62 -51.13 -17.36
N VAL B 13 -8.69 -51.87 -17.94
CA VAL B 13 -8.27 -53.14 -17.39
C VAL B 13 -7.04 -52.88 -16.55
N LEU B 14 -7.25 -52.81 -15.24
CA LEU B 14 -6.15 -52.86 -14.28
C LEU B 14 -5.74 -54.31 -14.12
N THR B 15 -5.03 -54.62 -13.04
CA THR B 15 -4.75 -56.00 -12.67
C THR B 15 -6.03 -56.85 -12.71
N ASP B 16 -5.85 -58.15 -12.91
CA ASP B 16 -6.82 -59.08 -13.44
C ASP B 16 -8.28 -58.85 -13.07
N ASN B 17 -8.59 -58.84 -11.78
CA ASN B 17 -9.96 -58.65 -11.32
C ASN B 17 -10.09 -57.34 -10.55
N ARG B 18 -9.39 -56.32 -11.04
CA ARG B 18 -9.41 -54.98 -10.46
C ARG B 18 -9.58 -53.96 -11.59
N SER B 19 -10.35 -54.33 -12.61
CA SER B 19 -10.51 -53.47 -13.78
C SER B 19 -11.08 -52.11 -13.40
N GLN B 20 -10.90 -51.12 -14.26
CA GLN B 20 -11.25 -49.74 -13.96
C GLN B 20 -12.21 -49.24 -15.02
N PHE B 21 -12.98 -48.22 -14.68
CA PHE B 21 -13.97 -47.65 -15.57
C PHE B 21 -13.90 -46.14 -15.54
N VAL B 22 -14.13 -45.53 -16.70
CA VAL B 22 -14.20 -44.07 -16.83
C VAL B 22 -15.22 -43.73 -17.89
N ILE B 23 -15.85 -42.57 -17.71
CA ILE B 23 -16.95 -42.17 -18.57
C ILE B 23 -16.97 -40.66 -18.66
N GLU B 24 -17.37 -40.14 -19.81
CA GLU B 24 -17.57 -38.72 -20.01
C GLU B 24 -18.15 -38.52 -21.40
N PRO B 25 -18.65 -37.32 -21.72
CA PRO B 25 -18.78 -36.18 -20.81
C PRO B 25 -20.08 -36.30 -20.03
N LEU B 26 -20.46 -35.25 -19.30
CA LEU B 26 -21.64 -35.33 -18.46
C LEU B 26 -22.33 -33.98 -18.41
N GLU B 27 -23.66 -34.02 -18.34
CA GLU B 27 -24.40 -32.84 -17.96
C GLU B 27 -24.06 -32.46 -16.53
N PRO B 28 -23.35 -31.36 -16.31
CA PRO B 28 -22.85 -31.06 -14.97
C PRO B 28 -23.98 -30.82 -14.01
N GLY B 29 -24.01 -31.62 -12.94
CA GLY B 29 -23.07 -32.72 -12.86
C GLY B 29 -23.75 -34.02 -12.52
N PHE B 30 -23.76 -34.93 -13.48
CA PHE B 30 -24.40 -36.22 -13.24
C PHE B 30 -23.54 -37.15 -12.43
N GLY B 31 -22.25 -36.86 -12.30
CA GLY B 31 -21.33 -37.71 -11.59
C GLY B 31 -21.83 -38.04 -10.20
N TYR B 32 -22.06 -37.01 -9.39
CA TYR B 32 -22.63 -37.26 -8.09
C TYR B 32 -24.00 -37.88 -8.21
N THR B 33 -24.72 -37.53 -9.28
CA THR B 33 -26.09 -38.01 -9.42
C THR B 33 -26.15 -39.52 -9.49
N LEU B 34 -25.19 -40.14 -10.14
CA LEU B 34 -25.35 -41.52 -10.55
C LEU B 34 -24.20 -42.42 -10.18
N GLY B 35 -22.97 -41.92 -10.09
CA GLY B 35 -21.87 -42.80 -9.76
C GLY B 35 -22.02 -43.41 -8.38
N ASN B 36 -22.30 -42.56 -7.39
CA ASN B 36 -22.61 -43.06 -6.05
C ASN B 36 -23.74 -44.07 -6.10
N SER B 37 -24.76 -43.77 -6.87
CA SER B 37 -25.92 -44.64 -6.98
C SER B 37 -25.49 -46.02 -7.46
N LEU B 38 -24.81 -46.03 -8.59
CA LEU B 38 -24.32 -47.27 -9.16
C LEU B 38 -23.38 -47.97 -8.20
N ARG B 39 -22.64 -47.20 -7.43
CA ARG B 39 -21.76 -47.77 -6.42
C ARG B 39 -22.55 -48.62 -5.45
N ARG B 40 -23.48 -47.99 -4.74
CA ARG B 40 -24.34 -48.72 -3.81
C ARG B 40 -25.06 -49.85 -4.51
N THR B 41 -25.38 -49.66 -5.78
CA THR B 41 -25.97 -50.73 -6.57
C THR B 41 -25.10 -51.96 -6.56
N LEU B 42 -23.92 -51.85 -7.17
CA LEU B 42 -23.03 -52.99 -7.30
C LEU B 42 -22.66 -53.56 -5.95
N LEU B 43 -22.61 -52.70 -4.94
CA LEU B 43 -22.49 -53.19 -3.59
C LEU B 43 -23.66 -54.09 -3.21
N SER B 44 -24.86 -53.75 -3.67
CA SER B 44 -26.03 -54.46 -3.15
C SER B 44 -27.02 -54.77 -4.25
N SER B 45 -26.55 -55.10 -5.44
CA SER B 45 -27.48 -55.37 -6.53
C SER B 45 -27.42 -56.78 -7.06
N ILE B 46 -26.27 -57.44 -7.04
CA ILE B 46 -26.09 -58.71 -7.73
C ILE B 46 -26.16 -59.83 -6.71
N PRO B 47 -26.76 -60.98 -7.05
CA PRO B 47 -26.79 -62.08 -6.10
C PRO B 47 -25.40 -62.63 -5.88
N GLY B 48 -25.31 -63.56 -4.95
CA GLY B 48 -24.07 -64.24 -4.67
C GLY B 48 -24.34 -65.29 -3.62
N ALA B 49 -23.56 -66.37 -3.63
CA ALA B 49 -23.66 -67.41 -2.62
C ALA B 49 -22.48 -67.29 -1.67
N ALA B 50 -22.66 -67.80 -0.45
CA ALA B 50 -21.63 -67.69 0.56
C ALA B 50 -22.03 -68.54 1.75
N VAL B 51 -21.08 -68.78 2.65
CA VAL B 51 -21.36 -69.59 3.82
C VAL B 51 -22.40 -68.91 4.68
N THR B 52 -23.24 -69.72 5.30
CA THR B 52 -24.26 -69.22 6.21
C THR B 52 -23.86 -69.40 7.67
N SER B 53 -23.54 -70.62 8.07
CA SER B 53 -23.10 -70.90 9.42
C SER B 53 -22.52 -72.29 9.43
N ILE B 54 -21.27 -72.43 9.81
CA ILE B 54 -20.68 -73.75 9.79
C ILE B 54 -20.97 -74.45 11.10
N ARG B 55 -20.77 -75.75 11.10
CA ARG B 55 -20.81 -76.57 12.29
C ARG B 55 -19.54 -77.40 12.32
N ILE B 56 -18.99 -77.57 13.52
CA ILE B 56 -17.72 -78.25 13.69
C ILE B 56 -17.83 -79.19 14.87
N ASP B 57 -17.47 -80.45 14.65
CA ASP B 57 -17.50 -81.48 15.68
C ASP B 57 -16.64 -81.08 16.87
N GLY B 58 -16.86 -81.78 17.98
CA GLY B 58 -16.03 -81.65 19.15
C GLY B 58 -16.29 -80.39 19.95
N VAL B 59 -15.98 -79.24 19.37
CA VAL B 59 -16.11 -77.96 20.07
C VAL B 59 -17.59 -77.73 20.31
N LEU B 60 -17.94 -77.43 21.56
CA LEU B 60 -19.33 -77.23 21.94
C LEU B 60 -19.66 -75.78 22.24
N HIS B 61 -18.97 -75.19 23.19
CA HIS B 61 -19.23 -73.81 23.57
C HIS B 61 -17.97 -72.97 23.64
N GLU B 62 -16.82 -73.60 23.85
CA GLU B 62 -15.55 -72.88 23.81
C GLU B 62 -15.32 -72.43 22.39
N PHE B 63 -15.62 -71.18 22.11
CA PHE B 63 -15.53 -70.69 20.75
C PHE B 63 -14.09 -70.41 20.32
N THR B 64 -13.11 -70.67 21.18
CA THR B 64 -11.70 -70.49 20.83
C THR B 64 -10.89 -71.68 21.33
N THR B 65 -10.85 -72.75 20.53
CA THR B 65 -9.82 -73.78 20.64
C THR B 65 -9.97 -74.78 19.52
N VAL B 66 -8.86 -75.22 18.95
CA VAL B 66 -8.95 -76.23 17.89
C VAL B 66 -7.81 -77.23 18.05
N PRO B 67 -8.08 -78.43 18.53
CA PRO B 67 -7.02 -79.42 18.67
C PRO B 67 -6.49 -79.87 17.32
N GLY B 68 -5.25 -80.36 17.34
CA GLY B 68 -4.65 -80.99 16.17
C GLY B 68 -4.27 -80.04 15.05
N VAL B 69 -4.61 -78.76 15.17
CA VAL B 69 -4.30 -77.79 14.15
C VAL B 69 -3.56 -76.63 14.80
N LYS B 70 -3.12 -75.68 14.00
CA LYS B 70 -2.43 -74.51 14.51
C LYS B 70 -3.37 -73.33 14.71
N GLU B 71 -4.13 -73.02 13.67
CA GLU B 71 -5.02 -71.87 13.67
C GLU B 71 -6.11 -72.06 14.72
N ASP B 72 -6.59 -70.95 15.24
CA ASP B 72 -7.66 -71.00 16.23
C ASP B 72 -9.00 -71.12 15.50
N VAL B 73 -10.08 -70.94 16.25
CA VAL B 73 -11.40 -70.93 15.65
C VAL B 73 -11.51 -69.78 14.65
N THR B 74 -11.24 -68.57 15.10
CA THR B 74 -11.56 -67.40 14.29
C THR B 74 -10.70 -67.33 13.06
N GLU B 75 -9.46 -67.82 13.15
CA GLU B 75 -8.63 -67.87 11.96
C GLU B 75 -9.27 -68.76 10.92
N ILE B 76 -9.73 -69.93 11.34
CA ILE B 76 -10.53 -70.80 10.49
C ILE B 76 -11.68 -70.02 9.88
N ILE B 77 -12.34 -69.24 10.72
CA ILE B 77 -13.54 -68.53 10.29
C ILE B 77 -13.20 -67.58 9.14
N LEU B 78 -12.26 -66.68 9.39
CA LEU B 78 -11.89 -65.70 8.39
C LEU B 78 -11.36 -66.35 7.14
N ASN B 79 -10.59 -67.43 7.27
CA ASN B 79 -10.08 -68.12 6.09
C ASN B 79 -11.21 -68.68 5.27
N LEU B 80 -12.19 -69.26 5.95
CA LEU B 80 -13.42 -69.68 5.29
C LEU B 80 -14.05 -68.52 4.55
N LYS B 81 -14.02 -67.35 5.17
CA LYS B 81 -14.77 -66.20 4.66
C LYS B 81 -14.36 -65.86 3.24
N SER B 82 -13.06 -65.90 2.97
CA SER B 82 -12.58 -65.58 1.64
C SER B 82 -12.51 -66.82 0.77
N LEU B 83 -13.65 -67.45 0.50
CA LEU B 83 -13.71 -68.58 -0.40
C LEU B 83 -14.61 -68.24 -1.58
N VAL B 84 -14.00 -68.07 -2.75
CA VAL B 84 -14.77 -67.81 -3.96
C VAL B 84 -15.25 -69.14 -4.52
N VAL B 85 -16.55 -69.41 -4.41
CA VAL B 85 -17.15 -70.66 -4.83
C VAL B 85 -18.63 -70.44 -5.07
N SER B 86 -19.14 -70.90 -6.22
CA SER B 86 -20.48 -70.55 -6.64
C SER B 86 -21.36 -71.78 -6.80
N SER B 87 -22.64 -71.53 -7.10
CA SER B 87 -23.64 -72.57 -7.25
C SER B 87 -24.90 -71.98 -7.88
N GLU B 88 -25.67 -72.83 -8.53
CA GLU B 88 -26.90 -72.43 -9.23
C GLU B 88 -28.14 -72.73 -8.41
N GLU B 89 -28.00 -72.81 -7.10
CA GLU B 89 -29.00 -73.43 -6.26
C GLU B 89 -29.51 -72.42 -5.25
N ASP B 90 -30.78 -72.05 -5.37
CA ASP B 90 -31.39 -71.10 -4.46
C ASP B 90 -31.93 -71.81 -3.22
N GLU B 91 -31.04 -72.49 -2.51
CA GLU B 91 -31.43 -73.27 -1.35
C GLU B 91 -30.26 -73.30 -0.38
N PRO B 92 -30.47 -73.77 0.83
CA PRO B 92 -29.37 -73.91 1.78
C PRO B 92 -28.58 -75.19 1.55
N VAL B 93 -27.41 -75.09 0.97
CA VAL B 93 -26.61 -76.28 0.69
C VAL B 93 -25.67 -76.52 1.85
N THR B 94 -25.59 -77.78 2.28
CA THR B 94 -24.64 -78.18 3.29
C THR B 94 -23.40 -78.78 2.63
N MET B 95 -22.36 -79.01 3.41
CA MET B 95 -21.06 -79.35 2.87
C MET B 95 -20.27 -80.11 3.92
N TYR B 96 -19.03 -80.45 3.54
CA TYR B 96 -18.16 -81.24 4.38
C TYR B 96 -16.73 -80.86 4.10
N LEU B 97 -15.90 -80.86 5.14
CA LEU B 97 -14.46 -80.82 4.99
C LEU B 97 -13.84 -81.79 5.99
N ARG B 98 -13.09 -82.75 5.47
CA ARG B 98 -12.67 -83.88 6.28
C ARG B 98 -11.27 -84.31 5.90
N LYS B 99 -10.47 -84.61 6.92
CA LYS B 99 -9.09 -85.03 6.72
C LYS B 99 -8.51 -85.41 8.07
N GLN B 100 -7.56 -86.32 8.07
CA GLN B 100 -6.82 -86.73 9.25
C GLN B 100 -5.33 -86.51 9.02
N GLY B 101 -4.53 -86.93 9.99
CA GLY B 101 -3.10 -86.79 9.89
C GLY B 101 -2.65 -85.36 9.99
N PRO B 102 -1.34 -85.13 10.06
CA PRO B 102 -0.83 -83.76 10.03
C PRO B 102 -0.86 -83.21 8.61
N GLY B 103 -0.44 -81.97 8.47
CA GLY B 103 -0.46 -81.31 7.18
C GLY B 103 -1.17 -79.98 7.28
N GLU B 104 -1.84 -79.63 6.18
CA GLU B 104 -2.60 -78.39 6.10
C GLU B 104 -3.83 -78.58 5.23
N VAL B 105 -4.94 -77.97 5.64
CA VAL B 105 -6.12 -77.92 4.79
C VAL B 105 -6.13 -76.61 4.02
N THR B 106 -6.61 -76.69 2.78
CA THR B 106 -6.65 -75.57 1.88
C THR B 106 -8.02 -75.54 1.18
N ALA B 107 -8.12 -74.69 0.16
CA ALA B 107 -9.39 -74.48 -0.52
C ALA B 107 -9.85 -75.76 -1.21
N GLY B 108 -9.05 -76.27 -2.14
CA GLY B 108 -9.45 -77.42 -2.92
C GLY B 108 -9.66 -78.70 -2.14
N ASP B 109 -9.26 -78.70 -0.87
CA ASP B 109 -9.33 -79.89 -0.06
C ASP B 109 -10.76 -80.32 0.22
N ILE B 110 -11.73 -79.41 0.06
CA ILE B 110 -13.11 -79.67 0.42
C ILE B 110 -13.72 -80.74 -0.47
N VAL B 111 -14.77 -81.39 0.01
CA VAL B 111 -15.62 -82.23 -0.81
C VAL B 111 -16.72 -81.36 -1.43
N PRO B 112 -16.69 -81.14 -2.74
CA PRO B 112 -17.72 -80.33 -3.38
C PRO B 112 -18.90 -81.17 -3.80
N PRO B 113 -20.09 -80.84 -3.33
CA PRO B 113 -21.30 -81.46 -3.89
C PRO B 113 -21.65 -80.86 -5.23
N ALA B 114 -22.82 -81.22 -5.76
CA ALA B 114 -23.27 -80.62 -7.01
C ALA B 114 -23.42 -79.11 -6.86
N GLY B 115 -23.33 -78.41 -7.97
CA GLY B 115 -23.56 -76.97 -7.97
C GLY B 115 -22.42 -76.13 -7.46
N VAL B 116 -21.76 -76.56 -6.39
CA VAL B 116 -20.65 -75.79 -5.84
C VAL B 116 -19.53 -75.74 -6.86
N THR B 117 -18.88 -74.58 -6.92
CA THR B 117 -17.79 -74.40 -7.87
C THR B 117 -16.76 -73.46 -7.23
N VAL B 118 -15.78 -74.04 -6.56
CA VAL B 118 -14.74 -73.24 -5.93
C VAL B 118 -13.94 -72.56 -7.03
N HIS B 119 -13.58 -71.30 -6.78
CA HIS B 119 -12.91 -70.52 -7.79
C HIS B 119 -11.46 -70.21 -7.41
N ASN B 120 -11.00 -70.81 -6.31
CA ASN B 120 -9.60 -70.72 -5.89
C ASN B 120 -9.21 -71.92 -5.04
N PRO B 121 -9.39 -73.14 -5.53
CA PRO B 121 -9.15 -74.30 -4.67
C PRO B 121 -7.71 -74.42 -4.22
N GLY B 122 -6.77 -73.84 -4.96
CA GLY B 122 -5.39 -73.81 -4.52
C GLY B 122 -5.16 -72.71 -3.51
N MET B 123 -5.94 -72.72 -2.44
CA MET B 123 -5.90 -71.69 -1.42
C MET B 123 -5.82 -72.33 -0.05
N HIS B 124 -4.70 -72.11 0.63
CA HIS B 124 -4.55 -72.61 1.98
C HIS B 124 -5.65 -72.10 2.88
N ILE B 125 -6.10 -72.96 3.80
CA ILE B 125 -6.97 -72.46 4.84
C ILE B 125 -6.45 -72.84 6.22
N ALA B 126 -6.14 -74.12 6.43
CA ALA B 126 -5.89 -74.61 7.78
C ALA B 126 -4.72 -75.57 7.77
N THR B 127 -4.09 -75.73 8.93
CA THR B 127 -2.93 -76.59 9.10
C THR B 127 -3.26 -77.73 10.03
N LEU B 128 -2.53 -78.83 9.89
CA LEU B 128 -2.80 -80.06 10.61
C LEU B 128 -1.56 -80.41 11.43
N ASN B 129 -1.65 -80.28 12.75
CA ASN B 129 -0.45 -80.38 13.57
C ASN B 129 0.21 -81.75 13.47
N ASP B 130 -0.44 -82.76 14.05
CA ASP B 130 0.19 -84.06 14.18
C ASP B 130 -0.92 -85.10 14.23
N LYS B 131 -1.20 -85.70 13.08
CA LYS B 131 -2.13 -86.81 12.95
C LYS B 131 -3.57 -86.41 13.19
N GLY B 132 -3.83 -85.13 13.46
CA GLY B 132 -5.18 -84.67 13.74
C GLY B 132 -6.12 -84.90 12.59
N LYS B 133 -7.37 -85.20 12.89
CA LYS B 133 -8.40 -85.39 11.89
C LYS B 133 -9.49 -84.36 12.08
N LEU B 134 -9.97 -83.78 10.99
CA LEU B 134 -11.09 -82.86 11.01
C LEU B 134 -12.19 -83.40 10.10
N GLU B 135 -13.43 -83.17 10.48
CA GLU B 135 -14.60 -83.38 9.62
C GLU B 135 -15.57 -82.25 9.90
N VAL B 136 -15.47 -81.17 9.14
CA VAL B 136 -16.35 -80.02 9.36
C VAL B 136 -17.32 -79.92 8.19
N GLU B 137 -18.57 -79.62 8.53
CA GLU B 137 -19.63 -79.41 7.55
C GLU B 137 -19.77 -77.90 7.35
N LEU B 138 -20.22 -77.51 6.18
CA LEU B 138 -20.33 -76.10 5.85
C LEU B 138 -21.72 -75.79 5.34
N VAL B 139 -22.19 -74.59 5.66
CA VAL B 139 -23.51 -74.14 5.27
C VAL B 139 -23.34 -72.91 4.40
N VAL B 140 -23.55 -73.06 3.11
CA VAL B 140 -23.51 -71.96 2.17
C VAL B 140 -24.90 -71.85 1.54
N GLU B 141 -25.37 -70.62 1.41
CA GLU B 141 -26.41 -70.33 0.46
C GLU B 141 -26.05 -69.06 -0.30
N ARG B 142 -27.01 -68.53 -1.03
CA ARG B 142 -26.77 -67.37 -1.87
C ARG B 142 -27.77 -66.27 -1.56
N GLY B 143 -27.35 -65.06 -1.79
CA GLY B 143 -28.22 -63.91 -1.65
C GLY B 143 -27.55 -62.72 -2.28
N ARG B 144 -27.83 -61.55 -1.74
CA ARG B 144 -27.40 -60.30 -2.35
C ARG B 144 -26.62 -59.44 -1.37
N GLY B 145 -25.81 -58.56 -1.92
CA GLY B 145 -25.07 -57.61 -1.11
C GLY B 145 -24.16 -58.30 -0.12
N TYR B 146 -24.35 -57.96 1.15
CA TYR B 146 -23.58 -58.49 2.24
C TYR B 146 -24.41 -58.46 3.51
N VAL B 147 -24.28 -59.50 4.31
CA VAL B 147 -25.08 -59.58 5.53
C VAL B 147 -24.15 -59.56 6.73
N PRO B 148 -24.60 -59.03 7.84
CA PRO B 148 -23.94 -59.33 9.11
C PRO B 148 -24.12 -60.80 9.43
N ALA B 149 -23.39 -61.29 10.42
CA ALA B 149 -23.71 -62.61 10.93
C ALA B 149 -25.05 -62.51 11.62
N VAL B 150 -26.10 -62.99 10.95
CA VAL B 150 -27.44 -62.93 11.49
C VAL B 150 -27.46 -63.74 12.77
N GLN B 151 -28.27 -63.31 13.74
CA GLN B 151 -28.40 -64.07 14.96
C GLN B 151 -29.11 -65.39 14.68
N ASN B 152 -29.19 -66.23 15.71
CA ASN B 152 -29.84 -67.53 15.60
C ASN B 152 -31.26 -67.38 15.07
N ARG B 153 -31.55 -68.04 13.95
CA ARG B 153 -32.92 -68.08 13.46
C ARG B 153 -33.86 -68.63 14.52
N ALA B 154 -33.62 -69.85 14.96
CA ALA B 154 -34.21 -70.32 16.20
C ALA B 154 -33.58 -69.61 17.38
N SER B 155 -34.02 -69.98 18.58
CA SER B 155 -33.27 -69.54 19.75
C SER B 155 -31.88 -70.15 19.66
N GLY B 156 -31.82 -71.48 19.77
CA GLY B 156 -30.63 -72.21 19.41
C GLY B 156 -30.96 -73.28 18.38
N ALA B 157 -30.46 -73.10 17.16
CA ALA B 157 -30.68 -74.11 16.14
C ALA B 157 -29.97 -75.41 16.50
N GLU B 158 -28.64 -75.36 16.61
CA GLU B 158 -27.84 -76.51 16.96
C GLU B 158 -26.52 -76.01 17.54
N ILE B 159 -26.03 -76.74 18.54
CA ILE B 159 -24.76 -76.37 19.16
C ILE B 159 -23.64 -76.38 18.14
N GLY B 160 -23.73 -77.27 17.15
CA GLY B 160 -22.66 -77.37 16.17
C GLY B 160 -22.65 -76.21 15.18
N ARG B 161 -23.73 -76.04 14.43
CA ARG B 161 -23.79 -74.98 13.45
C ARG B 161 -23.67 -73.63 14.12
N ILE B 162 -22.81 -72.78 13.57
CA ILE B 162 -22.53 -71.50 14.20
C ILE B 162 -22.51 -70.42 13.13
N PRO B 163 -23.20 -69.31 13.35
CA PRO B 163 -23.43 -68.35 12.28
C PRO B 163 -22.14 -67.68 11.83
N VAL B 164 -22.22 -67.09 10.65
CA VAL B 164 -21.16 -66.31 10.07
C VAL B 164 -21.79 -65.19 9.27
N ASP B 165 -20.95 -64.36 8.66
CA ASP B 165 -21.45 -63.34 7.74
C ASP B 165 -21.68 -64.00 6.39
N SER B 166 -22.21 -63.24 5.44
CA SER B 166 -22.37 -63.75 4.07
C SER B 166 -22.03 -62.60 3.13
N ILE B 167 -20.90 -62.75 2.44
CA ILE B 167 -20.49 -61.77 1.44
C ILE B 167 -21.18 -62.20 0.15
N TYR B 168 -22.42 -61.77 0.01
CA TYR B 168 -23.18 -62.14 -1.17
C TYR B 168 -22.83 -61.28 -2.37
N SER B 169 -22.08 -60.23 -2.16
CA SER B 169 -21.60 -59.44 -3.27
C SER B 169 -20.36 -60.09 -3.86
N PRO B 170 -20.44 -60.67 -5.05
CA PRO B 170 -19.21 -61.08 -5.73
C PRO B 170 -18.27 -59.92 -5.97
N VAL B 171 -18.80 -58.71 -6.06
CA VAL B 171 -17.97 -57.51 -6.05
C VAL B 171 -17.21 -57.46 -4.74
N LEU B 172 -16.05 -56.82 -4.77
CA LEU B 172 -15.26 -56.63 -3.56
C LEU B 172 -15.09 -55.17 -3.19
N LYS B 173 -14.56 -54.34 -4.07
CA LYS B 173 -14.27 -52.97 -3.71
C LYS B 173 -14.74 -52.03 -4.81
N VAL B 174 -15.21 -50.85 -4.39
CA VAL B 174 -15.79 -49.87 -5.31
C VAL B 174 -15.41 -48.48 -4.83
N THR B 175 -14.98 -47.63 -5.75
CA THR B 175 -14.74 -46.23 -5.47
C THR B 175 -14.76 -45.46 -6.78
N TYR B 176 -14.70 -44.13 -6.66
CA TYR B 176 -14.93 -43.27 -7.80
C TYR B 176 -14.63 -41.83 -7.42
N LYS B 177 -14.95 -40.92 -8.33
CA LYS B 177 -14.90 -39.49 -8.07
C LYS B 177 -15.35 -38.78 -9.34
N VAL B 178 -15.58 -37.48 -9.21
CA VAL B 178 -16.10 -36.68 -10.31
C VAL B 178 -15.00 -35.76 -10.83
N ASP B 179 -15.14 -35.37 -12.08
CA ASP B 179 -14.12 -34.58 -12.77
C ASP B 179 -14.81 -33.49 -13.57
N ALA B 180 -14.02 -32.60 -14.16
CA ALA B 180 -14.51 -31.42 -14.85
C ALA B 180 -13.85 -31.26 -16.20
N THR B 181 -13.87 -32.33 -17.00
CA THR B 181 -13.20 -32.30 -18.29
C THR B 181 -13.87 -31.33 -19.24
N ARG B 182 -13.05 -30.52 -19.93
CA ARG B 182 -13.50 -29.65 -21.01
C ARG B 182 -14.53 -28.64 -20.50
N VAL B 183 -14.07 -27.79 -19.58
CA VAL B 183 -14.96 -26.88 -18.88
C VAL B 183 -15.37 -25.66 -19.70
N GLU B 184 -14.66 -25.35 -20.78
CA GLU B 184 -14.96 -24.17 -21.59
C GLU B 184 -15.67 -24.54 -22.88
N GLN B 185 -15.08 -25.43 -23.68
CA GLN B 185 -15.76 -25.82 -24.90
C GLN B 185 -17.00 -26.64 -24.59
N ARG B 186 -16.86 -27.68 -23.78
CA ARG B 186 -18.03 -28.41 -23.31
C ARG B 186 -18.75 -27.69 -22.19
N THR B 187 -18.27 -26.50 -21.79
CA THR B 187 -18.88 -25.71 -20.72
C THR B 187 -19.03 -26.53 -19.45
N ASP B 188 -17.94 -27.18 -19.06
CA ASP B 188 -17.80 -27.86 -17.77
C ASP B 188 -18.65 -29.12 -17.70
N PHE B 189 -18.54 -29.96 -18.70
CA PHE B 189 -19.03 -31.32 -18.54
C PHE B 189 -18.12 -32.06 -17.57
N ASP B 190 -18.43 -33.33 -17.32
CA ASP B 190 -17.83 -34.01 -16.20
C ASP B 190 -17.33 -35.39 -16.61
N LYS B 191 -16.41 -35.91 -15.81
CA LYS B 191 -15.71 -37.15 -16.10
C LYS B 191 -15.72 -38.05 -14.87
N LEU B 192 -16.29 -39.24 -15.02
CA LEU B 192 -16.31 -40.19 -13.92
C LEU B 192 -15.16 -41.16 -14.01
N ILE B 193 -14.54 -41.41 -12.87
CA ILE B 193 -13.56 -42.48 -12.73
C ILE B 193 -14.18 -43.55 -11.86
N LEU B 194 -13.91 -44.80 -12.22
CA LEU B 194 -14.53 -45.92 -11.55
C LEU B 194 -13.50 -46.98 -11.23
N ASP B 195 -13.26 -47.17 -9.94
CA ASP B 195 -12.33 -48.19 -9.47
C ASP B 195 -13.17 -49.30 -8.85
N VAL B 196 -13.17 -50.46 -9.50
CA VAL B 196 -13.80 -51.65 -8.99
C VAL B 196 -12.74 -52.73 -8.88
N GLU B 197 -12.85 -53.55 -7.86
CA GLU B 197 -12.03 -54.77 -7.75
C GLU B 197 -12.88 -55.83 -7.09
N THR B 198 -12.94 -56.99 -7.72
CA THR B 198 -13.81 -58.07 -7.29
C THR B 198 -13.07 -59.40 -7.36
N LYS B 199 -13.69 -60.40 -6.76
CA LYS B 199 -13.17 -61.76 -6.75
C LYS B 199 -13.02 -62.30 -8.17
N ASN B 200 -12.38 -63.46 -8.30
CA ASN B 200 -12.17 -64.07 -9.61
C ASN B 200 -13.43 -64.72 -10.15
N SER B 201 -14.53 -64.59 -9.41
CA SER B 201 -15.79 -65.22 -9.80
C SER B 201 -16.20 -64.78 -11.20
N ILE B 202 -16.34 -63.48 -11.41
CA ILE B 202 -16.64 -62.95 -12.73
C ILE B 202 -15.72 -61.78 -13.00
N SER B 203 -15.88 -61.18 -14.17
CA SER B 203 -15.14 -59.98 -14.47
C SER B 203 -15.91 -58.77 -13.97
N PRO B 204 -15.21 -57.77 -13.47
CA PRO B 204 -15.86 -56.49 -13.15
C PRO B 204 -16.60 -55.91 -14.34
N ARG B 205 -16.05 -56.09 -15.55
CA ARG B 205 -16.76 -55.74 -16.77
C ARG B 205 -18.17 -56.31 -16.76
N ASP B 206 -18.28 -57.63 -16.67
CA ASP B 206 -19.56 -58.30 -16.69
C ASP B 206 -20.47 -57.86 -15.56
N ALA B 207 -19.91 -57.76 -14.35
CA ALA B 207 -20.70 -57.31 -13.21
C ALA B 207 -21.29 -55.93 -13.48
N LEU B 208 -20.53 -55.08 -14.18
CA LEU B 208 -21.02 -53.75 -14.49
C LEU B 208 -22.28 -53.80 -15.33
N ALA B 209 -22.24 -54.54 -16.43
CA ALA B 209 -23.41 -54.65 -17.29
C ALA B 209 -24.57 -55.27 -16.52
N SER B 210 -24.28 -56.25 -15.67
CA SER B 210 -25.34 -56.89 -14.90
C SER B 210 -26.05 -55.89 -14.00
N ALA B 211 -25.28 -55.15 -13.21
CA ALA B 211 -25.89 -54.20 -12.29
C ALA B 211 -26.60 -53.08 -13.05
N GLY B 212 -26.04 -52.67 -14.20
CA GLY B 212 -26.72 -51.65 -14.99
C GLY B 212 -28.07 -52.12 -15.46
N LYS B 213 -28.13 -53.38 -15.92
CA LYS B 213 -29.42 -53.95 -16.29
C LYS B 213 -30.36 -53.94 -15.11
N THR B 214 -29.87 -54.32 -13.94
CA THR B 214 -30.72 -54.35 -12.75
C THR B 214 -31.29 -52.97 -12.47
N LEU B 215 -30.45 -51.95 -12.56
CA LEU B 215 -30.89 -50.60 -12.26
C LEU B 215 -31.93 -50.13 -13.26
N VAL B 216 -31.70 -50.41 -14.55
CA VAL B 216 -32.66 -49.96 -15.54
C VAL B 216 -33.97 -50.72 -15.36
N GLU B 217 -33.89 -51.97 -14.92
CA GLU B 217 -35.07 -52.70 -14.49
C GLU B 217 -35.80 -51.94 -13.41
N LEU B 218 -35.06 -51.40 -12.45
CA LEU B 218 -35.67 -50.53 -11.45
C LEU B 218 -36.37 -49.34 -12.09
N PHE B 219 -35.64 -48.56 -12.86
CA PHE B 219 -36.16 -47.28 -13.34
C PHE B 219 -37.24 -47.47 -14.39
N GLY B 220 -37.40 -48.68 -14.90
CA GLY B 220 -38.58 -48.97 -15.68
C GLY B 220 -39.84 -48.70 -14.89
N LEU B 221 -39.80 -48.95 -13.59
CA LEU B 221 -40.86 -48.52 -12.69
C LEU B 221 -41.15 -47.05 -12.86
N ALA B 222 -40.10 -46.23 -12.78
CA ALA B 222 -40.25 -44.79 -12.91
C ALA B 222 -40.84 -44.42 -14.25
N ARG B 223 -40.33 -45.00 -15.32
CA ARG B 223 -40.80 -44.61 -16.65
C ARG B 223 -42.23 -45.06 -16.88
N GLU B 224 -42.65 -46.17 -16.26
CA GLU B 224 -43.90 -46.78 -16.66
C GLU B 224 -45.09 -46.06 -16.04
N LEU B 225 -45.12 -44.74 -16.17
CA LEU B 225 -46.29 -43.95 -15.79
C LEU B 225 -46.81 -43.17 -16.96
N ASN B 226 -45.96 -42.36 -17.60
CA ASN B 226 -46.24 -41.72 -18.87
C ASN B 226 -44.98 -41.87 -19.70
N VAL B 227 -44.88 -43.00 -20.41
CA VAL B 227 -43.81 -43.15 -21.38
C VAL B 227 -43.93 -42.10 -22.47
N GLU B 228 -45.14 -41.59 -22.68
CA GLU B 228 -45.40 -40.47 -23.56
C GLU B 228 -45.11 -39.15 -22.86
N ALA B 229 -43.89 -39.02 -22.35
CA ALA B 229 -43.45 -37.84 -21.64
C ALA B 229 -42.12 -37.40 -22.22
N GLU B 230 -41.90 -36.08 -22.28
CA GLU B 230 -40.65 -35.58 -22.79
C GLU B 230 -39.50 -35.98 -21.89
N GLY B 231 -38.64 -36.86 -22.40
CA GLY B 231 -37.44 -37.27 -21.69
C GLY B 231 -36.20 -36.82 -22.45
N ILE B 232 -35.15 -36.58 -21.69
CA ILE B 232 -33.90 -36.08 -22.25
C ILE B 232 -33.23 -37.21 -23.01
N GLU B 233 -33.37 -37.19 -24.33
CA GLU B 233 -32.86 -38.27 -25.16
C GLU B 233 -31.38 -38.12 -25.41
N ILE B 234 -30.71 -39.27 -25.54
CA ILE B 234 -29.30 -39.31 -25.83
C ILE B 234 -29.01 -39.53 -27.31
N GLY B 235 -29.94 -40.12 -28.04
CA GLY B 235 -29.68 -40.51 -29.40
C GLY B 235 -29.11 -41.91 -29.46
N PRO B 236 -28.81 -42.39 -30.65
CA PRO B 236 -28.30 -43.75 -30.80
C PRO B 236 -26.83 -43.87 -30.42
N SER B 237 -26.38 -45.11 -30.32
CA SER B 237 -24.99 -45.38 -29.98
C SER B 237 -24.08 -45.12 -31.16
N ASN C 24 -42.58 3.70 18.52
CA ASN C 24 -43.75 4.30 17.89
C ASN C 24 -43.48 5.74 17.50
N SER C 25 -44.49 6.59 17.62
CA SER C 25 -44.39 8.02 17.35
C SER C 25 -43.97 8.32 15.93
N VAL C 26 -44.28 7.43 14.98
CA VAL C 26 -43.94 7.65 13.59
C VAL C 26 -45.12 7.21 12.73
N PRO C 27 -45.53 8.01 11.75
CA PRO C 27 -46.75 7.69 10.99
C PRO C 27 -46.67 6.40 10.20
N GLY C 28 -45.66 6.26 9.34
CA GLY C 28 -45.57 5.07 8.50
C GLY C 28 -44.76 3.96 9.14
N ALA C 29 -44.68 3.97 10.46
CA ALA C 29 -43.84 2.98 11.14
C ALA C 29 -44.41 1.59 10.94
N PRO C 30 -43.73 0.73 10.18
CA PRO C 30 -44.17 -0.66 10.10
C PRO C 30 -43.95 -1.37 11.43
N ASN C 31 -44.90 -2.22 11.78
CA ASN C 31 -44.88 -2.78 13.12
C ASN C 31 -43.75 -3.79 13.31
N ARG C 32 -42.69 -3.36 13.97
CA ARG C 32 -41.62 -4.25 14.42
C ARG C 32 -41.67 -4.29 15.93
N VAL C 33 -41.98 -5.46 16.48
CA VAL C 33 -41.94 -5.60 17.93
C VAL C 33 -40.49 -5.73 18.36
N SER C 34 -40.16 -5.13 19.50
CA SER C 34 -38.82 -5.20 20.05
C SER C 34 -38.85 -5.77 21.46
N PHE C 35 -37.68 -5.96 22.01
CA PHE C 35 -37.53 -6.52 23.35
C PHE C 35 -37.17 -5.49 24.38
N ALA C 36 -37.70 -4.29 24.30
CA ALA C 36 -37.35 -3.25 25.26
C ALA C 36 -37.84 -3.63 26.64
N LYS C 37 -36.90 -3.98 27.52
CA LYS C 37 -37.24 -4.19 28.92
C LYS C 37 -37.31 -2.89 29.69
N LEU C 38 -36.75 -1.83 29.14
CA LEU C 38 -36.75 -0.52 29.78
C LEU C 38 -37.73 0.41 29.07
N ARG C 39 -37.67 1.68 29.44
CA ARG C 39 -38.31 2.75 28.70
C ARG C 39 -37.48 4.01 28.84
N GLU C 40 -37.02 4.54 27.72
CA GLU C 40 -36.19 5.73 27.72
C GLU C 40 -37.08 6.95 27.73
N PRO C 41 -36.77 7.98 28.52
CA PRO C 41 -37.58 9.19 28.47
C PRO C 41 -37.46 9.91 27.14
N LEU C 42 -36.23 10.24 26.74
CA LEU C 42 -36.00 10.99 25.54
C LEU C 42 -35.86 10.07 24.34
N GLU C 43 -36.26 10.58 23.18
CA GLU C 43 -36.02 9.90 21.92
C GLU C 43 -34.81 10.48 21.21
N VAL C 44 -34.65 10.06 19.96
CA VAL C 44 -33.47 10.40 19.18
C VAL C 44 -33.47 11.87 18.81
N PRO C 45 -32.31 12.49 18.74
CA PRO C 45 -32.22 13.88 18.29
C PRO C 45 -32.16 13.99 16.78
N GLY C 46 -31.96 15.22 16.30
CA GLY C 46 -31.79 15.54 14.91
C GLY C 46 -30.36 15.42 14.41
N LEU C 47 -29.94 14.19 14.09
CA LEU C 47 -28.56 13.84 13.76
C LEU C 47 -27.83 14.82 12.86
N LEU C 48 -28.54 15.47 11.96
CA LEU C 48 -27.94 16.43 11.04
C LEU C 48 -27.83 17.81 11.65
N ASP C 49 -28.35 18.00 12.86
CA ASP C 49 -28.27 19.30 13.50
C ASP C 49 -26.83 19.75 13.68
N VAL C 50 -25.93 18.77 13.83
CA VAL C 50 -24.50 19.02 13.89
C VAL C 50 -24.04 19.95 12.79
N GLN C 51 -24.58 19.79 11.59
CA GLN C 51 -24.17 20.67 10.51
C GLN C 51 -25.14 21.81 10.30
N THR C 52 -26.44 21.50 10.42
CA THR C 52 -27.46 22.52 10.19
C THR C 52 -27.23 23.73 11.08
N ASP C 53 -26.87 23.48 12.33
CA ASP C 53 -26.88 24.56 13.30
C ASP C 53 -25.64 25.41 13.17
N SER C 54 -24.47 24.78 13.02
CA SER C 54 -23.27 25.53 12.68
C SER C 54 -23.51 26.41 11.48
N PHE C 55 -24.10 25.82 10.43
CA PHE C 55 -24.31 26.55 9.19
C PHE C 55 -25.23 27.74 9.42
N GLU C 56 -26.34 27.54 10.11
CA GLU C 56 -27.30 28.62 10.28
C GLU C 56 -26.79 29.70 11.19
N TRP C 57 -26.03 29.33 12.22
CA TRP C 57 -25.40 30.33 13.07
C TRP C 57 -24.45 31.19 12.28
N LEU C 58 -23.57 30.55 11.51
CA LEU C 58 -22.72 31.30 10.61
C LEU C 58 -23.56 32.21 9.74
N ILE C 59 -24.67 31.68 9.23
CA ILE C 59 -25.73 32.51 8.69
C ILE C 59 -26.20 33.50 9.74
N GLY C 60 -26.53 33.00 10.92
CA GLY C 60 -27.29 33.78 11.87
C GLY C 60 -28.76 33.83 11.57
N SER C 61 -29.28 32.83 10.85
CA SER C 61 -30.67 32.80 10.44
C SER C 61 -31.60 32.93 11.65
N PRO C 62 -32.78 33.50 11.44
CA PRO C 62 -33.71 33.69 12.57
C PRO C 62 -34.12 32.40 13.24
N ARG C 63 -34.11 31.30 12.47
CA ARG C 63 -34.14 29.97 13.06
C ARG C 63 -33.16 29.88 14.21
N TRP C 64 -31.88 30.08 13.91
CA TRP C 64 -30.88 30.12 14.97
C TRP C 64 -31.15 31.23 15.97
N ARG C 65 -31.73 32.34 15.50
CA ARG C 65 -31.95 33.50 16.35
C ARG C 65 -32.81 33.14 17.54
N GLU C 66 -33.95 32.53 17.28
CA GLU C 66 -34.78 31.99 18.34
C GLU C 66 -34.12 30.79 19.00
N SER C 67 -33.34 30.04 18.23
CA SER C 67 -32.72 28.83 18.74
C SER C 67 -31.84 29.11 19.95
N ALA C 68 -30.78 29.87 19.74
CA ALA C 68 -29.87 30.22 20.82
C ALA C 68 -30.59 31.01 21.91
N ALA C 69 -31.54 31.85 21.50
CA ALA C 69 -32.33 32.60 22.48
C ALA C 69 -33.06 31.68 23.44
N GLU C 70 -33.35 30.45 23.01
CA GLU C 70 -33.99 29.48 23.89
C GLU C 70 -33.21 29.24 25.16
N ARG C 71 -31.88 29.28 25.12
CA ARG C 71 -31.06 29.10 26.31
C ARG C 71 -30.20 30.34 26.49
N GLY C 72 -30.76 31.36 27.14
CA GLY C 72 -30.06 32.60 27.34
C GLY C 72 -29.57 33.22 26.05
N ASP C 73 -28.25 33.36 25.93
CA ASP C 73 -27.61 33.89 24.73
C ASP C 73 -28.12 35.29 24.44
N VAL C 74 -27.77 36.20 25.36
CA VAL C 74 -28.28 37.57 25.32
C VAL C 74 -27.92 38.23 24.00
N ASN C 75 -26.72 37.96 23.50
CA ASN C 75 -26.39 38.51 22.21
C ASN C 75 -26.34 37.40 21.16
N PRO C 76 -27.43 37.16 20.46
CA PRO C 76 -27.36 36.24 19.32
C PRO C 76 -26.57 36.89 18.19
N VAL C 77 -25.34 36.41 18.01
CA VAL C 77 -24.45 36.97 17.01
C VAL C 77 -24.04 35.89 16.02
N GLY C 78 -24.23 36.15 14.73
CA GLY C 78 -23.74 35.25 13.72
C GLY C 78 -22.25 35.44 13.48
N GLY C 79 -21.62 34.38 12.99
CA GLY C 79 -20.19 34.40 12.72
C GLY C 79 -19.81 35.55 11.81
N LEU C 80 -20.67 35.82 10.82
CA LEU C 80 -20.45 36.95 9.95
C LEU C 80 -20.55 38.26 10.73
N GLU C 81 -21.56 38.36 11.59
CA GLU C 81 -21.69 39.52 12.45
C GLU C 81 -20.43 39.71 13.27
N GLU C 82 -19.89 38.60 13.78
CA GLU C 82 -18.64 38.62 14.51
C GLU C 82 -17.53 39.17 13.63
N VAL C 83 -17.50 38.76 12.37
CA VAL C 83 -16.46 39.20 11.47
C VAL C 83 -16.57 40.70 11.24
N LEU C 84 -17.79 41.19 11.09
CA LEU C 84 -18.01 42.63 10.97
C LEU C 84 -17.47 43.36 12.18
N TYR C 85 -17.92 42.98 13.37
CA TYR C 85 -17.50 43.67 14.57
C TYR C 85 -16.00 43.57 14.82
N GLU C 86 -15.38 42.50 14.38
CA GLU C 86 -13.94 42.32 14.53
C GLU C 86 -13.17 43.00 13.42
N LEU C 87 -13.83 43.40 12.34
CA LEU C 87 -13.19 44.11 11.26
C LEU C 87 -13.47 45.60 11.27
N SER C 88 -14.68 46.00 11.60
CA SER C 88 -15.03 47.40 11.58
C SER C 88 -14.52 48.05 12.85
N PRO C 89 -14.10 49.32 12.80
CA PRO C 89 -14.14 50.04 11.54
C PRO C 89 -12.90 49.77 10.71
N ILE C 90 -12.83 50.41 9.55
CA ILE C 90 -11.64 50.38 8.71
C ILE C 90 -11.12 51.79 8.61
N GLU C 91 -9.88 51.99 9.05
CA GLU C 91 -9.36 53.33 9.21
C GLU C 91 -7.90 53.37 8.80
N ASP C 92 -7.48 54.55 8.34
CA ASP C 92 -6.09 54.80 8.00
C ASP C 92 -5.25 54.97 9.25
N PHE C 93 -3.96 54.66 9.12
CA PHE C 93 -3.04 54.80 10.25
C PHE C 93 -2.99 56.24 10.73
N SER C 94 -3.12 57.19 9.81
CA SER C 94 -3.32 58.57 10.18
C SER C 94 -4.62 58.80 10.94
N GLY C 95 -5.59 57.89 10.83
CA GLY C 95 -6.86 58.09 11.47
C GLY C 95 -7.70 59.19 10.85
N SER C 96 -7.43 59.53 9.59
CA SER C 96 -8.13 60.63 8.95
C SER C 96 -9.49 60.23 8.40
N MET C 97 -9.72 58.94 8.23
CA MET C 97 -10.90 58.47 7.50
C MET C 97 -11.26 57.08 7.98
N SER C 98 -12.56 56.77 7.94
CA SER C 98 -13.11 55.60 8.62
C SER C 98 -14.05 54.83 7.72
N LEU C 99 -13.83 53.52 7.65
CA LEU C 99 -14.72 52.60 6.95
C LEU C 99 -15.35 51.63 7.94
N SER C 100 -16.57 51.19 7.64
CA SER C 100 -17.29 50.26 8.49
C SER C 100 -18.23 49.41 7.67
N PHE C 101 -18.70 48.32 8.27
CA PHE C 101 -19.63 47.41 7.64
C PHE C 101 -20.93 47.33 8.42
N SER C 102 -21.89 46.62 7.84
CA SER C 102 -23.12 46.29 8.54
C SER C 102 -23.96 45.37 7.67
N ASP C 103 -24.88 44.67 8.31
CA ASP C 103 -25.89 43.83 7.68
C ASP C 103 -25.30 42.88 6.65
N PRO C 104 -24.60 41.84 7.08
CA PRO C 104 -24.29 40.75 6.16
C PRO C 104 -25.59 40.05 5.80
N ARG C 105 -26.08 40.30 4.60
CA ARG C 105 -27.39 39.84 4.21
C ARG C 105 -27.28 38.92 3.01
N PHE C 106 -27.91 37.76 3.10
CA PHE C 106 -27.85 36.74 2.07
C PHE C 106 -28.90 37.04 1.02
N ASP C 107 -28.56 36.79 -0.23
CA ASP C 107 -29.55 36.84 -1.29
C ASP C 107 -29.98 35.41 -1.61
N ASP C 108 -31.08 35.25 -2.33
CA ASP C 108 -31.54 33.91 -2.65
C ASP C 108 -30.57 33.23 -3.62
N VAL C 109 -30.60 31.91 -3.63
CA VAL C 109 -29.69 31.18 -4.47
C VAL C 109 -30.00 31.47 -5.94
N LYS C 110 -28.96 31.41 -6.75
CA LYS C 110 -29.10 31.71 -8.16
C LYS C 110 -29.76 30.60 -8.96
N ALA C 111 -29.90 29.41 -8.38
CA ALA C 111 -30.54 28.33 -9.10
C ALA C 111 -30.96 27.22 -8.16
N PRO C 112 -31.86 26.33 -8.59
CA PRO C 112 -32.28 25.22 -7.73
C PRO C 112 -31.20 24.16 -7.64
N VAL C 113 -31.29 23.37 -6.57
CA VAL C 113 -30.24 22.40 -6.26
C VAL C 113 -30.12 21.37 -7.37
N ASP C 114 -31.25 20.88 -7.86
CA ASP C 114 -31.21 19.93 -8.96
C ASP C 114 -30.56 20.54 -10.17
N GLU C 115 -30.98 21.75 -10.55
CA GLU C 115 -30.38 22.41 -11.70
C GLU C 115 -28.91 22.70 -11.46
N CYS C 116 -28.57 23.18 -10.27
CA CYS C 116 -27.16 23.48 -9.97
C CYS C 116 -26.31 22.23 -10.12
N LYS C 117 -26.78 21.11 -9.58
CA LYS C 117 -26.06 19.85 -9.74
C LYS C 117 -25.93 19.47 -11.20
N ASP C 118 -27.03 19.51 -11.93
CA ASP C 118 -27.03 18.99 -13.29
C ASP C 118 -26.15 19.84 -14.19
N LYS C 119 -26.37 21.15 -14.20
CA LYS C 119 -25.58 22.05 -15.02
C LYS C 119 -24.25 22.39 -14.42
N ASP C 120 -23.92 21.81 -13.27
CA ASP C 120 -22.58 21.91 -12.71
C ASP C 120 -22.26 23.31 -12.22
N MET C 121 -23.28 24.06 -11.83
CA MET C 121 -23.09 25.35 -11.18
C MET C 121 -23.17 25.15 -9.68
N THR C 122 -22.12 25.54 -8.96
CA THR C 122 -22.08 25.30 -7.53
C THR C 122 -23.19 26.07 -6.85
N TYR C 123 -24.01 25.36 -6.09
CA TYR C 123 -25.18 25.95 -5.44
C TYR C 123 -24.76 26.99 -4.43
N ALA C 124 -25.02 28.26 -4.72
CA ALA C 124 -24.54 29.35 -3.88
C ALA C 124 -25.61 30.44 -3.83
N ALA C 125 -25.24 31.59 -3.28
CA ALA C 125 -26.15 32.71 -3.20
C ALA C 125 -25.37 33.98 -2.96
N PRO C 126 -25.88 35.14 -3.36
CA PRO C 126 -25.11 36.38 -3.25
C PRO C 126 -24.88 36.77 -1.80
N LEU C 127 -24.07 37.82 -1.64
CA LEU C 127 -23.78 38.37 -0.32
C LEU C 127 -23.78 39.89 -0.39
N PHE C 128 -24.65 40.51 0.40
CA PHE C 128 -24.73 41.95 0.47
C PHE C 128 -24.42 42.41 1.88
N VAL C 129 -23.73 43.55 1.96
CA VAL C 129 -23.25 44.08 3.23
C VAL C 129 -23.55 45.56 3.26
N THR C 130 -24.16 46.02 4.35
CA THR C 130 -24.32 47.45 4.57
C THR C 130 -23.00 48.02 5.07
N ALA C 131 -22.04 48.17 4.18
CA ALA C 131 -20.77 48.74 4.56
C ALA C 131 -20.83 50.27 4.48
N GLU C 132 -20.06 50.93 5.34
CA GLU C 132 -20.08 52.38 5.37
C GLU C 132 -18.67 52.92 5.58
N PHE C 133 -18.35 53.97 4.85
CA PHE C 133 -17.12 54.73 5.02
C PHE C 133 -17.44 56.14 5.48
N ILE C 134 -16.57 56.68 6.33
CA ILE C 134 -16.66 58.06 6.76
C ILE C 134 -15.26 58.62 6.94
N ASN C 135 -15.05 59.86 6.52
CA ASN C 135 -13.78 60.55 6.69
C ASN C 135 -13.70 61.09 8.09
N ASN C 136 -12.68 60.68 8.84
CA ASN C 136 -12.55 61.17 10.21
C ASN C 136 -12.24 62.65 10.24
N ASN C 137 -11.66 63.15 9.14
CA ASN C 137 -11.25 64.55 9.08
C ASN C 137 -12.43 65.50 9.24
N THR C 138 -13.54 65.21 8.57
CA THR C 138 -14.74 66.02 8.64
C THR C 138 -15.98 65.20 8.98
N GLY C 139 -16.09 63.99 8.48
CA GLY C 139 -17.13 63.07 8.90
C GLY C 139 -18.29 63.04 7.93
N GLU C 140 -18.31 62.05 7.04
CA GLU C 140 -19.40 61.93 6.08
C GLU C 140 -19.59 60.46 5.75
N ILE C 141 -20.87 60.06 5.69
CA ILE C 141 -21.24 58.67 5.58
C ILE C 141 -21.05 58.22 4.14
N LYS C 142 -20.43 57.06 3.96
CA LYS C 142 -20.33 56.41 2.66
C LYS C 142 -20.91 55.02 2.82
N SER C 143 -22.23 54.91 2.72
CA SER C 143 -22.94 53.66 2.96
C SER C 143 -23.26 52.98 1.64
N GLN C 144 -22.80 51.75 1.48
CA GLN C 144 -23.14 50.97 0.30
C GLN C 144 -23.66 49.60 0.74
N THR C 145 -24.43 48.95 -0.12
CA THR C 145 -24.90 47.59 0.11
C THR C 145 -24.15 46.73 -0.88
N VAL C 146 -22.98 46.28 -0.48
CA VAL C 146 -22.01 45.76 -1.44
C VAL C 146 -22.28 44.29 -1.70
N PHE C 147 -22.18 43.91 -2.96
CA PHE C 147 -22.21 42.50 -3.32
C PHE C 147 -20.91 41.85 -2.86
N MET C 148 -20.96 41.21 -1.70
CA MET C 148 -19.79 40.51 -1.20
C MET C 148 -19.41 39.31 -2.05
N GLY C 149 -20.34 38.79 -2.83
CA GLY C 149 -20.04 37.64 -3.67
C GLY C 149 -21.09 36.56 -3.49
N ASP C 150 -21.21 35.70 -4.49
CA ASP C 150 -22.10 34.55 -4.37
C ASP C 150 -21.51 33.52 -3.43
N PHE C 151 -22.35 33.01 -2.56
CA PHE C 151 -21.91 32.23 -1.43
C PHE C 151 -22.62 30.89 -1.39
N PRO C 152 -21.88 29.80 -1.26
CA PRO C 152 -22.51 28.47 -1.32
C PRO C 152 -23.51 28.28 -0.20
N MET C 153 -24.44 27.36 -0.43
CA MET C 153 -25.54 27.14 0.50
C MET C 153 -25.63 25.66 0.79
N MET C 154 -25.77 25.32 2.06
CA MET C 154 -25.80 23.92 2.44
C MET C 154 -27.05 23.26 1.89
N THR C 155 -26.92 21.98 1.57
CA THR C 155 -28.07 21.20 1.13
C THR C 155 -29.04 21.08 2.28
N GLU C 156 -30.24 20.60 1.99
CA GLU C 156 -31.11 20.20 3.08
C GLU C 156 -30.71 18.86 3.65
N LYS C 157 -29.82 18.14 2.97
CA LYS C 157 -29.11 17.04 3.57
C LYS C 157 -27.77 17.48 4.12
N GLY C 158 -27.64 18.75 4.44
CA GLY C 158 -26.47 19.23 5.16
C GLY C 158 -25.17 19.16 4.40
N THR C 159 -25.23 19.09 3.08
CA THR C 159 -24.04 18.99 2.26
C THR C 159 -23.95 20.19 1.33
N PHE C 160 -23.01 20.13 0.40
CA PHE C 160 -22.76 21.22 -0.51
C PHE C 160 -22.50 20.70 -1.92
N ILE C 161 -22.89 21.47 -2.90
CA ILE C 161 -22.66 21.12 -4.29
C ILE C 161 -21.72 22.13 -4.92
N ILE C 162 -20.55 21.66 -5.32
CA ILE C 162 -19.56 22.51 -5.96
C ILE C 162 -19.47 22.12 -7.42
N ASN C 163 -19.94 23.01 -8.29
CA ASN C 163 -19.87 22.78 -9.71
C ASN C 163 -20.67 21.56 -10.08
N GLY C 164 -21.78 21.33 -9.38
CA GLY C 164 -22.52 20.10 -9.50
C GLY C 164 -21.96 18.98 -8.66
N THR C 165 -20.65 18.98 -8.40
CA THR C 165 -20.05 18.00 -7.54
C THR C 165 -20.62 18.13 -6.13
N GLU C 166 -20.57 17.04 -5.38
CA GLU C 166 -21.18 16.98 -4.06
C GLU C 166 -20.13 16.56 -3.06
N ARG C 167 -19.77 17.48 -2.17
CA ARG C 167 -18.74 17.23 -1.18
C ARG C 167 -19.36 17.10 0.20
N VAL C 168 -18.48 16.96 1.18
CA VAL C 168 -18.86 16.97 2.59
C VAL C 168 -17.72 17.60 3.37
N VAL C 169 -18.04 18.63 4.14
CA VAL C 169 -17.08 19.19 5.07
C VAL C 169 -17.00 18.31 6.30
N VAL C 170 -15.85 18.31 6.96
CA VAL C 170 -15.67 17.53 8.15
C VAL C 170 -15.40 18.48 9.33
N SER C 171 -15.90 18.12 10.49
CA SER C 171 -15.59 18.84 11.72
C SER C 171 -14.31 18.28 12.33
N GLN C 172 -13.39 19.17 12.68
CA GLN C 172 -12.05 18.78 13.07
C GLN C 172 -11.87 19.00 14.56
N LEU C 173 -11.36 17.97 15.23
CA LEU C 173 -11.11 18.01 16.66
C LEU C 173 -9.82 18.74 16.96
N VAL C 174 -9.88 19.63 17.94
CA VAL C 174 -8.72 20.37 18.42
C VAL C 174 -8.92 20.66 19.90
N ARG C 175 -7.88 20.46 20.69
CA ARG C 175 -7.92 20.91 22.06
C ARG C 175 -7.83 22.44 22.05
N SER C 176 -8.76 23.08 22.76
CA SER C 176 -8.88 24.52 22.68
C SER C 176 -7.63 25.19 23.24
N PRO C 177 -7.49 26.48 23.00
CA PRO C 177 -6.45 27.25 23.68
C PRO C 177 -6.83 27.47 25.13
N GLY C 178 -5.89 27.27 26.05
CA GLY C 178 -6.24 27.41 27.46
C GLY C 178 -5.02 27.32 28.34
N VAL C 179 -5.26 27.57 29.62
CA VAL C 179 -4.22 27.61 30.65
C VAL C 179 -3.93 26.18 31.05
N TYR C 180 -2.76 25.69 30.69
CA TYR C 180 -2.49 24.26 30.68
C TYR C 180 -1.38 23.94 31.67
N PHE C 181 -1.67 22.99 32.56
CA PHE C 181 -0.87 22.74 33.75
C PHE C 181 -0.31 21.34 33.74
N ASP C 182 0.87 21.19 34.34
CA ASP C 182 1.49 19.89 34.48
C ASP C 182 2.73 20.03 35.35
N GLU C 183 3.04 18.96 36.08
CA GLU C 183 4.26 18.91 36.88
C GLU C 183 4.93 17.57 36.63
N THR C 184 5.72 17.53 35.58
CA THR C 184 6.56 16.37 35.32
C THR C 184 7.69 16.35 36.34
N ILE C 185 7.70 15.35 37.19
CA ILE C 185 8.70 15.24 38.24
C ILE C 185 10.06 15.04 37.58
N ASP C 186 11.00 15.92 37.93
CA ASP C 186 12.41 15.70 37.60
C ASP C 186 12.88 14.56 38.49
N LYS C 187 12.83 13.34 37.96
CA LYS C 187 13.27 12.19 38.73
C LYS C 187 14.74 12.31 39.09
N SER C 188 15.54 12.92 38.20
CA SER C 188 16.93 13.20 38.53
C SER C 188 17.02 14.14 39.74
N THR C 189 16.01 14.99 39.91
CA THR C 189 15.88 15.81 41.10
C THR C 189 14.84 15.24 42.06
N ASP C 190 13.99 14.33 41.60
CA ASP C 190 12.88 13.80 42.38
C ASP C 190 11.94 14.93 42.83
N LYS C 191 11.68 15.86 41.91
CA LYS C 191 10.82 17.00 42.21
C LYS C 191 9.80 17.18 41.10
N THR C 192 8.55 17.39 41.50
CA THR C 192 7.52 17.71 40.53
C THR C 192 7.83 19.06 39.91
N LEU C 193 7.74 19.14 38.58
CA LEU C 193 8.06 20.37 37.88
C LEU C 193 6.75 20.92 37.33
N HIS C 194 6.02 21.64 38.18
CA HIS C 194 4.78 22.27 37.75
C HIS C 194 5.07 23.30 36.68
N SER C 195 4.18 23.36 35.70
CA SER C 195 4.41 24.23 34.55
C SER C 195 3.06 24.69 34.00
N VAL C 196 3.14 25.63 33.07
CA VAL C 196 1.96 26.14 32.40
C VAL C 196 2.37 26.67 31.04
N LYS C 197 1.52 26.41 30.05
CA LYS C 197 1.69 26.96 28.72
C LYS C 197 0.33 27.48 28.29
N VAL C 198 0.12 28.79 28.43
CA VAL C 198 -1.15 29.38 28.04
C VAL C 198 -1.06 29.79 26.58
N ILE C 199 -1.46 28.89 25.69
CA ILE C 199 -1.33 29.10 24.26
C ILE C 199 -2.60 29.77 23.76
N PRO C 200 -2.55 31.04 23.37
CA PRO C 200 -3.75 31.70 22.84
C PRO C 200 -3.85 31.51 21.35
N SER C 201 -4.98 31.89 20.76
CA SER C 201 -5.06 32.03 19.32
C SER C 201 -4.29 33.29 18.96
N ARG C 202 -3.65 33.28 17.79
CA ARG C 202 -2.98 34.44 17.20
C ARG C 202 -2.08 35.15 18.21
N GLY C 203 -1.44 34.35 19.05
CA GLY C 203 -0.72 34.91 20.16
C GLY C 203 0.63 34.28 20.43
N ALA C 204 1.18 34.55 21.61
CA ALA C 204 2.51 34.11 21.97
C ALA C 204 2.41 33.18 23.17
N TRP C 205 3.47 32.44 23.42
CA TRP C 205 3.46 31.45 24.49
C TRP C 205 4.12 31.99 25.74
N LEU C 206 4.07 31.24 26.83
CA LEU C 206 4.56 31.73 28.10
C LEU C 206 4.58 30.57 29.08
N GLU C 207 5.59 30.56 29.96
CA GLU C 207 5.77 29.47 30.89
C GLU C 207 5.96 30.00 32.29
N PHE C 208 5.22 29.42 33.23
CA PHE C 208 5.43 29.64 34.66
C PHE C 208 5.91 28.31 35.20
N ASP C 209 7.23 28.13 35.21
CA ASP C 209 7.77 26.81 35.47
C ASP C 209 8.33 26.70 36.88
N VAL C 210 8.16 25.53 37.47
CA VAL C 210 8.75 25.18 38.75
C VAL C 210 10.16 24.69 38.43
N ASP C 211 11.13 25.57 38.53
CA ASP C 211 12.49 25.20 38.19
C ASP C 211 13.00 24.16 39.19
N LYS C 212 14.12 23.53 38.82
CA LYS C 212 14.81 22.65 39.74
C LYS C 212 15.20 23.41 41.00
N ARG C 213 15.75 24.61 40.84
CA ARG C 213 15.95 25.48 41.98
C ARG C 213 14.62 25.96 42.50
N ASP C 214 14.63 26.57 43.68
CA ASP C 214 13.42 27.14 44.25
C ASP C 214 13.11 28.46 43.56
N THR C 215 12.86 28.41 42.26
CA THR C 215 12.87 29.58 41.41
C THR C 215 11.72 29.53 40.42
N VAL C 216 11.78 30.41 39.44
CA VAL C 216 10.65 30.65 38.56
C VAL C 216 11.07 30.41 37.11
N GLY C 217 10.20 29.74 36.38
CA GLY C 217 10.47 29.26 35.05
C GLY C 217 9.84 30.18 34.02
N VAL C 218 10.08 31.48 34.19
CA VAL C 218 9.26 32.55 33.65
C VAL C 218 9.60 32.80 32.19
N ARG C 219 10.35 31.87 31.58
CA ARG C 219 10.43 31.78 30.13
C ARG C 219 9.08 32.08 29.50
N ILE C 220 9.06 32.98 28.53
CA ILE C 220 7.81 33.49 27.96
C ILE C 220 8.04 33.79 26.50
N ASP C 221 7.05 33.45 25.68
CA ASP C 221 7.09 33.77 24.26
C ASP C 221 8.29 33.11 23.61
N ARG C 222 8.63 31.92 24.09
CA ARG C 222 9.79 31.19 23.57
C ARG C 222 11.07 31.99 23.77
N LYS C 223 11.36 32.29 25.04
CA LYS C 223 12.51 33.11 25.37
C LYS C 223 13.68 32.38 26.03
N ARG C 224 13.42 31.26 26.71
CA ARG C 224 14.55 30.60 27.36
C ARG C 224 14.68 30.81 28.86
N ARG C 225 13.98 31.80 29.43
CA ARG C 225 14.02 31.98 30.89
C ARG C 225 13.79 33.39 31.46
N GLN C 226 13.00 33.47 32.54
CA GLN C 226 12.75 34.72 33.23
C GLN C 226 12.58 34.54 34.74
N PRO C 227 12.85 35.59 35.51
CA PRO C 227 12.34 35.67 36.88
C PRO C 227 11.03 36.43 36.95
N VAL C 228 10.15 35.95 37.83
CA VAL C 228 8.83 36.54 37.99
C VAL C 228 8.94 38.01 38.40
N THR C 229 9.95 38.32 39.20
CA THR C 229 10.15 39.68 39.68
C THR C 229 10.26 40.66 38.53
N VAL C 230 10.94 40.24 37.47
CA VAL C 230 11.08 41.08 36.28
C VAL C 230 9.71 41.37 35.70
N LEU C 231 8.82 40.39 35.73
CA LEU C 231 7.46 40.64 35.28
C LEU C 231 6.74 41.62 36.20
N LEU C 232 6.78 41.37 37.50
CA LEU C 232 6.01 42.16 38.45
C LEU C 232 6.39 43.62 38.40
N LYS C 233 7.68 43.92 38.59
CA LYS C 233 8.13 45.30 38.41
C LYS C 233 7.87 45.77 36.99
N ALA C 234 8.05 44.88 36.02
CA ALA C 234 7.60 45.19 34.66
C ALA C 234 6.10 45.36 34.62
N LEU C 235 5.38 44.65 35.47
CA LEU C 235 3.93 44.78 35.55
C LEU C 235 3.50 45.90 36.49
N GLY C 236 4.46 46.62 37.06
CA GLY C 236 4.10 47.70 37.97
C GLY C 236 3.93 47.17 39.37
N TRP C 237 4.84 46.32 39.81
CA TRP C 237 4.75 45.68 41.10
C TRP C 237 6.07 45.80 41.82
N THR C 238 6.00 46.26 43.07
CA THR C 238 7.17 46.31 43.92
C THR C 238 7.34 44.94 44.56
N SER C 239 8.55 44.69 45.08
CA SER C 239 8.77 43.46 45.84
C SER C 239 7.85 43.42 47.06
N GLU C 240 7.63 44.59 47.66
CA GLU C 240 6.60 44.73 48.68
C GLU C 240 5.26 44.25 48.18
N GLN C 241 4.82 44.79 47.03
CA GLN C 241 3.53 44.42 46.48
C GLN C 241 3.45 42.92 46.21
N ILE C 242 4.57 42.33 45.80
CA ILE C 242 4.58 40.90 45.47
C ILE C 242 4.43 40.06 46.72
N VAL C 243 5.28 40.32 47.72
CA VAL C 243 5.23 39.53 48.95
C VAL C 243 3.92 39.78 49.67
N GLU C 244 3.37 40.97 49.53
CA GLU C 244 2.05 41.28 50.03
C GLU C 244 1.04 40.37 49.34
N ARG C 245 0.97 40.46 48.02
CA ARG C 245 0.12 39.59 47.24
C ARG C 245 0.50 38.12 47.40
N PHE C 246 1.78 37.84 47.68
CA PHE C 246 2.27 36.47 47.77
C PHE C 246 3.11 36.35 49.03
N GLY C 247 2.44 36.07 50.16
CA GLY C 247 3.12 35.88 51.43
C GLY C 247 3.46 34.42 51.67
N PHE C 248 2.49 33.54 51.43
CA PHE C 248 2.71 32.11 51.47
C PHE C 248 3.51 31.60 50.29
N SER C 249 3.92 32.48 49.38
CA SER C 249 4.59 32.11 48.15
C SER C 249 6.07 31.94 48.44
N GLU C 250 6.47 30.68 48.60
CA GLU C 250 7.81 30.37 49.05
C GLU C 250 8.84 30.54 47.95
N ILE C 251 8.59 29.93 46.79
CA ILE C 251 9.50 30.16 45.68
C ILE C 251 9.46 31.61 45.26
N MET C 252 8.32 32.27 45.44
CA MET C 252 8.22 33.68 45.12
C MET C 252 9.15 34.50 46.00
N ARG C 253 9.10 34.27 47.31
CA ARG C 253 10.00 34.98 48.21
C ARG C 253 11.44 34.65 47.92
N SER C 254 11.73 33.40 47.59
CA SER C 254 13.09 32.99 47.28
C SER C 254 13.62 33.74 46.06
N THR C 255 12.84 33.70 44.97
CA THR C 255 13.24 34.39 43.76
C THR C 255 13.33 35.88 43.96
N LEU C 256 12.43 36.45 44.75
CA LEU C 256 12.50 37.87 45.04
C LEU C 256 13.73 38.20 45.85
N GLU C 257 14.26 37.23 46.59
CA GLU C 257 15.57 37.38 47.17
C GLU C 257 16.67 37.23 46.13
N LYS C 258 16.44 36.40 45.11
CA LYS C 258 17.38 36.20 44.02
C LYS C 258 16.97 36.97 42.79
N ASP C 259 16.03 37.90 42.93
CA ASP C 259 15.56 38.68 41.79
C ASP C 259 16.68 39.47 41.14
N ASN C 260 17.69 39.85 41.92
CA ASN C 260 18.94 40.50 41.52
C ASN C 260 18.76 41.63 40.51
N THR C 261 17.60 42.30 40.56
CA THR C 261 17.32 43.49 39.77
C THR C 261 16.22 44.25 40.47
N VAL C 262 16.34 45.57 40.54
CA VAL C 262 15.37 46.38 41.26
C VAL C 262 14.95 47.55 40.39
N GLY C 263 13.70 47.97 40.57
CA GLY C 263 13.12 49.02 39.76
C GLY C 263 12.37 48.44 38.59
N THR C 264 11.24 49.05 38.25
CA THR C 264 10.44 48.56 37.12
C THR C 264 11.24 48.62 35.83
N ASP C 265 11.63 49.83 35.43
CA ASP C 265 12.23 50.10 34.14
C ASP C 265 13.49 49.27 33.90
N GLU C 266 14.20 48.90 34.97
CA GLU C 266 15.30 47.95 34.81
C GLU C 266 14.78 46.63 34.28
N ALA C 267 13.71 46.12 34.88
CA ALA C 267 13.08 44.90 34.37
C ALA C 267 12.57 45.12 32.96
N LEU C 268 12.01 46.30 32.69
CA LEU C 268 11.45 46.59 31.38
C LEU C 268 12.55 46.54 30.32
N LEU C 269 13.67 47.20 30.59
CA LEU C 269 14.78 47.22 29.64
C LEU C 269 15.41 45.84 29.48
N ASP C 270 15.52 45.08 30.57
CA ASP C 270 16.07 43.73 30.46
C ASP C 270 15.16 42.87 29.60
N ILE C 271 13.86 42.94 29.84
CA ILE C 271 12.90 42.22 29.01
C ILE C 271 13.02 42.65 27.57
N TYR C 272 13.08 43.96 27.33
CA TYR C 272 13.13 44.45 25.97
C TYR C 272 14.38 43.96 25.27
N ARG C 273 15.53 44.02 25.93
CA ARG C 273 16.75 43.58 25.27
C ARG C 273 16.75 42.08 25.04
N LYS C 274 16.33 41.28 26.03
CA LYS C 274 16.31 39.84 25.88
C LYS C 274 15.27 39.38 24.87
N LEU C 275 14.23 40.17 24.65
CA LEU C 275 13.22 39.93 23.63
C LEU C 275 13.66 40.32 22.25
N ARG C 276 14.34 41.45 22.13
CA ARG C 276 14.85 41.87 20.84
C ARG C 276 16.37 41.84 20.93
N PRO C 277 16.95 40.69 21.33
CA PRO C 277 18.41 40.90 21.37
C PRO C 277 19.09 41.18 20.04
N GLY C 278 19.92 42.22 20.04
CA GLY C 278 20.43 42.80 18.81
C GLY C 278 19.62 44.03 18.47
N GLU C 279 19.35 44.86 19.48
CA GLU C 279 18.44 45.97 19.34
C GLU C 279 18.73 46.98 20.43
N PRO C 280 18.68 48.27 20.14
CA PRO C 280 18.89 49.27 21.18
C PRO C 280 17.68 49.34 22.09
N PRO C 281 17.90 49.29 23.41
CA PRO C 281 16.78 49.40 24.35
C PRO C 281 16.25 50.82 24.41
N THR C 282 14.94 50.96 24.40
CA THR C 282 14.30 52.26 24.58
C THR C 282 13.24 52.15 25.67
N LYS C 283 13.04 53.26 26.37
CA LYS C 283 12.24 53.25 27.60
C LYS C 283 10.75 53.18 27.34
N GLU C 284 10.25 53.92 26.35
CA GLU C 284 8.85 53.87 26.02
C GLU C 284 8.41 52.50 25.52
N SER C 285 9.34 51.70 24.98
CA SER C 285 8.98 50.36 24.53
C SER C 285 8.69 49.44 25.70
N ALA C 286 9.00 49.90 26.92
CA ALA C 286 8.64 49.16 28.12
C ALA C 286 7.14 48.84 28.14
N GLN C 287 6.31 49.89 28.17
CA GLN C 287 4.88 49.68 28.07
C GLN C 287 4.40 49.58 26.63
N THR C 288 5.10 50.19 25.67
CA THR C 288 4.64 50.22 24.30
C THR C 288 5.11 49.02 23.49
N LEU C 289 5.63 47.98 24.15
CA LEU C 289 5.86 46.71 23.48
C LEU C 289 5.05 45.60 24.14
N LEU C 290 5.20 45.42 25.45
CA LEU C 290 4.49 44.37 26.16
C LEU C 290 2.99 44.52 26.02
N GLU C 291 2.48 45.73 26.25
CA GLU C 291 1.06 45.97 26.08
C GLU C 291 0.60 45.60 24.67
N ASN C 292 1.40 45.93 23.66
CA ASN C 292 1.16 45.40 22.33
C ASN C 292 1.35 43.91 22.24
N LEU C 293 2.32 43.38 22.99
CA LEU C 293 2.55 41.94 22.92
C LEU C 293 1.40 41.16 23.52
N PHE C 294 0.87 41.60 24.65
CA PHE C 294 -0.05 40.79 25.44
C PHE C 294 -1.32 41.51 25.87
N PHE C 295 -1.45 42.79 25.59
CA PHE C 295 -2.64 43.48 26.03
C PHE C 295 -3.29 44.29 24.92
N LYS C 296 -2.51 44.80 23.96
CA LYS C 296 -3.07 45.35 22.75
C LYS C 296 -3.72 44.21 21.99
N GLU C 297 -5.04 44.13 22.06
CA GLU C 297 -5.74 42.99 21.48
C GLU C 297 -5.94 43.18 19.98
N LYS C 298 -4.83 43.37 19.27
CA LYS C 298 -4.83 43.41 17.82
C LYS C 298 -3.82 42.46 17.21
N ARG C 299 -2.86 41.96 17.98
CA ARG C 299 -1.97 40.91 17.50
C ARG C 299 -1.80 39.77 18.49
N TYR C 300 -2.59 39.73 19.54
CA TYR C 300 -2.45 38.71 20.57
C TYR C 300 -3.83 38.44 21.16
N ASP C 301 -4.54 37.46 20.61
CA ASP C 301 -5.96 37.33 20.89
C ASP C 301 -6.36 35.86 20.84
N LEU C 302 -6.38 35.21 21.99
CA LEU C 302 -7.03 33.91 22.08
C LEU C 302 -8.52 34.10 21.83
N ALA C 303 -9.22 33.03 21.50
CA ALA C 303 -10.61 33.15 21.13
C ALA C 303 -11.45 33.64 22.32
N ARG C 304 -12.65 34.12 22.00
CA ARG C 304 -13.62 34.41 23.05
C ARG C 304 -13.87 33.17 23.89
N VAL C 305 -13.99 32.01 23.24
CA VAL C 305 -14.12 30.77 23.99
C VAL C 305 -12.87 30.53 24.82
N GLY C 306 -11.71 31.00 24.34
CA GLY C 306 -10.51 30.92 25.14
C GLY C 306 -10.64 31.70 26.43
N ARG C 307 -11.06 32.97 26.32
CA ARG C 307 -11.30 33.79 27.51
C ARG C 307 -12.31 33.12 28.43
N TYR C 308 -13.33 32.52 27.84
CA TYR C 308 -14.34 31.81 28.61
C TYR C 308 -13.72 30.66 29.39
N LYS C 309 -12.94 29.83 28.70
CA LYS C 309 -12.24 28.74 29.36
C LYS C 309 -11.37 29.26 30.48
N VAL C 310 -10.72 30.41 30.24
CA VAL C 310 -9.86 30.99 31.26
C VAL C 310 -10.64 31.30 32.52
N ASN C 311 -11.66 32.14 32.37
CA ASN C 311 -12.46 32.55 33.51
C ASN C 311 -13.12 31.37 34.19
N LYS C 312 -13.59 30.40 33.40
CA LYS C 312 -14.26 29.23 33.93
C LYS C 312 -13.32 28.34 34.71
N LYS C 313 -12.13 28.11 34.17
CA LYS C 313 -11.08 27.45 34.93
C LYS C 313 -10.73 28.23 36.19
N LEU C 314 -10.93 29.54 36.18
CA LEU C 314 -10.42 30.36 37.26
C LEU C 314 -11.52 31.07 38.03
N GLY C 315 -12.76 31.05 37.55
CA GLY C 315 -13.84 31.74 38.22
C GLY C 315 -13.54 33.21 38.34
N LEU C 316 -12.87 33.77 37.33
CA LEU C 316 -12.47 35.16 37.40
C LEU C 316 -13.61 36.09 36.98
N HIS C 317 -13.98 36.01 35.70
CA HIS C 317 -15.12 36.75 35.18
C HIS C 317 -16.34 35.88 35.42
N VAL C 318 -16.85 35.96 36.64
CA VAL C 318 -17.86 35.00 37.08
C VAL C 318 -19.20 35.28 36.41
N GLY C 319 -19.64 36.53 36.40
CA GLY C 319 -21.01 36.79 36.00
C GLY C 319 -21.19 37.70 34.80
N GLU C 320 -20.28 37.66 33.84
CA GLU C 320 -20.40 38.55 32.70
C GLU C 320 -20.05 37.85 31.39
N PRO C 321 -20.63 38.30 30.28
CA PRO C 321 -20.35 37.66 28.99
C PRO C 321 -18.89 37.86 28.60
N ILE C 322 -18.42 36.98 27.73
CA ILE C 322 -17.00 36.89 27.42
C ILE C 322 -16.68 37.93 26.35
N THR C 323 -15.54 38.58 26.51
CA THR C 323 -15.05 39.56 25.56
C THR C 323 -13.63 39.91 25.95
N SER C 324 -13.02 40.80 25.17
CA SER C 324 -11.69 41.32 25.49
C SER C 324 -10.65 40.19 25.55
N SER C 325 -10.36 39.61 24.38
CA SER C 325 -9.39 38.53 24.32
C SER C 325 -7.99 38.95 24.77
N THR C 326 -7.72 40.26 24.88
CA THR C 326 -6.49 40.70 25.52
C THR C 326 -6.47 40.22 26.96
N LEU C 327 -5.27 40.20 27.54
CA LEU C 327 -5.11 39.62 28.86
C LEU C 327 -5.27 40.68 29.95
N THR C 328 -5.01 40.27 31.18
CA THR C 328 -4.91 41.20 32.29
C THR C 328 -3.93 40.68 33.33
N GLU C 329 -3.25 41.62 33.99
CA GLU C 329 -2.36 41.27 35.09
C GLU C 329 -3.13 40.52 36.17
N GLU C 330 -4.41 40.84 36.34
CA GLU C 330 -5.31 40.01 37.12
C GLU C 330 -5.19 38.55 36.73
N ASP C 331 -5.34 38.27 35.44
CA ASP C 331 -5.25 36.90 34.94
C ASP C 331 -3.91 36.29 35.28
N VAL C 332 -2.83 37.03 35.00
CA VAL C 332 -1.51 36.45 35.18
C VAL C 332 -1.22 36.19 36.66
N VAL C 333 -1.72 37.06 37.54
CA VAL C 333 -1.41 36.92 38.95
C VAL C 333 -2.20 35.78 39.55
N ALA C 334 -3.47 35.65 39.18
CA ALA C 334 -4.22 34.47 39.59
C ALA C 334 -3.57 33.21 39.06
N THR C 335 -3.04 33.28 37.84
CA THR C 335 -2.28 32.19 37.25
C THR C 335 -1.13 31.78 38.16
N ILE C 336 -0.32 32.76 38.52
CA ILE C 336 0.88 32.48 39.30
C ILE C 336 0.49 31.94 40.67
N GLU C 337 -0.57 32.50 41.26
CA GLU C 337 -1.00 32.04 42.58
C GLU C 337 -1.43 30.59 42.54
N TYR C 338 -2.29 30.25 41.57
CA TYR C 338 -2.73 28.86 41.45
C TYR C 338 -1.54 27.95 41.14
N LEU C 339 -0.62 28.41 40.30
CA LEU C 339 0.51 27.57 39.92
C LEU C 339 1.39 27.27 41.13
N VAL C 340 1.73 28.30 41.89
CA VAL C 340 2.59 28.10 43.05
C VAL C 340 1.89 27.23 44.07
N ARG C 341 0.59 27.43 44.26
CA ARG C 341 -0.14 26.61 45.22
C ARG C 341 -0.20 25.17 44.76
N LEU C 342 -0.32 24.96 43.46
CA LEU C 342 -0.28 23.61 42.91
C LEU C 342 1.07 22.97 43.19
N HIS C 343 2.16 23.69 42.93
CA HIS C 343 3.45 23.30 43.51
C HIS C 343 3.61 23.86 44.91
N GLU C 344 2.58 23.68 45.72
CA GLU C 344 2.65 24.04 47.13
C GLU C 344 2.04 23.01 48.04
N GLY C 345 1.10 22.21 47.55
CA GLY C 345 0.28 21.36 48.39
C GLY C 345 -1.00 22.14 48.64
N GLN C 346 -2.04 21.84 47.87
CA GLN C 346 -3.26 22.64 47.89
C GLN C 346 -4.41 21.77 47.40
N THR C 347 -5.61 22.28 47.57
CA THR C 347 -6.81 21.64 47.06
C THR C 347 -7.65 22.57 46.22
N THR C 348 -7.72 23.84 46.59
CA THR C 348 -8.55 24.81 45.88
C THR C 348 -8.26 26.18 46.49
N MET C 349 -8.24 27.21 45.65
CA MET C 349 -7.89 28.55 46.06
C MET C 349 -8.85 29.52 45.41
N THR C 350 -9.47 30.37 46.21
CA THR C 350 -10.37 31.40 45.72
C THR C 350 -9.60 32.70 45.55
N VAL C 351 -9.39 33.10 44.30
CA VAL C 351 -8.75 34.36 43.98
C VAL C 351 -9.68 35.46 44.48
N PRO C 352 -9.15 36.61 44.90
CA PRO C 352 -10.05 37.73 45.22
C PRO C 352 -10.89 38.10 44.01
N GLY C 353 -12.21 38.01 44.16
CA GLY C 353 -13.11 38.12 43.04
C GLY C 353 -13.45 36.82 42.36
N GLY C 354 -12.80 35.73 42.74
CA GLY C 354 -13.07 34.44 42.12
C GLY C 354 -13.28 33.33 43.12
N VAL C 355 -14.23 32.44 42.83
CA VAL C 355 -14.46 31.29 43.70
C VAL C 355 -13.27 30.37 43.62
N GLU C 356 -13.02 29.62 44.69
CA GLU C 356 -11.88 28.73 44.73
C GLU C 356 -11.96 27.67 43.65
N VAL C 357 -10.90 27.55 42.88
CA VAL C 357 -10.81 26.52 41.84
C VAL C 357 -10.03 25.35 42.42
N PRO C 358 -10.49 24.12 42.24
CA PRO C 358 -9.77 22.99 42.82
C PRO C 358 -8.37 22.88 42.23
N VAL C 359 -7.39 22.85 43.13
CA VAL C 359 -5.99 22.82 42.73
C VAL C 359 -5.71 21.48 42.06
N GLU C 360 -5.41 21.51 40.76
CA GLU C 360 -5.07 20.28 40.06
C GLU C 360 -4.47 20.60 38.71
N THR C 361 -4.01 19.55 38.03
CA THR C 361 -3.34 19.67 36.75
C THR C 361 -4.35 19.83 35.63
N ASP C 362 -3.86 19.69 34.40
CA ASP C 362 -4.67 19.79 33.21
C ASP C 362 -4.40 18.60 32.29
N ASP C 363 -5.29 18.40 31.33
CA ASP C 363 -5.13 17.33 30.35
C ASP C 363 -5.36 17.85 28.95
N ILE C 364 -4.37 17.58 28.08
CA ILE C 364 -4.54 17.78 26.66
C ILE C 364 -5.51 16.79 26.05
N ASP C 365 -5.57 15.57 26.57
CA ASP C 365 -6.42 14.54 26.00
C ASP C 365 -7.87 14.70 26.41
N HIS C 366 -8.12 15.06 27.66
CA HIS C 366 -9.47 15.18 28.18
C HIS C 366 -10.24 16.25 27.42
N PHE C 367 -11.51 15.96 27.18
CA PHE C 367 -12.35 16.82 26.34
C PHE C 367 -12.41 18.25 26.82
N GLY C 368 -12.32 18.47 28.14
CA GLY C 368 -12.42 19.78 28.73
C GLY C 368 -11.45 20.79 28.14
N ASN C 369 -10.37 20.30 27.55
CA ASN C 369 -9.55 21.14 26.72
C ASN C 369 -9.78 20.90 25.23
N ARG C 370 -10.23 19.72 24.83
CA ARG C 370 -10.26 19.36 23.43
C ARG C 370 -11.57 19.82 22.84
N ARG C 371 -11.54 21.00 22.24
CA ARG C 371 -12.73 21.55 21.64
C ARG C 371 -12.97 20.93 20.27
N LEU C 372 -13.87 21.53 19.51
CA LEU C 372 -14.23 21.03 18.19
C LEU C 372 -14.46 22.19 17.23
N ARG C 373 -13.53 22.39 16.32
CA ARG C 373 -13.73 23.38 15.26
C ARG C 373 -14.80 22.85 14.32
N THR C 374 -15.93 23.55 14.27
CA THR C 374 -17.04 23.09 13.43
C THR C 374 -16.91 23.60 12.01
N VAL C 375 -17.89 23.25 11.20
CA VAL C 375 -17.94 23.69 9.81
C VAL C 375 -18.01 25.21 9.70
N GLY C 376 -19.00 25.84 10.33
CA GLY C 376 -19.06 27.28 10.30
C GLY C 376 -17.84 27.91 10.94
N GLU C 377 -17.27 27.21 11.93
CA GLU C 377 -16.00 27.62 12.50
C GLU C 377 -14.93 27.77 11.43
N LEU C 378 -14.69 26.70 10.68
CA LEU C 378 -13.64 26.73 9.67
C LEU C 378 -13.96 27.76 8.60
N ILE C 379 -15.24 27.89 8.28
CA ILE C 379 -15.66 28.88 7.30
C ILE C 379 -15.29 30.27 7.78
N GLN C 380 -15.59 30.57 9.04
CA GLN C 380 -15.26 31.88 9.57
C GLN C 380 -13.75 32.08 9.59
N ASN C 381 -13.01 31.00 9.81
CA ASN C 381 -11.56 31.11 9.78
C ASN C 381 -11.09 31.56 8.41
N GLN C 382 -11.63 30.92 7.38
CA GLN C 382 -11.29 31.33 6.01
C GLN C 382 -11.73 32.75 5.74
N ILE C 383 -12.92 33.11 6.24
CA ILE C 383 -13.41 34.47 6.04
C ILE C 383 -12.46 35.47 6.66
N ARG C 384 -11.98 35.16 7.85
CA ARG C 384 -11.07 36.05 8.55
C ARG C 384 -9.77 36.17 7.79
N VAL C 385 -9.22 35.05 7.33
CA VAL C 385 -7.95 35.13 6.62
C VAL C 385 -8.09 35.88 5.31
N GLY C 386 -9.23 35.79 4.65
CA GLY C 386 -9.42 36.55 3.43
C GLY C 386 -9.57 38.02 3.70
N MET C 387 -10.43 38.34 4.67
CA MET C 387 -10.69 39.73 5.01
C MET C 387 -9.44 40.41 5.54
N SER C 388 -8.53 39.64 6.14
CA SER C 388 -7.26 40.21 6.55
C SER C 388 -6.53 40.81 5.35
N ARG C 389 -6.33 40.00 4.32
CA ARG C 389 -5.67 40.47 3.12
C ARG C 389 -6.45 41.61 2.49
N MET C 390 -7.77 41.53 2.52
CA MET C 390 -8.57 42.54 1.86
C MET C 390 -8.44 43.88 2.58
N GLU C 391 -8.49 43.87 3.92
CA GLU C 391 -8.36 45.11 4.66
C GLU C 391 -6.96 45.68 4.54
N ARG C 392 -5.94 44.82 4.48
CA ARG C 392 -4.57 45.33 4.38
C ARG C 392 -4.26 45.86 2.98
N VAL C 393 -5.25 45.86 2.10
CA VAL C 393 -5.10 46.46 0.79
C VAL C 393 -6.06 47.64 0.71
N VAL C 394 -7.15 47.57 1.46
CA VAL C 394 -8.04 48.72 1.59
C VAL C 394 -7.31 49.86 2.27
N ARG C 395 -6.73 49.58 3.43
CA ARG C 395 -5.88 50.56 4.09
C ARG C 395 -4.76 51.01 3.17
N GLU C 396 -4.26 50.12 2.32
CA GLU C 396 -3.29 50.50 1.31
C GLU C 396 -3.85 51.59 0.42
N ARG C 397 -4.93 51.30 -0.29
CA ARG C 397 -5.59 52.31 -1.09
C ARG C 397 -6.13 53.44 -0.25
N MET C 398 -6.47 53.15 1.01
CA MET C 398 -7.06 54.10 1.94
C MET C 398 -6.39 55.47 1.89
N THR C 399 -5.07 55.50 1.76
CA THR C 399 -4.34 56.73 1.49
C THR C 399 -4.21 57.01 0.01
N THR C 400 -3.84 56.00 -0.78
CA THR C 400 -3.58 56.19 -2.19
C THR C 400 -4.86 56.56 -2.93
N GLN C 401 -5.99 56.05 -2.45
CA GLN C 401 -7.29 56.50 -2.96
C GLN C 401 -7.38 58.01 -2.84
N ASP C 402 -8.00 58.63 -3.85
CA ASP C 402 -8.12 60.08 -3.83
C ASP C 402 -9.09 60.51 -2.74
N VAL C 403 -8.76 61.61 -2.07
CA VAL C 403 -9.53 62.00 -0.91
C VAL C 403 -10.77 62.79 -1.32
N GLU C 404 -11.85 62.58 -0.56
CA GLU C 404 -13.15 63.20 -0.79
C GLU C 404 -13.71 62.92 -2.18
N ALA C 405 -13.21 61.89 -2.83
CA ALA C 405 -13.73 61.50 -4.12
C ALA C 405 -13.92 59.99 -4.23
N ILE C 406 -13.47 59.23 -3.25
CA ILE C 406 -13.59 57.78 -3.25
C ILE C 406 -14.97 57.36 -2.75
N THR C 407 -15.31 56.11 -3.03
CA THR C 407 -16.45 55.44 -2.43
C THR C 407 -15.95 54.08 -2.02
N PRO C 408 -16.55 53.46 -1.01
CA PRO C 408 -16.10 52.12 -0.62
C PRO C 408 -16.16 51.14 -1.78
N GLN C 409 -17.12 51.32 -2.68
CA GLN C 409 -17.09 50.64 -3.97
C GLN C 409 -15.73 50.80 -4.62
N THR C 410 -15.18 52.01 -4.59
CA THR C 410 -13.81 52.21 -5.05
C THR C 410 -12.83 51.53 -4.11
N LEU C 411 -13.26 51.25 -2.88
CA LEU C 411 -12.35 50.74 -1.86
C LEU C 411 -12.37 49.22 -1.80
N ILE C 412 -13.35 48.59 -2.42
CA ILE C 412 -13.64 47.18 -2.15
C ILE C 412 -13.01 46.29 -3.21
N ASN C 413 -12.50 45.15 -2.77
CA ASN C 413 -12.09 44.05 -3.63
C ASN C 413 -12.56 42.75 -3.01
N ILE C 414 -13.53 42.11 -3.63
CA ILE C 414 -14.03 40.82 -3.16
C ILE C 414 -13.29 39.65 -3.78
N ARG C 415 -12.42 39.90 -4.76
CA ARG C 415 -11.61 38.86 -5.39
C ARG C 415 -10.86 37.97 -4.42
N PRO C 416 -10.05 38.50 -3.49
CA PRO C 416 -9.32 37.60 -2.59
C PRO C 416 -10.24 36.76 -1.72
N VAL C 417 -11.33 37.36 -1.24
CA VAL C 417 -12.26 36.63 -0.39
C VAL C 417 -12.89 35.49 -1.16
N VAL C 418 -13.41 35.78 -2.35
CA VAL C 418 -14.04 34.73 -3.14
C VAL C 418 -13.02 33.68 -3.53
N ALA C 419 -11.78 34.10 -3.78
CA ALA C 419 -10.71 33.15 -4.04
C ALA C 419 -10.54 32.19 -2.87
N ALA C 420 -10.50 32.73 -1.66
CA ALA C 420 -10.34 31.90 -0.47
C ALA C 420 -11.51 30.95 -0.34
N ILE C 421 -12.71 31.45 -0.60
CA ILE C 421 -13.90 30.61 -0.51
C ILE C 421 -13.78 29.42 -1.43
N LYS C 422 -13.47 29.69 -2.69
CA LYS C 422 -13.33 28.64 -3.69
C LYS C 422 -12.25 27.66 -3.29
N GLU C 423 -11.06 28.18 -2.98
CA GLU C 423 -9.95 27.31 -2.58
C GLU C 423 -10.21 26.58 -1.28
N PHE C 424 -11.25 26.94 -0.54
CA PHE C 424 -11.59 26.17 0.63
C PHE C 424 -12.53 25.04 0.27
N PHE C 425 -13.61 25.37 -0.42
CA PHE C 425 -14.56 24.33 -0.83
C PHE C 425 -13.87 23.27 -1.67
N GLY C 426 -13.27 23.67 -2.77
CA GLY C 426 -12.27 22.82 -3.38
C GLY C 426 -10.99 22.90 -2.60
N THR C 427 -10.06 21.99 -2.90
CA THR C 427 -8.68 22.05 -2.42
C THR C 427 -8.64 22.09 -0.89
N SER C 428 -9.14 21.02 -0.29
CA SER C 428 -9.09 20.90 1.16
C SER C 428 -9.43 19.48 1.60
N GLN C 429 -8.61 18.91 2.44
CA GLN C 429 -8.83 17.60 3.03
C GLN C 429 -9.93 17.59 4.03
N LEU C 430 -10.55 18.74 4.29
CA LEU C 430 -11.73 18.81 5.12
C LEU C 430 -12.98 18.95 4.28
N SER C 431 -12.84 19.35 3.03
CA SER C 431 -13.93 19.45 2.07
C SER C 431 -13.82 18.23 1.16
N GLN C 432 -14.53 17.18 1.53
CA GLN C 432 -14.33 15.89 0.90
C GLN C 432 -15.57 15.42 0.19
N PHE C 433 -15.37 14.48 -0.74
CA PHE C 433 -16.48 13.97 -1.52
C PHE C 433 -17.40 13.13 -0.65
N MET C 434 -18.69 13.45 -0.70
CA MET C 434 -19.66 12.65 0.04
C MET C 434 -19.70 11.23 -0.50
N ASP C 435 -19.20 10.28 0.27
CA ASP C 435 -19.29 8.91 -0.17
C ASP C 435 -20.73 8.44 -0.10
N GLN C 436 -21.44 8.54 -1.22
CA GLN C 436 -22.84 8.11 -1.28
C GLN C 436 -22.86 6.74 -1.94
N ASN C 437 -22.59 5.71 -1.16
CA ASN C 437 -22.83 4.35 -1.60
C ASN C 437 -24.14 3.82 -1.05
N ASN C 438 -24.69 4.49 -0.05
CA ASN C 438 -25.98 4.15 0.50
C ASN C 438 -26.35 5.20 1.53
N PRO C 439 -27.61 5.28 1.93
CA PRO C 439 -28.00 6.31 2.90
C PRO C 439 -27.24 6.18 4.20
N LEU C 440 -27.03 4.94 4.65
CA LEU C 440 -26.30 4.70 5.87
C LEU C 440 -24.92 5.34 5.82
N SER C 441 -24.06 4.86 4.92
CA SER C 441 -22.69 5.34 4.90
C SER C 441 -22.65 6.82 4.53
N GLY C 442 -23.63 7.28 3.77
CA GLY C 442 -23.74 8.71 3.56
C GLY C 442 -23.85 9.47 4.86
N LEU C 443 -24.78 9.04 5.71
CA LEU C 443 -24.92 9.63 7.03
C LEU C 443 -23.63 9.51 7.83
N THR C 444 -23.09 8.30 7.88
CA THR C 444 -21.88 8.02 8.62
C THR C 444 -20.72 8.91 8.22
N HIS C 445 -20.63 9.27 6.94
CA HIS C 445 -19.60 10.19 6.51
C HIS C 445 -19.74 11.50 7.27
N LYS C 446 -20.95 12.03 7.32
CA LYS C 446 -21.26 13.10 8.25
C LYS C 446 -21.21 12.58 9.67
N ARG C 447 -21.25 13.48 10.63
CA ARG C 447 -21.09 13.12 12.03
C ARG C 447 -19.74 12.48 12.29
N ARG C 448 -18.77 12.78 11.45
CA ARG C 448 -17.46 12.17 11.53
C ARG C 448 -16.53 13.07 12.33
N LEU C 449 -15.57 12.46 13.00
CA LEU C 449 -14.68 13.17 13.90
C LEU C 449 -13.24 12.88 13.53
N SER C 450 -12.46 13.93 13.34
CA SER C 450 -11.05 13.76 12.98
C SER C 450 -10.26 14.95 13.51
N ALA C 451 -9.04 14.68 13.98
CA ALA C 451 -8.19 15.73 14.48
C ALA C 451 -7.05 16.09 13.54
N LEU C 452 -6.86 15.34 12.46
CA LEU C 452 -5.79 15.62 11.52
C LEU C 452 -6.26 16.64 10.51
N GLY C 453 -5.35 17.49 10.06
CA GLY C 453 -5.69 18.54 9.13
C GLY C 453 -4.89 19.79 9.37
N PRO C 454 -5.20 20.85 8.64
CA PRO C 454 -4.55 22.14 8.89
C PRO C 454 -4.86 22.62 10.29
N GLY C 455 -3.83 22.88 11.06
CA GLY C 455 -3.98 23.13 12.48
C GLY C 455 -3.93 21.83 13.25
N GLY C 456 -4.74 20.86 12.81
CA GLY C 456 -4.64 19.53 13.38
C GLY C 456 -3.28 18.91 13.16
N LEU C 457 -2.99 17.90 13.96
CA LEU C 457 -1.71 17.21 13.83
C LEU C 457 -1.66 16.40 12.55
N SER C 458 -0.47 16.26 11.99
CA SER C 458 -0.30 15.32 10.90
C SER C 458 -0.23 13.92 11.47
N ARG C 459 -0.07 12.94 10.57
CA ARG C 459 -0.20 11.55 10.97
C ARG C 459 0.87 11.12 11.96
N GLU C 460 2.13 11.16 11.55
CA GLU C 460 3.17 10.62 12.43
C GLU C 460 3.46 11.53 13.61
N ARG C 461 3.22 12.84 13.45
CA ARG C 461 3.59 13.79 14.51
C ARG C 461 2.84 13.51 15.79
N ALA C 462 1.65 12.91 15.71
CA ALA C 462 0.84 12.61 16.87
C ALA C 462 1.39 11.36 17.54
N GLY C 463 1.41 11.37 18.87
CA GLY C 463 1.77 10.16 19.59
C GLY C 463 0.63 9.18 19.57
N LEU C 464 0.93 7.90 19.83
CA LEU C 464 -0.09 6.87 19.82
C LEU C 464 -1.17 7.11 20.87
N GLU C 465 -0.86 7.86 21.92
CA GLU C 465 -1.77 7.99 23.06
C GLU C 465 -3.03 8.75 22.69
N VAL C 466 -2.90 9.73 21.78
CA VAL C 466 -4.07 10.43 21.31
C VAL C 466 -5.06 9.48 20.65
N ARG C 467 -4.57 8.38 20.07
CA ARG C 467 -5.45 7.39 19.49
C ARG C 467 -6.26 6.68 20.57
N ASP C 468 -5.80 6.74 21.81
CA ASP C 468 -6.40 5.96 22.89
C ASP C 468 -7.84 6.40 23.16
N VAL C 469 -8.47 5.69 24.09
CA VAL C 469 -9.86 5.91 24.45
C VAL C 469 -9.89 6.44 25.87
N HIS C 470 -9.81 7.76 26.00
CA HIS C 470 -9.87 8.38 27.30
C HIS C 470 -11.28 8.27 27.88
N PRO C 471 -11.42 8.07 29.18
CA PRO C 471 -12.74 7.83 29.75
C PRO C 471 -13.71 8.98 29.60
N SER C 472 -13.22 10.19 29.37
CA SER C 472 -14.13 11.28 29.02
C SER C 472 -14.84 11.02 27.71
N HIS C 473 -14.27 10.18 26.85
CA HIS C 473 -14.91 9.81 25.61
C HIS C 473 -16.26 9.16 25.80
N TYR C 474 -16.50 8.58 26.98
CA TYR C 474 -17.73 7.84 27.23
C TYR C 474 -18.95 8.67 26.90
N GLY C 475 -19.89 8.05 26.18
CA GLY C 475 -21.14 8.69 25.85
C GLY C 475 -21.03 9.82 24.85
N ARG C 476 -19.82 10.12 24.39
CA ARG C 476 -19.62 11.24 23.49
C ARG C 476 -19.11 10.78 22.13
N MET C 477 -17.98 10.09 22.09
CA MET C 477 -17.42 9.58 20.86
C MET C 477 -17.46 8.07 20.93
N CYS C 478 -18.20 7.44 20.03
CA CYS C 478 -18.33 6.00 20.04
C CYS C 478 -16.94 5.37 19.89
N PRO C 479 -16.47 4.62 20.87
CA PRO C 479 -15.10 4.12 20.84
C PRO C 479 -14.87 3.03 19.81
N ILE C 480 -15.90 2.60 19.11
CA ILE C 480 -15.84 1.43 18.26
C ILE C 480 -15.61 1.82 16.81
N GLU C 481 -16.37 2.77 16.31
CA GLU C 481 -16.31 3.08 14.89
C GLU C 481 -15.07 3.90 14.56
N THR C 482 -14.22 3.35 13.72
CA THR C 482 -13.03 4.06 13.28
C THR C 482 -12.34 3.28 12.16
N PRO C 483 -11.66 3.96 11.25
CA PRO C 483 -10.97 3.25 10.18
C PRO C 483 -9.90 2.33 10.73
N GLU C 484 -9.90 1.10 10.24
CA GLU C 484 -9.00 0.07 10.71
C GLU C 484 -7.64 0.11 10.04
N GLY C 485 -7.44 0.98 9.07
CA GLY C 485 -6.15 1.15 8.46
C GLY C 485 -5.20 1.86 9.41
N PRO C 486 -4.16 2.45 8.86
CA PRO C 486 -3.20 3.20 9.68
C PRO C 486 -3.69 4.59 10.05
N ASN C 487 -4.93 4.65 10.55
CA ASN C 487 -5.50 5.89 11.07
C ASN C 487 -6.38 5.61 12.26
N ILE C 488 -6.24 4.43 12.85
CA ILE C 488 -7.06 4.06 13.98
C ILE C 488 -6.83 5.03 15.11
N GLY C 489 -7.90 5.44 15.77
CA GLY C 489 -7.78 6.40 16.85
C GLY C 489 -7.71 7.82 16.35
N LEU C 490 -7.49 8.00 15.05
CA LEU C 490 -7.38 9.33 14.51
C LEU C 490 -8.72 9.90 14.08
N ILE C 491 -9.71 9.05 13.81
CA ILE C 491 -10.98 9.49 13.29
C ILE C 491 -12.07 8.60 13.86
N GLY C 492 -13.10 9.21 14.44
CA GLY C 492 -14.26 8.51 14.91
C GLY C 492 -15.53 9.27 14.57
N SER C 493 -16.57 9.00 15.35
CA SER C 493 -17.85 9.64 15.18
C SER C 493 -18.46 9.96 16.54
N LEU C 494 -19.67 10.46 16.49
CA LEU C 494 -20.34 10.90 17.69
C LEU C 494 -21.14 9.76 18.30
N SER C 495 -21.23 9.77 19.62
CA SER C 495 -22.28 8.99 20.25
C SER C 495 -23.63 9.52 19.77
N VAL C 496 -24.63 8.64 19.83
CA VAL C 496 -25.92 8.96 19.21
C VAL C 496 -26.55 10.18 19.88
N TYR C 497 -26.88 10.05 21.16
CA TYR C 497 -27.57 11.10 21.88
C TYR C 497 -26.68 12.28 22.24
N ALA C 498 -25.47 12.35 21.69
CA ALA C 498 -24.59 13.46 22.00
C ALA C 498 -25.15 14.75 21.40
N ARG C 499 -24.56 15.87 21.82
CA ARG C 499 -24.93 17.16 21.26
C ARG C 499 -23.82 18.16 21.56
N VAL C 500 -23.80 19.24 20.82
CA VAL C 500 -22.62 20.08 20.73
C VAL C 500 -22.76 21.32 21.59
N ASN C 501 -21.66 21.70 22.19
CA ASN C 501 -21.49 23.00 22.80
C ASN C 501 -21.40 24.08 21.73
N PRO C 502 -22.03 25.23 21.93
CA PRO C 502 -21.66 26.41 21.14
C PRO C 502 -20.18 26.72 21.17
N PHE C 503 -19.49 26.26 22.20
CA PHE C 503 -18.05 26.46 22.32
C PHE C 503 -17.25 25.27 21.82
N GLY C 504 -17.79 24.49 20.89
CA GLY C 504 -17.03 23.40 20.36
C GLY C 504 -16.80 22.25 21.33
N PHE C 505 -17.73 22.03 22.24
CA PHE C 505 -17.67 20.92 23.17
C PHE C 505 -18.87 20.00 23.01
N ILE C 506 -18.85 18.91 23.76
CA ILE C 506 -19.87 17.87 23.69
C ILE C 506 -20.82 18.08 24.85
N GLU C 507 -21.94 18.74 24.58
CA GLU C 507 -22.95 18.91 25.61
C GLU C 507 -23.85 17.69 25.63
N THR C 508 -23.82 16.99 26.76
CA THR C 508 -24.45 15.68 26.80
C THR C 508 -25.62 15.67 27.76
N PRO C 509 -26.75 15.10 27.35
CA PRO C 509 -27.88 14.97 28.24
C PRO C 509 -27.58 13.96 29.34
N TYR C 510 -28.21 14.19 30.50
CA TYR C 510 -28.08 13.26 31.62
C TYR C 510 -29.34 13.30 32.46
N ARG C 511 -29.65 12.16 33.09
CA ARG C 511 -30.82 12.06 33.95
C ARG C 511 -30.38 12.29 35.38
N LYS C 512 -30.51 13.54 35.82
CA LYS C 512 -30.16 13.87 37.19
C LYS C 512 -31.14 13.21 38.15
N VAL C 513 -30.59 12.55 39.16
CA VAL C 513 -31.38 11.90 40.20
C VAL C 513 -31.35 12.79 41.43
N VAL C 514 -32.43 12.77 42.18
CA VAL C 514 -32.53 13.54 43.41
C VAL C 514 -33.31 12.73 44.44
N ASP C 515 -32.75 12.65 45.64
CA ASP C 515 -33.46 12.08 46.79
C ASP C 515 -33.77 10.61 46.62
N GLY C 516 -32.84 9.84 46.03
CA GLY C 516 -33.14 8.48 45.66
C GLY C 516 -34.15 8.35 44.55
N VAL C 517 -34.47 9.44 43.86
CA VAL C 517 -35.50 9.45 42.84
C VAL C 517 -34.94 10.15 41.62
N VAL C 518 -34.82 9.41 40.52
CA VAL C 518 -34.41 10.02 39.27
C VAL C 518 -35.47 11.03 38.87
N SER C 519 -35.03 12.24 38.57
CA SER C 519 -35.92 13.24 38.01
C SER C 519 -36.20 12.87 36.56
N ASP C 520 -36.87 13.76 35.84
CA ASP C 520 -37.08 13.55 34.42
C ASP C 520 -36.63 14.77 33.63
N GLU C 521 -35.67 15.52 34.15
CA GLU C 521 -35.13 16.70 33.49
C GLU C 521 -33.83 16.32 32.81
N ILE C 522 -33.87 16.30 31.47
CA ILE C 522 -32.65 16.07 30.72
C ILE C 522 -31.68 17.18 31.03
N VAL C 523 -30.40 16.83 31.14
CA VAL C 523 -29.38 17.79 31.49
C VAL C 523 -28.23 17.64 30.51
N TYR C 524 -28.15 18.58 29.56
CA TYR C 524 -27.08 18.66 28.58
C TYR C 524 -25.80 19.08 29.29
N LEU C 525 -24.92 18.11 29.48
CA LEU C 525 -23.70 18.34 30.23
C LEU C 525 -22.46 18.18 29.37
N THR C 526 -21.46 19.00 29.67
CA THR C 526 -20.12 18.79 29.14
C THR C 526 -19.40 17.77 30.00
N ALA C 527 -18.13 17.55 29.70
CA ALA C 527 -17.36 16.55 30.43
C ALA C 527 -16.83 17.07 31.75
N ASP C 528 -16.52 18.36 31.84
CA ASP C 528 -15.83 18.88 33.01
C ASP C 528 -16.71 18.81 34.24
N GLU C 529 -17.82 19.54 34.22
CA GLU C 529 -18.87 19.45 35.22
C GLU C 529 -19.24 18.01 35.55
N GLU C 530 -19.20 17.12 34.57
CA GLU C 530 -19.38 15.70 34.83
C GLU C 530 -18.42 15.21 35.90
N ASP C 531 -17.19 15.70 35.89
CA ASP C 531 -16.22 15.28 36.88
C ASP C 531 -16.61 15.73 38.27
N ARG C 532 -17.38 16.82 38.34
CA ARG C 532 -17.88 17.29 39.62
C ARG C 532 -18.78 16.27 40.29
N HIS C 533 -19.42 15.41 39.53
CA HIS C 533 -20.67 14.81 39.95
C HIS C 533 -20.56 13.29 40.02
N VAL C 534 -21.71 12.66 40.17
CA VAL C 534 -21.81 11.22 40.41
C VAL C 534 -22.91 10.68 39.51
N VAL C 535 -22.53 9.83 38.55
CA VAL C 535 -23.48 9.24 37.61
C VAL C 535 -23.38 7.73 37.68
N ALA C 536 -24.49 7.09 38.01
CA ALA C 536 -24.60 5.65 37.96
C ALA C 536 -25.17 5.25 36.60
N GLN C 537 -25.60 3.99 36.48
CA GLN C 537 -25.96 3.42 35.18
C GLN C 537 -27.47 3.38 34.97
N ALA C 538 -27.84 3.47 33.69
CA ALA C 538 -29.24 3.40 33.32
C ALA C 538 -29.85 2.05 33.66
N ASN C 539 -29.05 0.99 33.63
CA ASN C 539 -29.54 -0.36 33.90
C ASN C 539 -29.68 -0.61 35.40
N SER C 540 -30.35 0.28 36.06
CA SER C 540 -30.35 0.22 37.50
C SER C 540 -31.72 -0.16 38.03
N PRO C 541 -31.77 -0.90 39.10
CA PRO C 541 -33.06 -1.34 39.63
C PRO C 541 -33.83 -0.15 40.19
N ILE C 542 -34.41 0.64 39.30
CA ILE C 542 -35.21 1.77 39.73
C ILE C 542 -36.54 1.26 40.25
N ASP C 543 -37.00 1.86 41.35
CA ASP C 543 -38.22 1.41 42.00
C ASP C 543 -39.43 2.05 41.34
N ALA C 544 -39.51 1.95 40.00
CA ALA C 544 -40.68 2.35 39.24
C ALA C 544 -41.03 3.83 39.35
N ASP C 545 -40.25 4.59 40.12
CA ASP C 545 -40.63 5.94 40.52
C ASP C 545 -39.47 6.90 40.58
N GLY C 546 -38.27 6.52 40.12
CA GLY C 546 -37.03 7.18 40.46
C GLY C 546 -36.39 6.59 41.69
N ARG C 547 -37.22 6.07 42.60
CA ARG C 547 -36.73 5.27 43.71
C ARG C 547 -35.94 4.09 43.17
N PHE C 548 -35.06 3.53 44.00
CA PHE C 548 -34.18 2.47 43.54
C PHE C 548 -34.42 1.22 44.36
N VAL C 549 -33.58 0.21 44.13
CA VAL C 549 -33.69 -1.08 44.80
C VAL C 549 -32.54 -1.31 45.76
N GLU C 550 -31.33 -1.42 45.23
CA GLU C 550 -30.30 -1.74 46.19
C GLU C 550 -29.50 -0.50 46.57
N PRO C 551 -28.85 -0.52 47.70
CA PRO C 551 -28.04 0.64 48.09
C PRO C 551 -26.78 0.75 47.28
N ARG C 552 -26.03 -0.33 47.15
CA ARG C 552 -24.68 -0.31 46.62
C ARG C 552 -24.74 -0.38 45.10
N VAL C 553 -24.46 0.73 44.45
CA VAL C 553 -24.73 0.87 43.04
C VAL C 553 -23.45 1.23 42.29
N LEU C 554 -23.30 0.64 41.12
CA LEU C 554 -22.25 1.04 40.21
C LEU C 554 -22.41 2.52 39.84
N VAL C 555 -21.27 3.16 39.58
CA VAL C 555 -21.26 4.59 39.30
C VAL C 555 -19.89 4.95 38.76
N ARG C 556 -19.87 5.92 37.86
CA ARG C 556 -18.63 6.35 37.22
C ARG C 556 -17.99 7.44 38.09
N ARG C 557 -16.71 7.29 38.36
CA ARG C 557 -15.99 8.19 39.24
C ARG C 557 -15.40 9.34 38.44
N LYS C 558 -15.13 10.44 39.15
CA LYS C 558 -14.48 11.60 38.53
C LYS C 558 -13.15 11.20 37.90
N ALA C 559 -12.51 10.19 38.47
CA ALA C 559 -11.38 9.55 37.81
C ALA C 559 -11.80 8.56 36.79
N GLY C 560 -13.07 8.54 36.39
CA GLY C 560 -13.54 7.53 35.47
C GLY C 560 -13.64 6.15 36.07
N GLU C 561 -14.01 6.04 37.34
CA GLU C 561 -13.91 4.77 38.04
C GLU C 561 -15.27 4.36 38.58
N VAL C 562 -15.36 3.09 38.96
CA VAL C 562 -16.66 2.52 39.30
C VAL C 562 -16.58 1.83 40.65
N GLU C 563 -17.69 1.90 41.37
CA GLU C 563 -17.83 1.34 42.71
C GLU C 563 -19.31 1.08 42.93
N TYR C 564 -19.63 0.34 43.98
CA TYR C 564 -21.01 0.23 44.44
C TYR C 564 -21.27 1.43 45.33
N VAL C 565 -21.73 2.52 44.73
CA VAL C 565 -22.11 3.66 45.56
C VAL C 565 -23.29 3.23 46.40
N PRO C 566 -23.36 3.62 47.67
CA PRO C 566 -24.62 3.53 48.40
C PRO C 566 -25.65 4.43 47.73
N SER C 567 -26.85 3.89 47.59
CA SER C 567 -27.83 4.47 46.69
C SER C 567 -28.46 5.73 47.27
N SER C 568 -27.62 6.70 47.61
CA SER C 568 -28.09 8.00 48.07
C SER C 568 -27.25 9.08 47.40
N GLU C 569 -26.10 8.67 46.90
CA GLU C 569 -25.05 9.65 46.59
C GLU C 569 -25.13 10.16 45.17
N VAL C 570 -25.65 9.37 44.24
CA VAL C 570 -25.69 9.77 42.84
C VAL C 570 -26.61 10.96 42.66
N ASP C 571 -26.27 11.84 41.71
CA ASP C 571 -27.12 12.95 41.34
C ASP C 571 -27.48 12.96 39.87
N TYR C 572 -26.96 12.02 39.09
CA TYR C 572 -27.28 11.92 37.67
C TYR C 572 -27.28 10.45 37.29
N MET C 573 -28.31 10.04 36.57
CA MET C 573 -28.37 8.71 36.01
C MET C 573 -28.23 8.82 34.50
N ASP C 574 -27.83 7.71 33.89
CA ASP C 574 -27.75 7.64 32.44
C ASP C 574 -29.09 8.02 31.83
N VAL C 575 -29.04 8.66 30.67
CA VAL C 575 -30.27 8.97 29.97
C VAL C 575 -30.93 7.69 29.49
N SER C 576 -30.12 6.71 29.14
CA SER C 576 -30.58 5.49 28.51
C SER C 576 -29.39 4.56 28.33
N PRO C 577 -29.61 3.33 27.94
CA PRO C 577 -28.48 2.51 27.48
C PRO C 577 -27.91 3.07 26.19
N ARG C 578 -26.89 2.39 25.68
CA ARG C 578 -26.24 2.67 24.39
C ARG C 578 -25.97 4.16 24.17
N GLN C 579 -25.75 4.91 25.25
CA GLN C 579 -25.43 6.31 25.08
C GLN C 579 -24.01 6.49 24.58
N MET C 580 -23.22 5.42 24.55
CA MET C 580 -21.85 5.44 24.07
C MET C 580 -21.69 4.69 22.75
N VAL C 581 -22.72 4.69 21.90
CA VAL C 581 -22.69 3.95 20.66
C VAL C 581 -22.62 4.93 19.51
N SER C 582 -22.13 4.45 18.37
CA SER C 582 -22.22 5.21 17.13
C SER C 582 -23.49 4.84 16.40
N VAL C 583 -23.70 5.45 15.25
CA VAL C 583 -24.88 5.14 14.45
C VAL C 583 -24.81 3.71 13.95
N ALA C 584 -23.79 3.41 13.15
CA ALA C 584 -23.63 2.05 12.63
C ALA C 584 -23.50 1.07 13.77
N THR C 585 -22.77 1.44 14.82
CA THR C 585 -22.66 0.59 15.99
C THR C 585 -24.02 0.34 16.59
N ALA C 586 -24.94 1.28 16.42
CA ALA C 586 -26.28 1.14 16.94
C ALA C 586 -27.11 0.13 16.16
N MET C 587 -26.52 -0.49 15.14
CA MET C 587 -27.28 -1.33 14.23
C MET C 587 -26.78 -2.76 14.17
N ILE C 588 -26.20 -3.27 15.25
CA ILE C 588 -25.78 -4.67 15.26
C ILE C 588 -26.37 -5.33 16.50
N PRO C 589 -27.41 -6.14 16.36
CA PRO C 589 -27.97 -6.82 17.52
C PRO C 589 -26.95 -7.76 18.13
N PHE C 590 -27.15 -8.04 19.43
CA PHE C 590 -26.29 -8.95 20.18
C PHE C 590 -24.88 -8.40 20.35
N LEU C 591 -24.68 -7.12 20.04
CA LEU C 591 -23.34 -6.55 19.94
C LEU C 591 -22.50 -6.75 21.18
N GLU C 592 -23.13 -6.78 22.32
CA GLU C 592 -22.51 -6.98 23.62
C GLU C 592 -22.11 -8.38 23.86
N HIS C 593 -22.08 -9.22 22.83
CA HIS C 593 -21.67 -10.61 22.99
C HIS C 593 -20.40 -10.95 22.24
N ASP C 594 -19.89 -10.03 21.43
CA ASP C 594 -18.73 -10.34 20.63
C ASP C 594 -17.64 -9.29 20.78
N ASP C 595 -16.44 -9.63 20.31
CA ASP C 595 -15.28 -8.76 20.51
C ASP C 595 -15.39 -7.49 19.68
N ALA C 596 -14.78 -6.43 20.21
CA ALA C 596 -14.74 -5.17 19.50
C ALA C 596 -14.01 -5.29 18.17
N ASN C 597 -13.13 -6.26 18.03
CA ASN C 597 -12.33 -6.36 16.81
C ASN C 597 -13.23 -6.62 15.60
N ARG C 598 -13.85 -7.79 15.57
CA ARG C 598 -14.77 -8.11 14.49
C ARG C 598 -15.93 -7.12 14.47
N ALA C 599 -16.26 -6.56 15.63
CA ALA C 599 -17.27 -5.52 15.71
C ALA C 599 -16.92 -4.34 14.83
N LEU C 600 -15.76 -3.73 15.06
CA LEU C 600 -15.33 -2.60 14.24
C LEU C 600 -15.18 -3.01 12.80
N MET C 601 -14.74 -4.25 12.57
CA MET C 601 -14.61 -4.74 11.21
C MET C 601 -15.94 -4.67 10.48
N GLY C 602 -16.96 -5.32 11.02
CA GLY C 602 -18.28 -5.24 10.44
C GLY C 602 -18.80 -3.81 10.39
N ALA C 603 -18.43 -3.00 11.37
CA ALA C 603 -18.86 -1.62 11.40
C ALA C 603 -18.39 -0.84 10.18
N ASN C 604 -17.09 -0.71 10.00
CA ASN C 604 -16.58 -0.07 8.81
C ASN C 604 -17.02 -0.76 7.54
N MET C 605 -17.23 -2.08 7.56
CA MET C 605 -17.71 -2.72 6.35
C MET C 605 -19.12 -2.30 6.01
N GLN C 606 -19.95 -2.11 7.02
CA GLN C 606 -21.38 -1.92 6.81
C GLN C 606 -21.65 -0.63 6.06
N ARG C 607 -20.73 0.32 6.13
CA ARG C 607 -20.80 1.48 5.26
C ARG C 607 -20.39 1.12 3.84
N GLN C 608 -19.76 -0.04 3.65
CA GLN C 608 -19.33 -0.46 2.33
C GLN C 608 -20.39 -1.34 1.67
N ALA C 609 -21.59 -1.38 2.22
CA ALA C 609 -22.65 -2.13 1.59
C ALA C 609 -22.95 -1.55 0.22
N VAL C 610 -23.60 -2.36 -0.60
CA VAL C 610 -23.91 -1.93 -1.96
C VAL C 610 -25.40 -2.11 -2.19
N PRO C 611 -26.08 -1.12 -2.71
CA PRO C 611 -27.54 -1.20 -2.80
C PRO C 611 -27.99 -2.23 -3.81
N LEU C 612 -28.65 -3.29 -3.33
CA LEU C 612 -29.26 -4.24 -4.24
C LEU C 612 -30.48 -3.62 -4.91
N VAL C 613 -31.02 -4.34 -5.89
CA VAL C 613 -32.16 -3.85 -6.63
C VAL C 613 -33.48 -4.16 -5.96
N ARG C 614 -33.52 -5.19 -5.12
CA ARG C 614 -34.75 -5.58 -4.48
C ARG C 614 -34.94 -4.98 -3.10
N SER C 615 -33.87 -4.92 -2.30
CA SER C 615 -33.85 -4.13 -1.07
C SER C 615 -34.93 -4.57 -0.08
N GLU C 616 -34.76 -5.79 0.41
CA GLU C 616 -35.61 -6.31 1.46
C GLU C 616 -35.09 -5.90 2.83
N ALA C 617 -35.99 -5.82 3.81
CA ALA C 617 -35.59 -5.48 5.16
C ALA C 617 -35.29 -6.73 5.97
N PRO C 618 -34.39 -6.62 6.94
CA PRO C 618 -34.07 -7.77 7.80
C PRO C 618 -35.18 -8.08 8.77
N LEU C 619 -35.37 -9.37 9.08
CA LEU C 619 -36.36 -9.73 10.08
C LEU C 619 -36.07 -9.08 11.42
N VAL C 620 -34.81 -9.08 11.83
CA VAL C 620 -34.43 -8.65 13.16
C VAL C 620 -33.69 -7.32 13.04
N GLY C 621 -33.72 -6.53 14.09
CA GLY C 621 -32.94 -5.31 14.12
C GLY C 621 -32.89 -4.62 15.46
N THR C 622 -32.85 -3.30 15.42
CA THR C 622 -32.82 -2.42 16.58
C THR C 622 -33.91 -1.38 16.42
N GLY C 623 -33.83 -0.33 17.22
CA GLY C 623 -34.67 0.83 16.97
C GLY C 623 -34.05 1.84 16.03
N MET C 624 -32.88 1.55 15.49
CA MET C 624 -32.10 2.52 14.74
C MET C 624 -32.50 2.59 13.28
N GLU C 625 -33.09 1.52 12.77
CA GLU C 625 -33.21 1.28 11.34
C GLU C 625 -34.24 2.20 10.70
N LEU C 626 -35.07 2.85 11.50
CA LEU C 626 -36.10 3.75 11.01
C LEU C 626 -35.71 5.20 11.17
N ARG C 627 -35.26 5.57 12.37
CA ARG C 627 -34.74 6.90 12.60
C ARG C 627 -33.58 7.19 11.65
N ALA C 628 -32.82 6.15 11.32
CA ALA C 628 -31.69 6.28 10.42
C ALA C 628 -32.08 6.75 9.08
N ALA C 629 -33.14 6.16 8.56
CA ALA C 629 -33.68 6.57 7.27
C ALA C 629 -34.37 7.92 7.35
N ILE C 630 -35.09 8.19 8.42
CA ILE C 630 -35.82 9.45 8.51
C ILE C 630 -34.87 10.62 8.62
N ASP C 631 -33.67 10.40 9.16
CA ASP C 631 -32.62 11.40 8.96
C ASP C 631 -31.87 11.16 7.66
N ALA C 632 -31.95 9.95 7.12
CA ALA C 632 -31.25 9.66 5.88
C ALA C 632 -31.67 10.58 4.74
N GLY C 633 -32.92 11.02 4.70
CA GLY C 633 -33.32 12.02 3.72
C GLY C 633 -33.68 11.48 2.35
N ASP C 634 -32.86 10.59 1.80
CA ASP C 634 -33.03 10.16 0.42
C ASP C 634 -34.36 9.45 0.21
N VAL C 635 -34.92 8.90 1.27
CA VAL C 635 -36.30 8.42 1.25
C VAL C 635 -37.15 9.66 1.35
N VAL C 636 -38.07 9.84 0.41
CA VAL C 636 -38.85 11.06 0.41
C VAL C 636 -39.83 10.99 1.57
N VAL C 637 -39.95 12.10 2.29
CA VAL C 637 -40.78 12.17 3.48
C VAL C 637 -42.00 13.00 3.18
N ALA C 638 -43.14 12.60 3.72
CA ALA C 638 -44.35 13.39 3.64
C ALA C 638 -44.13 14.74 4.32
N GLU C 639 -44.14 15.81 3.52
CA GLU C 639 -43.98 17.15 4.08
C GLU C 639 -45.18 17.54 4.91
N GLU C 640 -46.35 17.61 4.30
CA GLU C 640 -47.59 17.90 4.98
C GLU C 640 -48.42 16.63 5.08
N SER C 641 -49.13 16.46 6.18
CA SER C 641 -50.17 15.46 6.25
C SER C 641 -51.18 15.71 5.14
N GLY C 642 -51.62 14.64 4.50
CA GLY C 642 -52.58 14.84 3.45
C GLY C 642 -53.04 13.56 2.82
N VAL C 643 -53.99 13.71 1.90
CA VAL C 643 -54.46 12.64 1.05
C VAL C 643 -53.66 12.69 -0.24
N ILE C 644 -53.37 11.52 -0.79
CA ILE C 644 -52.60 11.47 -2.01
C ILE C 644 -53.44 12.01 -3.16
N GLU C 645 -52.79 12.56 -4.17
CA GLU C 645 -53.47 13.03 -5.36
C GLU C 645 -53.26 12.10 -6.56
N GLU C 646 -52.01 11.89 -6.96
CA GLU C 646 -51.66 10.96 -8.01
C GLU C 646 -50.18 10.70 -7.93
N VAL C 647 -49.78 9.50 -8.33
CA VAL C 647 -48.40 9.05 -8.26
C VAL C 647 -47.87 8.93 -9.67
N SER C 648 -46.62 8.48 -9.76
CA SER C 648 -46.02 8.12 -11.02
C SER C 648 -44.76 7.34 -10.70
N ALA C 649 -44.19 6.73 -11.70
CA ALA C 649 -42.89 6.17 -11.41
C ALA C 649 -41.83 7.23 -11.27
N ASP C 650 -42.10 8.46 -11.67
CA ASP C 650 -41.13 9.53 -11.65
C ASP C 650 -41.46 10.61 -10.63
N TYR C 651 -42.74 10.82 -10.35
CA TYR C 651 -43.12 11.78 -9.34
C TYR C 651 -44.43 11.32 -8.72
N ILE C 652 -44.97 12.15 -7.85
CA ILE C 652 -46.29 11.94 -7.29
C ILE C 652 -46.94 13.28 -7.06
N THR C 653 -48.19 13.41 -7.49
CA THR C 653 -48.98 14.59 -7.21
C THR C 653 -49.58 14.39 -5.83
N VAL C 654 -49.41 15.37 -4.96
CA VAL C 654 -49.84 15.25 -3.58
C VAL C 654 -50.91 16.29 -3.31
N MET C 655 -51.99 15.87 -2.68
CA MET C 655 -53.04 16.79 -2.27
C MET C 655 -52.79 17.23 -0.84
N HIS C 656 -52.29 18.46 -0.68
CA HIS C 656 -52.29 19.04 0.65
C HIS C 656 -53.73 19.19 1.11
N ASP C 657 -53.93 19.13 2.42
CA ASP C 657 -55.26 18.94 2.97
C ASP C 657 -56.23 20.06 2.65
N ASN C 658 -55.74 21.23 2.27
CA ASN C 658 -56.61 22.37 2.00
C ASN C 658 -56.24 22.96 0.65
N GLY C 659 -56.79 22.41 -0.42
CA GLY C 659 -56.52 23.08 -1.66
C GLY C 659 -55.18 22.63 -2.19
N THR C 660 -54.15 23.34 -1.73
CA THR C 660 -52.78 23.27 -2.22
C THR C 660 -52.30 21.86 -2.48
N ARG C 661 -51.37 21.71 -3.42
CA ARG C 661 -50.90 20.41 -3.83
C ARG C 661 -49.43 20.53 -4.20
N ARG C 662 -48.87 19.41 -4.65
CA ARG C 662 -47.43 19.38 -4.87
C ARG C 662 -47.06 18.08 -5.56
N THR C 663 -45.92 18.11 -6.22
CA THR C 663 -45.35 16.92 -6.82
C THR C 663 -44.06 16.60 -6.10
N TYR C 664 -43.51 15.43 -6.39
CA TYR C 664 -42.27 14.99 -5.78
C TYR C 664 -41.50 14.16 -6.79
N ARG C 665 -40.48 14.77 -7.38
CA ARG C 665 -39.76 14.16 -8.49
C ARG C 665 -38.91 13.02 -7.96
N MET C 666 -39.31 11.79 -8.30
CA MET C 666 -38.47 10.65 -7.98
C MET C 666 -37.15 10.74 -8.72
N ARG C 667 -36.07 10.50 -8.00
CA ARG C 667 -34.75 10.36 -8.63
C ARG C 667 -34.60 8.92 -9.06
N LYS C 668 -34.48 8.71 -10.37
CA LYS C 668 -34.45 7.37 -10.92
C LYS C 668 -33.16 7.20 -11.71
N PHE C 669 -32.37 6.21 -11.34
CA PHE C 669 -31.16 5.87 -12.06
C PHE C 669 -30.14 7.00 -11.99
N ALA C 670 -30.18 7.76 -10.91
CA ALA C 670 -29.19 8.80 -10.69
C ALA C 670 -27.86 8.15 -10.34
N ARG C 671 -26.83 8.46 -11.12
CA ARG C 671 -25.52 7.89 -10.83
C ARG C 671 -24.99 8.41 -9.51
N SER C 672 -24.68 7.50 -8.60
CA SER C 672 -24.06 7.90 -7.36
C SER C 672 -22.63 8.37 -7.61
N ASN C 673 -21.95 8.75 -6.54
CA ASN C 673 -20.53 8.99 -6.58
C ASN C 673 -19.73 7.71 -6.75
N HIS C 674 -20.39 6.56 -6.80
CA HIS C 674 -19.69 5.29 -6.94
C HIS C 674 -20.42 4.36 -7.90
N GLY C 675 -21.06 4.91 -8.92
CA GLY C 675 -21.68 4.10 -9.95
C GLY C 675 -22.90 3.32 -9.54
N THR C 676 -23.29 3.37 -8.27
CA THR C 676 -24.50 2.70 -7.84
C THR C 676 -25.70 3.52 -8.27
N CYS C 677 -26.79 2.82 -8.55
CA CYS C 677 -28.00 3.50 -8.95
C CYS C 677 -28.59 4.27 -7.77
N ALA C 678 -29.50 5.19 -8.09
CA ALA C 678 -30.12 6.01 -7.06
C ALA C 678 -31.61 6.15 -7.33
N ASN C 679 -32.26 5.05 -7.69
CA ASN C 679 -33.70 5.11 -7.93
C ASN C 679 -34.44 5.44 -6.63
N GLN C 680 -35.72 5.74 -6.78
CA GLN C 680 -36.57 6.15 -5.66
C GLN C 680 -37.95 5.55 -5.93
N CYS C 681 -38.22 4.47 -5.33
CA CYS C 681 -39.54 4.12 -5.82
C CYS C 681 -40.61 4.55 -4.82
N PRO C 682 -41.72 5.06 -5.33
CA PRO C 682 -42.84 5.41 -4.46
C PRO C 682 -43.44 4.17 -3.84
N ILE C 683 -44.06 4.36 -2.68
CA ILE C 683 -44.44 3.22 -1.85
C ILE C 683 -45.90 3.32 -1.44
N VAL C 684 -46.68 4.13 -2.15
CA VAL C 684 -48.04 4.44 -1.74
C VAL C 684 -48.93 4.57 -2.97
N ASP C 685 -50.19 4.92 -2.74
CA ASP C 685 -51.18 5.00 -3.80
C ASP C 685 -51.81 6.38 -3.86
N ALA C 686 -52.26 6.75 -5.07
CA ALA C 686 -52.81 8.08 -5.31
C ALA C 686 -54.12 8.32 -4.55
N GLY C 687 -54.80 7.26 -4.14
CA GLY C 687 -55.99 7.42 -3.34
C GLY C 687 -55.68 7.32 -1.87
N ASP C 688 -54.41 7.37 -1.52
CA ASP C 688 -54.04 7.22 -0.12
C ASP C 688 -54.09 8.57 0.59
N ARG C 689 -53.95 8.52 1.92
CA ARG C 689 -53.85 9.72 2.74
C ARG C 689 -52.85 9.47 3.85
N VAL C 690 -51.87 10.36 3.98
CA VAL C 690 -50.79 10.20 4.94
C VAL C 690 -50.67 11.46 5.76
N GLU C 691 -49.66 11.50 6.62
CA GLU C 691 -49.45 12.60 7.54
C GLU C 691 -48.07 13.20 7.31
N ALA C 692 -47.87 14.39 7.88
CA ALA C 692 -46.64 15.11 7.65
C ALA C 692 -45.48 14.34 8.24
N GLY C 693 -44.27 14.58 7.75
CA GLY C 693 -43.12 13.85 8.24
C GLY C 693 -43.24 12.35 8.10
N GLN C 694 -43.84 11.89 7.01
CA GLN C 694 -44.08 10.46 6.84
C GLN C 694 -43.37 9.95 5.60
N VAL C 695 -43.04 8.66 5.61
CA VAL C 695 -42.36 8.07 4.47
C VAL C 695 -43.29 8.07 3.28
N ILE C 696 -42.74 8.30 2.10
CA ILE C 696 -43.53 8.24 0.88
C ILE C 696 -42.92 7.39 -0.21
N ALA C 697 -41.61 7.13 -0.17
CA ALA C 697 -40.97 6.31 -1.20
C ALA C 697 -39.60 5.91 -0.69
N ASP C 698 -39.35 4.61 -0.60
CA ASP C 698 -38.05 4.13 -0.16
C ASP C 698 -36.94 4.62 -1.09
N GLY C 699 -35.76 4.76 -0.51
CA GLY C 699 -34.55 4.96 -1.27
C GLY C 699 -33.92 3.63 -1.58
N PRO C 700 -32.67 3.64 -1.96
CA PRO C 700 -32.04 2.40 -2.44
C PRO C 700 -31.97 1.30 -1.40
N CYS C 701 -31.36 1.59 -0.26
CA CYS C 701 -31.15 0.60 0.78
C CYS C 701 -32.26 0.64 1.81
N THR C 702 -33.41 1.18 1.43
CA THR C 702 -34.53 1.36 2.33
C THR C 702 -35.70 0.49 1.89
N ASP C 703 -36.27 -0.22 2.85
CA ASP C 703 -37.39 -1.11 2.59
C ASP C 703 -38.49 -0.81 3.60
N ASP C 704 -39.67 -0.51 3.11
CA ASP C 704 -40.81 -0.16 3.95
C ASP C 704 -40.49 1.04 4.84
N GLY C 705 -39.60 1.90 4.38
CA GLY C 705 -39.22 3.06 5.17
C GLY C 705 -37.94 2.85 5.93
N GLU C 706 -37.75 1.68 6.54
CA GLU C 706 -36.54 1.50 7.32
C GLU C 706 -35.42 1.00 6.43
N MET C 707 -34.22 0.94 7.01
CA MET C 707 -33.02 0.54 6.29
C MET C 707 -33.16 -0.87 5.75
N ALA C 708 -32.30 -1.20 4.78
CA ALA C 708 -32.29 -2.54 4.20
C ALA C 708 -30.97 -2.69 3.48
N LEU C 709 -30.12 -3.58 3.97
CA LEU C 709 -28.76 -3.69 3.47
C LEU C 709 -28.42 -5.09 3.01
N GLY C 710 -29.40 -5.86 2.56
CA GLY C 710 -29.15 -7.23 2.18
C GLY C 710 -30.44 -8.02 2.21
N LYS C 711 -30.32 -9.30 2.52
CA LYS C 711 -31.47 -10.17 2.58
C LYS C 711 -31.38 -11.09 3.79
N ASN C 712 -32.46 -11.83 3.98
CA ASN C 712 -32.63 -12.68 5.15
C ASN C 712 -32.53 -14.12 4.71
N LEU C 713 -31.47 -14.80 5.13
CA LEU C 713 -31.07 -16.06 4.52
C LEU C 713 -30.89 -17.15 5.56
N LEU C 714 -31.32 -18.34 5.22
CA LEU C 714 -31.17 -19.53 6.03
C LEU C 714 -29.85 -20.23 5.76
N VAL C 715 -29.02 -20.37 6.80
CA VAL C 715 -27.70 -20.94 6.62
C VAL C 715 -27.41 -21.97 7.68
N ALA C 716 -26.60 -22.97 7.32
CA ALA C 716 -26.00 -23.90 8.25
C ALA C 716 -24.53 -23.55 8.42
N ILE C 717 -23.84 -24.29 9.29
CA ILE C 717 -22.50 -23.89 9.69
C ILE C 717 -21.53 -25.05 9.56
N MET C 718 -21.83 -26.01 8.73
CA MET C 718 -20.86 -27.08 8.83
C MET C 718 -19.64 -26.80 7.98
N PRO C 719 -18.55 -27.53 8.22
CA PRO C 719 -17.45 -27.56 7.25
C PRO C 719 -17.80 -28.55 6.15
N TRP C 720 -17.99 -28.04 4.95
CA TRP C 720 -18.54 -28.80 3.85
C TRP C 720 -17.52 -28.86 2.73
N GLU C 721 -16.91 -30.03 2.54
CA GLU C 721 -16.11 -30.28 1.34
C GLU C 721 -14.86 -29.43 1.29
N GLY C 722 -14.52 -28.77 2.39
CA GLY C 722 -13.39 -27.86 2.38
C GLY C 722 -13.66 -26.57 1.65
N HIS C 723 -14.76 -26.49 0.89
CA HIS C 723 -15.04 -25.28 0.15
C HIS C 723 -15.33 -24.11 1.07
N ASN C 724 -15.73 -24.38 2.31
CA ASN C 724 -15.83 -23.33 3.31
C ASN C 724 -14.57 -23.31 4.19
N TYR C 725 -13.43 -23.21 3.53
CA TYR C 725 -12.15 -23.28 4.20
C TYR C 725 -11.63 -21.88 4.48
N GLU C 726 -11.38 -21.59 5.75
CA GLU C 726 -10.74 -20.35 6.18
C GLU C 726 -11.43 -19.14 5.58
N ASP C 727 -12.68 -18.97 5.98
CA ASP C 727 -13.55 -17.88 5.59
C ASP C 727 -14.08 -18.09 4.19
N ALA C 728 -13.76 -19.20 3.54
CA ALA C 728 -14.30 -19.47 2.21
C ALA C 728 -15.81 -19.62 2.32
N ILE C 729 -16.54 -18.98 1.42
CA ILE C 729 -17.98 -18.81 1.58
C ILE C 729 -18.69 -19.35 0.35
N ILE C 730 -19.51 -20.36 0.56
CA ILE C 730 -20.18 -21.05 -0.51
C ILE C 730 -21.54 -20.42 -0.75
N LEU C 731 -22.09 -20.68 -1.93
CA LEU C 731 -23.34 -20.06 -2.35
C LEU C 731 -24.13 -20.99 -3.27
N SER C 732 -25.42 -21.06 -3.02
CA SER C 732 -26.31 -21.76 -3.93
C SER C 732 -26.64 -20.89 -5.14
N ASN C 733 -26.84 -21.56 -6.27
CA ASN C 733 -27.24 -20.87 -7.49
C ASN C 733 -28.60 -20.19 -7.35
N ARG C 734 -29.41 -20.63 -6.38
CA ARG C 734 -30.79 -20.17 -6.28
C ARG C 734 -30.87 -18.66 -6.19
N LEU C 735 -29.97 -18.04 -5.43
CA LEU C 735 -29.97 -16.59 -5.35
C LEU C 735 -29.66 -15.97 -6.70
N VAL C 736 -28.65 -16.51 -7.38
CA VAL C 736 -28.26 -16.00 -8.68
C VAL C 736 -29.43 -16.01 -9.63
N GLU C 737 -30.06 -17.15 -9.80
CA GLU C 737 -31.18 -17.25 -10.74
C GLU C 737 -32.40 -16.51 -10.20
N GLU C 738 -32.39 -16.19 -8.92
CA GLU C 738 -33.43 -15.39 -8.31
C GLU C 738 -33.03 -13.94 -8.15
N ASP C 739 -31.81 -13.59 -8.57
CA ASP C 739 -31.40 -12.19 -8.65
C ASP C 739 -31.32 -11.54 -7.27
N VAL C 740 -31.26 -12.36 -6.23
CA VAL C 740 -31.27 -11.84 -4.88
C VAL C 740 -30.05 -10.96 -4.63
N LEU C 741 -28.95 -11.26 -5.32
CA LEU C 741 -27.76 -10.42 -5.30
C LEU C 741 -27.59 -9.84 -6.70
N THR C 742 -28.00 -8.60 -6.87
CA THR C 742 -28.04 -8.00 -8.20
C THR C 742 -27.72 -6.52 -8.04
N SER C 743 -26.61 -6.10 -8.62
CA SER C 743 -26.14 -4.73 -8.46
C SER C 743 -26.30 -3.97 -9.75
N ILE C 744 -26.57 -2.68 -9.64
CA ILE C 744 -26.60 -1.78 -10.79
C ILE C 744 -25.39 -0.87 -10.71
N HIS C 745 -24.78 -0.62 -11.85
CA HIS C 745 -23.56 0.17 -11.89
C HIS C 745 -23.63 1.20 -13.00
N ILE C 746 -23.10 2.38 -12.71
CA ILE C 746 -23.29 3.51 -13.59
C ILE C 746 -21.94 4.15 -13.86
N GLU C 747 -21.29 3.75 -14.94
CA GLU C 747 -20.00 4.31 -15.29
C GLU C 747 -20.17 5.40 -16.33
N GLU C 748 -19.65 6.57 -16.00
CA GLU C 748 -19.82 7.75 -16.84
C GLU C 748 -18.52 8.03 -17.55
N HIS C 749 -18.62 8.31 -18.85
CA HIS C 749 -17.45 8.63 -19.64
C HIS C 749 -17.62 10.00 -20.29
N GLU C 750 -16.53 10.74 -20.36
CA GLU C 750 -16.57 12.11 -20.84
C GLU C 750 -15.36 12.38 -21.70
N ILE C 751 -15.56 13.20 -22.74
CA ILE C 751 -14.47 13.63 -23.60
C ILE C 751 -14.80 15.01 -24.14
N ASP C 752 -13.75 15.78 -24.40
CA ASP C 752 -13.86 17.20 -24.69
C ASP C 752 -13.65 17.48 -26.16
N ALA C 753 -14.04 18.69 -26.58
CA ALA C 753 -13.78 19.18 -27.92
C ALA C 753 -12.83 20.37 -27.80
N ARG C 754 -11.54 20.07 -27.76
CA ARG C 754 -10.48 21.07 -27.75
C ARG C 754 -10.27 21.61 -29.16
N ASP C 755 -9.27 22.48 -29.27
CA ASP C 755 -8.84 23.05 -30.54
C ASP C 755 -7.33 23.12 -30.54
N THR C 756 -6.72 22.57 -31.58
CA THR C 756 -5.26 22.51 -31.68
C THR C 756 -4.72 23.57 -32.62
N LYS C 757 -3.40 23.69 -32.64
CA LYS C 757 -2.75 24.49 -33.66
C LYS C 757 -3.10 23.97 -35.04
N LEU C 758 -3.22 22.65 -35.16
CA LEU C 758 -3.68 22.02 -36.39
C LEU C 758 -5.14 22.34 -36.71
N GLY C 759 -5.85 22.98 -35.80
CA GLY C 759 -7.23 23.34 -36.06
C GLY C 759 -8.12 22.94 -34.88
N ALA C 760 -9.39 22.70 -35.19
CA ALA C 760 -10.39 22.39 -34.19
C ALA C 760 -10.62 20.89 -34.18
N GLU C 761 -10.71 20.32 -32.98
CA GLU C 761 -11.07 18.91 -32.85
C GLU C 761 -12.43 18.66 -33.50
N GLU C 762 -12.64 17.45 -33.98
CA GLU C 762 -13.85 17.13 -34.72
C GLU C 762 -14.47 15.85 -34.19
N ILE C 763 -15.80 15.80 -34.23
CA ILE C 763 -16.56 14.66 -33.77
C ILE C 763 -17.57 14.32 -34.86
N THR C 764 -17.56 13.07 -35.31
CA THR C 764 -18.40 12.72 -36.46
C THR C 764 -18.37 11.25 -36.80
N ARG C 765 -19.36 10.80 -37.57
CA ARG C 765 -19.27 9.46 -38.16
C ARG C 765 -18.14 9.38 -39.16
N ASP C 766 -17.75 10.51 -39.74
CA ASP C 766 -16.60 10.51 -40.63
C ASP C 766 -15.37 10.09 -39.85
N ILE C 767 -14.68 9.07 -40.36
CA ILE C 767 -13.57 8.46 -39.62
C ILE C 767 -12.42 8.24 -40.57
N PRO C 768 -11.23 8.14 -40.04
CA PRO C 768 -10.14 7.50 -40.79
C PRO C 768 -10.43 6.03 -40.99
N ASN C 769 -9.44 5.30 -41.52
CA ASN C 769 -9.57 3.88 -41.85
C ASN C 769 -10.25 3.07 -40.76
N ILE C 770 -11.43 2.52 -41.08
CA ILE C 770 -12.23 1.84 -40.08
C ILE C 770 -13.34 1.05 -40.75
N SER C 771 -13.77 -0.03 -40.11
CA SER C 771 -14.85 -0.84 -40.63
C SER C 771 -16.15 -0.04 -40.68
N ASP C 772 -17.16 -0.65 -41.28
CA ASP C 772 -18.49 -0.05 -41.32
C ASP C 772 -19.34 -0.55 -40.16
N GLU C 773 -19.37 -1.87 -39.96
CA GLU C 773 -20.10 -2.45 -38.84
C GLU C 773 -19.69 -1.84 -37.51
N VAL C 774 -18.41 -1.49 -37.37
CA VAL C 774 -17.93 -0.84 -36.17
C VAL C 774 -18.52 0.56 -36.12
N LEU C 775 -18.90 1.10 -37.27
CA LEU C 775 -19.55 2.38 -37.37
C LEU C 775 -21.06 2.22 -37.47
N ALA C 776 -21.58 1.11 -36.96
CA ALA C 776 -23.00 0.85 -37.10
C ALA C 776 -23.82 1.59 -36.04
N ASP C 777 -23.62 1.27 -34.77
CA ASP C 777 -24.54 1.72 -33.74
C ASP C 777 -24.29 3.17 -33.33
N LEU C 778 -23.41 3.87 -34.02
CA LEU C 778 -23.24 5.29 -33.82
C LEU C 778 -24.53 6.00 -34.19
N ASP C 779 -24.67 7.26 -33.81
CA ASP C 779 -25.74 8.05 -34.41
C ASP C 779 -25.28 8.50 -35.78
N GLU C 780 -26.00 9.45 -36.38
CA GLU C 780 -25.62 10.01 -37.66
C GLU C 780 -24.40 10.91 -37.59
N ARG C 781 -24.04 11.39 -36.41
CA ARG C 781 -23.09 12.48 -36.25
C ARG C 781 -22.03 12.13 -35.23
N GLY C 782 -21.45 10.94 -35.37
CA GLY C 782 -20.48 10.49 -34.38
C GLY C 782 -21.03 9.54 -33.35
N ILE C 783 -21.46 10.08 -32.22
CA ILE C 783 -21.73 9.34 -30.99
C ILE C 783 -22.65 8.16 -31.22
N VAL C 784 -22.53 7.15 -30.36
CA VAL C 784 -23.34 5.95 -30.47
C VAL C 784 -24.78 6.27 -30.10
N ARG C 785 -25.66 5.32 -30.33
CA ARG C 785 -27.10 5.49 -30.16
C ARG C 785 -27.50 5.00 -28.76
N ILE C 786 -28.52 5.64 -28.18
CA ILE C 786 -28.96 5.22 -26.86
C ILE C 786 -29.51 3.81 -26.92
N GLY C 787 -29.29 3.06 -25.84
CA GLY C 787 -29.85 1.73 -25.70
C GLY C 787 -29.04 0.63 -26.36
N ALA C 788 -27.90 0.95 -26.96
CA ALA C 788 -27.12 -0.05 -27.67
C ALA C 788 -26.27 -0.82 -26.68
N GLU C 789 -26.22 -2.14 -26.84
CA GLU C 789 -25.26 -2.93 -26.11
C GLU C 789 -23.85 -2.56 -26.53
N VAL C 790 -22.90 -2.72 -25.63
CA VAL C 790 -21.51 -2.41 -25.89
C VAL C 790 -20.61 -3.39 -25.17
N ARG C 791 -19.33 -3.35 -25.54
CA ARG C 791 -18.31 -4.19 -24.95
C ARG C 791 -16.99 -3.43 -25.00
N ASP C 792 -16.07 -3.82 -24.13
CA ASP C 792 -14.81 -3.11 -23.97
C ASP C 792 -14.08 -2.96 -25.30
N GLY C 793 -13.44 -1.82 -25.47
CA GLY C 793 -12.77 -1.51 -26.71
C GLY C 793 -13.67 -0.95 -27.80
N ASP C 794 -14.98 -1.15 -27.70
CA ASP C 794 -15.91 -0.65 -28.70
C ASP C 794 -15.84 0.87 -28.75
N ILE C 795 -16.30 1.43 -29.85
CA ILE C 795 -16.24 2.86 -30.10
C ILE C 795 -17.33 3.52 -29.28
N LEU C 796 -17.00 4.64 -28.66
CA LEU C 796 -18.00 5.35 -27.88
C LEU C 796 -18.51 6.56 -28.64
N VAL C 797 -17.59 7.38 -29.14
CA VAL C 797 -17.91 8.62 -29.81
C VAL C 797 -16.91 8.82 -30.93
N GLY C 798 -17.41 9.17 -32.11
CA GLY C 798 -16.55 9.38 -33.25
C GLY C 798 -15.99 10.78 -33.27
N LYS C 799 -14.76 10.90 -32.81
CA LYS C 799 -14.09 12.18 -32.72
C LYS C 799 -12.81 12.10 -33.53
N VAL C 800 -12.36 13.24 -34.05
CA VAL C 800 -11.24 13.27 -34.98
C VAL C 800 -10.62 14.66 -34.96
N THR C 801 -9.31 14.70 -35.19
CA THR C 801 -8.57 15.95 -35.30
C THR C 801 -7.49 15.80 -36.36
N PRO C 802 -7.04 16.90 -36.93
CA PRO C 802 -5.89 16.84 -37.84
C PRO C 802 -4.66 16.36 -37.10
N LYS C 803 -3.88 15.53 -37.78
CA LYS C 803 -2.63 15.01 -37.24
C LYS C 803 -1.40 15.75 -37.73
N GLY C 804 -1.48 16.44 -38.85
CA GLY C 804 -0.30 17.09 -39.42
C GLY C 804 0.19 16.34 -40.65
N GLU C 805 1.45 16.56 -41.01
CA GLU C 805 1.98 16.07 -42.27
C GLU C 805 3.36 15.51 -42.07
N THR C 806 3.58 14.31 -42.60
CA THR C 806 4.88 13.66 -42.59
C THR C 806 5.02 12.86 -43.88
N GLU C 807 6.26 12.66 -44.32
CA GLU C 807 6.47 11.83 -45.49
C GLU C 807 6.01 10.41 -45.21
N LEU C 808 5.08 9.94 -46.03
CA LEU C 808 4.58 8.59 -45.84
C LEU C 808 5.69 7.59 -46.09
N THR C 809 5.49 6.42 -45.58
CA THR C 809 6.43 5.40 -46.02
C THR C 809 6.18 5.11 -47.49
N PRO C 810 7.22 4.74 -48.23
CA PRO C 810 7.00 4.28 -49.61
C PRO C 810 6.04 3.12 -49.65
N GLU C 811 6.08 2.30 -48.61
CA GLU C 811 5.24 1.12 -48.52
C GLU C 811 3.77 1.51 -48.39
N GLU C 812 3.47 2.37 -47.41
CA GLU C 812 2.11 2.86 -47.25
C GLU C 812 1.63 3.57 -48.50
N ARG C 813 2.51 4.35 -49.11
CA ARG C 813 2.16 5.00 -50.37
C ARG C 813 1.81 3.97 -51.41
N LEU C 814 2.55 2.86 -51.44
CA LEU C 814 2.25 1.78 -52.37
C LEU C 814 0.88 1.18 -52.09
N LEU C 815 0.57 0.95 -50.83
CA LEU C 815 -0.73 0.38 -50.49
C LEU C 815 -1.85 1.31 -50.92
N ARG C 816 -1.67 2.61 -50.67
CA ARG C 816 -2.66 3.58 -51.12
C ARG C 816 -2.81 3.53 -52.64
N ALA C 817 -1.68 3.44 -53.34
CA ALA C 817 -1.71 3.44 -54.80
C ALA C 817 -2.46 2.21 -55.32
N ILE C 818 -2.08 1.04 -54.84
CA ILE C 818 -2.75 -0.19 -55.29
C ILE C 818 -4.19 -0.19 -54.84
N PHE C 819 -4.50 0.58 -53.80
CA PHE C 819 -5.80 0.56 -53.17
C PHE C 819 -6.56 1.86 -53.36
N GLY C 820 -5.94 2.85 -53.99
CA GLY C 820 -6.64 4.11 -54.23
C GLY C 820 -7.13 4.76 -52.96
N GLU C 821 -6.28 4.83 -51.95
CA GLU C 821 -6.69 5.26 -50.62
C GLU C 821 -6.03 6.59 -50.26
N LYS C 822 -6.85 7.53 -49.81
CA LYS C 822 -6.39 8.89 -49.57
C LYS C 822 -5.58 8.97 -48.29
N ALA C 823 -5.07 10.16 -48.01
CA ALA C 823 -4.19 10.38 -46.84
C ALA C 823 -5.03 10.56 -45.59
N ARG C 824 -5.90 11.58 -45.60
CA ARG C 824 -6.72 11.87 -44.44
C ARG C 824 -5.83 12.18 -43.24
N GLU C 825 -5.01 13.23 -43.38
CA GLU C 825 -4.01 13.55 -42.36
C GLU C 825 -4.64 13.82 -41.01
N VAL C 826 -5.92 14.16 -40.96
CA VAL C 826 -6.59 14.29 -39.67
C VAL C 826 -6.53 12.97 -38.93
N ARG C 827 -6.01 13.02 -37.70
CA ARG C 827 -5.76 11.80 -36.94
C ARG C 827 -7.05 11.29 -36.32
N ASP C 828 -7.12 9.97 -36.15
CA ASP C 828 -8.30 9.30 -35.62
C ASP C 828 -8.21 9.34 -34.11
N THR C 829 -9.05 10.16 -33.48
CA THR C 829 -9.06 10.32 -32.04
C THR C 829 -10.49 10.15 -31.56
N SER C 830 -10.93 8.91 -31.42
CA SER C 830 -12.29 8.66 -31.01
C SER C 830 -12.31 8.24 -29.56
N LEU C 831 -13.51 7.91 -29.09
CA LEU C 831 -13.69 7.43 -27.72
C LEU C 831 -14.06 5.96 -27.79
N LYS C 832 -13.22 5.12 -27.20
CA LYS C 832 -13.56 3.72 -27.07
C LYS C 832 -13.74 3.35 -25.61
N VAL C 833 -14.63 2.39 -25.36
CA VAL C 833 -14.84 1.94 -23.99
C VAL C 833 -13.60 1.23 -23.50
N PRO C 834 -13.12 1.51 -22.32
CA PRO C 834 -11.96 0.79 -21.81
C PRO C 834 -12.28 -0.66 -21.52
N HIS C 835 -11.31 -1.38 -20.98
CA HIS C 835 -11.43 -2.82 -20.87
C HIS C 835 -12.53 -3.21 -19.89
N GLY C 836 -13.05 -4.42 -20.08
CA GLY C 836 -13.92 -5.07 -19.12
C GLY C 836 -15.19 -4.31 -18.83
N GLU C 837 -15.82 -3.78 -19.87
CA GLU C 837 -16.99 -2.95 -19.68
C GLU C 837 -18.02 -3.29 -20.74
N SER C 838 -19.28 -3.28 -20.33
CA SER C 838 -20.38 -3.58 -21.23
C SER C 838 -21.65 -3.01 -20.61
N GLY C 839 -22.79 -3.43 -21.12
CA GLY C 839 -24.06 -2.92 -20.64
C GLY C 839 -24.55 -1.76 -21.48
N LYS C 840 -25.86 -1.54 -21.43
CA LYS C 840 -26.46 -0.53 -22.29
C LYS C 840 -26.05 0.87 -21.87
N VAL C 841 -26.30 1.83 -22.74
CA VAL C 841 -26.03 3.23 -22.46
C VAL C 841 -27.38 3.89 -22.23
N ILE C 842 -27.59 4.38 -21.02
CA ILE C 842 -28.89 4.98 -20.70
C ILE C 842 -29.01 6.35 -21.35
N GLY C 843 -28.20 7.29 -20.92
CA GLY C 843 -28.38 8.67 -21.31
C GLY C 843 -27.10 9.28 -21.82
N ILE C 844 -27.24 10.24 -22.71
CA ILE C 844 -26.12 10.93 -23.33
C ILE C 844 -26.16 12.38 -22.89
N ARG C 845 -25.08 12.82 -22.28
CA ARG C 845 -24.97 14.20 -21.84
C ARG C 845 -24.02 14.92 -22.79
N VAL C 846 -24.52 15.94 -23.47
CA VAL C 846 -23.79 16.59 -24.55
C VAL C 846 -23.74 18.08 -24.29
N PHE C 847 -22.56 18.65 -24.47
CA PHE C 847 -22.28 20.06 -24.25
C PHE C 847 -21.55 20.64 -25.44
N SER C 848 -21.93 21.84 -25.85
CA SER C 848 -21.33 22.48 -27.01
C SER C 848 -21.15 23.97 -26.76
N ARG C 849 -19.92 24.45 -26.98
CA ARG C 849 -19.68 25.89 -26.95
C ARG C 849 -20.59 26.61 -27.93
N GLU C 850 -20.79 26.02 -29.12
CA GLU C 850 -21.70 26.60 -30.09
C GLU C 850 -23.12 26.67 -29.53
N ASP C 851 -23.49 25.71 -28.70
CA ASP C 851 -24.78 25.74 -28.02
C ASP C 851 -24.83 26.78 -26.91
N GLU C 852 -23.78 27.56 -26.74
CA GLU C 852 -23.60 28.49 -25.64
C GLU C 852 -23.43 27.73 -24.33
N ASP C 853 -23.21 26.43 -24.39
CA ASP C 853 -22.76 25.68 -23.23
C ASP C 853 -21.46 26.30 -22.78
N GLU C 854 -21.42 26.82 -21.57
CA GLU C 854 -20.16 27.32 -21.07
C GLU C 854 -19.21 26.14 -20.88
N LEU C 855 -18.03 26.26 -21.47
CA LEU C 855 -17.04 25.20 -21.41
C LEU C 855 -15.70 25.82 -21.08
N PRO C 856 -14.76 25.04 -20.57
CA PRO C 856 -13.41 25.57 -20.32
C PRO C 856 -12.76 26.01 -21.61
N ALA C 857 -11.76 26.87 -21.47
CA ALA C 857 -11.04 27.38 -22.62
C ALA C 857 -10.36 26.24 -23.36
N GLY C 858 -10.06 26.49 -24.63
CA GLY C 858 -9.51 25.46 -25.48
C GLY C 858 -10.44 24.28 -25.63
N VAL C 859 -11.74 24.54 -25.52
CA VAL C 859 -12.77 23.52 -25.62
C VAL C 859 -13.94 24.15 -26.37
N ASN C 860 -14.71 23.32 -27.06
CA ASN C 860 -15.93 23.80 -27.70
C ASN C 860 -17.11 22.86 -27.60
N GLU C 861 -16.90 21.62 -27.18
CA GLU C 861 -17.99 20.65 -27.14
C GLU C 861 -17.65 19.61 -26.09
N LEU C 862 -18.61 19.28 -25.23
CA LEU C 862 -18.42 18.29 -24.19
C LEU C 862 -19.52 17.25 -24.30
N VAL C 863 -19.18 16.01 -24.02
CA VAL C 863 -20.15 14.93 -24.00
C VAL C 863 -19.82 13.98 -22.87
N ARG C 864 -20.84 13.50 -22.17
CA ARG C 864 -20.69 12.51 -21.12
C ARG C 864 -21.70 11.40 -21.35
N VAL C 865 -21.30 10.17 -21.06
CA VAL C 865 -22.05 8.99 -21.42
C VAL C 865 -22.34 8.17 -20.18
N TYR C 866 -23.46 7.45 -20.20
CA TYR C 866 -23.89 6.67 -19.06
C TYR C 866 -24.18 5.25 -19.50
N VAL C 867 -23.36 4.32 -19.02
CA VAL C 867 -23.58 2.91 -19.27
C VAL C 867 -23.85 2.24 -17.94
N ALA C 868 -24.79 1.31 -17.97
CA ALA C 868 -25.07 0.51 -16.80
C ALA C 868 -24.87 -0.95 -17.19
N GLN C 869 -24.53 -1.76 -16.20
CA GLN C 869 -24.45 -3.19 -16.40
C GLN C 869 -24.98 -3.90 -15.17
N LYS C 870 -26.04 -4.67 -15.37
CA LYS C 870 -26.76 -5.35 -14.30
C LYS C 870 -25.91 -6.51 -13.82
N ARG C 871 -24.95 -6.19 -12.96
CA ARG C 871 -24.02 -7.21 -12.51
C ARG C 871 -24.72 -8.23 -11.63
N LYS C 872 -24.80 -9.47 -12.11
CA LYS C 872 -25.15 -10.57 -11.26
C LYS C 872 -24.11 -10.69 -10.15
N ILE C 873 -24.50 -11.33 -9.06
CA ILE C 873 -23.51 -11.75 -8.08
C ILE C 873 -22.60 -12.74 -8.77
N SER C 874 -21.34 -12.77 -8.37
CA SER C 874 -20.43 -13.76 -8.91
C SER C 874 -19.40 -14.12 -7.86
N ASP C 875 -18.82 -15.31 -8.02
CA ASP C 875 -17.86 -15.83 -7.06
C ASP C 875 -16.72 -14.86 -6.84
N GLY C 876 -16.13 -14.93 -5.65
CA GLY C 876 -15.00 -14.11 -5.28
C GLY C 876 -15.39 -12.84 -4.57
N ASP C 877 -16.56 -12.30 -4.88
CA ASP C 877 -17.02 -11.07 -4.24
C ASP C 877 -17.11 -11.26 -2.73
N LYS C 878 -17.12 -10.16 -2.00
CA LYS C 878 -16.93 -10.20 -0.56
C LYS C 878 -18.26 -9.92 0.11
N LEU C 879 -18.69 -10.86 0.94
CA LEU C 879 -19.88 -10.68 1.72
C LEU C 879 -19.53 -10.72 3.20
N ALA C 880 -20.46 -10.28 4.03
CA ALA C 880 -20.21 -10.28 5.45
C ALA C 880 -21.53 -10.06 6.19
N GLY C 881 -21.70 -10.79 7.29
CA GLY C 881 -22.81 -10.55 8.17
C GLY C 881 -22.62 -9.26 8.93
N ARG C 882 -23.46 -9.09 9.93
CA ARG C 882 -23.40 -7.88 10.75
C ARG C 882 -22.52 -8.06 11.97
N HIS C 883 -21.47 -8.87 11.87
CA HIS C 883 -20.65 -9.23 13.01
C HIS C 883 -19.17 -9.05 12.73
N GLY C 884 -18.84 -8.52 11.56
CA GLY C 884 -17.46 -8.53 11.12
C GLY C 884 -17.13 -9.83 10.40
N ASN C 885 -17.86 -10.89 10.74
CA ASN C 885 -17.78 -12.16 10.05
C ASN C 885 -17.96 -11.96 8.56
N LYS C 886 -16.90 -12.18 7.80
CA LYS C 886 -16.90 -11.78 6.40
C LYS C 886 -16.22 -12.82 5.54
N GLY C 887 -15.91 -12.45 4.31
CA GLY C 887 -15.17 -13.36 3.46
C GLY C 887 -15.52 -13.22 2.00
N VAL C 888 -14.76 -13.90 1.16
CA VAL C 888 -15.01 -13.88 -0.28
C VAL C 888 -15.96 -15.00 -0.64
N ILE C 889 -16.55 -14.90 -1.82
CA ILE C 889 -17.48 -15.92 -2.30
C ILE C 889 -16.67 -17.14 -2.73
N GLY C 890 -16.83 -18.24 -1.99
CA GLY C 890 -16.05 -19.42 -2.30
C GLY C 890 -16.37 -20.00 -3.66
N LYS C 891 -17.63 -20.36 -3.88
CA LYS C 891 -17.97 -21.08 -5.09
C LYS C 891 -19.48 -21.12 -5.25
N ILE C 892 -19.95 -20.83 -6.45
CA ILE C 892 -21.39 -20.77 -6.71
C ILE C 892 -21.81 -22.19 -7.05
N LEU C 893 -22.42 -22.86 -6.09
CA LEU C 893 -22.86 -24.22 -6.33
C LEU C 893 -24.30 -24.24 -6.82
N PRO C 894 -24.64 -25.22 -7.65
CA PRO C 894 -26.03 -25.39 -8.09
C PRO C 894 -26.93 -25.67 -6.91
N VAL C 895 -28.23 -25.58 -7.17
CA VAL C 895 -29.18 -25.74 -6.08
C VAL C 895 -29.25 -27.19 -5.62
N GLU C 896 -29.33 -28.13 -6.56
CA GLU C 896 -29.59 -29.52 -6.23
C GLU C 896 -28.50 -30.10 -5.36
N ASP C 897 -27.24 -29.90 -5.74
CA ASP C 897 -26.10 -30.38 -4.98
C ASP C 897 -25.91 -29.48 -3.76
N MET C 898 -26.74 -29.72 -2.76
CA MET C 898 -26.74 -28.87 -1.62
C MET C 898 -27.28 -29.62 -0.43
N PRO C 899 -26.66 -29.50 0.73
CA PRO C 899 -27.29 -29.99 1.96
C PRO C 899 -28.61 -29.26 2.16
N PHE C 900 -29.65 -29.98 2.55
CA PHE C 900 -30.98 -29.39 2.57
C PHE C 900 -31.82 -30.02 3.67
N LEU C 901 -33.02 -29.48 3.83
CA LEU C 901 -33.87 -29.80 4.96
C LEU C 901 -34.45 -31.20 4.81
N ALA C 902 -35.26 -31.59 5.79
CA ALA C 902 -36.15 -32.72 5.60
C ALA C 902 -37.36 -32.34 4.76
N ASP C 903 -37.67 -31.05 4.69
CA ASP C 903 -38.74 -30.57 3.82
C ASP C 903 -38.26 -30.33 2.40
N GLY C 904 -37.08 -30.84 2.06
CA GLY C 904 -36.50 -30.56 0.76
C GLY C 904 -36.10 -29.12 0.54
N THR C 905 -36.28 -28.25 1.52
CA THR C 905 -35.89 -26.87 1.36
C THR C 905 -34.37 -26.82 1.39
N PRO C 906 -33.72 -26.39 0.33
CA PRO C 906 -32.27 -26.33 0.35
C PRO C 906 -31.79 -25.24 1.28
N VAL C 907 -30.57 -25.39 1.75
CA VAL C 907 -29.94 -24.36 2.54
C VAL C 907 -29.61 -23.19 1.63
N ASP C 908 -29.28 -22.06 2.22
CA ASP C 908 -28.88 -20.93 1.39
C ASP C 908 -27.38 -20.94 1.15
N ILE C 909 -26.61 -20.83 2.23
CA ILE C 909 -25.16 -20.86 2.16
C ILE C 909 -24.65 -21.68 3.35
N ILE C 910 -23.34 -21.71 3.49
CA ILE C 910 -22.71 -22.37 4.62
C ILE C 910 -21.51 -21.59 5.09
N LEU C 911 -21.41 -21.39 6.40
CA LEU C 911 -20.21 -20.77 6.92
C LEU C 911 -19.38 -21.79 7.69
N ASN C 912 -18.13 -21.42 7.94
CA ASN C 912 -17.18 -22.30 8.58
C ASN C 912 -17.14 -22.05 10.09
N THR C 913 -17.36 -23.12 10.84
CA THR C 913 -17.37 -23.02 12.29
C THR C 913 -16.02 -22.56 12.82
N HIS C 914 -14.94 -22.97 12.15
CA HIS C 914 -13.61 -22.76 12.69
C HIS C 914 -13.23 -21.30 12.80
N GLY C 915 -13.87 -20.40 12.06
CA GLY C 915 -13.59 -19.01 12.24
C GLY C 915 -14.27 -18.39 13.43
N VAL C 916 -15.23 -19.10 14.02
CA VAL C 916 -16.08 -18.54 15.07
C VAL C 916 -15.36 -18.40 16.40
N PRO C 917 -14.80 -19.47 16.96
CA PRO C 917 -14.27 -19.39 18.33
C PRO C 917 -13.14 -18.40 18.43
N ARG C 918 -12.13 -18.59 17.59
CA ARG C 918 -10.96 -17.74 17.65
C ARG C 918 -11.25 -16.30 17.29
N ARG C 919 -12.41 -16.01 16.69
CA ARG C 919 -12.79 -14.64 16.43
C ARG C 919 -13.75 -14.08 17.47
N MET C 920 -14.32 -14.94 18.31
CA MET C 920 -15.13 -14.48 19.43
C MET C 920 -16.36 -13.73 18.94
N ASN C 921 -17.17 -14.42 18.15
CA ASN C 921 -18.26 -13.80 17.40
C ASN C 921 -19.54 -14.61 17.54
N ILE C 922 -19.89 -14.98 18.77
CA ILE C 922 -21.04 -15.83 19.01
C ILE C 922 -22.34 -15.10 18.68
N GLY C 923 -22.27 -13.78 18.62
CA GLY C 923 -23.45 -13.00 18.32
C GLY C 923 -24.08 -13.39 17.00
N GLN C 924 -23.26 -13.82 16.04
CA GLN C 924 -23.83 -14.31 14.80
C GLN C 924 -24.65 -15.57 15.04
N ILE C 925 -24.19 -16.45 15.92
CA ILE C 925 -24.97 -17.63 16.25
C ILE C 925 -26.27 -17.22 16.89
N LEU C 926 -26.20 -16.26 17.79
CA LEU C 926 -27.39 -15.73 18.44
C LEU C 926 -28.37 -15.24 17.39
N GLU C 927 -27.87 -14.43 16.46
CA GLU C 927 -28.69 -13.89 15.39
C GLU C 927 -29.32 -15.00 14.59
N THR C 928 -28.56 -16.06 14.32
CA THR C 928 -29.07 -17.14 13.50
C THR C 928 -30.22 -17.85 14.21
N HIS C 929 -30.02 -18.17 15.48
CA HIS C 929 -31.09 -18.81 16.23
C HIS C 929 -32.32 -17.91 16.25
N LEU C 930 -32.11 -16.64 16.52
CA LEU C 930 -33.21 -15.70 16.58
C LEU C 930 -33.93 -15.64 15.24
N GLY C 931 -33.17 -15.67 14.15
CA GLY C 931 -33.80 -15.54 12.85
C GLY C 931 -34.60 -16.77 12.48
N TRP C 932 -34.09 -17.95 12.85
CA TRP C 932 -34.89 -19.14 12.64
C TRP C 932 -36.18 -19.06 13.43
N CYS C 933 -36.09 -18.64 14.69
CA CYS C 933 -37.29 -18.48 15.49
C CYS C 933 -38.24 -17.49 14.85
N ALA C 934 -37.69 -16.41 14.29
CA ALA C 934 -38.53 -15.37 13.72
C ALA C 934 -39.25 -15.87 12.49
N HIS C 935 -38.52 -16.50 11.57
CA HIS C 935 -39.13 -17.07 10.39
C HIS C 935 -40.20 -18.07 10.77
N SER C 936 -39.90 -18.90 11.75
CA SER C 936 -40.83 -19.94 12.16
C SER C 936 -42.12 -19.38 12.75
N GLY C 937 -42.01 -18.42 13.65
CA GLY C 937 -43.18 -18.02 14.42
C GLY C 937 -43.42 -18.99 15.55
N TRP C 938 -43.96 -18.50 16.66
CA TRP C 938 -44.27 -19.34 17.79
C TRP C 938 -45.61 -18.92 18.37
N LYS C 939 -46.03 -19.65 19.40
CA LYS C 939 -47.09 -19.21 20.28
C LYS C 939 -46.87 -19.85 21.64
N VAL C 940 -46.17 -19.14 22.52
CA VAL C 940 -45.88 -19.62 23.86
C VAL C 940 -47.19 -19.90 24.58
N ASP C 941 -47.35 -21.14 25.02
CA ASP C 941 -48.55 -21.57 25.74
C ASP C 941 -48.50 -21.00 27.16
N ALA C 942 -49.11 -19.84 27.35
CA ALA C 942 -49.25 -19.31 28.70
C ALA C 942 -50.50 -19.90 29.35
N ALA C 943 -50.66 -21.21 29.26
CA ALA C 943 -51.83 -21.86 29.83
C ALA C 943 -51.70 -22.04 31.33
N LYS C 944 -50.52 -22.44 31.79
CA LYS C 944 -50.24 -22.59 33.21
C LYS C 944 -49.40 -21.37 33.58
N GLY C 945 -50.08 -20.25 33.81
CA GLY C 945 -49.41 -18.99 33.99
C GLY C 945 -48.47 -18.72 32.83
N VAL C 946 -47.29 -18.23 33.17
CA VAL C 946 -46.25 -17.96 32.18
C VAL C 946 -45.02 -18.77 32.52
N PRO C 947 -44.38 -19.40 31.54
CA PRO C 947 -43.04 -19.92 31.76
C PRO C 947 -42.14 -18.81 32.28
N ASP C 948 -41.29 -19.18 33.24
CA ASP C 948 -40.67 -18.18 34.10
C ASP C 948 -39.82 -17.20 33.32
N TRP C 949 -39.11 -17.68 32.30
CA TRP C 949 -38.28 -16.76 31.54
C TRP C 949 -39.14 -15.71 30.84
N ALA C 950 -40.35 -16.08 30.50
CA ALA C 950 -41.23 -15.14 29.85
C ALA C 950 -41.89 -14.20 30.81
N ALA C 951 -41.60 -14.35 32.10
CA ALA C 951 -42.35 -13.63 33.13
C ALA C 951 -42.29 -12.13 32.93
N ARG C 952 -41.10 -11.55 33.03
CA ARG C 952 -40.91 -10.12 32.80
C ARG C 952 -40.84 -9.78 31.33
N LEU C 953 -40.98 -10.77 30.46
CA LEU C 953 -40.89 -10.49 29.04
C LEU C 953 -42.13 -9.72 28.59
N PRO C 954 -41.96 -8.77 27.68
CA PRO C 954 -43.12 -7.99 27.22
C PRO C 954 -44.16 -8.89 26.58
N ASP C 955 -45.42 -8.48 26.74
CA ASP C 955 -46.53 -9.29 26.26
C ASP C 955 -46.51 -9.34 24.73
N GLU C 956 -47.44 -10.09 24.16
CA GLU C 956 -47.66 -10.29 22.71
C GLU C 956 -46.42 -10.82 21.99
N LEU C 957 -45.36 -11.10 22.72
CA LEU C 957 -44.30 -11.92 22.24
C LEU C 957 -44.63 -13.38 22.50
N LEU C 958 -45.76 -13.62 23.15
CA LEU C 958 -46.14 -14.94 23.59
C LEU C 958 -46.45 -15.83 22.40
N GLU C 959 -46.69 -15.24 21.24
CA GLU C 959 -46.74 -15.98 20.01
C GLU C 959 -45.87 -15.25 19.01
N ALA C 960 -45.92 -15.69 17.76
CA ALA C 960 -45.37 -14.90 16.69
C ALA C 960 -45.84 -15.43 15.35
N GLN C 961 -46.37 -14.55 14.53
CA GLN C 961 -46.60 -14.90 13.15
C GLN C 961 -45.27 -15.13 12.46
N PRO C 962 -45.18 -16.19 11.67
CA PRO C 962 -43.91 -16.51 11.01
C PRO C 962 -43.53 -15.38 10.07
N ASN C 963 -42.24 -15.05 10.10
CA ASN C 963 -41.71 -14.00 9.26
C ASN C 963 -42.25 -12.63 9.64
N ALA C 964 -42.53 -12.45 10.93
CA ALA C 964 -42.81 -11.12 11.45
C ALA C 964 -41.49 -10.46 11.83
N ILE C 965 -41.45 -9.14 11.79
CA ILE C 965 -40.21 -8.42 12.00
C ILE C 965 -40.08 -8.02 13.46
N VAL C 966 -38.86 -8.09 13.99
CA VAL C 966 -38.63 -7.72 15.37
C VAL C 966 -37.27 -7.08 15.51
N SER C 967 -36.95 -6.65 16.73
CA SER C 967 -35.74 -5.89 16.95
C SER C 967 -35.36 -5.95 18.41
N THR C 968 -34.11 -5.64 18.70
CA THR C 968 -33.63 -5.56 20.07
C THR C 968 -32.74 -4.33 20.22
N PRO C 969 -32.93 -3.56 21.27
CA PRO C 969 -31.91 -2.60 21.69
C PRO C 969 -30.56 -3.28 21.88
N VAL C 970 -29.47 -2.54 21.69
CA VAL C 970 -28.14 -3.10 21.72
C VAL C 970 -27.85 -3.74 23.07
N PHE C 971 -27.83 -2.93 24.12
CA PHE C 971 -27.64 -3.44 25.46
C PHE C 971 -28.90 -4.05 26.03
N ASP C 972 -30.06 -3.77 25.44
CA ASP C 972 -31.30 -4.35 25.94
C ASP C 972 -31.73 -5.40 24.91
N GLY C 973 -31.17 -6.59 25.05
CA GLY C 973 -31.47 -7.66 24.13
C GLY C 973 -32.02 -8.87 24.85
N ALA C 974 -32.50 -9.84 24.09
CA ALA C 974 -33.05 -11.04 24.70
C ALA C 974 -31.95 -11.85 25.36
N GLN C 975 -32.30 -12.57 26.42
CA GLN C 975 -31.33 -13.43 27.05
C GLN C 975 -31.31 -14.79 26.37
N GLU C 976 -30.23 -15.52 26.59
CA GLU C 976 -30.14 -16.84 25.97
C GLU C 976 -31.21 -17.77 26.52
N ALA C 977 -31.54 -17.66 27.80
CA ALA C 977 -32.61 -18.48 28.34
C ALA C 977 -33.93 -18.13 27.68
N GLU C 978 -34.16 -16.84 27.46
CA GLU C 978 -35.33 -16.40 26.72
C GLU C 978 -35.37 -17.04 25.35
N LEU C 979 -34.23 -17.01 24.66
CA LEU C 979 -34.14 -17.59 23.33
C LEU C 979 -34.40 -19.08 23.37
N GLN C 980 -33.92 -19.74 24.41
CA GLN C 980 -34.13 -21.18 24.54
C GLN C 980 -35.60 -21.48 24.72
N GLY C 981 -36.26 -20.72 25.58
CA GLY C 981 -37.69 -20.91 25.76
C GLY C 981 -38.45 -20.65 24.48
N LEU C 982 -38.01 -19.67 23.72
CA LEU C 982 -38.56 -19.46 22.39
C LEU C 982 -38.40 -20.70 21.53
N LEU C 983 -37.14 -21.09 21.30
CA LEU C 983 -36.82 -22.23 20.45
C LEU C 983 -37.55 -23.50 20.86
N SER C 984 -37.87 -23.62 22.15
CA SER C 984 -38.79 -24.64 22.57
C SER C 984 -40.15 -24.48 21.93
N CYS C 985 -40.55 -23.25 21.62
CA CYS C 985 -41.85 -22.97 21.02
C CYS C 985 -41.64 -22.54 19.57
N THR C 986 -41.81 -23.48 18.64
CA THR C 986 -41.41 -23.30 17.27
C THR C 986 -42.42 -23.90 16.28
N LEU C 987 -43.68 -23.49 16.40
CA LEU C 987 -44.84 -24.03 15.70
C LEU C 987 -44.56 -24.46 14.26
N PRO C 988 -45.07 -25.61 13.85
CA PRO C 988 -44.70 -26.18 12.54
C PRO C 988 -45.11 -25.28 11.38
N ASN C 989 -44.32 -25.35 10.31
CA ASN C 989 -44.52 -24.50 9.16
C ASN C 989 -45.82 -24.79 8.41
N ARG C 990 -45.92 -25.96 7.78
CA ARG C 990 -47.14 -26.30 7.05
C ARG C 990 -47.70 -27.59 7.57
N ASP C 991 -46.85 -28.61 7.65
CA ASP C 991 -47.27 -29.92 8.10
C ASP C 991 -46.87 -30.04 9.57
N GLY C 992 -46.93 -31.24 10.13
CA GLY C 992 -46.46 -31.35 11.49
C GLY C 992 -44.95 -31.36 11.38
N ASP C 993 -44.37 -30.19 11.62
CA ASP C 993 -43.03 -29.92 11.12
C ASP C 993 -42.29 -29.07 12.16
N VAL C 994 -41.62 -29.74 13.08
CA VAL C 994 -40.64 -29.09 13.94
C VAL C 994 -39.29 -29.41 13.31
N LEU C 995 -38.87 -28.55 12.38
CA LEU C 995 -37.66 -28.84 11.64
C LEU C 995 -36.43 -28.76 12.50
N VAL C 996 -36.43 -27.91 13.53
CA VAL C 996 -35.25 -27.68 14.34
C VAL C 996 -35.49 -28.26 15.71
N ASP C 997 -34.43 -28.81 16.31
CA ASP C 997 -34.47 -29.26 17.68
C ASP C 997 -34.71 -28.08 18.62
N ALA C 998 -34.79 -28.40 19.91
CA ALA C 998 -34.76 -27.36 20.93
C ALA C 998 -33.36 -26.80 21.08
N ASP C 999 -32.38 -27.43 20.43
CA ASP C 999 -31.00 -26.97 20.50
C ASP C 999 -30.57 -26.18 19.28
N GLY C 1000 -31.49 -25.84 18.39
CA GLY C 1000 -31.19 -25.02 17.24
C GLY C 1000 -30.55 -25.77 16.09
N LYS C 1001 -30.31 -27.06 16.24
CA LYS C 1001 -29.81 -27.88 15.15
C LYS C 1001 -30.96 -28.63 14.49
N ALA C 1002 -30.58 -29.52 13.58
CA ALA C 1002 -31.56 -30.34 12.88
C ALA C 1002 -30.81 -31.33 12.01
N MET C 1003 -31.51 -32.37 11.58
CA MET C 1003 -30.90 -33.37 10.73
C MET C 1003 -31.04 -32.94 9.28
N LEU C 1004 -30.00 -33.13 8.49
CA LEU C 1004 -30.03 -32.69 7.11
C LEU C 1004 -29.56 -33.76 6.14
N PHE C 1005 -29.73 -33.44 4.86
CA PHE C 1005 -29.46 -34.37 3.77
C PHE C 1005 -28.48 -33.73 2.80
N ASP C 1006 -27.45 -34.46 2.46
CA ASP C 1006 -26.51 -34.03 1.42
C ASP C 1006 -27.15 -34.25 0.07
N GLY C 1007 -27.41 -33.16 -0.65
CA GLY C 1007 -27.88 -33.27 -2.03
C GLY C 1007 -26.89 -33.97 -2.94
N ARG C 1008 -25.66 -34.12 -2.48
CA ARG C 1008 -24.68 -34.90 -3.21
C ARG C 1008 -24.70 -36.36 -2.78
N SER C 1009 -24.62 -36.62 -1.48
CA SER C 1009 -24.53 -38.00 -1.02
C SER C 1009 -25.86 -38.71 -1.20
N GLY C 1010 -26.89 -38.23 -0.52
CA GLY C 1010 -28.16 -38.90 -0.50
C GLY C 1010 -28.50 -39.26 0.92
N GLU C 1011 -27.49 -39.20 1.79
CA GLU C 1011 -27.69 -39.66 3.13
C GLU C 1011 -27.95 -38.49 4.09
N PRO C 1012 -28.54 -38.77 5.24
CA PRO C 1012 -28.53 -37.80 6.32
C PRO C 1012 -27.14 -37.71 6.90
N PHE C 1013 -26.83 -36.53 7.38
CA PHE C 1013 -25.56 -36.37 8.07
C PHE C 1013 -25.66 -36.99 9.44
N PRO C 1014 -24.57 -37.33 10.07
CA PRO C 1014 -24.64 -38.07 11.33
C PRO C 1014 -25.12 -37.24 12.50
N TYR C 1015 -25.26 -35.93 12.32
CA TYR C 1015 -25.57 -35.12 13.47
C TYR C 1015 -26.56 -34.02 13.15
N PRO C 1016 -27.23 -33.48 14.16
CA PRO C 1016 -28.02 -32.27 13.94
C PRO C 1016 -27.06 -31.11 13.70
N VAL C 1017 -27.54 -30.09 13.01
CA VAL C 1017 -26.65 -29.00 12.64
C VAL C 1017 -27.32 -27.66 12.89
N THR C 1018 -26.54 -26.75 13.45
CA THR C 1018 -26.95 -25.37 13.59
C THR C 1018 -27.37 -24.79 12.25
N VAL C 1019 -28.51 -24.11 12.25
CA VAL C 1019 -29.06 -23.51 11.05
C VAL C 1019 -29.81 -22.26 11.46
N GLY C 1020 -30.27 -21.50 10.48
CA GLY C 1020 -31.14 -20.39 10.79
C GLY C 1020 -31.03 -19.29 9.76
N TYR C 1021 -31.82 -18.25 9.98
CA TYR C 1021 -31.94 -17.12 9.06
C TYR C 1021 -30.97 -16.03 9.51
N MET C 1022 -30.09 -15.64 8.60
CA MET C 1022 -29.22 -14.50 8.85
C MET C 1022 -29.40 -13.44 7.78
N TYR C 1023 -29.23 -12.20 8.19
CA TYR C 1023 -29.23 -11.06 7.28
C TYR C 1023 -27.78 -10.74 6.98
N ILE C 1024 -27.48 -10.41 5.73
CA ILE C 1024 -26.12 -10.21 5.28
C ILE C 1024 -26.09 -9.03 4.33
N MET C 1025 -24.89 -8.60 3.97
CA MET C 1025 -24.70 -7.48 3.07
C MET C 1025 -23.82 -7.87 1.89
N LYS C 1026 -23.69 -6.96 0.95
CA LYS C 1026 -22.77 -7.09 -0.17
C LYS C 1026 -21.84 -5.88 -0.18
N LEU C 1027 -20.55 -6.15 -0.22
CA LEU C 1027 -19.56 -5.10 -0.07
C LEU C 1027 -19.24 -4.46 -1.40
N HIS C 1028 -18.62 -3.28 -1.38
CA HIS C 1028 -18.28 -2.57 -2.61
C HIS C 1028 -16.87 -2.92 -3.06
N HIS C 1029 -16.65 -4.22 -3.16
CA HIS C 1029 -15.36 -4.74 -3.60
C HIS C 1029 -15.57 -5.87 -4.57
N LEU C 1030 -16.38 -5.60 -5.59
CA LEU C 1030 -16.69 -6.58 -6.62
C LEU C 1030 -15.42 -7.11 -7.26
N VAL C 1031 -15.53 -8.31 -7.85
CA VAL C 1031 -14.40 -8.94 -8.49
C VAL C 1031 -13.84 -8.04 -9.59
N ASP C 1032 -14.71 -7.56 -10.47
CA ASP C 1032 -14.28 -6.77 -11.62
C ASP C 1032 -13.52 -5.53 -11.20
N ASP C 1033 -13.84 -4.98 -10.04
CA ASP C 1033 -13.13 -3.81 -9.54
C ASP C 1033 -11.67 -4.09 -9.26
N LYS C 1034 -11.29 -5.36 -9.14
CA LYS C 1034 -9.96 -5.72 -8.69
C LYS C 1034 -9.22 -6.56 -9.70
N ILE C 1035 -9.94 -7.42 -10.42
CA ILE C 1035 -9.35 -8.33 -11.39
C ILE C 1035 -8.67 -7.53 -12.47
N HIS C 1036 -7.41 -7.83 -12.71
CA HIS C 1036 -6.72 -7.13 -13.78
C HIS C 1036 -5.37 -7.77 -14.03
N ALA C 1037 -5.01 -7.84 -15.31
CA ALA C 1037 -3.71 -8.34 -15.72
C ALA C 1037 -3.25 -7.52 -16.90
N ARG C 1038 -2.09 -7.88 -17.44
CA ARG C 1038 -1.54 -7.13 -18.56
C ARG C 1038 -0.27 -7.80 -19.07
N SER C 1039 -0.07 -7.69 -20.37
CA SER C 1039 1.21 -8.02 -20.99
C SER C 1039 1.95 -6.78 -21.46
N THR C 1040 1.30 -5.96 -22.29
CA THR C 1040 1.98 -4.90 -23.01
C THR C 1040 0.99 -3.76 -23.25
N GLY C 1041 1.39 -2.55 -22.87
CA GLY C 1041 0.57 -1.40 -23.12
C GLY C 1041 1.35 -0.10 -23.25
N PRO C 1042 0.68 1.00 -22.95
CA PRO C 1042 1.25 2.32 -23.25
C PRO C 1042 2.42 2.65 -22.35
N TYR C 1043 3.59 2.74 -22.96
CA TYR C 1043 4.85 3.06 -22.32
C TYR C 1043 4.89 4.48 -21.81
N SER C 1044 5.89 4.74 -20.96
CA SER C 1044 5.95 5.95 -20.16
C SER C 1044 6.16 7.17 -21.03
N MET C 1045 6.37 8.28 -20.36
CA MET C 1045 6.90 9.44 -21.04
C MET C 1045 8.24 9.84 -20.42
N ILE C 1046 8.30 9.93 -19.10
CA ILE C 1046 9.57 10.23 -18.44
C ILE C 1046 10.53 9.06 -18.59
N THR C 1047 10.17 7.94 -17.99
CA THR C 1047 10.84 6.67 -18.19
C THR C 1047 10.31 6.00 -19.45
N GLN C 1048 10.73 4.78 -19.71
CA GLN C 1048 10.26 4.04 -20.86
C GLN C 1048 9.49 3.01 -20.12
N GLN C 1049 8.17 3.17 -20.04
CA GLN C 1049 7.52 2.21 -19.17
C GLN C 1049 6.00 2.20 -19.37
N PRO C 1050 5.40 1.03 -19.65
CA PRO C 1050 3.97 1.00 -19.99
C PRO C 1050 3.04 1.12 -18.78
N LEU C 1051 2.16 2.11 -18.85
CA LEU C 1051 1.50 2.77 -17.72
C LEU C 1051 0.92 1.83 -16.68
N GLY C 1052 1.28 2.10 -15.43
CA GLY C 1052 0.66 1.49 -14.27
C GLY C 1052 -0.64 2.17 -13.87
N GLY C 1053 -1.44 1.49 -13.08
CA GLY C 1053 -2.73 2.05 -12.73
C GLY C 1053 -3.84 1.27 -13.41
N LYS C 1054 -4.70 0.65 -12.59
CA LYS C 1054 -5.76 -0.18 -13.12
C LYS C 1054 -6.86 0.64 -13.77
N ALA C 1055 -6.86 1.97 -13.58
CA ALA C 1055 -7.73 2.82 -14.37
C ALA C 1055 -7.39 2.70 -15.84
N GLN C 1056 -6.10 2.83 -16.15
CA GLN C 1056 -5.55 2.38 -17.41
C GLN C 1056 -5.33 0.88 -17.27
N PHE C 1057 -4.47 0.28 -18.10
CA PHE C 1057 -4.09 -1.08 -17.79
C PHE C 1057 -3.47 -1.16 -16.41
N GLY C 1058 -2.29 -0.59 -16.25
CA GLY C 1058 -1.58 -0.87 -15.01
C GLY C 1058 -1.21 -2.33 -14.93
N GLY C 1059 -1.00 -2.84 -13.73
CA GLY C 1059 -0.32 -4.10 -13.56
C GLY C 1059 0.28 -4.20 -12.17
N GLN C 1060 1.30 -5.05 -12.01
CA GLN C 1060 1.77 -5.44 -10.69
C GLN C 1060 3.25 -5.21 -10.56
N ARG C 1061 3.66 -4.49 -9.52
CA ARG C 1061 5.08 -4.18 -9.32
C ARG C 1061 5.98 -5.19 -8.56
N PHE C 1062 6.68 -6.03 -9.32
CA PHE C 1062 7.69 -7.00 -8.79
C PHE C 1062 8.99 -6.32 -8.10
N GLY C 1063 8.87 -5.57 -6.87
CA GLY C 1063 9.98 -4.84 -6.21
C GLY C 1063 10.96 -5.54 -5.25
N GLU C 1064 11.00 -5.14 -3.98
CA GLU C 1064 12.11 -5.50 -3.10
C GLU C 1064 11.93 -6.82 -2.35
N MET C 1065 10.69 -7.08 -1.91
CA MET C 1065 10.35 -8.30 -1.19
C MET C 1065 10.64 -9.59 -1.92
N GLU C 1066 10.21 -9.72 -3.18
CA GLU C 1066 10.47 -11.02 -3.89
C GLU C 1066 11.72 -11.02 -4.85
N CYS C 1067 12.51 -9.94 -4.76
CA CYS C 1067 13.83 -9.83 -5.39
C CYS C 1067 14.59 -10.44 -4.21
N TRP C 1068 15.49 -9.73 -3.52
CA TRP C 1068 16.01 -10.41 -2.29
C TRP C 1068 15.38 -11.83 -2.22
N ALA C 1069 14.03 -12.01 -2.37
CA ALA C 1069 13.53 -13.39 -2.38
C ALA C 1069 14.14 -14.27 -3.49
N MET C 1070 14.03 -13.85 -4.76
CA MET C 1070 14.53 -14.70 -5.85
C MET C 1070 15.99 -15.02 -5.66
N GLN C 1071 16.77 -14.05 -5.20
CA GLN C 1071 18.15 -14.31 -4.83
C GLN C 1071 18.23 -15.43 -3.83
N ALA C 1072 17.33 -15.41 -2.85
CA ALA C 1072 17.28 -16.51 -1.89
C ALA C 1072 17.05 -17.84 -2.58
N TYR C 1073 16.09 -17.88 -3.50
CA TYR C 1073 15.89 -19.09 -4.29
C TYR C 1073 17.12 -19.48 -5.08
N GLY C 1074 17.90 -18.50 -5.51
CA GLY C 1074 19.06 -18.76 -6.33
C GLY C 1074 18.83 -18.59 -7.81
N ALA C 1075 17.58 -18.61 -8.27
CA ALA C 1075 17.30 -18.45 -9.69
C ALA C 1075 17.57 -17.00 -10.09
N ALA C 1076 18.52 -16.81 -11.00
CA ALA C 1076 18.94 -15.46 -11.34
C ALA C 1076 18.39 -14.99 -12.67
N TYR C 1077 18.29 -15.90 -13.64
CA TYR C 1077 17.93 -15.50 -14.99
C TYR C 1077 16.56 -14.86 -15.06
N THR C 1078 15.60 -15.44 -14.35
CA THR C 1078 14.26 -14.86 -14.36
C THR C 1078 14.28 -13.44 -13.86
N LEU C 1079 14.99 -13.22 -12.75
CA LEU C 1079 15.10 -11.89 -12.21
C LEU C 1079 15.75 -10.94 -13.19
N GLN C 1080 16.80 -11.41 -13.86
CA GLN C 1080 17.48 -10.57 -14.82
C GLN C 1080 16.55 -10.19 -15.96
N GLU C 1081 15.78 -11.17 -16.43
CA GLU C 1081 14.85 -10.91 -17.52
C GLU C 1081 13.82 -9.88 -17.11
N LEU C 1082 13.25 -10.06 -15.92
CA LEU C 1082 12.30 -9.11 -15.39
C LEU C 1082 12.89 -7.71 -15.35
N LEU C 1083 14.06 -7.57 -14.74
CA LEU C 1083 14.62 -6.25 -14.53
C LEU C 1083 15.24 -5.66 -15.78
N THR C 1084 15.36 -6.41 -16.86
CA THR C 1084 15.91 -5.84 -18.08
C THR C 1084 14.87 -5.71 -19.19
N ILE C 1085 14.33 -6.83 -19.65
CA ILE C 1085 13.54 -6.85 -20.85
C ILE C 1085 12.07 -6.61 -20.54
N LYS C 1086 11.71 -6.62 -19.27
CA LYS C 1086 10.40 -6.18 -18.84
C LYS C 1086 10.47 -4.86 -18.12
N SER C 1087 11.65 -4.26 -18.00
CA SER C 1087 11.84 -3.05 -17.23
C SER C 1087 12.30 -1.88 -18.08
N ASP C 1088 13.45 -1.99 -18.74
CA ASP C 1088 14.08 -0.81 -19.33
C ASP C 1088 14.62 -0.97 -20.73
N ASP C 1089 14.92 -2.19 -21.19
CA ASP C 1089 15.58 -2.32 -22.48
C ASP C 1089 14.66 -1.86 -23.60
N THR C 1090 14.86 -0.63 -24.05
CA THR C 1090 14.00 -0.06 -25.08
C THR C 1090 13.99 -0.94 -26.33
N VAL C 1091 15.15 -1.15 -26.92
CA VAL C 1091 15.21 -2.02 -28.08
C VAL C 1091 14.82 -3.45 -27.74
N GLY C 1092 15.26 -3.95 -26.60
CA GLY C 1092 15.07 -5.34 -26.27
C GLY C 1092 13.62 -5.72 -26.12
N ARG C 1093 12.78 -4.76 -25.73
CA ARG C 1093 11.38 -5.05 -25.56
C ARG C 1093 10.75 -5.50 -26.88
N VAL C 1094 10.87 -4.67 -27.90
CA VAL C 1094 10.34 -5.03 -29.21
C VAL C 1094 11.07 -6.24 -29.76
N LYS C 1095 12.35 -6.37 -29.41
CA LYS C 1095 13.09 -7.56 -29.82
C LYS C 1095 12.43 -8.82 -29.31
N VAL C 1096 12.16 -8.86 -28.01
CA VAL C 1096 11.56 -10.03 -27.41
C VAL C 1096 10.18 -10.25 -27.97
N TYR C 1097 9.46 -9.16 -28.22
CA TYR C 1097 8.14 -9.28 -28.80
C TYR C 1097 8.21 -9.95 -30.16
N GLU C 1098 9.12 -9.48 -31.00
CA GLU C 1098 9.41 -10.12 -32.27
C GLU C 1098 9.73 -11.60 -32.09
N ALA C 1099 10.61 -11.90 -31.15
CA ALA C 1099 11.08 -13.27 -31.00
C ALA C 1099 9.93 -14.18 -30.63
N ILE C 1100 9.04 -13.69 -29.77
CA ILE C 1100 7.87 -14.47 -29.40
C ILE C 1100 6.96 -14.65 -30.60
N VAL C 1101 6.78 -13.58 -31.38
CA VAL C 1101 5.92 -13.66 -32.55
C VAL C 1101 6.46 -14.66 -33.54
N LYS C 1102 7.78 -14.78 -33.60
CA LYS C 1102 8.39 -15.68 -34.57
C LYS C 1102 8.64 -17.06 -34.02
N GLY C 1103 8.49 -17.26 -32.70
CA GLY C 1103 8.73 -18.56 -32.15
C GLY C 1103 10.19 -18.93 -32.09
N GLU C 1104 11.01 -18.08 -31.50
CA GLU C 1104 12.46 -18.23 -31.55
C GLU C 1104 13.06 -17.93 -30.19
N ASN C 1105 14.30 -18.39 -30.00
CA ASN C 1105 14.95 -18.25 -28.71
C ASN C 1105 15.11 -16.80 -28.33
N ILE C 1106 15.01 -16.53 -27.03
CA ILE C 1106 14.93 -15.18 -26.50
C ILE C 1106 16.24 -14.44 -26.77
N PRO C 1107 16.19 -13.17 -27.11
CA PRO C 1107 17.43 -12.40 -27.23
C PRO C 1107 18.07 -12.20 -25.88
N GLU C 1108 19.26 -11.62 -25.90
CA GLU C 1108 19.87 -11.50 -24.58
C GLU C 1108 19.44 -10.19 -23.93
N PRO C 1109 19.34 -10.18 -22.61
CA PRO C 1109 18.92 -8.95 -21.91
C PRO C 1109 19.91 -7.81 -22.13
N GLY C 1110 19.39 -6.70 -22.61
CA GLY C 1110 20.20 -5.53 -22.82
C GLY C 1110 20.40 -4.75 -21.54
N ILE C 1111 21.12 -3.64 -21.66
CA ILE C 1111 21.46 -2.83 -20.49
C ILE C 1111 20.21 -2.12 -19.99
N PRO C 1112 20.05 -1.95 -18.69
CA PRO C 1112 18.93 -1.15 -18.17
C PRO C 1112 19.08 0.31 -18.55
N GLU C 1113 17.95 0.99 -18.56
CA GLU C 1113 17.84 2.39 -18.94
C GLU C 1113 18.04 3.33 -17.75
N SER C 1114 17.33 3.09 -16.66
CA SER C 1114 17.50 3.90 -15.47
C SER C 1114 18.93 3.82 -14.96
N PHE C 1115 19.57 2.68 -15.18
CA PHE C 1115 20.99 2.57 -14.89
C PHE C 1115 21.78 3.67 -15.57
N LYS C 1116 21.65 3.76 -16.90
CA LYS C 1116 22.39 4.77 -17.63
C LYS C 1116 21.96 6.16 -17.23
N VAL C 1117 20.69 6.30 -16.87
CA VAL C 1117 20.20 7.61 -16.46
C VAL C 1117 20.89 8.06 -15.20
N LEU C 1118 20.92 7.19 -14.19
CA LEU C 1118 21.66 7.46 -12.97
C LEU C 1118 23.12 7.73 -13.28
N LEU C 1119 23.66 7.01 -14.26
CA LEU C 1119 25.05 7.21 -14.63
C LEU C 1119 25.29 8.63 -15.12
N LYS C 1120 24.46 9.08 -16.05
CA LYS C 1120 24.56 10.45 -16.55
C LYS C 1120 24.40 11.44 -15.41
N GLU C 1121 23.49 11.15 -14.49
CA GLU C 1121 23.29 12.03 -13.35
C GLU C 1121 24.56 12.17 -12.54
N LEU C 1122 25.15 11.03 -12.21
CA LEU C 1122 26.39 11.02 -11.42
C LEU C 1122 27.48 11.77 -12.15
N GLN C 1123 27.56 11.58 -13.46
CA GLN C 1123 28.48 12.34 -14.29
C GLN C 1123 28.26 13.83 -14.05
N SER C 1124 27.06 14.30 -14.40
CA SER C 1124 26.70 15.70 -14.35
C SER C 1124 26.78 16.28 -12.96
N LEU C 1125 26.93 15.45 -11.94
CA LEU C 1125 27.23 15.95 -10.62
C LEU C 1125 28.70 16.28 -10.48
N CYS C 1126 29.39 16.47 -11.61
CA CYS C 1126 30.79 16.84 -11.64
C CYS C 1126 31.67 15.72 -11.14
N LEU C 1127 31.39 14.51 -11.58
CA LEU C 1127 31.96 13.32 -10.98
C LEU C 1127 32.62 12.47 -12.03
N ASN C 1128 33.94 12.28 -11.92
CA ASN C 1128 34.64 11.43 -12.85
C ASN C 1128 34.13 10.01 -12.68
N VAL C 1129 33.41 9.53 -13.68
CA VAL C 1129 32.79 8.22 -13.62
C VAL C 1129 33.23 7.43 -14.84
N GLU C 1130 33.38 6.13 -14.66
CA GLU C 1130 33.75 5.28 -15.78
C GLU C 1130 33.72 3.83 -15.34
N VAL C 1131 33.37 2.96 -16.27
CA VAL C 1131 33.43 1.52 -16.07
C VAL C 1131 34.71 1.04 -16.74
N LEU C 1132 35.29 -0.02 -16.19
CA LEU C 1132 36.42 -0.67 -16.82
C LEU C 1132 36.07 -2.12 -17.09
N SER C 1133 36.09 -2.50 -18.37
CA SER C 1133 35.83 -3.88 -18.75
C SER C 1133 37.06 -4.75 -18.52
N SER C 1134 38.24 -4.12 -18.45
CA SER C 1134 39.47 -4.85 -18.27
C SER C 1134 40.64 -3.90 -18.12
N GLY D 1 35.80 0.59 -19.59
CA GLY D 1 36.48 1.64 -20.34
C GLY D 1 35.82 1.95 -21.67
N ALA D 2 34.62 1.43 -21.86
CA ALA D 2 33.87 1.59 -23.10
C ALA D 2 32.55 2.28 -22.78
N MET D 3 32.43 3.55 -23.19
CA MET D 3 31.24 4.33 -22.87
C MET D 3 29.98 3.79 -23.54
N LEU D 4 30.12 3.01 -24.60
CA LEU D 4 28.95 2.49 -25.32
C LEU D 4 28.26 1.36 -24.58
N ASP D 5 28.91 0.80 -23.55
CA ASP D 5 28.23 -0.03 -22.57
C ASP D 5 27.66 -1.31 -23.19
N VAL D 6 28.56 -2.16 -23.69
CA VAL D 6 28.14 -3.41 -24.33
C VAL D 6 28.76 -4.58 -23.58
N ASN D 7 28.07 -5.04 -22.53
CA ASN D 7 28.18 -6.41 -22.03
C ASN D 7 29.48 -6.73 -21.28
N PHE D 8 30.43 -5.80 -21.21
CA PHE D 8 31.74 -6.11 -20.65
C PHE D 8 32.08 -5.09 -19.59
N PHE D 9 32.01 -5.51 -18.33
CA PHE D 9 32.10 -4.59 -17.20
C PHE D 9 32.89 -5.29 -16.10
N ASP D 10 34.20 -5.08 -16.10
CA ASP D 10 35.02 -5.73 -15.07
C ASP D 10 34.98 -4.94 -13.77
N GLU D 11 35.37 -3.68 -13.81
CA GLU D 11 35.37 -2.84 -12.64
C GLU D 11 34.61 -1.56 -12.95
N LEU D 12 34.31 -0.82 -11.89
CA LEU D 12 33.61 0.45 -12.05
C LEU D 12 34.26 1.46 -11.11
N ARG D 13 35.24 2.19 -11.65
CA ARG D 13 35.95 3.18 -10.87
C ARG D 13 35.18 4.48 -10.86
N ILE D 14 35.19 5.14 -9.72
CA ILE D 14 34.64 6.46 -9.58
C ILE D 14 35.78 7.42 -9.26
N GLY D 15 35.55 8.71 -9.51
CA GLY D 15 36.54 9.70 -9.18
C GLY D 15 36.03 11.11 -9.35
N LEU D 16 36.77 12.09 -8.82
CA LEU D 16 36.39 13.47 -9.02
C LEU D 16 36.63 13.85 -10.48
N ALA D 17 35.65 14.51 -11.07
CA ALA D 17 35.70 14.87 -12.49
C ALA D 17 36.58 16.09 -12.66
N THR D 18 37.54 16.01 -13.58
CA THR D 18 38.32 17.19 -13.92
C THR D 18 37.49 18.13 -14.79
N ALA D 19 37.81 19.42 -14.68
CA ALA D 19 37.17 20.39 -15.56
C ALA D 19 37.42 20.05 -17.01
N GLU D 20 38.59 19.51 -17.32
CA GLU D 20 38.86 19.07 -18.68
C GLU D 20 37.91 17.98 -19.10
N ASP D 21 37.82 16.90 -18.32
CA ASP D 21 36.88 15.83 -18.60
C ASP D 21 35.47 16.35 -18.77
N ILE D 22 35.11 17.35 -17.98
CA ILE D 22 33.82 18.01 -18.18
C ILE D 22 33.74 18.59 -19.58
N ARG D 23 34.60 19.56 -19.85
CA ARG D 23 34.70 20.18 -21.16
C ARG D 23 35.12 19.19 -22.22
N GLN D 24 35.77 18.11 -21.83
CA GLN D 24 35.99 17.02 -22.74
C GLN D 24 34.68 16.32 -23.11
N TRP D 25 33.70 16.36 -22.21
CA TRP D 25 32.46 15.63 -22.46
C TRP D 25 31.52 16.39 -23.37
N SER D 26 31.14 17.60 -22.97
CA SER D 26 30.05 18.31 -23.63
C SER D 26 30.41 18.58 -25.08
N TYR D 27 29.37 18.73 -25.89
CA TYR D 27 29.54 18.98 -27.31
C TYR D 27 29.36 20.45 -27.62
N GLY D 28 29.31 21.30 -26.59
CA GLY D 28 29.05 22.70 -26.78
C GLY D 28 28.60 23.35 -25.49
N GLU D 29 28.79 24.65 -25.38
CA GLU D 29 28.40 25.37 -24.18
C GLU D 29 27.18 26.22 -24.47
N VAL D 30 26.07 25.89 -23.83
CA VAL D 30 24.87 26.71 -23.91
C VAL D 30 25.21 28.12 -23.44
N LYS D 31 24.63 29.12 -24.10
CA LYS D 31 24.87 30.49 -23.68
C LYS D 31 23.62 31.35 -23.82
N LYS D 32 22.44 30.77 -23.66
CA LYS D 32 21.24 31.57 -23.66
C LYS D 32 20.26 30.87 -22.73
N PRO D 33 19.73 31.56 -21.75
CA PRO D 33 18.78 30.91 -20.84
C PRO D 33 17.42 30.75 -21.49
N GLU D 34 17.39 30.08 -22.63
CA GLU D 34 16.18 29.97 -23.44
C GLU D 34 15.84 28.51 -23.67
N THR D 35 14.55 28.25 -23.87
CA THR D 35 14.05 26.90 -24.01
C THR D 35 13.46 26.63 -25.38
N ILE D 36 12.45 27.40 -25.77
CA ILE D 36 11.62 27.05 -26.92
C ILE D 36 10.78 28.24 -27.30
N ASN D 37 10.45 28.35 -28.58
CA ASN D 37 9.58 29.44 -29.01
C ASN D 37 8.19 29.26 -28.43
N TYR D 38 7.62 30.37 -27.97
CA TYR D 38 6.22 30.37 -27.56
C TYR D 38 5.32 30.05 -28.74
N ARG D 39 5.78 30.35 -29.95
CA ARG D 39 4.87 30.38 -31.08
C ARG D 39 5.16 29.28 -32.08
N THR D 40 6.38 29.21 -32.60
CA THR D 40 6.72 28.05 -33.41
C THR D 40 6.94 26.82 -32.57
N LEU D 41 7.17 26.99 -31.27
CA LEU D 41 7.26 25.87 -30.34
C LEU D 41 8.46 25.00 -30.66
N LYS D 42 9.60 25.64 -30.85
CA LYS D 42 10.77 24.85 -31.15
C LYS D 42 11.97 25.31 -30.33
N PRO D 43 12.99 24.49 -30.23
CA PRO D 43 14.14 24.83 -29.38
C PRO D 43 14.86 26.07 -29.89
N GLU D 44 15.77 26.57 -29.09
CA GLU D 44 16.47 27.78 -29.45
C GLU D 44 17.97 27.54 -29.52
N LYS D 45 18.63 28.30 -30.38
CA LYS D 45 20.08 28.28 -30.41
C LYS D 45 20.62 28.81 -29.10
N ASP D 46 21.63 28.12 -28.57
CA ASP D 46 22.26 28.49 -27.30
C ASP D 46 21.28 28.39 -26.13
N GLY D 47 20.16 27.70 -26.35
CA GLY D 47 19.19 27.44 -25.31
C GLY D 47 19.34 26.04 -24.77
N LEU D 48 18.50 25.72 -23.80
CA LEU D 48 18.65 24.45 -23.09
C LEU D 48 17.99 23.31 -23.85
N PHE D 49 17.77 23.50 -25.15
CA PHE D 49 17.34 22.40 -25.99
C PHE D 49 18.02 22.45 -27.36
N CYS D 50 19.06 23.25 -27.53
CA CYS D 50 19.69 23.43 -28.82
C CYS D 50 20.21 22.12 -29.37
N GLU D 51 19.57 21.64 -30.44
CA GLU D 51 19.95 20.34 -30.99
C GLU D 51 21.37 20.37 -31.51
N LYS D 52 21.89 21.56 -31.83
CA LYS D 52 23.28 21.67 -32.25
C LYS D 52 24.22 21.07 -31.22
N ILE D 53 23.90 21.23 -29.95
CA ILE D 53 24.68 20.56 -28.91
C ILE D 53 24.05 19.21 -28.67
N PHE D 54 22.74 19.21 -28.46
CA PHE D 54 22.07 18.02 -27.97
C PHE D 54 21.87 17.00 -29.07
N GLY D 55 21.48 17.44 -30.25
CA GLY D 55 21.16 16.52 -31.30
C GLY D 55 19.71 16.63 -31.69
N PRO D 56 19.38 16.10 -32.84
CA PRO D 56 18.02 16.26 -33.36
C PRO D 56 16.98 15.53 -32.55
N THR D 57 15.85 16.20 -32.31
CA THR D 57 14.70 15.53 -31.75
C THR D 57 13.90 14.80 -32.81
N ARG D 58 14.42 14.69 -34.03
CA ARG D 58 13.68 14.14 -35.15
C ARG D 58 14.63 13.30 -35.98
N ASP D 59 14.27 12.05 -36.21
CA ASP D 59 15.20 11.08 -36.76
C ASP D 59 15.68 11.49 -38.14
N TRP D 60 16.96 11.88 -38.20
CA TRP D 60 17.60 12.26 -39.45
C TRP D 60 16.86 13.40 -40.12
N GLU D 61 16.83 14.54 -39.44
CA GLU D 61 16.14 15.72 -39.92
C GLU D 61 16.89 16.95 -39.48
N CYS D 62 17.62 17.58 -40.40
CA CYS D 62 18.37 18.78 -40.03
C CYS D 62 17.39 19.90 -39.71
N TYR D 63 17.88 20.87 -38.93
CA TYR D 63 17.01 21.92 -38.40
C TYR D 63 16.34 22.71 -39.51
N CYS D 64 17.12 23.19 -40.47
CA CYS D 64 16.52 23.83 -41.63
C CYS D 64 15.68 22.85 -42.44
N GLY D 65 15.89 21.56 -42.27
CA GLY D 65 15.19 20.58 -43.06
C GLY D 65 15.83 20.26 -44.39
N LYS D 66 17.09 20.63 -44.60
CA LYS D 66 17.75 20.36 -45.86
C LYS D 66 17.93 18.88 -46.13
N TYR D 67 17.77 18.01 -45.13
CA TYR D 67 17.87 16.57 -45.37
C TYR D 67 16.94 15.85 -44.42
N LYS D 68 16.34 14.77 -44.89
CA LYS D 68 15.55 13.91 -44.02
C LYS D 68 15.72 12.44 -44.37
N ARG D 69 16.88 12.02 -44.84
CA ARG D 69 17.08 10.63 -45.20
C ARG D 69 18.23 10.06 -44.39
N VAL D 70 18.03 8.85 -43.90
CA VAL D 70 19.01 8.24 -43.00
C VAL D 70 20.32 8.00 -43.74
N ARG D 71 20.27 7.91 -45.07
CA ARG D 71 21.48 7.92 -45.87
C ARG D 71 22.32 9.15 -45.59
N PHE D 72 21.69 10.25 -45.21
CA PHE D 72 22.41 11.40 -44.67
C PHE D 72 22.56 11.13 -43.19
N LYS D 73 23.81 11.16 -42.74
CA LYS D 73 24.19 10.97 -41.35
C LYS D 73 25.69 11.08 -41.27
N GLY D 74 26.22 11.23 -40.06
CA GLY D 74 27.64 11.49 -39.92
C GLY D 74 28.00 12.79 -40.60
N ILE D 75 27.04 13.70 -40.65
CA ILE D 75 27.12 14.91 -41.43
C ILE D 75 26.21 15.94 -40.79
N ILE D 76 26.36 17.19 -41.22
CA ILE D 76 25.62 18.30 -40.63
C ILE D 76 25.34 19.32 -41.70
N CYS D 77 24.07 19.67 -41.87
CA CYS D 77 23.73 20.88 -42.59
C CYS D 77 24.35 22.09 -41.92
N GLU D 78 25.31 22.69 -42.61
CA GLU D 78 25.95 23.92 -42.19
C GLU D 78 24.92 25.01 -41.94
N ARG D 79 23.82 24.99 -42.67
CA ARG D 79 22.76 25.94 -42.42
C ARG D 79 21.99 25.59 -41.16
N CYS D 80 21.54 24.34 -41.04
CA CYS D 80 20.90 23.95 -39.80
C CYS D 80 21.90 23.93 -38.67
N GLY D 81 23.08 23.37 -38.93
CA GLY D 81 24.12 23.27 -37.93
C GLY D 81 23.95 22.14 -36.94
N VAL D 82 23.23 21.09 -37.31
CA VAL D 82 23.02 19.94 -36.44
C VAL D 82 23.19 18.68 -37.28
N GLU D 83 23.59 17.59 -36.64
CA GLU D 83 23.89 16.36 -37.36
C GLU D 83 22.64 15.52 -37.55
N VAL D 84 22.34 15.23 -38.81
CA VAL D 84 21.33 14.23 -39.17
C VAL D 84 21.71 12.90 -38.55
N THR D 85 20.82 12.34 -37.74
CA THR D 85 21.11 11.09 -37.07
C THR D 85 19.84 10.55 -36.42
N ARG D 86 20.03 9.54 -35.59
CA ARG D 86 18.98 9.08 -34.68
C ARG D 86 18.61 10.21 -33.73
N ALA D 87 17.45 10.13 -33.11
CA ALA D 87 16.94 11.20 -32.27
C ALA D 87 16.92 10.83 -30.79
N LYS D 88 17.95 10.14 -30.32
CA LYS D 88 18.00 9.76 -28.91
C LYS D 88 19.35 10.04 -28.27
N VAL D 89 20.31 10.60 -29.01
CA VAL D 89 21.55 11.01 -28.38
C VAL D 89 21.29 12.08 -27.35
N ARG D 90 20.23 12.85 -27.53
CA ARG D 90 19.75 13.84 -26.57
C ARG D 90 19.56 13.26 -25.24
N ARG D 91 19.14 12.00 -25.23
CA ARG D 91 19.16 11.19 -24.03
C ARG D 91 20.57 11.00 -23.47
N GLU D 92 21.61 11.22 -24.27
CA GLU D 92 22.96 10.90 -23.87
C GLU D 92 23.83 12.13 -23.66
N ARG D 93 23.88 13.02 -24.63
CA ARG D 93 24.87 14.08 -24.65
C ARG D 93 24.70 15.03 -23.46
N MET D 94 25.81 15.61 -23.06
CA MET D 94 25.85 16.53 -21.93
C MET D 94 26.31 17.89 -22.41
N GLY D 95 25.77 18.93 -21.78
CA GLY D 95 26.19 20.28 -22.07
C GLY D 95 26.97 20.84 -20.90
N HIS D 96 27.86 21.76 -21.20
CA HIS D 96 28.72 22.33 -20.19
C HIS D 96 28.54 23.84 -20.16
N ILE D 97 29.11 24.44 -19.12
CA ILE D 97 29.00 25.87 -18.90
C ILE D 97 30.29 26.36 -18.30
N GLU D 98 30.93 27.32 -18.96
CA GLU D 98 32.12 28.00 -18.46
C GLU D 98 31.67 29.20 -17.64
N LEU D 99 32.15 29.27 -16.41
CA LEU D 99 31.72 30.35 -15.54
C LEU D 99 32.57 31.58 -15.74
N ALA D 100 32.08 32.71 -15.23
CA ALA D 100 32.89 33.91 -15.23
C ALA D 100 33.98 33.85 -14.16
N ALA D 101 33.72 33.12 -13.07
CA ALA D 101 34.68 32.96 -12.01
C ALA D 101 34.52 31.55 -11.47
N PRO D 102 35.55 30.99 -10.87
CA PRO D 102 35.47 29.62 -10.37
C PRO D 102 34.45 29.45 -9.26
N VAL D 103 34.26 28.22 -8.81
CA VAL D 103 33.23 27.88 -7.84
C VAL D 103 33.73 26.72 -6.99
N THR D 104 33.27 26.67 -5.76
CA THR D 104 33.63 25.62 -4.82
C THR D 104 32.50 24.61 -4.78
N HIS D 105 32.82 23.34 -4.86
CA HIS D 105 31.79 22.32 -4.73
C HIS D 105 31.22 22.32 -3.33
N ILE D 106 29.91 22.14 -3.24
CA ILE D 106 29.22 22.30 -1.97
C ILE D 106 29.67 21.26 -0.95
N TRP D 107 29.66 19.98 -1.34
CA TRP D 107 29.83 18.91 -0.38
C TRP D 107 31.17 18.98 0.30
N TYR D 108 32.22 19.29 -0.45
CA TYR D 108 33.54 19.48 0.14
C TYR D 108 33.55 20.63 1.12
N PHE D 109 32.64 21.56 0.96
CA PHE D 109 32.49 22.68 1.86
C PHE D 109 31.40 22.45 2.89
N LYS D 110 30.17 22.25 2.46
CA LYS D 110 29.03 22.18 3.37
C LYS D 110 28.96 20.82 4.04
N GLY D 111 29.87 19.93 3.68
CA GLY D 111 29.90 18.59 4.19
C GLY D 111 30.21 18.54 5.66
N VAL D 112 30.15 17.34 6.22
CA VAL D 112 30.29 17.14 7.65
C VAL D 112 31.05 15.83 7.87
N PRO D 113 32.36 15.91 8.11
CA PRO D 113 33.05 17.19 8.19
C PRO D 113 33.30 17.83 6.82
N SER D 114 33.80 19.06 6.84
CA SER D 114 34.15 19.78 5.62
C SER D 114 35.48 19.24 5.12
N ARG D 115 35.46 18.60 3.97
CA ARG D 115 36.71 18.07 3.43
C ARG D 115 37.63 19.21 3.06
N LEU D 116 37.09 20.25 2.46
CA LEU D 116 37.84 21.48 2.22
C LEU D 116 38.42 22.01 3.51
N GLY D 117 37.57 22.11 4.53
CA GLY D 117 38.00 22.70 5.79
C GLY D 117 39.13 21.93 6.42
N TYR D 118 39.06 20.61 6.36
CA TYR D 118 40.17 19.83 6.89
C TYR D 118 41.42 19.99 6.04
N LEU D 119 41.27 19.87 4.72
CA LEU D 119 42.44 19.90 3.86
C LEU D 119 43.20 21.20 4.00
N LEU D 120 42.50 22.31 4.01
CA LEU D 120 43.18 23.56 4.27
C LEU D 120 43.47 23.75 5.75
N ASP D 121 42.84 22.96 6.61
CA ASP D 121 43.01 23.10 8.04
C ASP D 121 42.56 24.48 8.50
N LEU D 122 41.29 24.78 8.25
CA LEU D 122 40.67 26.01 8.72
C LEU D 122 39.29 25.73 9.30
N ALA D 123 38.81 26.70 10.09
CA ALA D 123 37.48 26.59 10.67
C ALA D 123 36.43 26.76 9.60
N PRO D 124 35.52 25.81 9.46
CA PRO D 124 34.54 25.86 8.35
C PRO D 124 33.69 27.10 8.41
N LYS D 125 33.31 27.50 9.62
CA LYS D 125 32.61 28.75 9.84
C LYS D 125 33.36 29.93 9.26
N ASP D 126 34.69 29.90 9.33
CA ASP D 126 35.49 30.94 8.73
C ASP D 126 35.57 30.80 7.22
N LEU D 127 35.73 29.56 6.74
CA LEU D 127 35.78 29.29 5.31
C LEU D 127 34.55 29.81 4.59
N GLU D 128 33.39 29.66 5.22
CA GLU D 128 32.16 30.20 4.66
C GLU D 128 32.29 31.69 4.39
N LYS D 129 32.72 32.43 5.41
CA LYS D 129 32.87 33.87 5.29
C LYS D 129 33.84 34.23 4.19
N ILE D 130 34.86 33.41 4.00
CA ILE D 130 35.78 33.61 2.88
C ILE D 130 35.03 33.47 1.57
N ILE D 131 34.46 32.29 1.34
CA ILE D 131 33.87 31.99 0.05
C ILE D 131 32.64 32.85 -0.18
N TYR D 132 31.87 33.11 0.86
CA TYR D 132 30.69 33.95 0.73
C TYR D 132 31.02 35.41 0.83
N PHE D 133 32.28 35.78 0.65
CA PHE D 133 32.68 37.15 0.52
C PHE D 133 32.41 37.93 1.80
N ALA D 134 32.50 37.22 2.92
CA ALA D 134 32.35 37.84 4.21
C ALA D 134 33.67 38.23 4.85
N ALA D 135 34.78 37.65 4.41
CA ALA D 135 36.05 37.93 5.06
C ALA D 135 37.22 37.75 4.11
N TYR D 136 38.13 38.73 4.12
CA TYR D 136 39.40 38.62 3.40
C TYR D 136 40.33 37.67 4.12
N VAL D 137 41.35 37.19 3.42
CA VAL D 137 42.32 36.26 4.00
C VAL D 137 43.57 36.28 3.15
N ILE D 138 44.71 36.08 3.78
CA ILE D 138 45.99 36.11 3.07
C ILE D 138 46.04 34.93 2.12
N THR D 139 46.00 35.19 0.82
CA THR D 139 46.27 34.11 -0.10
C THR D 139 47.76 33.91 -0.29
N SER D 140 48.56 34.93 -0.01
CA SER D 140 50.00 34.73 0.16
C SER D 140 50.62 36.04 0.61
N VAL D 141 51.94 36.00 0.77
CA VAL D 141 52.69 37.08 1.39
C VAL D 141 54.13 37.00 0.93
N ASP D 142 54.81 38.14 0.89
CA ASP D 142 56.19 38.20 0.42
C ASP D 142 57.12 38.26 1.62
N GLU D 143 57.34 37.11 2.27
CA GLU D 143 57.97 37.12 3.57
C GLU D 143 59.44 37.48 3.51
N GLU D 144 60.10 37.23 2.39
CA GLU D 144 61.48 37.68 2.23
C GLU D 144 61.55 39.20 2.27
N MET D 145 60.55 39.87 1.73
CA MET D 145 60.56 41.33 1.68
C MET D 145 60.36 41.92 3.06
N ARG D 146 59.34 41.46 3.77
CA ARG D 146 59.21 41.86 5.16
C ARG D 146 60.39 41.41 5.98
N HIS D 147 61.06 40.33 5.56
CA HIS D 147 62.23 39.86 6.26
C HIS D 147 63.36 40.87 6.19
N ASN D 148 63.72 41.27 4.98
CA ASN D 148 64.92 42.08 4.77
C ASN D 148 64.64 43.57 4.83
N GLU D 149 63.64 44.05 4.08
CA GLU D 149 63.40 45.48 4.00
C GLU D 149 62.77 46.05 5.26
N LEU D 150 62.45 45.20 6.24
CA LEU D 150 61.70 45.64 7.41
C LEU D 150 62.39 46.77 8.16
N SER D 151 63.71 46.89 8.03
CA SER D 151 64.44 47.99 8.63
C SER D 151 63.85 49.32 8.19
N THR D 152 63.93 49.62 6.89
CA THR D 152 63.36 50.85 6.39
C THR D 152 61.85 50.85 6.52
N LEU D 153 61.23 49.67 6.49
CA LEU D 153 59.78 49.61 6.62
C LEU D 153 59.33 50.17 7.97
N GLU D 154 59.84 49.61 9.05
CA GLU D 154 59.59 50.14 10.37
C GLU D 154 60.13 51.55 10.51
N ALA D 155 61.18 51.90 9.77
CA ALA D 155 61.70 53.25 9.83
C ALA D 155 60.66 54.25 9.36
N GLU D 156 60.01 53.94 8.25
CA GLU D 156 58.97 54.83 7.73
C GLU D 156 57.71 54.72 8.58
N MET D 157 57.44 53.55 9.16
CA MET D 157 56.36 53.46 10.13
C MET D 157 56.60 54.40 11.31
N ALA D 158 57.85 54.49 11.76
CA ALA D 158 58.19 55.38 12.86
C ALA D 158 58.13 56.83 12.43
N VAL D 159 58.57 57.13 11.21
CA VAL D 159 58.42 58.49 10.68
C VAL D 159 56.96 58.86 10.64
N GLU D 160 56.11 57.92 10.23
CA GLU D 160 54.67 58.09 10.28
C GLU D 160 54.21 58.45 11.68
N ARG D 161 54.53 57.61 12.65
CA ARG D 161 54.06 57.83 14.02
C ARG D 161 54.62 59.12 14.59
N LYS D 162 55.82 59.52 14.15
CA LYS D 162 56.40 60.76 14.62
C LYS D 162 55.66 61.97 14.07
N ALA D 163 55.32 61.93 12.77
CA ALA D 163 54.45 62.96 12.23
C ALA D 163 53.11 62.96 12.96
N VAL D 164 52.62 61.78 13.31
CA VAL D 164 51.38 61.65 14.05
C VAL D 164 51.50 62.37 15.39
N GLU D 165 52.63 62.20 16.06
CA GLU D 165 52.79 62.79 17.38
C GLU D 165 53.02 64.30 17.29
N ASP D 166 53.67 64.76 16.23
CA ASP D 166 53.76 66.21 16.02
C ASP D 166 52.38 66.78 15.77
N GLN D 167 51.56 66.06 15.04
CA GLN D 167 50.16 66.45 14.90
C GLN D 167 49.46 66.49 16.25
N ARG D 168 49.69 65.45 17.06
CA ARG D 168 49.08 65.35 18.38
C ARG D 168 49.43 66.54 19.24
N ASP D 169 50.72 66.72 19.52
CA ASP D 169 51.13 67.80 20.41
C ASP D 169 50.93 69.17 19.79
N GLY D 170 50.83 69.27 18.46
CA GLY D 170 50.43 70.52 17.86
C GLY D 170 49.00 70.87 18.23
N GLU D 171 48.09 69.90 18.09
CA GLU D 171 46.72 70.13 18.54
C GLU D 171 46.67 70.41 20.03
N LEU D 172 47.44 69.65 20.81
CA LEU D 172 47.40 69.80 22.26
C LEU D 172 47.88 71.18 22.68
N GLU D 173 48.92 71.69 22.03
CA GLU D 173 49.38 73.04 22.33
C GLU D 173 48.42 74.09 21.81
N ALA D 174 47.76 73.82 20.68
CA ALA D 174 46.70 74.70 20.23
C ALA D 174 45.63 74.83 21.29
N ARG D 175 45.23 73.70 21.86
CA ARG D 175 44.23 73.69 22.92
C ARG D 175 44.75 74.35 24.19
N ALA D 176 46.03 74.17 24.49
CA ALA D 176 46.63 74.82 25.64
C ALA D 176 46.59 76.33 25.48
N GLN D 177 47.02 76.84 24.33
CA GLN D 177 46.93 78.26 24.05
C GLN D 177 45.50 78.76 24.06
N LYS D 178 44.57 77.94 23.57
CA LYS D 178 43.16 78.31 23.62
C LYS D 178 42.70 78.53 25.05
N LEU D 179 43.01 77.59 25.94
CA LEU D 179 42.62 77.78 27.33
C LEU D 179 43.41 78.89 27.99
N GLU D 180 44.61 79.19 27.48
CA GLU D 180 45.35 80.33 27.96
C GLU D 180 44.60 81.62 27.68
N ALA D 181 44.12 81.78 26.45
CA ALA D 181 43.27 82.92 26.14
C ALA D 181 41.98 82.89 26.93
N ASP D 182 41.44 81.70 27.19
CA ASP D 182 40.25 81.56 28.01
C ASP D 182 40.48 82.14 29.39
N LEU D 183 41.61 81.79 30.00
CA LEU D 183 41.96 82.31 31.32
C LEU D 183 42.21 83.80 31.27
N ALA D 184 42.99 84.26 30.28
CA ALA D 184 43.30 85.68 30.14
C ALA D 184 42.05 86.52 29.89
N GLU D 185 40.96 85.91 29.42
CA GLU D 185 39.71 86.64 29.23
C GLU D 185 38.76 86.50 30.40
N LEU D 186 38.76 85.37 31.10
CA LEU D 186 37.83 85.18 32.19
C LEU D 186 38.34 85.79 33.50
N GLU D 187 39.65 85.75 33.72
CA GLU D 187 40.24 86.09 35.00
C GLU D 187 40.33 87.60 35.24
N ALA D 188 40.82 88.36 34.27
CA ALA D 188 40.99 89.79 34.45
C ALA D 188 39.67 90.52 34.64
N GLU D 189 38.57 89.92 34.20
CA GLU D 189 37.25 90.46 34.42
C GLU D 189 36.58 89.68 35.54
N GLY D 190 35.63 90.33 36.22
CA GLY D 190 34.95 89.70 37.33
C GLY D 190 34.14 88.53 36.82
N ALA D 191 34.66 87.32 37.04
CA ALA D 191 33.98 86.11 36.61
C ALA D 191 34.09 85.11 37.74
N LYS D 192 33.00 84.38 37.97
CA LYS D 192 32.95 83.44 39.09
C LYS D 192 33.99 82.34 38.90
N ALA D 193 34.60 81.92 40.02
CA ALA D 193 35.57 80.85 39.97
C ALA D 193 35.00 79.58 39.37
N ASP D 194 33.75 79.25 39.73
CA ASP D 194 33.12 78.07 39.15
C ASP D 194 32.93 78.23 37.64
N ALA D 195 32.61 79.45 37.18
CA ALA D 195 32.41 79.67 35.74
C ALA D 195 33.73 79.62 34.97
N ARG D 196 34.74 80.35 35.45
CA ARG D 196 36.03 80.34 34.78
C ARG D 196 36.63 78.94 34.81
N ARG D 197 36.37 78.19 35.87
CA ARG D 197 36.87 76.82 35.92
C ARG D 197 36.04 75.89 35.04
N LYS D 198 34.77 76.21 34.80
CA LYS D 198 34.04 75.48 33.77
C LYS D 198 34.65 75.74 32.39
N VAL D 199 35.08 76.97 32.14
CA VAL D 199 35.80 77.29 30.91
C VAL D 199 37.05 76.44 30.80
N ARG D 200 37.82 76.39 31.90
CA ARG D 200 39.03 75.57 31.93
C ARG D 200 38.71 74.10 31.73
N ASP D 201 37.59 73.64 32.29
CA ASP D 201 37.19 72.25 32.14
C ASP D 201 36.86 71.92 30.69
N GLY D 202 36.12 72.78 30.00
CA GLY D 202 35.84 72.55 28.60
C GLY D 202 37.11 72.54 27.76
N GLY D 203 38.02 73.47 28.05
CA GLY D 203 39.30 73.47 27.38
C GLY D 203 40.05 72.17 27.57
N GLU D 204 40.09 71.68 28.81
CA GLU D 204 40.82 70.43 29.06
C GLU D 204 40.09 69.23 28.49
N ARG D 205 38.76 69.30 28.39
CA ARG D 205 38.02 68.24 27.71
C ARG D 205 38.41 68.17 26.25
N GLU D 206 38.59 69.33 25.61
CA GLU D 206 39.01 69.33 24.21
C GLU D 206 40.47 68.90 24.06
N MET D 207 41.33 69.31 24.98
CA MET D 207 42.70 68.82 25.00
C MET D 207 42.75 67.30 25.11
N ARG D 208 41.96 66.73 26.02
CA ARG D 208 41.96 65.28 26.18
C ARG D 208 41.32 64.60 24.97
N GLN D 209 40.33 65.25 24.36
CA GLN D 209 39.85 64.79 23.07
C GLN D 209 40.99 64.69 22.06
N ILE D 210 41.82 65.74 22.00
CA ILE D 210 42.96 65.77 21.08
C ILE D 210 43.88 64.59 21.33
N ARG D 211 44.31 64.46 22.58
CA ARG D 211 45.25 63.40 22.94
C ARG D 211 44.65 62.03 22.66
N ASP D 212 43.34 61.86 22.84
CA ASP D 212 42.73 60.56 22.56
C ASP D 212 42.64 60.31 21.06
N ARG D 213 42.38 61.36 20.28
CA ARG D 213 42.41 61.23 18.83
C ARG D 213 43.74 60.68 18.37
N ALA D 214 44.83 61.36 18.77
CA ALA D 214 46.15 60.92 18.35
C ALA D 214 46.51 59.57 18.96
N GLN D 215 46.03 59.31 20.18
CA GLN D 215 46.23 58.02 20.80
C GLN D 215 45.66 56.92 19.93
N ARG D 216 44.37 57.02 19.61
CA ARG D 216 43.72 55.97 18.84
C ARG D 216 44.31 55.87 17.44
N GLU D 217 44.73 56.98 16.86
CA GLU D 217 45.32 56.91 15.52
C GLU D 217 46.63 56.13 15.56
N LEU D 218 47.52 56.45 16.49
CA LEU D 218 48.75 55.69 16.61
C LEU D 218 48.47 54.25 17.02
N ASP D 219 47.39 54.04 17.77
CA ASP D 219 47.00 52.68 18.15
C ASP D 219 46.66 51.87 16.92
N ARG D 220 45.82 52.41 16.07
CA ARG D 220 45.46 51.72 14.83
C ARG D 220 46.67 51.57 13.93
N LEU D 221 47.60 52.53 14.00
CA LEU D 221 48.81 52.44 13.19
C LEU D 221 49.66 51.26 13.61
N GLU D 222 49.97 51.15 14.90
CA GLU D 222 50.70 49.96 15.34
C GLU D 222 49.85 48.71 15.22
N ASP D 223 48.53 48.87 15.18
CA ASP D 223 47.64 47.76 14.88
C ASP D 223 47.97 47.17 13.52
N ILE D 224 47.87 48.00 12.48
CA ILE D 224 48.18 47.53 11.15
C ILE D 224 49.63 47.11 11.06
N TRP D 225 50.51 47.76 11.82
CA TRP D 225 51.91 47.40 11.78
C TRP D 225 52.13 45.99 12.31
N SER D 226 51.65 45.72 13.52
CA SER D 226 51.71 44.40 14.10
C SER D 226 51.03 43.38 13.21
N THR D 227 49.95 43.76 12.56
CA THR D 227 49.27 42.85 11.66
C THR D 227 50.19 42.47 10.50
N PHE D 228 50.79 43.47 9.88
CA PHE D 228 51.84 43.24 8.90
C PHE D 228 52.93 42.32 9.43
N THR D 229 53.33 42.55 10.67
CA THR D 229 54.45 41.79 11.23
C THR D 229 54.08 40.32 11.41
N LYS D 230 52.91 40.07 11.97
CA LYS D 230 52.41 38.71 12.15
C LYS D 230 51.80 38.15 10.89
N LEU D 231 51.87 38.89 9.79
CA LEU D 231 51.24 38.47 8.56
C LEU D 231 51.81 37.14 8.08
N ALA D 232 50.97 36.35 7.43
CA ALA D 232 51.30 35.01 6.99
C ALA D 232 50.14 34.43 6.20
N PRO D 233 50.39 33.42 5.37
CA PRO D 233 49.29 32.83 4.58
C PRO D 233 48.21 32.24 5.46
N LYS D 234 47.02 32.10 4.90
CA LYS D 234 45.82 31.63 5.57
C LYS D 234 45.29 32.61 6.61
N GLN D 235 45.96 33.72 6.84
CA GLN D 235 45.46 34.66 7.84
C GLN D 235 44.22 35.35 7.32
N LEU D 236 43.11 35.13 8.03
CA LEU D 236 41.81 35.65 7.62
C LEU D 236 41.75 37.12 7.99
N ILE D 237 41.51 37.96 6.99
CA ILE D 237 41.35 39.40 7.21
C ILE D 237 39.86 39.61 7.48
N VAL D 238 39.51 39.54 8.75
CA VAL D 238 38.12 39.75 9.13
C VAL D 238 37.79 41.24 9.05
N ASP D 239 36.59 41.52 8.56
CA ASP D 239 36.00 42.85 8.60
C ASP D 239 36.63 43.79 7.57
N GLU D 240 37.70 43.34 6.92
CA GLU D 240 38.29 43.93 5.72
C GLU D 240 38.76 45.37 5.88
N ASN D 241 38.53 45.96 7.04
CA ASN D 241 38.80 47.39 7.16
C ASN D 241 40.30 47.60 7.12
N LEU D 242 41.01 46.83 7.93
CA LEU D 242 42.46 46.89 7.91
C LEU D 242 43.00 46.45 6.56
N TYR D 243 42.33 45.50 5.90
CA TYR D 243 42.75 45.11 4.56
C TYR D 243 42.75 46.29 3.61
N ARG D 244 41.58 46.92 3.46
CA ARG D 244 41.45 48.10 2.63
C ARG D 244 42.48 49.13 3.02
N GLU D 245 42.59 49.40 4.31
CA GLU D 245 43.48 50.44 4.81
C GLU D 245 44.93 50.06 4.57
N LEU D 246 45.21 48.79 4.40
CA LEU D 246 46.57 48.31 4.43
C LEU D 246 47.14 48.18 3.03
N VAL D 247 46.39 47.52 2.15
CA VAL D 247 46.94 47.00 0.90
C VAL D 247 47.65 48.09 0.12
N ASP D 248 47.12 49.30 0.20
CA ASP D 248 47.82 50.48 -0.31
C ASP D 248 49.24 50.56 0.26
N ARG D 249 49.40 50.24 1.54
CA ARG D 249 50.70 50.20 2.16
C ARG D 249 51.20 48.76 2.15
N TYR D 250 52.27 48.54 1.40
CA TYR D 250 52.93 47.26 1.23
C TYR D 250 52.20 46.33 0.27
N GLY D 251 51.42 46.87 -0.67
CA GLY D 251 50.74 46.00 -1.64
C GLY D 251 51.69 45.10 -2.40
N GLU D 252 52.95 45.49 -2.50
CA GLU D 252 53.98 44.68 -3.15
C GLU D 252 54.52 43.60 -2.25
N TYR D 253 53.79 43.20 -1.21
CA TYR D 253 54.35 42.40 -0.16
C TYR D 253 53.48 41.21 0.24
N PHE D 254 52.34 41.02 -0.41
CA PHE D 254 51.40 40.02 0.06
C PHE D 254 50.37 39.77 -1.02
N THR D 255 49.43 38.87 -0.72
CA THR D 255 48.26 38.66 -1.55
C THR D 255 47.12 38.26 -0.63
N GLY D 256 46.07 39.07 -0.62
CA GLY D 256 44.89 38.80 0.18
C GLY D 256 43.64 38.96 -0.65
N ALA D 257 42.86 37.90 -0.78
CA ALA D 257 41.76 37.83 -1.71
C ALA D 257 40.45 37.54 -0.99
N MET D 258 39.42 37.24 -1.77
CA MET D 258 38.13 36.85 -1.27
C MET D 258 37.43 36.02 -2.33
N GLY D 259 36.57 35.10 -1.89
CA GLY D 259 35.83 34.27 -2.79
C GLY D 259 36.56 32.99 -3.19
N ALA D 260 35.89 32.22 -4.04
CA ALA D 260 36.36 30.88 -4.37
C ALA D 260 37.69 30.90 -5.12
N GLU D 261 37.92 31.93 -5.92
CA GLU D 261 39.18 32.01 -6.66
C GLU D 261 40.36 32.10 -5.72
N SER D 262 40.18 32.79 -4.59
CA SER D 262 41.19 32.78 -3.54
C SER D 262 41.52 31.35 -3.13
N ILE D 263 40.48 30.56 -2.91
CA ILE D 263 40.67 29.19 -2.45
C ILE D 263 41.39 28.38 -3.51
N GLN D 264 40.99 28.61 -4.76
CA GLN D 264 41.70 28.07 -5.90
C GLN D 264 43.19 28.36 -5.80
N LYS D 265 43.52 29.64 -5.64
CA LYS D 265 44.90 30.07 -5.46
C LYS D 265 45.56 29.30 -4.34
N LEU D 266 44.85 29.10 -3.25
CA LEU D 266 45.40 28.41 -2.09
C LEU D 266 45.78 26.98 -2.44
N ILE D 267 44.84 26.29 -3.07
CA ILE D 267 45.07 24.93 -3.56
C ILE D 267 46.31 24.89 -4.42
N GLU D 268 46.40 25.85 -5.34
CA GLU D 268 47.58 26.03 -6.17
C GLU D 268 48.82 26.13 -5.32
N ASN D 269 48.78 26.95 -4.29
CA ASN D 269 49.94 27.26 -3.47
C ASN D 269 49.98 26.29 -2.29
N PHE D 270 49.87 25.02 -2.61
CA PHE D 270 49.90 24.02 -1.55
C PHE D 270 50.52 22.73 -2.07
N ASP D 271 51.34 22.12 -1.23
CA ASP D 271 51.79 20.75 -1.46
C ASP D 271 51.25 19.88 -0.35
N ILE D 272 50.78 18.69 -0.71
CA ILE D 272 50.32 17.74 0.29
C ILE D 272 51.50 16.98 0.89
N ASP D 273 52.69 17.13 0.31
CA ASP D 273 53.81 16.29 0.71
C ASP D 273 54.28 16.63 2.11
N ALA D 274 54.75 17.87 2.30
CA ALA D 274 55.23 18.28 3.61
C ALA D 274 54.11 18.23 4.63
N GLU D 275 52.89 18.53 4.21
CA GLU D 275 51.76 18.44 5.12
C GLU D 275 51.57 17.02 5.62
N ALA D 276 51.64 16.07 4.69
CA ALA D 276 51.55 14.67 5.05
C ALA D 276 52.65 14.29 6.02
N GLU D 277 53.89 14.69 5.73
CA GLU D 277 55.00 14.36 6.61
C GLU D 277 54.79 14.96 7.99
N SER D 278 54.28 16.18 8.03
CA SER D 278 53.98 16.85 9.29
C SER D 278 53.00 16.02 10.10
N LEU D 279 51.87 15.67 9.50
CA LEU D 279 50.88 14.89 10.25
C LEU D 279 51.41 13.52 10.60
N ARG D 280 52.29 12.96 9.77
CA ARG D 280 52.90 11.67 10.09
C ARG D 280 53.67 11.77 11.39
N ASP D 281 54.58 12.74 11.47
CA ASP D 281 55.34 12.87 12.71
C ASP D 281 54.45 13.33 13.86
N VAL D 282 53.36 14.02 13.54
CA VAL D 282 52.43 14.44 14.57
C VAL D 282 51.79 13.23 15.23
N ILE D 283 51.10 12.43 14.43
CA ILE D 283 50.52 11.19 14.93
C ILE D 283 51.59 10.29 15.52
N ARG D 284 52.83 10.41 15.03
CA ARG D 284 53.97 9.83 15.72
C ARG D 284 54.09 10.36 17.14
N ASN D 285 53.82 11.65 17.33
CA ASN D 285 54.20 12.31 18.57
C ASN D 285 53.10 13.15 19.18
N GLY D 286 52.18 13.69 18.39
CA GLY D 286 51.07 14.46 18.91
C GLY D 286 50.23 13.65 19.88
N LYS D 287 49.24 14.31 20.45
CA LYS D 287 48.56 13.70 21.58
C LYS D 287 47.06 13.97 21.55
N GLY D 288 46.29 12.90 21.62
CA GLY D 288 44.89 12.99 22.00
C GLY D 288 44.09 13.87 21.07
N GLN D 289 43.40 14.84 21.66
CA GLN D 289 42.59 15.80 20.91
C GLN D 289 43.41 16.41 19.78
N LYS D 290 44.60 16.90 20.11
CA LYS D 290 45.57 17.26 19.09
C LYS D 290 45.78 16.12 18.11
N LYS D 291 46.22 14.96 18.60
CA LYS D 291 46.55 13.89 17.68
C LYS D 291 45.30 13.30 17.04
N LEU D 292 44.16 13.39 17.71
CA LEU D 292 42.92 12.92 17.11
C LEU D 292 42.56 13.75 15.89
N ARG D 293 42.55 15.08 16.06
CA ARG D 293 42.33 15.98 14.95
C ARG D 293 43.37 15.73 13.86
N ALA D 294 44.62 15.48 14.26
CA ALA D 294 45.66 15.17 13.30
C ALA D 294 45.30 13.93 12.50
N LEU D 295 44.77 12.91 13.16
CA LEU D 295 44.34 11.70 12.47
C LEU D 295 43.26 12.02 11.47
N LYS D 296 42.27 12.80 11.89
CA LYS D 296 41.17 13.15 11.01
C LYS D 296 41.68 13.83 9.75
N ARG D 297 42.48 14.87 9.90
CA ARG D 297 43.01 15.58 8.75
C ARG D 297 43.90 14.67 7.91
N LEU D 298 44.75 13.90 8.57
CA LEU D 298 45.70 13.06 7.88
C LEU D 298 45.00 11.99 7.07
N LYS D 299 43.77 11.66 7.45
CA LYS D 299 42.93 10.81 6.62
C LYS D 299 42.85 11.34 5.21
N VAL D 300 42.28 12.53 5.04
CA VAL D 300 42.08 13.08 3.71
C VAL D 300 43.42 13.40 3.07
N VAL D 301 44.41 13.78 3.89
CA VAL D 301 45.74 14.09 3.36
C VAL D 301 46.31 12.86 2.65
N ALA D 302 46.34 11.74 3.37
CA ALA D 302 46.81 10.50 2.78
C ALA D 302 45.91 10.07 1.62
N ALA D 303 44.63 10.38 1.69
CA ALA D 303 43.73 10.03 0.59
C ALA D 303 44.19 10.67 -0.70
N PHE D 304 44.47 11.97 -0.67
CA PHE D 304 44.96 12.62 -1.87
C PHE D 304 46.37 12.17 -2.21
N GLN D 305 47.23 12.03 -1.21
CA GLN D 305 48.62 11.68 -1.45
C GLN D 305 48.74 10.33 -2.15
N GLN D 306 48.21 9.30 -1.51
CA GLN D 306 48.03 7.99 -2.12
C GLN D 306 47.44 8.11 -3.51
N SER D 307 46.34 8.84 -3.63
CA SER D 307 45.73 9.02 -4.93
C SER D 307 46.68 9.77 -5.86
N GLY D 308 46.50 9.52 -7.16
CA GLY D 308 47.15 10.31 -8.18
C GLY D 308 46.25 11.45 -8.58
N ASN D 309 45.23 11.68 -7.75
CA ASN D 309 44.23 12.69 -8.03
C ASN D 309 44.77 14.06 -7.67
N SER D 310 43.88 15.04 -7.64
CA SER D 310 44.30 16.37 -7.19
C SER D 310 43.13 17.05 -6.51
N PRO D 311 43.33 17.56 -5.30
CA PRO D 311 42.28 18.37 -4.66
C PRO D 311 41.97 19.64 -5.41
N MET D 312 42.83 20.05 -6.35
CA MET D 312 42.52 21.19 -7.19
C MET D 312 41.17 21.08 -7.88
N GLY D 313 40.75 19.87 -8.25
CA GLY D 313 39.46 19.73 -8.89
C GLY D 313 38.29 20.01 -7.97
N MET D 314 38.54 20.13 -6.67
CA MET D 314 37.45 20.33 -5.73
C MET D 314 36.72 21.64 -6.01
N VAL D 315 37.45 22.69 -6.31
CA VAL D 315 36.83 23.89 -6.85
C VAL D 315 36.26 23.55 -8.21
N LEU D 316 35.14 24.16 -8.54
CA LEU D 316 34.53 24.01 -9.86
C LEU D 316 34.63 25.32 -10.62
N ASP D 317 34.98 25.22 -11.90
CA ASP D 317 35.06 26.40 -12.76
C ASP D 317 34.16 26.30 -13.98
N ALA D 318 34.08 25.14 -14.61
CA ALA D 318 33.23 24.93 -15.78
C ALA D 318 32.14 23.95 -15.41
N VAL D 319 30.89 24.33 -15.63
CA VAL D 319 29.77 23.54 -15.13
C VAL D 319 29.21 22.62 -16.21
N PRO D 320 28.98 21.36 -15.88
CA PRO D 320 28.29 20.44 -16.78
C PRO D 320 26.79 20.68 -16.76
N VAL D 321 26.09 20.02 -17.68
CA VAL D 321 24.63 20.06 -17.73
C VAL D 321 24.12 18.69 -18.12
N ILE D 322 23.04 18.28 -17.47
CA ILE D 322 22.34 17.04 -17.79
C ILE D 322 21.84 17.11 -19.22
N PRO D 323 21.68 15.99 -19.90
CA PRO D 323 20.93 15.98 -21.15
C PRO D 323 19.54 16.54 -20.93
N PRO D 324 18.96 17.14 -21.96
CA PRO D 324 17.60 17.69 -21.78
C PRO D 324 16.54 16.62 -21.64
N GLU D 325 16.78 15.44 -22.21
CA GLU D 325 15.74 14.42 -22.20
C GLU D 325 15.39 13.99 -20.79
N LEU D 326 16.38 13.94 -19.91
CA LEU D 326 16.13 13.60 -18.52
C LEU D 326 15.47 14.74 -17.78
N ARG D 327 15.50 15.94 -18.36
CA ARG D 327 14.85 17.11 -17.80
C ARG D 327 13.81 17.62 -18.79
N PRO D 328 12.97 16.73 -19.32
CA PRO D 328 12.23 17.06 -20.53
C PRO D 328 11.19 18.15 -20.29
N MET D 329 11.01 18.96 -21.32
CA MET D 329 9.93 19.92 -21.41
C MET D 329 8.83 19.27 -22.24
N VAL D 330 8.22 18.25 -21.67
CA VAL D 330 7.27 17.46 -22.43
C VAL D 330 5.94 18.18 -22.46
N GLN D 331 5.09 17.77 -23.40
CA GLN D 331 3.88 18.48 -23.72
C GLN D 331 2.67 17.64 -23.36
N LEU D 332 1.62 18.28 -22.88
CA LEU D 332 0.33 17.62 -22.85
C LEU D 332 -0.55 18.17 -23.97
N ASP D 333 -1.78 17.68 -24.02
CA ASP D 333 -2.71 18.07 -25.06
C ASP D 333 -3.21 19.49 -24.86
N GLY D 334 -2.72 20.41 -25.70
CA GLY D 334 -3.29 21.72 -25.83
C GLY D 334 -2.32 22.87 -25.97
N GLY D 335 -1.08 22.73 -25.49
CA GLY D 335 -0.11 23.79 -25.59
C GLY D 335 0.60 24.15 -24.30
N ARG D 336 0.02 23.83 -23.15
CA ARG D 336 0.69 24.11 -21.89
C ARG D 336 1.40 22.87 -21.38
N PHE D 337 2.70 22.84 -21.54
CA PHE D 337 3.44 21.59 -21.54
C PHE D 337 3.98 21.30 -20.14
N ALA D 338 4.90 20.34 -20.06
CA ALA D 338 5.39 19.84 -18.78
C ALA D 338 6.89 20.07 -18.68
N THR D 339 7.39 20.21 -17.47
CA THR D 339 8.79 20.52 -17.22
C THR D 339 9.37 19.62 -16.13
N SER D 340 10.61 19.90 -15.71
CA SER D 340 11.41 18.91 -14.99
C SER D 340 12.27 19.47 -13.85
N ASP D 341 11.94 20.64 -13.32
CA ASP D 341 12.43 21.19 -12.06
C ASP D 341 13.84 21.74 -12.12
N LEU D 342 14.57 21.49 -13.19
CA LEU D 342 15.95 21.94 -13.21
C LEU D 342 16.13 23.13 -14.12
N ASN D 343 15.11 23.38 -14.94
CA ASN D 343 15.23 24.35 -16.02
C ASN D 343 15.45 25.74 -15.45
N ASP D 344 14.69 26.09 -14.43
CA ASP D 344 14.80 27.42 -13.84
C ASP D 344 16.09 27.55 -13.07
N LEU D 345 16.57 26.45 -12.52
CA LEU D 345 17.90 26.44 -11.93
C LEU D 345 18.92 26.88 -12.95
N TYR D 346 18.96 26.18 -14.07
CA TYR D 346 19.89 26.54 -15.13
C TYR D 346 19.63 27.96 -15.62
N ARG D 347 18.36 28.38 -15.63
CA ARG D 347 18.04 29.73 -16.08
C ARG D 347 18.67 30.76 -15.16
N ARG D 348 18.50 30.58 -13.85
CA ARG D 348 19.11 31.46 -12.88
C ARG D 348 20.61 31.51 -13.09
N VAL D 349 21.20 30.35 -13.29
CA VAL D 349 22.64 30.27 -13.46
C VAL D 349 23.08 31.06 -14.68
N ILE D 350 22.40 30.84 -15.81
CA ILE D 350 22.77 31.51 -17.04
C ILE D 350 22.60 33.01 -16.91
N ASN D 351 21.49 33.44 -16.33
CA ASN D 351 21.22 34.85 -16.19
C ASN D 351 22.28 35.51 -15.33
N ARG D 352 22.55 34.94 -14.17
CA ARG D 352 23.57 35.51 -13.30
C ARG D 352 24.93 35.52 -13.97
N ASN D 353 25.26 34.45 -14.68
CA ASN D 353 26.57 34.39 -15.30
C ASN D 353 26.71 35.48 -16.35
N ASN D 354 25.70 35.60 -17.21
CA ASN D 354 25.76 36.62 -18.26
C ASN D 354 25.79 38.01 -17.66
N ARG D 355 24.96 38.24 -16.65
CA ARG D 355 24.91 39.51 -15.96
C ARG D 355 26.29 39.88 -15.45
N LEU D 356 26.83 39.06 -14.56
CA LEU D 356 28.11 39.39 -13.94
C LEU D 356 29.21 39.44 -14.98
N LYS D 357 29.07 38.66 -16.04
CA LYS D 357 30.00 38.74 -17.15
C LYS D 357 30.03 40.15 -17.71
N ARG D 358 28.88 40.64 -18.16
CA ARG D 358 28.82 41.98 -18.72
C ARG D 358 29.19 43.03 -17.70
N LEU D 359 28.96 42.73 -16.42
CA LEU D 359 29.39 43.62 -15.35
C LEU D 359 30.90 43.77 -15.37
N ILE D 360 31.61 42.64 -15.35
CA ILE D 360 33.06 42.64 -15.47
C ILE D 360 33.47 43.37 -16.73
N ASP D 361 32.71 43.14 -17.81
CA ASP D 361 33.03 43.76 -19.09
C ASP D 361 33.00 45.27 -18.96
N LEU D 362 31.97 45.78 -18.30
CA LEU D 362 31.85 47.21 -18.12
C LEU D 362 32.94 47.75 -17.20
N GLY D 363 33.19 47.06 -16.11
CA GLY D 363 34.01 47.62 -15.05
C GLY D 363 33.06 48.29 -14.07
N ALA D 364 32.92 47.72 -12.89
CA ALA D 364 31.89 48.16 -11.95
C ALA D 364 32.49 48.24 -10.55
N PRO D 365 31.81 48.90 -9.63
CA PRO D 365 32.27 48.90 -8.24
C PRO D 365 32.23 47.49 -7.71
N GLU D 366 33.35 47.07 -7.10
CA GLU D 366 33.53 45.67 -6.75
C GLU D 366 32.49 45.17 -5.77
N ILE D 367 31.81 46.08 -5.07
CA ILE D 367 30.81 45.67 -4.09
C ILE D 367 29.74 44.81 -4.76
N ILE D 368 29.12 45.34 -5.80
CA ILE D 368 28.09 44.57 -6.48
C ILE D 368 28.69 43.37 -7.17
N VAL D 369 29.96 43.46 -7.54
CA VAL D 369 30.65 42.31 -8.12
C VAL D 369 30.63 41.15 -7.14
N ASN D 370 31.09 41.40 -5.93
CA ASN D 370 31.10 40.38 -4.89
C ASN D 370 29.69 39.91 -4.59
N ASN D 371 28.74 40.84 -4.60
CA ASN D 371 27.35 40.48 -4.36
C ASN D 371 26.88 39.46 -5.39
N GLU D 372 27.08 39.77 -6.67
CA GLU D 372 26.67 38.86 -7.72
C GLU D 372 27.39 37.55 -7.65
N LYS D 373 28.67 37.58 -7.28
CA LYS D 373 29.42 36.34 -7.17
C LYS D 373 28.85 35.46 -6.08
N ARG D 374 28.54 36.06 -4.93
CA ARG D 374 27.89 35.33 -3.87
C ARG D 374 26.58 34.73 -4.35
N MET D 375 25.79 35.53 -5.07
CA MET D 375 24.56 35.04 -5.67
C MET D 375 24.83 33.81 -6.52
N LEU D 376 25.88 33.88 -7.33
CA LEU D 376 26.22 32.79 -8.22
C LEU D 376 26.54 31.53 -7.45
N GLN D 377 27.40 31.65 -6.45
CA GLN D 377 27.80 30.48 -5.68
C GLN D 377 26.57 29.87 -5.01
N GLU D 378 25.68 30.74 -4.52
CA GLU D 378 24.44 30.26 -3.95
C GLU D 378 23.64 29.47 -4.98
N SER D 379 23.56 30.01 -6.19
CA SER D 379 22.83 29.34 -7.26
C SER D 379 23.40 27.96 -7.51
N VAL D 380 24.72 27.87 -7.58
CA VAL D 380 25.36 26.60 -7.87
C VAL D 380 25.06 25.61 -6.78
N ASP D 381 25.11 26.07 -5.54
CA ASP D 381 24.85 25.18 -4.41
C ASP D 381 23.40 24.71 -4.43
N ALA D 382 22.48 25.61 -4.72
CA ALA D 382 21.08 25.21 -4.89
C ALA D 382 20.97 24.14 -5.95
N LEU D 383 21.67 24.32 -7.06
CA LEU D 383 21.68 23.32 -8.12
C LEU D 383 22.11 21.97 -7.62
N PHE D 384 23.28 21.89 -7.01
CA PHE D 384 23.76 20.60 -6.55
C PHE D 384 22.86 20.00 -5.48
N ASP D 385 22.69 20.70 -4.37
CA ASP D 385 21.77 20.26 -3.34
C ASP D 385 21.21 21.52 -2.68
N ASN D 386 20.07 21.99 -3.16
CA ASN D 386 19.48 23.15 -2.53
C ASN D 386 18.80 22.76 -1.23
N GLY D 387 18.58 23.74 -0.37
CA GLY D 387 18.07 23.46 0.96
C GLY D 387 19.12 22.91 1.89
N ARG D 388 20.34 22.69 1.40
CA ARG D 388 21.42 22.26 2.27
C ARG D 388 21.98 23.42 3.05
N ARG D 389 22.08 24.58 2.40
CA ARG D 389 22.63 25.77 3.02
C ARG D 389 21.69 26.93 2.77
N GLY D 390 21.53 27.78 3.77
CA GLY D 390 20.57 28.86 3.66
C GLY D 390 19.19 28.31 3.47
N ARG D 391 18.31 29.09 2.85
CA ARG D 391 16.98 28.62 2.56
C ARG D 391 16.82 28.46 1.05
N PRO D 392 16.26 27.34 0.61
CA PRO D 392 16.25 27.03 -0.82
C PRO D 392 15.30 27.94 -1.59
N VAL D 393 15.13 27.67 -2.89
CA VAL D 393 14.72 28.71 -3.83
C VAL D 393 13.25 28.54 -4.24
N THR D 394 12.61 29.65 -4.60
CA THR D 394 11.18 29.81 -4.47
C THR D 394 10.41 29.67 -5.78
N GLY D 395 9.11 29.41 -5.64
CA GLY D 395 8.13 29.49 -6.69
C GLY D 395 6.75 29.80 -6.15
N PRO D 396 5.70 29.36 -6.83
CA PRO D 396 4.37 29.31 -6.22
C PRO D 396 4.01 27.91 -5.72
N GLY D 397 3.35 27.86 -4.56
CA GLY D 397 2.68 26.64 -4.12
C GLY D 397 3.09 26.01 -2.80
N ASN D 398 3.69 26.82 -1.93
CA ASN D 398 4.25 26.42 -0.62
C ASN D 398 4.89 25.04 -0.61
N ARG D 399 6.01 24.87 -1.32
CA ARG D 399 6.55 23.51 -1.34
C ARG D 399 8.00 23.51 -1.83
N PRO D 400 8.88 22.76 -1.17
CA PRO D 400 10.33 22.98 -1.29
C PRO D 400 10.93 22.62 -2.64
N LEU D 401 12.26 22.67 -2.69
CA LEU D 401 13.00 22.44 -3.92
C LEU D 401 13.67 21.08 -4.00
N LYS D 402 14.21 20.80 -5.18
CA LYS D 402 14.74 19.50 -5.55
C LYS D 402 15.96 19.72 -6.43
N SER D 403 17.12 19.61 -5.83
CA SER D 403 18.35 19.67 -6.61
C SER D 403 18.55 18.36 -7.35
N LEU D 404 19.70 18.27 -8.01
CA LEU D 404 20.14 16.99 -8.54
C LEU D 404 20.21 15.95 -7.44
N SER D 405 20.65 16.38 -6.26
CA SER D 405 20.85 15.52 -5.10
C SER D 405 19.58 14.76 -4.77
N ASP D 406 18.44 15.37 -5.07
CA ASP D 406 17.16 14.79 -4.75
C ASP D 406 16.66 13.84 -5.82
N LEU D 407 17.29 13.83 -6.99
CA LEU D 407 16.89 12.91 -8.03
C LEU D 407 17.46 11.52 -7.82
N LEU D 408 18.26 11.35 -6.78
CA LEU D 408 18.86 10.06 -6.48
C LEU D 408 17.77 9.05 -6.14
N LYS D 409 17.76 7.93 -6.86
CA LYS D 409 16.73 6.93 -6.65
C LYS D 409 16.78 6.37 -5.24
N GLY D 410 17.89 5.70 -4.89
CA GLY D 410 18.01 5.17 -3.56
C GLY D 410 18.01 6.30 -2.55
N LYS D 411 19.11 7.05 -2.52
CA LYS D 411 19.19 8.34 -1.84
C LYS D 411 18.78 8.21 -0.38
N GLN D 412 19.15 7.09 0.22
CA GLN D 412 18.83 6.85 1.62
C GLN D 412 19.79 7.62 2.51
N GLY D 413 19.28 8.65 3.17
CA GLY D 413 20.08 9.41 4.09
C GLY D 413 19.60 9.25 5.52
N ARG D 414 20.38 8.53 6.31
CA ARG D 414 20.16 8.41 7.75
C ARG D 414 18.98 7.53 8.11
N PHE D 415 18.21 7.07 7.12
CA PHE D 415 17.10 6.15 7.37
C PHE D 415 16.92 5.28 6.14
N ARG D 416 16.64 4.01 6.40
CA ARG D 416 16.46 3.03 5.33
C ARG D 416 14.96 2.78 5.15
N GLN D 417 14.33 3.69 4.41
CA GLN D 417 12.90 3.59 4.16
C GLN D 417 12.59 2.38 3.29
N ASN D 418 11.30 2.21 2.99
CA ASN D 418 10.93 1.28 1.94
C ASN D 418 11.58 1.69 0.64
N LEU D 419 11.71 0.74 -0.27
CA LEU D 419 12.54 0.92 -1.44
C LEU D 419 11.77 1.44 -2.65
N LEU D 420 10.78 0.71 -3.15
CA LEU D 420 9.82 1.20 -4.14
C LEU D 420 10.51 1.64 -5.44
N GLY D 421 10.92 0.63 -6.20
CA GLY D 421 11.47 0.67 -7.54
C GLY D 421 10.47 0.94 -8.69
N LYS D 422 10.46 0.12 -9.79
CA LYS D 422 9.76 0.61 -11.00
C LYS D 422 8.43 -0.09 -11.35
N ARG D 423 8.00 -1.12 -10.62
CA ARG D 423 6.71 -1.74 -10.89
C ARG D 423 6.67 -2.36 -12.29
N VAL D 424 7.40 -3.47 -12.41
CA VAL D 424 7.61 -4.25 -13.66
C VAL D 424 6.39 -4.55 -14.52
N ASP D 425 6.56 -5.44 -15.50
CA ASP D 425 5.42 -5.74 -16.37
C ASP D 425 4.98 -7.21 -16.30
N TYR D 426 3.94 -7.53 -17.08
CA TYR D 426 3.53 -8.90 -17.38
C TYR D 426 3.07 -9.66 -16.14
N SER D 427 2.09 -9.07 -15.48
CA SER D 427 1.46 -9.76 -14.39
C SER D 427 -0.03 -9.50 -14.43
N GLY D 428 -0.73 -10.06 -13.46
CA GLY D 428 -2.11 -9.75 -13.25
C GLY D 428 -2.41 -9.92 -11.78
N ARG D 429 -3.24 -9.06 -11.21
CA ARG D 429 -3.64 -9.23 -9.84
C ARG D 429 -5.09 -9.66 -9.78
N SER D 430 -5.49 -10.13 -8.61
CA SER D 430 -6.84 -10.56 -8.35
C SER D 430 -6.98 -10.98 -6.91
N VAL D 431 -8.18 -11.18 -6.48
CA VAL D 431 -8.43 -11.81 -5.20
C VAL D 431 -8.21 -13.30 -5.39
N ILE D 432 -8.03 -14.01 -4.29
CA ILE D 432 -7.66 -15.41 -4.33
C ILE D 432 -8.79 -16.26 -3.80
N VAL D 433 -8.82 -17.52 -4.24
CA VAL D 433 -9.85 -18.46 -3.83
C VAL D 433 -9.25 -19.85 -3.81
N VAL D 434 -9.91 -20.76 -3.09
CA VAL D 434 -9.36 -22.09 -2.89
C VAL D 434 -9.63 -22.97 -4.10
N GLY D 435 -8.76 -23.95 -4.31
CA GLY D 435 -8.90 -24.93 -5.35
C GLY D 435 -8.99 -26.35 -4.83
N PRO D 436 -9.83 -26.58 -3.81
CA PRO D 436 -9.78 -27.82 -3.03
C PRO D 436 -9.81 -29.10 -3.84
N GLN D 437 -10.42 -29.04 -5.02
CA GLN D 437 -10.37 -30.11 -6.00
C GLN D 437 -9.01 -30.24 -6.66
N LEU D 438 -8.18 -29.21 -6.58
CA LEU D 438 -7.01 -29.17 -7.42
C LEU D 438 -5.87 -29.97 -6.81
N LYS D 439 -4.87 -30.26 -7.65
CA LYS D 439 -3.67 -30.89 -7.17
C LYS D 439 -2.74 -29.85 -6.55
N LEU D 440 -1.67 -30.34 -5.92
CA LEU D 440 -0.75 -29.44 -5.25
C LEU D 440 -0.07 -28.49 -6.21
N HIS D 441 0.44 -29.00 -7.32
CA HIS D 441 1.31 -28.27 -8.22
C HIS D 441 0.55 -27.27 -9.07
N GLN D 442 -0.76 -27.23 -8.92
CA GLN D 442 -1.63 -26.59 -9.88
C GLN D 442 -1.88 -25.16 -9.45
N CYS D 443 -2.78 -24.49 -10.17
CA CYS D 443 -3.24 -23.19 -9.74
C CYS D 443 -4.43 -22.79 -10.60
N GLY D 444 -5.46 -22.25 -9.95
CA GLY D 444 -6.61 -21.78 -10.66
C GLY D 444 -6.27 -20.64 -11.58
N LEU D 445 -7.18 -20.27 -12.46
CA LEU D 445 -6.90 -19.13 -13.32
C LEU D 445 -8.14 -18.64 -14.03
N PRO D 446 -8.45 -17.37 -13.94
CA PRO D 446 -9.53 -16.81 -14.74
C PRO D 446 -9.14 -16.82 -16.20
N LYS D 447 -9.86 -17.63 -17.00
CA LYS D 447 -9.54 -17.81 -18.40
C LYS D 447 -9.49 -16.47 -19.13
N LEU D 448 -10.39 -15.56 -18.75
CA LEU D 448 -10.34 -14.21 -19.29
C LEU D 448 -9.00 -13.56 -19.07
N MET D 449 -8.44 -13.70 -17.88
CA MET D 449 -7.16 -13.09 -17.55
C MET D 449 -6.03 -13.63 -18.39
N ALA D 450 -5.76 -14.93 -18.28
CA ALA D 450 -4.67 -15.54 -19.03
C ALA D 450 -4.85 -15.33 -20.53
N LEU D 451 -6.11 -15.28 -20.96
CA LEU D 451 -6.48 -14.91 -22.31
C LEU D 451 -5.74 -13.65 -22.73
N GLU D 452 -5.78 -12.64 -21.88
CA GLU D 452 -4.98 -11.46 -22.15
C GLU D 452 -3.49 -11.72 -21.95
N LEU D 453 -3.14 -12.65 -21.07
CA LEU D 453 -1.74 -12.87 -20.75
C LEU D 453 -0.96 -13.34 -21.97
N PHE D 454 -1.28 -14.51 -22.48
CA PHE D 454 -0.40 -15.16 -23.43
C PHE D 454 -0.58 -14.67 -24.85
N LYS D 455 -1.23 -13.51 -25.03
CA LYS D 455 -1.55 -12.86 -26.29
C LYS D 455 -0.46 -13.05 -27.33
N PRO D 456 0.80 -12.76 -27.01
CA PRO D 456 1.85 -13.05 -27.99
C PRO D 456 1.93 -14.52 -28.35
N PHE D 457 2.03 -15.38 -27.33
CA PHE D 457 2.10 -16.81 -27.58
C PHE D 457 0.91 -17.29 -28.38
N VAL D 458 -0.28 -16.90 -27.95
CA VAL D 458 -1.48 -17.40 -28.61
C VAL D 458 -1.54 -16.92 -30.04
N MET D 459 -1.22 -15.64 -30.27
CA MET D 459 -1.27 -15.11 -31.62
C MET D 459 -0.27 -15.83 -32.50
N LYS D 460 0.92 -16.07 -31.99
CA LYS D 460 1.91 -16.81 -32.75
C LYS D 460 1.38 -18.18 -33.11
N ARG D 461 0.94 -18.94 -32.11
CA ARG D 461 0.53 -20.31 -32.36
C ARG D 461 -0.68 -20.38 -33.27
N LEU D 462 -1.55 -19.38 -33.22
CA LEU D 462 -2.73 -19.40 -34.06
C LEU D 462 -2.42 -19.02 -35.49
N VAL D 463 -1.57 -18.02 -35.70
CA VAL D 463 -1.13 -17.72 -37.06
C VAL D 463 -0.37 -18.91 -37.62
N ASP D 464 0.28 -19.69 -36.76
CA ASP D 464 0.75 -21.00 -37.17
C ASP D 464 -0.39 -21.80 -37.78
N LEU D 465 -1.56 -21.73 -37.15
CA LEU D 465 -2.75 -22.27 -37.79
C LEU D 465 -3.20 -21.33 -38.89
N ASN D 466 -4.07 -21.84 -39.74
CA ASN D 466 -4.53 -21.03 -40.87
C ASN D 466 -5.78 -20.28 -40.46
N HIS D 467 -5.70 -19.58 -39.33
CA HIS D 467 -6.88 -18.96 -38.75
C HIS D 467 -6.79 -17.44 -38.78
N ALA D 468 -5.60 -16.92 -38.99
CA ALA D 468 -5.38 -15.47 -39.04
C ALA D 468 -4.23 -15.24 -40.02
N GLN D 469 -4.49 -14.47 -41.06
CA GLN D 469 -3.49 -14.33 -42.11
C GLN D 469 -2.27 -13.57 -41.61
N ASN D 470 -2.48 -12.42 -40.98
CA ASN D 470 -1.37 -11.70 -40.42
C ASN D 470 -1.49 -11.74 -38.90
N ILE D 471 -0.48 -11.20 -38.25
CA ILE D 471 -0.53 -11.02 -36.81
C ILE D 471 -1.69 -10.13 -36.47
N LYS D 472 -1.93 -9.12 -37.29
CA LYS D 472 -2.97 -8.14 -36.99
C LYS D 472 -4.35 -8.79 -36.95
N SER D 473 -4.59 -9.67 -37.92
CA SER D 473 -5.75 -10.54 -37.87
C SER D 473 -5.84 -11.24 -36.53
N ALA D 474 -4.72 -11.77 -36.04
CA ALA D 474 -4.72 -12.45 -34.76
C ALA D 474 -5.13 -11.53 -33.63
N LYS D 475 -4.59 -10.31 -33.62
CA LYS D 475 -4.81 -9.40 -32.50
C LYS D 475 -6.27 -8.97 -32.46
N ARG D 476 -6.79 -8.54 -33.59
CA ARG D 476 -8.20 -8.15 -33.62
C ARG D 476 -9.09 -9.33 -33.33
N MET D 477 -8.69 -10.53 -33.75
CA MET D 477 -9.45 -11.72 -33.43
C MET D 477 -9.49 -11.95 -31.93
N VAL D 478 -8.35 -11.72 -31.27
CA VAL D 478 -8.29 -11.73 -29.81
C VAL D 478 -9.32 -10.77 -29.25
N GLU D 479 -9.40 -9.59 -29.86
CA GLU D 479 -10.47 -8.68 -29.51
C GLU D 479 -11.84 -9.29 -29.75
N ARG D 480 -11.94 -10.21 -30.70
CA ARG D 480 -13.21 -10.83 -31.06
C ARG D 480 -13.45 -12.13 -30.34
N GLN D 481 -12.40 -12.86 -29.97
CA GLN D 481 -12.51 -14.02 -29.10
C GLN D 481 -13.34 -15.12 -29.79
N ARG D 482 -12.92 -15.50 -30.97
CA ARG D 482 -13.63 -16.54 -31.67
C ARG D 482 -13.24 -17.90 -31.10
N PRO D 483 -14.21 -18.66 -30.60
CA PRO D 483 -13.98 -19.65 -29.53
C PRO D 483 -12.81 -20.60 -29.73
N GLN D 484 -12.50 -20.90 -30.98
CA GLN D 484 -11.29 -21.65 -31.29
C GLN D 484 -10.06 -20.95 -30.74
N VAL D 485 -10.15 -19.62 -30.60
CA VAL D 485 -9.16 -18.89 -29.80
C VAL D 485 -8.94 -19.60 -28.47
N TRP D 486 -10.02 -20.01 -27.81
CA TRP D 486 -9.90 -20.71 -26.54
C TRP D 486 -9.22 -22.06 -26.74
N ASP D 487 -9.49 -22.70 -27.87
CA ASP D 487 -8.89 -23.99 -28.15
C ASP D 487 -7.37 -23.88 -28.21
N VAL D 488 -6.85 -22.98 -29.04
CA VAL D 488 -5.41 -22.85 -29.12
C VAL D 488 -4.86 -22.30 -27.82
N LEU D 489 -5.66 -21.48 -27.13
CA LEU D 489 -5.32 -21.04 -25.79
C LEU D 489 -5.00 -22.21 -24.89
N GLU D 490 -5.77 -23.28 -25.03
CA GLU D 490 -5.50 -24.51 -24.28
C GLU D 490 -4.07 -24.97 -24.45
N GLU D 491 -3.67 -25.25 -25.69
CA GLU D 491 -2.34 -25.78 -25.94
C GLU D 491 -1.26 -24.81 -25.50
N VAL D 492 -1.44 -23.53 -25.78
CA VAL D 492 -0.42 -22.57 -25.40
C VAL D 492 -0.30 -22.49 -23.89
N ILE D 493 -1.39 -22.73 -23.18
CA ILE D 493 -1.33 -22.74 -21.72
C ILE D 493 -0.68 -24.01 -21.23
N ALA D 494 -0.71 -25.05 -22.04
CA ALA D 494 -0.18 -26.35 -21.64
C ALA D 494 1.26 -26.25 -21.16
N GLU D 495 1.49 -26.75 -19.96
CA GLU D 495 2.82 -26.87 -19.36
C GLU D 495 3.62 -25.59 -19.40
N HIS D 496 3.07 -24.48 -18.91
CA HIS D 496 3.88 -23.27 -18.81
C HIS D 496 3.80 -22.72 -17.40
N PRO D 497 4.90 -22.69 -16.67
CA PRO D 497 4.84 -22.28 -15.26
C PRO D 497 4.53 -20.80 -15.12
N VAL D 498 4.30 -20.39 -13.88
CA VAL D 498 3.85 -19.04 -13.55
C VAL D 498 4.34 -18.68 -12.16
N LEU D 499 4.17 -17.42 -11.79
CA LEU D 499 4.53 -16.97 -10.46
C LEU D 499 3.35 -16.33 -9.77
N LEU D 500 3.36 -16.38 -8.44
CA LEU D 500 2.21 -15.95 -7.66
C LEU D 500 2.74 -15.20 -6.45
N ASN D 501 2.24 -13.99 -6.23
CA ASN D 501 2.76 -13.15 -5.17
C ASN D 501 1.64 -12.54 -4.34
N ARG D 502 1.69 -12.78 -3.04
CA ARG D 502 0.92 -12.02 -2.07
C ARG D 502 1.86 -11.18 -1.25
N ALA D 503 2.17 -9.99 -1.74
CA ALA D 503 2.84 -9.03 -0.90
C ALA D 503 1.95 -8.70 0.29
N PRO D 504 2.52 -8.33 1.43
CA PRO D 504 3.97 -8.29 1.59
C PRO D 504 4.52 -9.66 1.90
N THR D 505 5.71 -9.97 1.39
CA THR D 505 6.34 -11.25 1.68
C THR D 505 7.37 -11.07 2.79
N LEU D 506 7.44 -12.09 3.65
CA LEU D 506 8.51 -12.12 4.63
C LEU D 506 9.59 -13.09 4.22
N HIS D 507 9.22 -14.35 3.99
CA HIS D 507 10.20 -15.40 3.82
C HIS D 507 10.18 -15.89 2.40
N ARG D 508 11.04 -16.88 2.14
CA ARG D 508 11.41 -17.21 0.78
C ARG D 508 10.23 -17.66 -0.05
N LEU D 509 9.19 -18.15 0.57
CA LEU D 509 8.08 -18.68 -0.21
C LEU D 509 7.07 -17.63 -0.59
N GLY D 510 7.46 -16.37 -0.68
CA GLY D 510 6.51 -15.34 -1.07
C GLY D 510 5.93 -15.53 -2.45
N ILE D 511 6.61 -16.33 -3.28
CA ILE D 511 6.12 -16.70 -4.60
C ILE D 511 6.56 -18.13 -4.88
N GLN D 512 5.76 -18.85 -5.66
CA GLN D 512 6.17 -20.13 -6.21
C GLN D 512 5.64 -20.26 -7.62
N ALA D 513 5.92 -21.42 -8.21
CA ALA D 513 5.56 -21.72 -9.58
C ALA D 513 4.47 -22.77 -9.57
N PHE D 514 3.38 -22.52 -10.29
CA PHE D 514 2.26 -23.44 -10.36
C PHE D 514 1.94 -23.80 -11.80
N GLU D 515 1.42 -24.99 -11.98
CA GLU D 515 0.92 -25.32 -13.29
C GLU D 515 -0.43 -24.66 -13.46
N PRO D 516 -0.52 -23.68 -14.35
CA PRO D 516 -1.81 -23.02 -14.58
C PRO D 516 -2.78 -23.99 -15.22
N MET D 517 -4.04 -23.58 -15.24
CA MET D 517 -5.09 -24.32 -15.94
C MET D 517 -6.33 -23.45 -15.98
N LEU D 518 -6.93 -23.32 -17.16
CA LEU D 518 -8.03 -22.38 -17.33
C LEU D 518 -9.20 -22.75 -16.44
N VAL D 519 -9.86 -21.73 -15.92
CA VAL D 519 -10.91 -21.91 -14.94
C VAL D 519 -11.94 -20.82 -15.13
N GLU D 520 -13.21 -21.18 -14.95
CA GLU D 520 -14.30 -20.21 -15.00
C GLU D 520 -14.17 -19.18 -13.88
N GLY D 521 -15.04 -18.20 -13.88
CA GLY D 521 -15.05 -17.19 -12.85
C GLY D 521 -13.92 -16.20 -13.04
N LYS D 522 -13.82 -15.28 -12.10
CA LYS D 522 -12.83 -14.22 -12.21
C LYS D 522 -11.97 -14.14 -10.96
N ALA D 523 -11.65 -15.28 -10.37
CA ALA D 523 -10.85 -15.33 -9.16
C ALA D 523 -9.66 -16.25 -9.38
N ILE D 524 -8.76 -16.25 -8.41
CA ILE D 524 -7.58 -17.09 -8.49
C ILE D 524 -7.79 -18.32 -7.64
N GLN D 525 -8.12 -19.44 -8.27
CA GLN D 525 -8.28 -20.67 -7.49
C GLN D 525 -6.94 -21.12 -6.97
N LEU D 526 -6.86 -21.30 -5.66
CA LEU D 526 -5.61 -21.64 -5.01
C LEU D 526 -5.72 -22.96 -4.28
N HIS D 527 -4.67 -23.76 -4.38
CA HIS D 527 -4.56 -24.97 -3.59
C HIS D 527 -4.59 -24.63 -2.10
N PRO D 528 -5.26 -25.43 -1.29
CA PRO D 528 -5.43 -25.08 0.12
C PRO D 528 -4.12 -25.00 0.89
N LEU D 529 -3.27 -26.00 0.73
CA LEU D 529 -2.13 -26.12 1.63
C LEU D 529 -1.15 -24.98 1.54
N VAL D 530 -1.03 -24.31 0.40
CA VAL D 530 -0.12 -23.20 0.27
C VAL D 530 -0.56 -22.00 1.06
N CYS D 531 -1.83 -21.97 1.48
CA CYS D 531 -2.37 -20.81 2.17
C CYS D 531 -1.61 -20.52 3.45
N GLU D 532 -1.21 -21.55 4.18
CA GLU D 532 -0.40 -21.34 5.36
C GLU D 532 0.94 -20.73 4.99
N ALA D 533 1.52 -21.17 3.88
CA ALA D 533 2.77 -20.60 3.41
C ALA D 533 2.62 -19.11 3.18
N PHE D 534 1.61 -18.72 2.41
CA PHE D 534 1.39 -17.30 2.18
C PHE D 534 0.87 -16.57 3.39
N ASN D 535 0.46 -17.28 4.43
CA ASN D 535 -0.24 -16.68 5.55
C ASN D 535 -1.42 -15.88 5.03
N ALA D 536 -2.13 -16.46 4.08
CA ALA D 536 -3.11 -15.73 3.27
C ALA D 536 -4.50 -16.27 3.58
N ASP D 537 -5.23 -15.56 4.42
CA ASP D 537 -6.63 -15.90 4.63
C ASP D 537 -7.43 -15.62 3.37
N PHE D 538 -8.69 -16.02 3.39
CA PHE D 538 -9.61 -15.73 2.29
C PHE D 538 -10.50 -14.54 2.59
N ASP D 539 -9.97 -13.55 3.29
CA ASP D 539 -10.72 -12.34 3.59
C ASP D 539 -10.91 -11.50 2.34
N GLY D 540 -10.17 -11.81 1.28
CA GLY D 540 -10.16 -11.01 0.08
C GLY D 540 -8.81 -10.43 -0.26
N ASP D 541 -7.73 -10.96 0.29
CA ASP D 541 -6.41 -10.45 -0.07
C ASP D 541 -6.14 -10.73 -1.54
N GLN D 542 -5.61 -9.74 -2.23
CA GLN D 542 -5.22 -9.91 -3.61
C GLN D 542 -3.86 -10.59 -3.68
N MET D 543 -3.48 -10.93 -4.89
CA MET D 543 -2.13 -11.39 -5.17
C MET D 543 -1.73 -10.96 -6.57
N ALA D 544 -0.46 -11.15 -6.86
CA ALA D 544 0.10 -10.82 -8.16
C ALA D 544 0.59 -12.11 -8.80
N VAL D 545 0.62 -12.13 -10.12
CA VAL D 545 1.01 -13.33 -10.86
C VAL D 545 1.94 -12.92 -11.98
N HIS D 546 3.17 -13.37 -11.91
CA HIS D 546 4.14 -13.03 -12.94
C HIS D 546 4.31 -14.21 -13.89
N LEU D 547 5.07 -13.96 -14.97
CA LEU D 547 5.18 -14.91 -16.03
C LEU D 547 6.59 -14.99 -16.58
N PRO D 548 7.21 -16.17 -16.57
CA PRO D 548 8.55 -16.31 -17.14
C PRO D 548 8.48 -16.45 -18.64
N LEU D 549 9.58 -16.07 -19.30
CA LEU D 549 9.64 -16.09 -20.75
C LEU D 549 10.77 -16.96 -21.28
N SER D 550 11.99 -16.81 -20.75
CA SER D 550 13.10 -17.59 -21.25
C SER D 550 12.88 -19.05 -20.95
N ALA D 551 13.53 -19.91 -21.72
CA ALA D 551 13.68 -21.29 -21.29
C ALA D 551 14.38 -21.34 -19.94
N GLU D 552 15.32 -20.43 -19.72
CA GLU D 552 16.04 -20.41 -18.46
C GLU D 552 15.12 -20.02 -17.32
N ALA D 553 14.30 -18.99 -17.52
CA ALA D 553 13.31 -18.64 -16.51
C ALA D 553 12.36 -19.79 -16.27
N GLN D 554 11.93 -20.46 -17.34
CA GLN D 554 11.04 -21.59 -17.19
C GLN D 554 11.68 -22.68 -16.36
N ALA D 555 12.98 -22.88 -16.53
CA ALA D 555 13.66 -23.90 -15.77
C ALA D 555 13.77 -23.51 -14.31
N GLU D 556 14.18 -22.26 -14.06
CA GLU D 556 14.25 -21.72 -12.71
C GLU D 556 12.93 -21.96 -11.98
N ALA D 557 11.83 -21.61 -12.65
CA ALA D 557 10.52 -21.90 -12.08
C ALA D 557 10.31 -23.39 -11.90
N ARG D 558 10.32 -24.14 -13.00
CA ARG D 558 9.91 -25.53 -13.04
C ARG D 558 10.68 -26.40 -12.08
N ILE D 559 11.84 -25.94 -11.60
CA ILE D 559 12.59 -26.69 -10.63
C ILE D 559 12.56 -26.03 -9.27
N LEU D 560 13.11 -24.83 -9.15
CA LEU D 560 13.25 -24.25 -7.83
C LEU D 560 11.91 -23.82 -7.26
N MET D 561 11.25 -22.91 -7.93
CA MET D 561 10.08 -22.24 -7.39
C MET D 561 8.80 -23.05 -7.51
N LEU D 562 8.95 -24.32 -7.87
CA LEU D 562 7.83 -25.24 -7.93
C LEU D 562 7.11 -25.35 -6.60
N SER D 563 5.82 -25.63 -6.67
CA SER D 563 5.07 -26.00 -5.49
C SER D 563 5.74 -27.14 -4.74
N SER D 564 5.75 -28.33 -5.34
CA SER D 564 6.12 -29.54 -4.60
C SER D 564 7.55 -29.50 -4.09
N ASN D 565 8.44 -28.77 -4.74
CA ASN D 565 9.82 -28.77 -4.32
C ASN D 565 10.06 -28.01 -3.03
N ASN D 566 9.02 -27.39 -2.47
CA ASN D 566 9.17 -26.54 -1.29
C ASN D 566 8.11 -26.97 -0.29
N ILE D 567 8.52 -27.79 0.66
CA ILE D 567 7.58 -28.36 1.60
C ILE D 567 7.95 -28.02 3.03
N LEU D 568 9.24 -28.07 3.32
CA LEU D 568 9.73 -27.97 4.68
C LEU D 568 10.09 -26.54 5.01
N SER D 569 10.32 -26.30 6.30
CA SER D 569 10.72 -24.98 6.73
C SER D 569 12.16 -24.72 6.32
N PRO D 570 12.37 -23.84 5.35
CA PRO D 570 13.74 -23.40 5.06
C PRO D 570 14.41 -22.78 6.25
N ALA D 571 13.63 -22.23 7.19
CA ALA D 571 14.20 -21.72 8.43
C ALA D 571 14.31 -22.81 9.49
N SER D 572 13.28 -23.66 9.61
CA SER D 572 13.24 -24.57 10.74
C SER D 572 13.00 -26.02 10.30
N GLY D 573 13.14 -26.31 9.02
CA GLY D 573 13.13 -27.68 8.56
C GLY D 573 11.78 -28.38 8.56
N ARG D 574 10.87 -27.98 9.44
CA ARG D 574 9.60 -28.67 9.50
C ARG D 574 8.76 -28.29 8.29
N PRO D 575 7.81 -29.12 7.93
CA PRO D 575 6.97 -28.84 6.77
C PRO D 575 6.13 -27.61 7.00
N LEU D 576 5.57 -27.11 5.90
CA LEU D 576 4.64 -25.99 5.95
C LEU D 576 3.33 -26.29 5.28
N ALA D 577 3.29 -27.23 4.36
CA ALA D 577 2.03 -27.68 3.81
C ALA D 577 1.39 -28.73 4.63
N MET D 578 1.89 -28.92 5.85
CA MET D 578 1.26 -29.82 6.78
C MET D 578 -0.22 -29.48 6.92
N PRO D 579 -1.07 -30.47 7.06
CA PRO D 579 -2.50 -30.21 7.17
C PRO D 579 -2.82 -29.31 8.33
N ARG D 580 -4.01 -28.72 8.32
CA ARG D 580 -4.36 -27.78 9.37
C ARG D 580 -5.87 -27.79 9.59
N LEU D 581 -6.37 -26.67 10.12
CA LEU D 581 -7.57 -26.55 10.93
C LEU D 581 -8.68 -27.53 10.59
N ASP D 582 -9.09 -27.57 9.33
CA ASP D 582 -10.29 -28.31 9.02
C ASP D 582 -9.95 -29.75 8.69
N MET D 583 -9.01 -29.95 7.78
CA MET D 583 -8.52 -31.29 7.51
C MET D 583 -7.95 -31.92 8.76
N VAL D 584 -7.22 -31.14 9.56
CA VAL D 584 -6.74 -31.67 10.83
C VAL D 584 -7.91 -32.09 11.71
N THR D 585 -8.97 -31.29 11.70
CA THR D 585 -10.15 -31.61 12.47
C THR D 585 -10.71 -32.95 12.06
N GLY D 586 -10.89 -33.13 10.76
CA GLY D 586 -11.42 -34.37 10.22
C GLY D 586 -10.56 -35.53 10.63
N LEU D 587 -9.25 -35.36 10.51
CA LEU D 587 -8.34 -36.45 10.85
C LEU D 587 -8.42 -36.80 12.31
N TYR D 588 -8.51 -35.79 13.17
CA TYR D 588 -8.59 -36.05 14.59
C TYR D 588 -9.85 -36.84 14.92
N TYR D 589 -10.97 -36.42 14.33
CA TYR D 589 -12.20 -37.19 14.44
C TYR D 589 -12.00 -38.60 13.93
N LEU D 590 -11.20 -38.75 12.89
CA LEU D 590 -11.06 -40.03 12.24
C LEU D 590 -10.20 -40.96 13.07
N THR D 591 -9.28 -40.40 13.84
CA THR D 591 -8.32 -41.19 14.59
C THR D 591 -8.75 -41.45 16.00
N THR D 592 -9.58 -40.59 16.57
CA THR D 592 -10.10 -40.83 17.90
C THR D 592 -10.86 -42.14 17.93
N GLU D 593 -10.84 -42.78 19.09
CA GLU D 593 -11.55 -44.04 19.28
C GLU D 593 -12.74 -43.82 20.20
N VAL D 594 -13.86 -44.41 19.83
CA VAL D 594 -15.06 -44.29 20.63
C VAL D 594 -15.22 -45.54 21.50
N PRO D 595 -14.86 -45.48 22.77
CA PRO D 595 -15.13 -46.61 23.67
C PRO D 595 -16.64 -46.75 23.85
N GLY D 596 -17.11 -47.99 23.87
CA GLY D 596 -18.55 -48.21 23.90
C GLY D 596 -19.23 -47.67 22.66
N ASP D 597 -18.91 -48.22 21.50
CA ASP D 597 -19.30 -47.66 20.22
C ASP D 597 -20.12 -48.69 19.44
N THR D 598 -20.49 -48.33 18.22
CA THR D 598 -21.40 -49.11 17.40
C THR D 598 -20.84 -50.48 17.05
N GLY D 599 -21.32 -51.52 17.72
CA GLY D 599 -20.88 -52.87 17.44
C GLY D 599 -19.38 -53.05 17.56
N GLU D 600 -18.78 -52.66 18.67
CA GLU D 600 -17.34 -52.76 18.82
C GLU D 600 -16.91 -54.22 18.76
N TYR D 601 -15.61 -54.41 18.60
CA TYR D 601 -15.04 -55.74 18.72
C TYR D 601 -15.22 -56.16 20.17
N GLN D 602 -16.21 -57.00 20.42
CA GLN D 602 -16.53 -57.42 21.78
C GLN D 602 -16.17 -58.89 21.88
N PRO D 603 -14.93 -59.19 22.20
CA PRO D 603 -14.50 -60.59 22.29
C PRO D 603 -15.14 -61.26 23.49
N ALA D 604 -16.13 -62.11 23.23
CA ALA D 604 -16.82 -62.83 24.30
C ALA D 604 -17.46 -64.07 23.70
N SER D 605 -16.82 -65.21 23.91
CA SER D 605 -17.37 -66.49 23.48
C SER D 605 -18.35 -67.00 24.54
N GLY D 606 -18.72 -68.27 24.45
CA GLY D 606 -19.65 -68.88 25.38
C GLY D 606 -21.10 -68.65 25.07
N ASP D 607 -21.42 -67.56 24.39
CA ASP D 607 -22.77 -67.31 23.89
C ASP D 607 -22.78 -66.78 22.47
N HIS D 608 -21.64 -66.35 21.96
CA HIS D 608 -21.46 -65.85 20.61
C HIS D 608 -19.97 -65.70 20.37
N PRO D 609 -19.55 -65.49 19.15
CA PRO D 609 -18.11 -65.27 18.90
C PRO D 609 -17.66 -63.93 19.44
N GLU D 610 -16.42 -63.55 19.15
CA GLU D 610 -15.93 -62.25 19.56
C GLU D 610 -16.57 -61.14 18.73
N THR D 611 -17.07 -61.49 17.55
CA THR D 611 -18.02 -60.65 16.82
C THR D 611 -17.47 -59.26 16.49
N GLY D 612 -16.17 -59.15 16.28
CA GLY D 612 -15.61 -57.87 15.89
C GLY D 612 -14.57 -58.04 14.81
N VAL D 613 -14.34 -59.29 14.41
CA VAL D 613 -13.25 -59.58 13.49
C VAL D 613 -13.69 -59.33 12.07
N TYR D 614 -12.74 -58.93 11.22
CA TYR D 614 -12.99 -58.70 9.81
C TYR D 614 -11.76 -59.06 9.02
N SER D 615 -11.88 -60.06 8.16
CA SER D 615 -10.77 -60.47 7.32
C SER D 615 -10.31 -59.36 6.39
N SER D 616 -11.23 -58.58 5.83
CA SER D 616 -10.76 -57.56 4.91
C SER D 616 -11.19 -56.19 5.39
N PRO D 617 -10.37 -55.18 5.14
CA PRO D 617 -10.84 -53.81 5.28
C PRO D 617 -12.09 -53.58 4.49
N ALA D 618 -12.16 -54.12 3.27
CA ALA D 618 -13.38 -53.99 2.48
C ALA D 618 -14.56 -54.64 3.18
N GLU D 619 -14.31 -55.79 3.80
CA GLU D 619 -15.31 -56.41 4.66
C GLU D 619 -15.87 -55.41 5.66
N ALA D 620 -14.99 -54.82 6.45
CA ALA D 620 -15.42 -53.82 7.41
C ALA D 620 -16.13 -52.67 6.71
N ILE D 621 -15.67 -52.33 5.51
CA ILE D 621 -16.28 -51.24 4.76
C ILE D 621 -17.73 -51.54 4.52
N MET D 622 -18.02 -52.69 3.95
CA MET D 622 -19.39 -53.08 3.67
C MET D 622 -20.22 -53.09 4.94
N ALA D 623 -19.63 -53.59 6.03
CA ALA D 623 -20.35 -53.65 7.29
C ALA D 623 -20.77 -52.26 7.74
N ALA D 624 -19.81 -51.36 7.85
CA ALA D 624 -20.11 -50.02 8.33
C ALA D 624 -20.94 -49.24 7.33
N ASP D 625 -20.92 -49.65 6.06
CA ASP D 625 -21.81 -49.04 5.08
C ASP D 625 -23.25 -49.42 5.37
N ARG D 626 -23.49 -50.69 5.67
CA ARG D 626 -24.71 -51.02 6.37
C ARG D 626 -24.69 -50.33 7.73
N GLY D 627 -25.85 -50.23 8.37
CA GLY D 627 -25.89 -49.61 9.68
C GLY D 627 -25.28 -50.47 10.76
N VAL D 628 -24.03 -50.87 10.59
CA VAL D 628 -23.45 -51.93 11.41
C VAL D 628 -22.39 -51.38 12.35
N LEU D 629 -21.44 -50.65 11.81
CA LEU D 629 -20.24 -50.31 12.55
C LEU D 629 -19.99 -48.81 12.57
N SER D 630 -19.71 -48.29 13.76
CA SER D 630 -19.15 -46.96 13.84
C SER D 630 -17.70 -46.98 13.38
N VAL D 631 -17.29 -45.88 12.75
CA VAL D 631 -15.93 -45.77 12.27
C VAL D 631 -14.93 -45.87 13.40
N ARG D 632 -15.30 -45.41 14.59
CA ARG D 632 -14.37 -45.36 15.70
C ARG D 632 -14.61 -46.47 16.71
N ALA D 633 -15.30 -47.53 16.32
CA ALA D 633 -15.44 -48.69 17.17
C ALA D 633 -14.21 -49.56 17.01
N LYS D 634 -13.73 -50.12 18.12
CA LYS D 634 -12.52 -50.93 18.06
C LYS D 634 -12.83 -52.29 17.46
N ILE D 635 -11.86 -52.83 16.72
CA ILE D 635 -12.03 -54.08 15.98
C ILE D 635 -10.72 -54.85 16.04
N LYS D 636 -10.77 -56.09 15.56
CA LYS D 636 -9.58 -56.90 15.33
C LYS D 636 -9.68 -57.47 13.93
N VAL D 637 -9.04 -56.81 12.98
CA VAL D 637 -8.94 -57.32 11.62
C VAL D 637 -7.54 -57.87 11.37
N ARG D 638 -7.40 -58.58 10.27
CA ARG D 638 -6.13 -59.16 9.84
C ARG D 638 -5.73 -58.47 8.54
N LEU D 639 -4.56 -57.87 8.52
CA LEU D 639 -4.07 -57.16 7.36
C LEU D 639 -3.16 -58.02 6.51
N THR D 640 -3.10 -57.65 5.23
CA THR D 640 -2.13 -58.20 4.31
C THR D 640 -1.56 -57.11 3.40
N GLN D 641 -1.97 -55.87 3.58
CA GLN D 641 -1.59 -54.83 2.65
C GLN D 641 -1.00 -53.60 3.31
N LEU D 642 -0.69 -53.66 4.60
CA LEU D 642 -0.09 -52.51 5.28
C LEU D 642 0.94 -53.01 6.26
N ARG D 643 2.05 -52.30 6.33
CA ARG D 643 3.17 -52.65 7.17
C ARG D 643 2.84 -52.48 8.64
N PRO D 644 2.71 -53.55 9.39
CA PRO D 644 2.42 -53.44 10.82
C PRO D 644 3.54 -52.73 11.54
N PRO D 645 3.37 -52.47 12.83
CA PRO D 645 4.44 -51.83 13.60
C PRO D 645 5.67 -52.70 13.66
N VAL D 646 6.80 -52.04 13.90
CA VAL D 646 8.10 -52.71 13.91
C VAL D 646 8.09 -53.88 14.87
N GLU D 647 7.48 -53.70 16.03
CA GLU D 647 7.51 -54.71 17.07
C GLU D 647 6.85 -55.99 16.57
N ILE D 648 5.55 -55.92 16.29
CA ILE D 648 4.82 -57.10 15.89
C ILE D 648 5.31 -57.59 14.55
N GLU D 649 5.74 -56.68 13.68
CA GLU D 649 6.16 -57.08 12.35
C GLU D 649 7.40 -57.95 12.45
N ALA D 650 8.41 -57.47 13.18
CA ALA D 650 9.58 -58.29 13.47
C ALA D 650 9.19 -59.54 14.23
N GLU D 651 8.15 -59.43 15.08
CA GLU D 651 7.68 -60.55 15.87
C GLU D 651 7.31 -61.72 14.99
N LEU D 652 6.34 -61.50 14.11
CA LEU D 652 5.95 -62.55 13.18
C LEU D 652 7.11 -62.93 12.27
N PHE D 653 7.85 -61.94 11.80
CA PHE D 653 8.80 -62.16 10.74
C PHE D 653 10.24 -61.97 11.21
N GLY D 654 10.58 -60.80 11.70
CA GLY D 654 11.96 -60.45 11.97
C GLY D 654 12.74 -60.10 10.72
N HIS D 655 12.54 -60.87 9.65
CA HIS D 655 13.31 -60.69 8.42
C HIS D 655 12.71 -59.61 7.53
N SER D 656 11.49 -59.85 7.05
CA SER D 656 10.90 -58.95 6.05
C SER D 656 9.40 -58.90 6.29
N GLY D 657 8.96 -57.89 7.00
CA GLY D 657 7.56 -57.56 6.95
C GLY D 657 7.34 -56.73 5.71
N TRP D 658 6.85 -57.36 4.67
CA TRP D 658 6.56 -56.69 3.41
C TRP D 658 5.07 -56.84 3.17
N GLN D 659 4.37 -55.71 3.23
CA GLN D 659 2.90 -55.63 3.18
C GLN D 659 2.04 -55.97 1.94
N PRO D 660 2.65 -56.22 0.77
CA PRO D 660 1.67 -56.50 -0.28
C PRO D 660 1.11 -57.90 -0.13
N GLY D 661 1.92 -58.80 0.41
CA GLY D 661 1.57 -60.21 0.41
C GLY D 661 1.72 -60.89 1.75
N ASP D 662 2.41 -60.26 2.70
CA ASP D 662 2.38 -60.78 4.05
C ASP D 662 0.94 -60.70 4.57
N ALA D 663 0.70 -61.40 5.68
CA ALA D 663 -0.63 -61.44 6.28
C ALA D 663 -0.49 -61.40 7.80
N TRP D 664 -1.41 -60.68 8.45
CA TRP D 664 -1.22 -60.46 9.88
C TRP D 664 -2.43 -59.73 10.42
N MET D 665 -2.66 -59.90 11.72
CA MET D 665 -3.84 -59.38 12.39
C MET D 665 -3.47 -58.19 13.26
N ALA D 666 -4.50 -57.42 13.62
CA ALA D 666 -4.31 -56.24 14.46
C ALA D 666 -5.66 -55.78 14.99
N GLU D 667 -5.62 -55.02 16.08
CA GLU D 667 -6.82 -54.48 16.71
C GLU D 667 -6.75 -52.96 16.69
N THR D 668 -7.66 -52.34 15.95
CA THR D 668 -7.76 -50.89 15.88
C THR D 668 -9.21 -50.53 15.65
N THR D 669 -9.42 -49.31 15.16
CA THR D 669 -10.64 -48.93 14.48
C THR D 669 -10.34 -48.75 13.01
N LEU D 670 -11.39 -48.87 12.19
CA LEU D 670 -11.22 -48.72 10.75
C LEU D 670 -10.70 -47.35 10.39
N GLY D 671 -10.93 -46.36 11.24
CA GLY D 671 -10.38 -45.03 10.98
C GLY D 671 -8.87 -45.07 10.83
N ARG D 672 -8.18 -45.54 11.87
CA ARG D 672 -6.73 -45.71 11.78
C ARG D 672 -6.35 -46.60 10.63
N VAL D 673 -7.20 -47.57 10.32
CA VAL D 673 -6.98 -48.44 9.17
C VAL D 673 -6.80 -47.62 7.92
N MET D 674 -7.86 -46.89 7.53
CA MET D 674 -7.82 -46.06 6.34
C MET D 674 -6.69 -45.07 6.40
N PHE D 675 -6.44 -44.50 7.58
CA PHE D 675 -5.39 -43.50 7.74
C PHE D 675 -4.05 -44.06 7.30
N ASN D 676 -3.63 -45.16 7.91
CA ASN D 676 -2.41 -45.82 7.44
C ASN D 676 -2.51 -46.21 5.97
N GLU D 677 -3.71 -46.54 5.49
CA GLU D 677 -3.88 -46.87 4.08
C GLU D 677 -3.46 -45.74 3.18
N LEU D 678 -3.64 -44.50 3.62
CA LEU D 678 -3.23 -43.36 2.81
C LEU D 678 -1.73 -43.40 2.52
N LEU D 679 -0.95 -43.84 3.49
CA LEU D 679 0.47 -43.65 3.40
C LEU D 679 1.09 -44.59 2.38
N PRO D 680 2.34 -44.35 2.01
CA PRO D 680 3.06 -45.30 1.15
C PRO D 680 3.16 -46.64 1.83
N LEU D 681 3.38 -47.66 1.00
CA LEU D 681 3.38 -49.03 1.48
C LEU D 681 4.49 -49.24 2.50
N GLY D 682 5.68 -48.74 2.19
CA GLY D 682 6.82 -49.00 3.04
C GLY D 682 6.67 -48.44 4.44
N TYR D 683 5.76 -47.50 4.64
CA TYR D 683 5.64 -46.91 5.95
C TYR D 683 4.89 -47.88 6.86
N PRO D 684 5.45 -48.20 8.02
CA PRO D 684 4.79 -49.15 8.93
C PRO D 684 3.52 -48.55 9.52
N PHE D 685 2.83 -49.38 10.30
CA PHE D 685 1.52 -48.99 10.80
C PHE D 685 1.66 -47.97 11.91
N VAL D 686 0.57 -47.25 12.18
CA VAL D 686 0.58 -46.25 13.24
C VAL D 686 -0.25 -46.68 14.45
N ASN D 687 -1.55 -46.79 14.27
CA ASN D 687 -2.47 -47.09 15.36
C ASN D 687 -2.33 -46.10 16.51
N LYS D 688 -2.64 -44.84 16.22
CA LYS D 688 -2.71 -43.84 17.28
C LYS D 688 -3.83 -42.88 16.95
N GLN D 689 -4.06 -41.91 17.82
CA GLN D 689 -4.98 -40.82 17.54
C GLN D 689 -4.15 -39.66 17.03
N MET D 690 -4.31 -39.34 15.76
CA MET D 690 -3.42 -38.41 15.08
C MET D 690 -3.64 -37.01 15.64
N HIS D 691 -2.73 -36.59 16.50
CA HIS D 691 -2.66 -35.19 16.82
C HIS D 691 -1.87 -34.47 15.75
N LYS D 692 -2.06 -33.15 15.67
CA LYS D 692 -1.28 -32.32 14.76
C LYS D 692 0.21 -32.55 14.93
N LYS D 693 0.66 -32.66 16.17
CA LYS D 693 2.08 -32.92 16.42
C LYS D 693 2.50 -34.27 15.84
N VAL D 694 1.66 -35.29 16.05
CA VAL D 694 1.90 -36.60 15.47
C VAL D 694 2.03 -36.48 13.96
N GLN D 695 1.12 -35.71 13.36
CA GLN D 695 1.13 -35.48 11.92
C GLN D 695 2.45 -34.90 11.47
N ALA D 696 2.89 -33.84 12.15
CA ALA D 696 4.14 -33.19 11.80
C ALA D 696 5.30 -34.16 11.89
N ALA D 697 5.33 -34.96 12.94
CA ALA D 697 6.40 -35.93 13.11
C ALA D 697 6.41 -36.92 11.95
N ILE D 698 5.24 -37.40 11.58
CA ILE D 698 5.13 -38.33 10.48
C ILE D 698 5.66 -37.71 9.21
N ILE D 699 5.22 -36.49 8.93
CA ILE D 699 5.64 -35.79 7.72
C ILE D 699 7.15 -35.62 7.71
N ASN D 700 7.71 -35.27 8.86
CA ASN D 700 9.15 -35.10 8.96
C ASN D 700 9.87 -36.39 8.63
N ASP D 701 9.42 -37.49 9.22
CA ASP D 701 9.97 -38.80 8.90
C ASP D 701 9.93 -39.04 7.41
N LEU D 702 8.78 -38.79 6.80
CA LEU D 702 8.58 -39.09 5.39
C LEU D 702 9.56 -38.30 4.54
N ALA D 703 9.61 -36.99 4.75
CA ALA D 703 10.52 -36.15 4.01
C ALA D 703 11.96 -36.59 4.21
N GLU D 704 12.34 -36.88 5.45
CA GLU D 704 13.70 -37.26 5.74
C GLU D 704 14.09 -38.60 5.14
N ARG D 705 13.11 -39.44 4.81
CA ARG D 705 13.45 -40.75 4.26
C ARG D 705 13.01 -40.98 2.83
N TYR D 706 11.97 -40.30 2.35
CA TYR D 706 11.45 -40.69 1.05
C TYR D 706 11.66 -39.61 0.01
N PRO D 707 11.36 -39.88 -1.25
CA PRO D 707 11.47 -38.85 -2.28
C PRO D 707 10.29 -37.90 -2.24
N MET D 708 10.47 -36.75 -2.90
CA MET D 708 9.55 -35.64 -2.76
C MET D 708 8.18 -35.95 -3.34
N ILE D 709 8.15 -36.37 -4.60
CA ILE D 709 6.90 -36.58 -5.33
C ILE D 709 5.95 -37.48 -4.59
N VAL D 710 6.45 -38.52 -3.95
CA VAL D 710 5.61 -39.34 -3.10
C VAL D 710 5.01 -38.51 -1.98
N VAL D 711 5.83 -37.64 -1.40
CA VAL D 711 5.39 -36.80 -0.30
C VAL D 711 4.23 -35.93 -0.73
N ALA D 712 4.37 -35.28 -1.88
CA ALA D 712 3.35 -34.36 -2.33
C ALA D 712 2.02 -35.08 -2.55
N GLN D 713 2.07 -36.20 -3.29
CA GLN D 713 0.88 -37.00 -3.53
C GLN D 713 0.24 -37.42 -2.23
N THR D 714 1.07 -37.83 -1.28
CA THR D 714 0.59 -38.29 0.00
C THR D 714 -0.17 -37.17 0.70
N VAL D 715 0.43 -36.00 0.75
CA VAL D 715 -0.20 -34.87 1.43
C VAL D 715 -1.50 -34.51 0.75
N ASP D 716 -1.54 -34.63 -0.58
CA ASP D 716 -2.76 -34.29 -1.29
C ASP D 716 -3.89 -35.22 -0.88
N LYS D 717 -3.62 -36.53 -0.92
CA LYS D 717 -4.62 -37.50 -0.48
C LYS D 717 -5.04 -37.23 0.95
N LEU D 718 -4.09 -36.80 1.77
CA LEU D 718 -4.40 -36.41 3.14
C LEU D 718 -5.45 -35.31 3.16
N LYS D 719 -5.18 -34.22 2.45
CA LYS D 719 -6.13 -33.12 2.38
C LYS D 719 -7.51 -33.60 1.95
N ASP D 720 -7.53 -34.47 0.95
CA ASP D 720 -8.79 -34.89 0.37
C ASP D 720 -9.63 -35.64 1.39
N ALA D 721 -9.09 -36.73 1.91
CA ALA D 721 -9.83 -37.51 2.88
C ALA D 721 -10.13 -36.70 4.13
N GLY D 722 -9.24 -35.76 4.46
CA GLY D 722 -9.48 -34.93 5.62
C GLY D 722 -10.73 -34.09 5.47
N PHE D 723 -10.90 -33.48 4.31
CA PHE D 723 -12.14 -32.74 4.08
C PHE D 723 -13.33 -33.67 4.09
N TYR D 724 -13.15 -34.85 3.48
CA TYR D 724 -14.21 -35.85 3.44
C TYR D 724 -14.75 -36.14 4.83
N TRP D 725 -13.86 -36.30 5.79
CA TRP D 725 -14.32 -36.67 7.12
C TRP D 725 -14.66 -35.48 7.98
N ALA D 726 -14.02 -34.34 7.76
CA ALA D 726 -14.42 -33.13 8.47
C ALA D 726 -15.86 -32.81 8.17
N THR D 727 -16.30 -33.11 6.95
CA THR D 727 -17.73 -33.04 6.66
C THR D 727 -18.53 -33.89 7.62
N ARG D 728 -18.11 -35.13 7.84
CA ARG D 728 -18.92 -36.04 8.64
C ARG D 728 -18.79 -35.78 10.12
N SER D 729 -17.77 -35.05 10.55
CA SER D 729 -17.56 -34.87 11.98
C SER D 729 -18.73 -34.14 12.63
N GLY D 730 -19.46 -33.33 11.87
CA GLY D 730 -20.62 -32.68 12.41
C GLY D 730 -20.30 -31.66 13.48
N VAL D 731 -19.05 -31.23 13.59
CA VAL D 731 -18.69 -30.26 14.60
C VAL D 731 -19.24 -28.90 14.21
N THR D 732 -20.33 -28.51 14.86
CA THR D 732 -20.93 -27.20 14.67
C THR D 732 -21.19 -26.58 16.02
N VAL D 733 -21.60 -25.32 16.01
CA VAL D 733 -21.68 -24.56 17.25
C VAL D 733 -23.04 -23.92 17.44
N SER D 734 -23.84 -24.44 18.35
CA SER D 734 -25.04 -23.77 18.81
C SER D 734 -24.77 -23.20 20.20
N MET D 735 -25.51 -22.16 20.57
CA MET D 735 -25.37 -21.61 21.91
C MET D 735 -25.62 -22.67 22.98
N ALA D 736 -26.51 -23.62 22.70
CA ALA D 736 -26.71 -24.76 23.59
C ALA D 736 -25.46 -25.60 23.72
N ASP D 737 -24.54 -25.50 22.77
CA ASP D 737 -23.28 -26.22 22.86
C ASP D 737 -22.36 -25.60 23.90
N VAL D 738 -22.67 -24.40 24.36
CA VAL D 738 -21.73 -23.64 25.19
C VAL D 738 -22.29 -23.70 26.61
N LEU D 739 -21.79 -24.66 27.37
CA LEU D 739 -22.13 -24.76 28.79
C LEU D 739 -21.34 -23.70 29.56
N VAL D 740 -21.81 -23.37 30.75
CA VAL D 740 -21.11 -22.43 31.61
C VAL D 740 -20.72 -23.13 32.90
N PRO D 741 -19.85 -22.55 33.72
CA PRO D 741 -19.53 -23.17 35.01
C PRO D 741 -20.76 -23.20 35.89
N PRO D 742 -21.30 -24.39 36.16
CA PRO D 742 -22.56 -24.47 36.91
C PRO D 742 -22.46 -23.98 38.33
N ARG D 743 -21.30 -24.07 38.97
CA ARG D 743 -21.10 -23.54 40.30
C ARG D 743 -20.25 -22.28 40.31
N LYS D 744 -20.29 -21.49 39.23
CA LYS D 744 -19.42 -20.33 39.12
C LYS D 744 -19.64 -19.34 40.26
N LYS D 745 -20.90 -19.07 40.56
CA LYS D 745 -21.24 -17.92 41.39
C LYS D 745 -20.62 -18.01 42.76
N GLU D 746 -20.56 -19.23 43.32
CA GLU D 746 -20.02 -19.38 44.67
C GLU D 746 -18.53 -19.06 44.72
N ILE D 747 -17.78 -19.46 43.71
CA ILE D 747 -16.36 -19.14 43.68
C ILE D 747 -16.19 -17.65 43.43
N LEU D 748 -17.03 -17.10 42.55
CA LEU D 748 -17.14 -15.66 42.40
C LEU D 748 -17.25 -14.99 43.76
N ASP D 749 -18.16 -15.49 44.58
CA ASP D 749 -18.42 -14.89 45.89
C ASP D 749 -17.23 -15.05 46.81
N HIS D 750 -16.58 -16.21 46.78
CA HIS D 750 -15.39 -16.44 47.57
C HIS D 750 -14.33 -15.38 47.31
N TYR D 751 -13.88 -15.30 46.06
CA TYR D 751 -12.89 -14.29 45.72
C TYR D 751 -13.42 -12.88 45.95
N GLU D 752 -14.72 -12.68 45.83
CA GLU D 752 -15.28 -11.35 46.05
C GLU D 752 -15.18 -10.96 47.51
N GLU D 753 -15.46 -11.89 48.42
CA GLU D 753 -15.30 -11.67 49.84
C GLU D 753 -13.86 -11.32 50.15
N ARG D 754 -12.94 -12.06 49.52
CA ARG D 754 -11.52 -11.77 49.65
C ARG D 754 -11.23 -10.32 49.30
N ALA D 755 -11.60 -9.92 48.08
CA ALA D 755 -11.34 -8.57 47.62
C ALA D 755 -12.06 -7.53 48.48
N ASP D 756 -13.21 -7.90 49.03
CA ASP D 756 -13.95 -6.98 49.88
C ASP D 756 -13.20 -6.68 51.15
N LYS D 757 -12.71 -7.73 51.82
CA LYS D 757 -11.86 -7.55 52.98
C LYS D 757 -10.65 -6.69 52.63
N VAL D 758 -10.07 -6.94 51.46
CA VAL D 758 -8.91 -6.18 51.02
C VAL D 758 -9.26 -4.70 50.88
N GLU D 759 -10.41 -4.41 50.27
CA GLU D 759 -10.83 -3.03 50.09
C GLU D 759 -11.12 -2.36 51.42
N LYS D 760 -11.76 -3.10 52.34
CA LYS D 760 -12.00 -2.57 53.67
C LYS D 760 -10.68 -2.18 54.33
N GLN D 761 -9.67 -3.03 54.19
CA GLN D 761 -8.41 -2.77 54.86
C GLN D 761 -7.65 -1.63 54.21
N PHE D 762 -7.81 -1.46 52.89
CA PHE D 762 -7.29 -0.27 52.24
C PHE D 762 -7.96 0.98 52.81
N GLN D 763 -9.29 0.91 52.94
CA GLN D 763 -10.04 1.95 53.62
C GLN D 763 -9.45 2.23 55.00
N ARG D 764 -8.98 1.18 55.68
CA ARG D 764 -8.27 1.34 56.94
C ARG D 764 -7.02 2.18 56.80
N GLY D 765 -6.47 2.31 55.59
CA GLY D 765 -5.16 2.87 55.42
C GLY D 765 -4.04 1.95 55.80
N ALA D 766 -4.35 0.71 56.23
CA ALA D 766 -3.29 -0.24 56.58
C ALA D 766 -2.44 -0.57 55.37
N LEU D 767 -3.00 -0.50 54.18
CA LEU D 767 -2.24 -0.62 52.94
C LEU D 767 -2.57 0.57 52.06
N ASN D 768 -1.57 1.01 51.30
CA ASN D 768 -1.73 2.21 50.48
C ASN D 768 -2.49 1.86 49.20
N HIS D 769 -2.48 2.80 48.27
CA HIS D 769 -3.27 2.66 47.05
C HIS D 769 -2.76 1.49 46.20
N ASP D 770 -1.48 1.54 45.83
CA ASP D 770 -0.95 0.48 44.97
C ASP D 770 -0.93 -0.87 45.66
N GLU D 771 -0.79 -0.88 46.99
CA GLU D 771 -0.82 -2.15 47.71
C GLU D 771 -2.13 -2.88 47.45
N ARG D 772 -3.26 -2.21 47.71
CA ARG D 772 -4.54 -2.83 47.47
C ARG D 772 -4.74 -3.10 45.99
N ASN D 773 -4.18 -2.26 45.13
CA ASN D 773 -4.27 -2.51 43.69
C ASN D 773 -3.67 -3.86 43.34
N GLU D 774 -2.41 -4.07 43.71
CA GLU D 774 -1.76 -5.32 43.40
C GLU D 774 -2.45 -6.48 44.08
N ALA D 775 -2.95 -6.26 45.30
CA ALA D 775 -3.67 -7.32 46.01
C ALA D 775 -4.89 -7.77 45.22
N LEU D 776 -5.67 -6.81 44.75
CA LEU D 776 -6.81 -7.12 43.89
C LEU D 776 -6.34 -7.85 42.65
N VAL D 777 -5.22 -7.40 42.07
CA VAL D 777 -4.67 -8.07 40.90
C VAL D 777 -4.47 -9.55 41.17
N GLU D 778 -3.84 -9.84 42.30
CA GLU D 778 -3.57 -11.24 42.65
C GLU D 778 -4.87 -11.99 42.90
N ILE D 779 -5.81 -11.36 43.59
CA ILE D 779 -7.07 -12.01 43.91
C ILE D 779 -7.80 -12.42 42.65
N TRP D 780 -7.95 -11.49 41.73
CA TRP D 780 -8.68 -11.79 40.52
C TRP D 780 -7.91 -12.73 39.61
N LYS D 781 -6.57 -12.68 39.62
CA LYS D 781 -5.83 -13.67 38.86
C LYS D 781 -6.09 -15.07 39.40
N GLU D 782 -6.04 -15.22 40.72
CA GLU D 782 -6.32 -16.51 41.34
C GLU D 782 -7.73 -16.97 41.01
N ALA D 783 -8.68 -16.05 41.05
CA ALA D 783 -10.04 -16.37 40.67
C ALA D 783 -10.10 -16.88 39.25
N THR D 784 -9.43 -16.17 38.33
CA THR D 784 -9.38 -16.57 36.93
C THR D 784 -8.84 -17.98 36.80
N ASP D 785 -7.79 -18.28 37.55
CA ASP D 785 -7.14 -19.57 37.41
C ASP D 785 -8.06 -20.68 37.87
N GLU D 786 -8.66 -20.52 39.05
CA GLU D 786 -9.58 -21.54 39.53
C GLU D 786 -10.78 -21.69 38.61
N VAL D 787 -11.26 -20.58 38.06
CA VAL D 787 -12.40 -20.62 37.18
C VAL D 787 -12.07 -21.40 35.91
N GLY D 788 -10.91 -21.11 35.33
CA GLY D 788 -10.47 -21.89 34.19
C GLY D 788 -10.29 -23.35 34.53
N GLN D 789 -9.87 -23.63 35.75
CA GLN D 789 -9.77 -25.00 36.22
C GLN D 789 -11.13 -25.70 36.13
N ALA D 790 -12.12 -25.11 36.79
CA ALA D 790 -13.45 -25.71 36.81
C ALA D 790 -14.03 -25.80 35.41
N LEU D 791 -13.76 -24.79 34.58
CA LEU D 791 -14.28 -24.77 33.23
C LEU D 791 -13.71 -25.93 32.43
N ARG D 792 -12.39 -26.09 32.47
CA ARG D 792 -11.76 -27.17 31.73
C ARG D 792 -12.26 -28.51 32.19
N GLU D 793 -12.34 -28.72 33.51
CA GLU D 793 -12.82 -30.01 33.98
C GLU D 793 -14.28 -30.23 33.64
N HIS D 794 -15.08 -29.18 33.52
CA HIS D 794 -16.52 -29.36 33.41
C HIS D 794 -16.96 -29.89 32.06
N TYR D 795 -16.34 -29.43 30.98
CA TYR D 795 -16.85 -29.77 29.67
C TYR D 795 -16.65 -31.25 29.39
N PRO D 796 -17.64 -31.92 28.79
CA PRO D 796 -17.40 -33.22 28.17
C PRO D 796 -16.37 -33.08 27.07
N ASP D 797 -15.88 -34.22 26.62
CA ASP D 797 -14.81 -34.23 25.65
C ASP D 797 -15.29 -34.11 24.21
N ASP D 798 -16.52 -34.53 23.93
CA ASP D 798 -17.05 -34.48 22.57
C ASP D 798 -17.45 -33.07 22.15
N ASN D 799 -17.32 -32.08 23.02
CA ASN D 799 -17.63 -30.72 22.63
C ASN D 799 -16.68 -30.28 21.53
N PRO D 800 -17.20 -30.04 20.32
CA PRO D 800 -16.33 -29.50 19.27
C PRO D 800 -15.72 -28.18 19.66
N ILE D 801 -16.48 -27.38 20.42
CA ILE D 801 -15.99 -26.12 20.97
C ILE D 801 -14.66 -26.30 21.64
N ILE D 802 -14.55 -27.24 22.56
CA ILE D 802 -13.26 -27.62 23.10
C ILE D 802 -12.48 -28.50 22.15
N THR D 803 -13.16 -29.36 21.39
CA THR D 803 -12.47 -30.41 20.64
C THR D 803 -11.48 -29.82 19.64
N ILE D 804 -11.74 -28.60 19.18
CA ILE D 804 -10.82 -27.95 18.25
C ILE D 804 -9.45 -27.82 18.89
N VAL D 805 -9.38 -27.10 20.00
CA VAL D 805 -8.11 -26.93 20.69
C VAL D 805 -7.60 -28.28 21.19
N ASP D 806 -8.54 -29.17 21.51
CA ASP D 806 -8.17 -30.51 21.96
C ASP D 806 -7.29 -31.21 20.93
N SER D 807 -7.76 -31.27 19.69
CA SER D 807 -6.90 -31.67 18.60
C SER D 807 -5.72 -30.72 18.44
N GLY D 808 -5.82 -29.50 18.96
CA GLY D 808 -4.84 -28.49 18.71
C GLY D 808 -5.00 -27.80 17.38
N ALA D 809 -6.21 -27.79 16.83
CA ALA D 809 -6.44 -27.11 15.57
C ALA D 809 -6.11 -25.64 15.66
N THR D 810 -6.64 -24.97 16.68
CA THR D 810 -6.38 -23.54 16.84
C THR D 810 -6.92 -23.06 18.18
N GLY D 811 -6.57 -21.85 18.57
CA GLY D 811 -7.12 -21.24 19.76
C GLY D 811 -6.61 -21.87 21.03
N ASN D 812 -6.59 -21.08 22.10
CA ASN D 812 -6.19 -21.60 23.41
C ASN D 812 -7.38 -21.66 24.35
N PHE D 813 -7.16 -22.36 25.46
CA PHE D 813 -8.19 -22.49 26.49
C PHE D 813 -8.62 -21.14 27.04
N THR D 814 -7.76 -20.13 26.99
CA THR D 814 -8.16 -18.82 27.48
C THR D 814 -9.26 -18.25 26.61
N GLN D 815 -9.16 -18.43 25.29
CA GLN D 815 -10.26 -18.07 24.42
C GLN D 815 -11.53 -18.78 24.83
N THR D 816 -11.41 -20.04 25.22
CA THR D 816 -12.55 -20.78 25.76
C THR D 816 -13.17 -20.03 26.92
N ARG D 817 -12.37 -19.80 27.97
CA ARG D 817 -12.87 -19.15 29.17
C ARG D 817 -13.49 -17.80 28.86
N THR D 818 -12.90 -17.07 27.93
CA THR D 818 -13.50 -15.82 27.49
C THR D 818 -14.86 -16.06 26.87
N LEU D 819 -14.99 -17.12 26.09
CA LEU D 819 -16.27 -17.47 25.50
C LEU D 819 -17.31 -17.72 26.58
N ALA D 820 -17.07 -18.74 27.39
CA ALA D 820 -18.00 -19.15 28.43
C ALA D 820 -17.35 -18.98 29.78
N GLY D 821 -18.10 -18.44 30.73
CA GLY D 821 -17.58 -18.22 32.06
C GLY D 821 -17.29 -16.76 32.35
N MET D 822 -16.02 -16.43 32.51
CA MET D 822 -15.63 -15.11 32.94
C MET D 822 -14.45 -14.63 32.10
N LYS D 823 -14.49 -13.37 31.70
CA LYS D 823 -13.36 -12.81 30.97
C LYS D 823 -12.23 -12.36 31.89
N GLY D 824 -12.55 -11.81 33.05
CA GLY D 824 -11.52 -11.48 34.00
C GLY D 824 -11.01 -10.07 33.82
N LEU D 825 -9.71 -9.94 33.59
CA LEU D 825 -9.02 -8.66 33.66
C LEU D 825 -8.93 -7.98 32.30
N VAL D 826 -9.17 -6.68 32.30
CA VAL D 826 -8.85 -5.81 31.17
C VAL D 826 -7.76 -4.86 31.63
N THR D 827 -6.78 -4.63 30.77
CA THR D 827 -5.61 -3.87 31.15
C THR D 827 -5.84 -2.37 30.99
N ASN D 828 -5.13 -1.61 31.81
CA ASN D 828 -4.92 -0.20 31.55
C ASN D 828 -4.47 -0.01 30.10
N PRO D 829 -5.10 0.90 29.37
CA PRO D 829 -4.59 1.27 28.04
C PRO D 829 -3.12 1.66 28.07
N LYS D 830 -2.67 2.29 29.15
CA LYS D 830 -1.25 2.43 29.39
C LYS D 830 -0.55 1.07 29.36
N GLY D 831 -1.19 0.05 29.90
CA GLY D 831 -0.57 -1.25 29.99
C GLY D 831 -0.80 -1.90 31.34
N GLU D 832 -1.11 -1.08 32.35
CA GLU D 832 -1.39 -1.61 33.67
C GLU D 832 -2.69 -2.43 33.64
N PHE D 833 -3.06 -2.96 34.79
CA PHE D 833 -4.27 -3.76 34.87
C PHE D 833 -5.35 -3.04 35.66
N ILE D 834 -6.59 -3.20 35.23
CA ILE D 834 -7.71 -2.47 35.80
C ILE D 834 -8.30 -3.29 36.93
N PRO D 835 -8.39 -2.73 38.12
CA PRO D 835 -8.78 -3.54 39.29
C PRO D 835 -10.27 -3.84 39.35
N ARG D 836 -11.00 -3.66 38.26
CA ARG D 836 -12.45 -3.76 38.37
C ARG D 836 -12.88 -5.17 38.77
N PRO D 837 -12.68 -6.19 37.94
CA PRO D 837 -12.45 -6.43 36.52
C PRO D 837 -13.67 -7.05 35.89
N VAL D 838 -13.58 -7.46 34.63
CA VAL D 838 -14.66 -8.23 34.02
C VAL D 838 -14.89 -9.50 34.80
N LYS D 839 -16.16 -9.83 35.00
CA LYS D 839 -16.55 -11.03 35.73
C LYS D 839 -17.48 -11.92 34.95
N SER D 840 -17.61 -11.72 33.64
CA SER D 840 -18.55 -12.44 32.81
C SER D 840 -17.86 -12.95 31.56
N SER D 841 -18.54 -13.82 30.82
CA SER D 841 -18.10 -14.19 29.49
C SER D 841 -19.09 -13.69 28.44
N PHE D 842 -18.68 -13.80 27.17
CA PHE D 842 -19.50 -13.34 26.07
C PHE D 842 -20.86 -14.00 26.05
N ARG D 843 -20.92 -15.27 26.44
CA ARG D 843 -22.20 -15.97 26.45
C ARG D 843 -23.20 -15.26 27.36
N GLU D 844 -22.72 -14.76 28.49
CA GLU D 844 -23.56 -13.92 29.33
C GLU D 844 -23.79 -12.56 28.69
N GLY D 845 -22.86 -12.11 27.86
CA GLY D 845 -22.92 -10.75 27.38
C GLY D 845 -22.42 -9.81 28.45
N LEU D 846 -21.71 -8.75 28.06
CA LEU D 846 -21.15 -7.84 29.04
C LEU D 846 -22.17 -6.78 29.44
N THR D 847 -21.69 -5.80 30.20
CA THR D 847 -22.41 -4.56 30.42
C THR D 847 -21.76 -3.46 29.62
N VAL D 848 -22.36 -2.28 29.70
CA VAL D 848 -21.82 -1.10 29.05
C VAL D 848 -20.41 -0.85 29.56
N LEU D 849 -20.27 -0.79 30.88
CA LEU D 849 -18.99 -0.44 31.47
C LEU D 849 -17.95 -1.48 31.12
N GLU D 850 -18.30 -2.74 31.25
CA GLU D 850 -17.41 -3.85 30.94
C GLU D 850 -16.91 -3.74 29.52
N TYR D 851 -17.84 -3.56 28.59
CA TYR D 851 -17.49 -3.47 27.19
C TYR D 851 -16.57 -2.30 26.94
N PHE D 852 -16.92 -1.14 27.49
CA PHE D 852 -16.09 0.04 27.39
C PHE D 852 -14.68 -0.23 27.88
N ILE D 853 -14.57 -0.97 28.97
CA ILE D 853 -13.26 -1.28 29.52
C ILE D 853 -12.48 -2.14 28.54
N ASN D 854 -13.11 -3.17 28.02
CA ASN D 854 -12.42 -4.09 27.12
C ASN D 854 -11.92 -3.35 25.89
N THR D 855 -12.67 -2.34 25.47
CA THR D 855 -12.29 -1.55 24.31
C THR D 855 -10.88 -0.98 24.45
N HIS D 856 -10.47 -0.65 25.67
CA HIS D 856 -9.16 -0.08 25.90
C HIS D 856 -8.06 -0.97 25.35
N GLY D 857 -7.93 -2.16 25.94
CA GLY D 857 -6.93 -3.09 25.48
C GLY D 857 -7.13 -3.50 24.04
N ALA D 858 -8.39 -3.57 23.60
CA ALA D 858 -8.66 -3.93 22.22
C ALA D 858 -7.96 -2.97 21.26
N ARG D 859 -8.32 -1.69 21.34
CA ARG D 859 -7.74 -0.73 20.43
C ARG D 859 -6.24 -0.61 20.65
N LYS D 860 -5.77 -0.78 21.89
CA LYS D 860 -4.34 -0.72 22.14
C LYS D 860 -3.61 -1.80 21.35
N GLY D 861 -4.08 -3.04 21.44
CA GLY D 861 -3.44 -4.11 20.70
C GLY D 861 -3.50 -3.88 19.20
N LEU D 862 -4.64 -3.43 18.70
CA LEU D 862 -4.76 -3.24 17.26
C LEU D 862 -3.84 -2.14 16.78
N ALA D 863 -3.60 -1.14 17.64
CA ALA D 863 -2.62 -0.12 17.31
C ALA D 863 -1.22 -0.73 17.25
N ASP D 864 -0.87 -1.53 18.26
CA ASP D 864 0.46 -2.14 18.29
C ASP D 864 0.70 -3.03 17.09
N THR D 865 -0.38 -3.59 16.54
CA THR D 865 -0.29 -4.56 15.45
C THR D 865 0.49 -4.04 14.27
N ALA D 866 0.25 -2.77 13.91
CA ALA D 866 0.90 -2.17 12.76
C ALA D 866 2.31 -1.72 13.10
N LEU D 867 2.52 -1.19 14.30
CA LEU D 867 3.85 -0.74 14.68
C LEU D 867 4.83 -1.90 14.66
N ARG D 868 4.40 -3.06 15.14
CA ARG D 868 5.30 -4.19 15.21
C ARG D 868 5.73 -4.65 13.82
N THR D 869 4.75 -4.86 12.94
CA THR D 869 5.07 -5.24 11.58
C THR D 869 5.89 -4.17 10.86
N ALA D 870 5.69 -2.90 11.20
CA ALA D 870 6.52 -1.87 10.60
C ALA D 870 7.97 -2.00 11.01
N ASP D 871 8.24 -2.13 12.31
CA ASP D 871 9.61 -2.28 12.77
C ASP D 871 10.25 -3.53 12.20
N SER D 872 9.45 -4.56 11.96
CA SER D 872 9.97 -5.83 11.47
C SER D 872 10.70 -5.63 10.15
N GLY D 873 10.06 -4.93 9.22
CA GLY D 873 10.68 -4.73 7.93
C GLY D 873 11.95 -3.91 8.01
N TYR D 874 11.94 -2.89 8.87
CA TYR D 874 13.14 -2.11 9.11
C TYR D 874 14.28 -2.99 9.56
N LEU D 875 14.02 -3.81 10.57
CA LEU D 875 15.05 -4.69 11.09
C LEU D 875 15.52 -5.65 10.00
N THR D 876 14.59 -6.12 9.18
CA THR D 876 14.94 -7.04 8.12
C THR D 876 15.89 -6.39 7.13
N ARG D 877 15.57 -5.17 6.71
CA ARG D 877 16.44 -4.46 5.79
C ARG D 877 17.82 -4.31 6.39
N ARG D 878 17.90 -3.90 7.65
CA ARG D 878 19.20 -3.80 8.32
C ARG D 878 19.95 -5.10 8.22
N LEU D 879 19.31 -6.20 8.61
CA LEU D 879 19.97 -7.48 8.68
C LEU D 879 20.51 -7.89 7.32
N VAL D 880 19.66 -7.86 6.31
CA VAL D 880 20.06 -8.46 5.04
C VAL D 880 21.08 -7.58 4.36
N ASP D 881 20.89 -6.26 4.47
CA ASP D 881 21.91 -5.35 3.99
C ASP D 881 23.24 -5.59 4.67
N VAL D 882 23.20 -6.01 5.93
CA VAL D 882 24.43 -6.47 6.56
C VAL D 882 25.00 -7.65 5.80
N SER D 883 24.28 -8.76 5.78
CA SER D 883 24.85 -10.00 5.30
C SER D 883 24.51 -10.28 3.85
N GLN D 884 24.43 -9.25 3.02
CA GLN D 884 23.96 -9.47 1.66
C GLN D 884 24.87 -10.39 0.86
N ASP D 885 26.15 -10.46 1.19
CA ASP D 885 27.12 -11.10 0.32
C ASP D 885 27.79 -12.27 0.99
N VAL D 886 26.99 -13.13 1.60
CA VAL D 886 27.49 -14.33 2.25
C VAL D 886 26.97 -15.51 1.47
N ILE D 887 27.84 -16.13 0.68
CA ILE D 887 27.46 -17.28 -0.14
C ILE D 887 28.50 -18.36 0.06
N VAL D 888 28.09 -19.60 -0.13
CA VAL D 888 29.08 -20.69 -0.16
C VAL D 888 29.93 -20.51 -1.38
N ARG D 889 31.23 -20.68 -1.23
CA ARG D 889 32.12 -20.64 -2.37
C ARG D 889 33.05 -21.82 -2.45
N GLU D 890 33.08 -22.68 -1.43
CA GLU D 890 34.06 -23.74 -1.40
C GLU D 890 33.40 -24.99 -0.86
N HIS D 891 33.75 -26.14 -1.42
CA HIS D 891 33.23 -27.38 -0.88
C HIS D 891 33.61 -27.55 0.58
N ASP D 892 34.89 -27.41 0.89
CA ASP D 892 35.37 -27.60 2.25
C ASP D 892 36.53 -26.66 2.50
N CYS D 893 36.48 -25.97 3.64
CA CYS D 893 37.64 -25.24 4.14
C CYS D 893 38.63 -26.17 4.80
N GLN D 894 38.18 -27.36 5.19
CA GLN D 894 39.04 -28.41 5.70
C GLN D 894 39.73 -28.02 7.00
N THR D 895 39.17 -27.05 7.70
CA THR D 895 39.71 -26.67 8.99
C THR D 895 39.54 -27.80 9.99
N GLU D 896 40.08 -27.58 11.18
CA GLU D 896 39.82 -28.46 12.31
C GLU D 896 39.28 -27.73 13.52
N ARG D 897 38.90 -26.48 13.37
CA ARG D 897 38.18 -25.79 14.43
C ARG D 897 36.72 -26.24 14.37
N GLY D 898 35.96 -25.94 15.41
CA GLY D 898 34.61 -26.44 15.50
C GLY D 898 34.20 -26.50 16.95
N ILE D 899 32.91 -26.28 17.20
CA ILE D 899 32.40 -26.16 18.56
C ILE D 899 31.81 -27.49 19.01
N VAL D 900 31.73 -27.66 20.33
CA VAL D 900 31.12 -28.83 20.94
C VAL D 900 29.78 -28.41 21.50
N VAL D 901 28.92 -29.40 21.72
CA VAL D 901 27.54 -29.15 22.03
C VAL D 901 27.19 -29.79 23.36
N GLU D 902 26.29 -29.13 24.09
CA GLU D 902 25.79 -29.67 25.35
C GLU D 902 25.19 -31.06 25.16
N LEU D 903 24.34 -31.22 24.16
CA LEU D 903 23.92 -32.53 23.70
C LEU D 903 23.25 -33.33 24.82
N ALA D 904 22.08 -32.84 25.24
CA ALA D 904 21.17 -33.60 26.11
C ALA D 904 21.83 -33.97 27.43
N GLU D 905 22.03 -32.94 28.26
CA GLU D 905 22.78 -32.98 29.51
C GLU D 905 22.58 -34.23 30.36
N ARG D 906 23.63 -34.64 31.07
CA ARG D 906 23.62 -35.75 32.00
C ARG D 906 22.53 -35.57 33.05
N ALA D 907 22.05 -36.68 33.60
CA ALA D 907 21.15 -36.56 34.73
C ALA D 907 21.91 -36.79 36.03
N PRO D 908 21.59 -36.03 37.08
CA PRO D 908 22.23 -36.27 38.39
C PRO D 908 21.92 -37.64 38.95
N ASP D 909 20.65 -38.06 38.92
CA ASP D 909 20.32 -39.44 39.22
C ASP D 909 20.99 -40.38 38.23
N GLY D 910 21.23 -39.89 37.02
CA GLY D 910 22.10 -40.53 36.06
C GLY D 910 21.34 -41.08 34.87
N THR D 911 21.31 -40.29 33.81
CA THR D 911 20.78 -40.57 32.48
C THR D 911 21.22 -39.41 31.61
N LEU D 912 21.13 -39.61 30.30
CA LEU D 912 21.31 -38.52 29.35
C LEU D 912 19.94 -37.89 29.14
N ILE D 913 19.50 -37.13 30.14
CA ILE D 913 18.25 -36.42 30.01
C ILE D 913 18.39 -35.40 28.88
N ARG D 914 17.46 -35.46 27.93
CA ARG D 914 17.63 -34.68 26.72
C ARG D 914 17.37 -33.21 26.99
N ASP D 915 18.28 -32.36 26.52
CA ASP D 915 17.99 -30.95 26.47
C ASP D 915 16.77 -30.70 25.58
N PRO D 916 15.96 -29.69 25.88
CA PRO D 916 14.89 -29.33 24.94
C PRO D 916 15.42 -28.80 23.62
N TYR D 917 16.45 -27.96 23.64
CA TYR D 917 16.83 -27.19 22.47
C TYR D 917 18.01 -27.82 21.74
N ILE D 918 17.73 -28.96 21.12
CA ILE D 918 18.77 -29.75 20.50
C ILE D 918 18.58 -29.83 18.99
N GLU D 919 17.36 -30.03 18.54
CA GLU D 919 17.08 -30.11 17.11
C GLU D 919 17.46 -28.80 16.43
N THR D 920 17.13 -27.68 17.07
CA THR D 920 17.51 -26.38 16.58
C THR D 920 19.01 -26.17 16.52
N SER D 921 19.78 -27.00 17.22
CA SER D 921 21.23 -26.88 17.31
C SER D 921 21.95 -28.03 16.65
N ALA D 922 21.62 -29.25 17.02
CA ALA D 922 22.40 -30.40 16.61
C ALA D 922 22.20 -30.75 15.14
N TYR D 923 20.97 -30.75 14.66
CA TYR D 923 20.69 -31.29 13.35
C TYR D 923 21.32 -30.43 12.26
N ALA D 924 21.61 -31.08 11.13
CA ALA D 924 22.25 -30.44 9.98
C ALA D 924 23.58 -29.82 10.39
N ARG D 925 24.40 -30.66 11.02
CA ARG D 925 25.72 -30.24 11.45
C ARG D 925 26.72 -31.30 11.04
N THR D 926 27.99 -30.91 11.02
CA THR D 926 29.04 -31.73 10.45
C THR D 926 30.13 -31.95 11.50
N LEU D 927 30.30 -33.19 11.93
CA LEU D 927 31.38 -33.51 12.85
C LEU D 927 32.73 -33.31 12.20
N GLY D 928 33.60 -32.56 12.88
CA GLY D 928 35.00 -32.55 12.54
C GLY D 928 35.71 -33.59 13.37
N THR D 929 35.15 -33.88 14.54
CA THR D 929 35.69 -34.87 15.44
C THR D 929 35.04 -36.22 15.14
N ASP D 930 35.39 -37.21 15.96
CA ASP D 930 34.93 -38.57 15.75
C ASP D 930 34.42 -39.10 17.08
N ALA D 931 33.14 -39.45 17.12
CA ALA D 931 32.51 -39.90 18.35
C ALA D 931 32.97 -41.30 18.73
N VAL D 932 34.02 -41.38 19.53
CA VAL D 932 34.45 -42.64 20.10
C VAL D 932 33.38 -43.08 21.08
N ASP D 933 33.47 -44.32 21.53
CA ASP D 933 32.51 -44.84 22.48
C ASP D 933 33.23 -45.55 23.61
N GLU D 934 32.93 -45.13 24.84
CA GLU D 934 33.41 -45.82 26.03
C GLU D 934 34.91 -45.75 26.11
N ALA D 935 35.51 -44.70 25.56
CA ALA D 935 36.94 -44.66 25.34
C ALA D 935 37.37 -45.84 24.48
N GLY D 936 36.52 -46.20 23.54
CA GLY D 936 36.79 -47.31 22.65
C GLY D 936 36.40 -46.99 21.23
N ASN D 937 35.60 -47.85 20.62
CA ASN D 937 35.15 -47.68 19.25
C ASN D 937 34.47 -46.35 19.01
N VAL D 938 34.59 -45.82 17.80
CA VAL D 938 33.97 -44.56 17.44
C VAL D 938 32.60 -44.87 16.86
N ILE D 939 31.57 -44.40 17.55
CA ILE D 939 30.23 -44.55 17.02
C ILE D 939 30.07 -43.75 15.73
N VAL D 940 30.59 -42.52 15.70
CA VAL D 940 30.36 -41.62 14.59
C VAL D 940 31.59 -40.76 14.41
N GLU D 941 31.95 -40.48 13.16
CA GLU D 941 33.21 -39.84 12.85
C GLU D 941 32.99 -38.45 12.29
N ARG D 942 34.12 -37.80 11.99
CA ARG D 942 34.12 -36.54 11.25
C ARG D 942 33.31 -36.67 9.98
N GLY D 943 32.60 -35.60 9.63
CA GLY D 943 31.90 -35.59 8.38
C GLY D 943 30.65 -36.45 8.35
N GLN D 944 29.64 -36.06 9.10
CA GLN D 944 28.30 -36.59 8.93
C GLN D 944 27.30 -35.45 9.12
N ASP D 945 26.05 -35.70 8.78
CA ASP D 945 25.05 -34.63 8.78
C ASP D 945 24.37 -34.46 10.12
N LEU D 946 24.40 -35.47 10.98
CA LEU D 946 24.00 -35.31 12.38
C LEU D 946 22.52 -34.98 12.49
N GLY D 947 21.71 -35.86 11.92
CA GLY D 947 20.27 -35.86 12.12
C GLY D 947 19.85 -36.91 13.13
N ASP D 948 18.67 -37.47 12.96
CA ASP D 948 18.00 -38.25 14.01
C ASP D 948 18.80 -39.48 14.43
N PRO D 949 18.97 -40.47 13.54
CA PRO D 949 19.36 -41.80 14.00
C PRO D 949 20.71 -41.82 14.68
N GLU D 950 21.68 -41.16 14.09
CA GLU D 950 23.00 -41.06 14.72
C GLU D 950 22.92 -40.35 16.06
N ILE D 951 22.14 -39.27 16.15
CA ILE D 951 21.92 -38.63 17.45
C ILE D 951 21.41 -39.63 18.46
N ASP D 952 20.45 -40.44 18.04
CA ASP D 952 19.86 -41.42 18.93
C ASP D 952 20.90 -42.42 19.37
N ALA D 953 21.76 -42.83 18.44
CA ALA D 953 22.87 -43.72 18.79
C ALA D 953 23.80 -43.06 19.79
N LEU D 954 23.97 -41.74 19.67
CA LEU D 954 24.85 -41.04 20.59
C LEU D 954 24.25 -41.00 21.98
N LEU D 955 22.95 -40.78 22.06
CA LEU D 955 22.24 -40.93 23.33
C LEU D 955 22.46 -42.32 23.89
N ALA D 956 22.37 -43.34 23.04
CA ALA D 956 22.64 -44.70 23.49
C ALA D 956 24.05 -44.82 24.01
N ALA D 957 25.00 -44.15 23.36
CA ALA D 957 26.40 -44.23 23.78
C ALA D 957 26.61 -43.57 25.12
N GLY D 958 25.89 -42.48 25.39
CA GLY D 958 26.07 -41.75 26.63
C GLY D 958 27.19 -40.73 26.55
N ILE D 959 27.09 -39.81 25.61
CA ILE D 959 28.10 -38.78 25.38
C ILE D 959 27.38 -37.49 25.04
N THR D 960 27.88 -36.37 25.54
CA THR D 960 27.16 -35.10 25.46
C THR D 960 28.07 -33.95 25.09
N GLN D 961 29.10 -34.21 24.29
CA GLN D 961 29.95 -33.12 23.82
C GLN D 961 30.50 -33.52 22.47
N VAL D 962 30.31 -32.65 21.49
CA VAL D 962 30.65 -33.01 20.12
C VAL D 962 31.20 -31.80 19.38
N LYS D 963 32.50 -31.80 19.11
CA LYS D 963 33.06 -30.75 18.29
C LYS D 963 32.54 -30.92 16.88
N VAL D 964 31.57 -30.10 16.52
CA VAL D 964 30.97 -30.10 15.20
C VAL D 964 31.46 -28.86 14.48
N ARG D 965 31.55 -28.92 13.16
CA ARG D 965 31.92 -27.74 12.41
C ARG D 965 30.83 -26.68 12.54
N SER D 966 31.23 -25.44 12.28
CA SER D 966 30.31 -24.31 12.30
C SER D 966 30.86 -23.23 11.39
N VAL D 967 29.97 -22.31 11.00
CA VAL D 967 30.39 -21.14 10.26
C VAL D 967 31.44 -20.35 11.03
N LEU D 968 31.40 -20.39 12.35
CA LEU D 968 32.39 -19.68 13.14
C LEU D 968 33.78 -20.21 12.86
N THR D 969 33.88 -21.50 12.53
CA THR D 969 35.16 -22.09 12.23
C THR D 969 35.33 -22.42 10.76
N CYS D 970 34.39 -22.01 9.91
CA CYS D 970 34.57 -22.21 8.48
C CYS D 970 35.82 -21.46 8.03
N ALA D 971 36.84 -22.22 7.66
CA ALA D 971 38.14 -21.64 7.41
C ALA D 971 38.19 -20.81 6.13
N THR D 972 37.14 -20.81 5.34
CA THR D 972 37.17 -20.13 4.05
C THR D 972 37.34 -18.63 4.25
N SER D 973 38.05 -18.00 3.32
CA SER D 973 38.16 -16.55 3.35
C SER D 973 36.91 -15.90 2.81
N THR D 974 36.62 -16.11 1.53
CA THR D 974 35.57 -15.39 0.83
C THR D 974 34.25 -16.12 1.00
N GLY D 975 33.60 -15.86 2.12
CA GLY D 975 32.39 -16.56 2.44
C GLY D 975 32.67 -17.83 3.20
N VAL D 976 31.97 -18.89 2.81
CA VAL D 976 31.92 -20.09 3.61
C VAL D 976 32.25 -21.30 2.76
N CYS D 977 32.58 -22.40 3.43
CA CYS D 977 32.71 -23.68 2.75
C CYS D 977 31.40 -24.44 2.86
N ALA D 978 31.17 -25.32 1.89
CA ALA D 978 29.97 -26.15 1.93
C ALA D 978 29.95 -27.01 3.18
N THR D 979 31.10 -27.58 3.51
CA THR D 979 31.20 -28.51 4.62
C THR D 979 30.78 -27.90 5.94
N CYS D 980 31.36 -26.75 6.28
CA CYS D 980 31.03 -26.15 7.56
C CYS D 980 29.60 -25.62 7.62
N TYR D 981 28.90 -25.58 6.49
CA TYR D 981 27.52 -25.15 6.56
C TYR D 981 26.56 -26.28 6.89
N GLY D 982 26.82 -27.47 6.41
CA GLY D 982 25.95 -28.59 6.67
C GLY D 982 24.71 -28.59 5.80
N ARG D 983 23.76 -29.42 6.21
CA ARG D 983 22.50 -29.56 5.48
C ARG D 983 21.80 -28.22 5.33
N SER D 984 21.11 -28.05 4.21
CA SER D 984 20.13 -26.99 4.11
C SER D 984 18.82 -27.44 4.74
N MET D 985 18.20 -26.54 5.52
CA MET D 985 16.95 -26.87 6.17
C MET D 985 15.86 -27.24 5.17
N ALA D 986 15.89 -26.65 3.99
CA ALA D 986 14.83 -26.90 3.02
C ALA D 986 15.20 -28.06 2.09
N THR D 987 16.47 -28.15 1.71
CA THR D 987 16.89 -29.23 0.83
C THR D 987 16.74 -30.58 1.51
N GLY D 988 17.02 -30.61 2.82
CA GLY D 988 17.15 -31.84 3.54
C GLY D 988 18.50 -32.49 3.35
N LYS D 989 19.29 -32.00 2.42
CA LYS D 989 20.61 -32.54 2.17
C LYS D 989 21.68 -31.47 2.33
N LEU D 990 22.92 -31.86 2.06
CA LEU D 990 23.99 -30.88 2.10
C LEU D 990 23.82 -29.86 0.99
N VAL D 991 23.99 -28.60 1.35
CA VAL D 991 23.72 -27.51 0.41
C VAL D 991 24.76 -27.51 -0.69
N ASP D 992 24.38 -26.97 -1.86
CA ASP D 992 25.32 -26.77 -2.94
C ASP D 992 26.16 -25.52 -2.67
N ILE D 993 27.02 -25.18 -3.63
CA ILE D 993 27.94 -24.06 -3.44
C ILE D 993 27.43 -22.80 -4.13
N GLY D 994 26.20 -22.81 -4.60
CA GLY D 994 25.66 -21.65 -5.28
C GLY D 994 24.75 -20.83 -4.40
N GLU D 995 24.83 -21.09 -3.10
CA GLU D 995 23.84 -20.54 -2.19
C GLU D 995 24.37 -19.33 -1.42
N ALA D 996 23.51 -18.33 -1.26
CA ALA D 996 23.74 -17.25 -0.31
C ALA D 996 22.87 -17.44 0.93
N VAL D 997 23.31 -18.35 1.79
CA VAL D 997 22.54 -18.76 2.95
C VAL D 997 22.24 -17.57 3.84
N GLY D 998 23.10 -16.57 3.80
CA GLY D 998 22.92 -15.36 4.57
C GLY D 998 21.54 -14.79 4.39
N ILE D 999 21.08 -14.71 3.14
CA ILE D 999 19.78 -14.12 2.91
C ILE D 999 18.67 -15.00 3.44
N VAL D 1000 18.82 -16.31 3.31
CA VAL D 1000 17.81 -17.23 3.82
C VAL D 1000 17.69 -17.05 5.32
N ALA D 1001 18.82 -17.04 6.01
CA ALA D 1001 18.82 -16.80 7.45
C ALA D 1001 18.20 -15.44 7.76
N ALA D 1002 18.47 -14.46 6.91
CA ALA D 1002 17.94 -13.13 7.11
C ALA D 1002 16.42 -13.15 7.16
N GLN D 1003 15.82 -13.69 6.10
CA GLN D 1003 14.37 -13.80 6.09
C GLN D 1003 13.89 -14.71 7.21
N SER D 1004 14.69 -15.71 7.56
CA SER D 1004 14.36 -16.62 8.64
C SER D 1004 14.16 -15.86 9.93
N ILE D 1005 14.99 -14.85 10.15
CA ILE D 1005 14.87 -14.05 11.35
C ILE D 1005 13.74 -13.05 11.20
N GLY D 1006 13.66 -12.40 10.04
CA GLY D 1006 12.72 -11.32 9.86
C GLY D 1006 11.28 -11.76 9.92
N GLU D 1007 10.97 -12.92 9.36
CA GLU D 1007 9.60 -13.42 9.29
C GLU D 1007 8.93 -13.48 10.65
N PRO D 1008 9.48 -14.20 11.62
CA PRO D 1008 8.75 -14.39 12.88
C PRO D 1008 8.61 -13.11 13.69
N GLY D 1009 9.36 -12.08 13.31
CA GLY D 1009 9.32 -10.80 13.99
C GLY D 1009 7.93 -10.23 14.13
N THR D 1010 7.06 -10.52 13.16
CA THR D 1010 5.68 -10.09 13.27
C THR D 1010 5.01 -10.67 14.50
N GLN D 1011 5.26 -11.95 14.76
CA GLN D 1011 4.62 -12.62 15.90
C GLN D 1011 5.33 -12.33 17.20
N LEU D 1012 6.44 -11.60 17.17
CA LEU D 1012 7.19 -11.31 18.38
C LEU D 1012 6.38 -10.32 19.20
N THR D 1013 5.56 -10.87 20.10
CA THR D 1013 4.61 -10.07 20.88
C THR D 1013 5.28 -9.47 22.12
N MET D 1014 6.18 -8.52 21.86
CA MET D 1014 6.88 -7.84 22.94
C MET D 1014 7.71 -8.81 23.77
N THR D 1027 15.20 -5.01 28.42
CA THR D 1027 14.16 -5.06 27.40
C THR D 1027 13.76 -6.49 27.11
N GLY D 1028 12.47 -6.72 26.95
CA GLY D 1028 11.98 -8.07 26.81
C GLY D 1028 11.26 -8.35 25.51
N GLY D 1029 11.79 -7.83 24.40
CA GLY D 1029 11.11 -8.07 23.15
C GLY D 1029 11.86 -7.75 21.88
N LEU D 1030 11.11 -7.25 20.91
CA LEU D 1030 11.70 -6.86 19.63
C LEU D 1030 12.79 -5.83 19.78
N PRO D 1031 12.60 -4.73 20.48
CA PRO D 1031 13.70 -3.77 20.65
C PRO D 1031 14.87 -4.38 21.38
N ARG D 1032 14.58 -5.28 22.32
CA ARG D 1032 15.65 -6.07 22.93
C ARG D 1032 16.49 -6.76 21.88
N VAL D 1033 15.83 -7.47 20.97
CA VAL D 1033 16.53 -8.17 19.90
C VAL D 1033 17.34 -7.19 19.07
N GLN D 1034 16.73 -6.06 18.76
CA GLN D 1034 17.38 -5.05 17.94
C GLN D 1034 18.68 -4.57 18.59
N GLU D 1035 18.54 -3.99 19.78
CA GLU D 1035 19.70 -3.50 20.53
C GLU D 1035 20.74 -4.56 20.72
N LEU D 1036 20.34 -5.83 20.86
CA LEU D 1036 21.33 -6.90 20.85
C LEU D 1036 22.09 -6.90 19.54
N PHE D 1037 21.38 -6.94 18.42
CA PHE D 1037 22.03 -6.76 17.14
C PHE D 1037 22.63 -5.38 17.02
N GLU D 1038 22.04 -4.40 17.71
CA GLU D 1038 22.65 -3.09 17.76
C GLU D 1038 24.01 -3.11 18.44
N ALA D 1039 24.29 -4.13 19.24
CA ALA D 1039 25.50 -4.21 20.05
C ALA D 1039 25.54 -3.10 21.10
N ARG D 1040 24.40 -2.55 21.46
CA ARG D 1040 24.36 -1.45 22.39
C ARG D 1040 24.68 -1.94 23.79
N VAL D 1041 24.98 -1.00 24.68
CA VAL D 1041 25.03 -1.26 26.10
C VAL D 1041 23.60 -1.27 26.63
N PRO D 1042 23.07 -2.41 27.02
CA PRO D 1042 21.65 -2.47 27.38
C PRO D 1042 21.33 -1.63 28.60
N ARG D 1043 20.05 -1.39 28.84
CA ARG D 1043 19.66 -0.74 30.08
C ARG D 1043 20.02 -1.59 31.28
N GLY D 1044 19.84 -2.91 31.17
CA GLY D 1044 20.08 -3.81 32.27
C GLY D 1044 21.51 -4.30 32.30
N LYS D 1045 22.44 -3.37 32.19
CA LYS D 1045 23.85 -3.75 32.22
C LYS D 1045 24.22 -4.30 33.58
N ALA D 1046 24.35 -5.63 33.65
CA ALA D 1046 24.75 -6.23 34.90
C ALA D 1046 26.25 -6.53 34.86
N PRO D 1047 26.95 -6.28 35.96
CA PRO D 1047 28.39 -6.51 35.97
C PRO D 1047 28.71 -7.97 35.76
N ILE D 1048 29.89 -8.23 35.22
CA ILE D 1048 30.36 -9.58 34.99
C ILE D 1048 31.72 -9.73 35.66
N ALA D 1049 32.00 -10.93 36.14
CA ALA D 1049 33.22 -11.18 36.87
C ALA D 1049 34.41 -10.98 35.96
N ASP D 1050 35.58 -10.82 36.59
CA ASP D 1050 36.83 -10.63 35.87
C ASP D 1050 37.91 -11.58 36.35
N VAL D 1051 37.67 -12.29 37.45
CA VAL D 1051 38.53 -13.37 37.90
C VAL D 1051 37.71 -14.15 38.92
N THR D 1052 38.04 -15.42 39.11
CA THR D 1052 37.33 -16.21 40.09
C THR D 1052 37.59 -15.69 41.50
N GLY D 1053 37.00 -16.35 42.49
CA GLY D 1053 37.12 -15.97 43.88
C GLY D 1053 35.77 -15.77 44.53
N ARG D 1054 35.81 -15.66 45.84
CA ARG D 1054 34.58 -15.30 46.51
C ARG D 1054 34.22 -13.86 46.18
N VAL D 1055 33.15 -13.38 46.77
CA VAL D 1055 32.75 -12.00 46.54
C VAL D 1055 33.05 -11.19 47.78
N ARG D 1056 33.49 -9.95 47.55
CA ARG D 1056 33.44 -8.92 48.57
C ARG D 1056 32.09 -8.23 48.41
N LEU D 1057 31.05 -9.04 48.55
CA LEU D 1057 29.67 -8.58 48.39
C LEU D 1057 29.39 -7.56 49.48
N GLU D 1058 28.66 -6.51 49.11
CA GLU D 1058 28.48 -5.39 50.02
C GLU D 1058 27.46 -4.43 49.43
N ASP D 1059 26.67 -3.82 50.29
CA ASP D 1059 25.58 -2.96 49.86
C ASP D 1059 25.61 -1.67 50.65
N GLY D 1060 25.79 -0.56 49.97
CA GLY D 1060 25.63 0.75 50.57
C GLY D 1060 24.18 1.12 50.71
N GLU D 1061 23.94 2.41 50.93
CA GLU D 1061 22.59 2.93 51.04
C GLU D 1061 21.93 2.95 49.68
N ARG D 1062 20.64 2.59 49.63
CA ARG D 1062 19.76 2.75 48.47
C ARG D 1062 20.28 2.13 47.17
N PHE D 1063 21.35 1.35 47.26
CA PHE D 1063 21.86 0.57 46.16
C PHE D 1063 22.99 -0.29 46.72
N TYR D 1064 23.69 -0.99 45.84
CA TYR D 1064 24.66 -1.98 46.28
C TYR D 1064 26.05 -1.47 45.98
N LYS D 1065 27.03 -1.98 46.73
CA LYS D 1065 28.39 -1.44 46.62
C LYS D 1065 29.35 -2.60 46.90
N ILE D 1066 29.79 -3.25 45.83
CA ILE D 1066 30.41 -4.57 45.92
C ILE D 1066 31.78 -4.49 45.25
N THR D 1067 32.59 -5.53 45.44
CA THR D 1067 33.91 -5.57 44.85
C THR D 1067 34.37 -7.02 44.76
N ILE D 1068 35.12 -7.33 43.70
CA ILE D 1068 35.54 -8.69 43.42
C ILE D 1068 36.62 -9.11 44.40
N VAL D 1069 36.57 -10.36 44.85
CA VAL D 1069 37.67 -10.94 45.60
C VAL D 1069 38.64 -11.57 44.62
N PRO D 1070 39.74 -10.90 44.28
CA PRO D 1070 40.68 -11.47 43.32
C PRO D 1070 41.38 -12.69 43.89
N ASP D 1071 41.70 -13.63 43.01
CA ASP D 1071 42.39 -14.84 43.41
C ASP D 1071 43.85 -14.90 43.01
N ASP D 1072 44.30 -13.99 42.14
CA ASP D 1072 45.73 -13.88 41.85
C ASP D 1072 46.55 -13.69 43.13
N GLY D 1073 46.26 -12.68 43.95
CA GLY D 1073 45.20 -11.71 43.76
C GLY D 1073 45.67 -10.37 43.26
N GLY D 1074 45.08 -9.31 43.78
CA GLY D 1074 45.42 -7.97 43.34
C GLY D 1074 44.30 -7.01 43.64
N GLU D 1075 44.03 -6.15 42.68
CA GLU D 1075 42.90 -5.22 42.80
C GLU D 1075 41.61 -6.00 42.97
N GLU D 1076 40.97 -5.86 44.13
CA GLU D 1076 39.59 -6.26 44.22
C GLU D 1076 38.78 -5.43 43.23
N VAL D 1077 38.20 -6.10 42.24
CA VAL D 1077 37.48 -5.39 41.19
C VAL D 1077 36.22 -4.78 41.80
N VAL D 1078 36.20 -3.45 41.88
CA VAL D 1078 35.17 -2.77 42.64
C VAL D 1078 33.96 -2.50 41.74
N TYR D 1079 32.78 -2.51 42.38
CA TYR D 1079 31.52 -2.27 41.68
C TYR D 1079 30.67 -1.40 42.58
N ASP D 1080 30.30 -0.22 42.10
CA ASP D 1080 29.83 0.83 42.98
C ASP D 1080 28.38 1.22 42.76
N LYS D 1081 28.02 1.64 41.55
CA LYS D 1081 26.65 2.06 41.27
C LYS D 1081 25.78 0.85 40.99
N ILE D 1082 25.59 0.06 42.05
CA ILE D 1082 24.84 -1.18 41.95
C ILE D 1082 23.45 -0.90 42.50
N SER D 1083 22.52 -0.61 41.61
CA SER D 1083 21.21 -0.14 42.02
C SER D 1083 20.51 -1.15 42.92
N LYS D 1084 19.92 -0.65 44.00
CA LYS D 1084 19.15 -1.50 44.89
C LYS D 1084 17.98 -2.14 44.15
N ARG D 1085 17.45 -1.43 43.16
CA ARG D 1085 16.49 -2.03 42.25
C ARG D 1085 17.07 -3.23 41.51
N GLN D 1086 18.39 -3.29 41.36
CA GLN D 1086 19.03 -4.46 40.80
C GLN D 1086 19.07 -5.59 41.83
N ARG D 1087 19.31 -6.79 41.33
CA ARG D 1087 19.27 -7.98 42.17
C ARG D 1087 20.48 -8.86 41.87
N LEU D 1088 20.98 -9.50 42.91
CA LEU D 1088 22.14 -10.38 42.82
C LEU D 1088 21.79 -11.57 41.95
N ARG D 1089 22.68 -11.89 41.02
CA ARG D 1089 22.43 -13.00 40.10
C ARG D 1089 22.38 -14.31 40.87
N VAL D 1090 21.20 -14.92 40.89
CA VAL D 1090 21.02 -16.23 41.51
C VAL D 1090 21.42 -17.30 40.51
N PHE D 1091 22.07 -18.35 41.00
CA PHE D 1091 22.48 -19.44 40.13
C PHE D 1091 22.95 -20.60 41.02
N LYS D 1092 23.57 -21.61 40.39
CA LYS D 1092 24.05 -22.83 41.04
C LYS D 1092 23.02 -23.44 41.99
N ARG D 1099 22.23 -21.25 44.23
CA ARG D 1099 21.68 -20.25 45.14
C ARG D 1099 22.05 -18.85 44.68
N VAL D 1100 21.25 -17.87 45.10
CA VAL D 1100 21.49 -16.50 44.69
C VAL D 1100 22.82 -16.03 45.25
N LEU D 1101 23.33 -14.95 44.68
CA LEU D 1101 24.58 -14.37 45.12
C LEU D 1101 24.53 -14.01 46.60
N SER D 1102 25.58 -14.39 47.31
CA SER D 1102 25.75 -14.08 48.73
C SER D 1102 27.19 -13.67 48.94
N ASP D 1103 27.45 -12.97 50.05
CA ASP D 1103 28.79 -12.46 50.26
C ASP D 1103 29.74 -13.60 50.59
N GLY D 1104 30.96 -13.51 50.05
CA GLY D 1104 31.91 -14.59 50.16
C GLY D 1104 31.66 -15.74 49.22
N ASP D 1105 30.72 -15.61 48.29
CA ASP D 1105 30.45 -16.64 47.31
C ASP D 1105 31.57 -16.67 46.28
N HIS D 1106 32.29 -17.79 46.24
CA HIS D 1106 33.35 -17.98 45.27
C HIS D 1106 32.76 -17.96 43.86
N VAL D 1107 33.23 -17.04 43.03
CA VAL D 1107 32.68 -16.83 41.71
C VAL D 1107 33.76 -17.09 40.67
N GLU D 1108 33.41 -16.88 39.41
CA GLU D 1108 34.28 -17.24 38.30
C GLU D 1108 34.96 -15.99 37.72
N VAL D 1109 35.65 -16.17 36.59
CA VAL D 1109 36.42 -15.07 36.01
C VAL D 1109 35.55 -14.23 35.07
N GLY D 1110 34.38 -14.75 34.72
CA GLY D 1110 33.51 -13.99 33.84
C GLY D 1110 32.06 -14.06 34.23
N GLN D 1111 31.81 -14.50 35.45
CA GLN D 1111 30.44 -14.62 35.95
C GLN D 1111 29.75 -13.26 35.96
N GLN D 1112 28.54 -13.23 35.43
CA GLN D 1112 27.72 -12.03 35.47
C GLN D 1112 27.37 -11.72 36.93
N LEU D 1113 27.76 -10.53 37.40
CA LEU D 1113 27.42 -10.13 38.75
C LEU D 1113 25.91 -10.08 38.96
N MET D 1114 25.25 -9.18 38.26
CA MET D 1114 23.85 -8.93 38.53
C MET D 1114 22.98 -9.63 37.49
N GLU D 1115 21.68 -9.57 37.71
CA GLU D 1115 20.74 -9.99 36.70
C GLU D 1115 20.64 -8.92 35.61
N GLY D 1116 20.25 -9.34 34.42
CA GLY D 1116 20.19 -8.45 33.30
C GLY D 1116 21.13 -8.89 32.20
N SER D 1117 21.96 -7.97 31.69
CA SER D 1117 22.96 -8.35 30.70
C SER D 1117 23.94 -7.19 30.52
N ALA D 1118 25.22 -7.48 30.58
CA ALA D 1118 26.26 -6.51 30.25
C ALA D 1118 26.35 -6.41 28.73
N ASP D 1119 27.15 -5.48 28.23
CA ASP D 1119 27.21 -5.33 26.79
C ASP D 1119 27.95 -6.52 26.19
N PRO D 1120 27.77 -6.77 24.90
CA PRO D 1120 28.66 -7.72 24.22
C PRO D 1120 30.10 -7.26 24.21
N HIS D 1121 30.34 -5.96 24.29
CA HIS D 1121 31.69 -5.46 24.11
C HIS D 1121 32.58 -5.87 25.28
N GLU D 1122 32.10 -5.68 26.50
CA GLU D 1122 32.93 -6.01 27.64
C GLU D 1122 33.08 -7.51 27.79
N VAL D 1123 32.02 -8.26 27.51
CA VAL D 1123 32.16 -9.72 27.56
C VAL D 1123 33.15 -10.18 26.53
N LEU D 1124 33.21 -9.51 25.38
CA LEU D 1124 34.28 -9.73 24.43
C LEU D 1124 35.63 -9.49 25.06
N ARG D 1125 35.86 -8.28 25.54
CA ARG D 1125 37.15 -7.84 26.03
C ARG D 1125 37.61 -8.69 27.21
N VAL D 1126 36.64 -9.33 27.88
CA VAL D 1126 36.99 -10.24 28.95
C VAL D 1126 37.30 -11.63 28.41
N GLN D 1127 36.32 -12.28 27.79
CA GLN D 1127 36.42 -13.68 27.43
C GLN D 1127 36.37 -13.91 25.93
N GLY D 1128 36.65 -12.87 25.15
CA GLY D 1128 36.96 -13.03 23.76
C GLY D 1128 35.86 -13.58 22.89
N PRO D 1129 36.22 -13.97 21.67
CA PRO D 1129 35.23 -14.19 20.62
C PRO D 1129 34.26 -15.32 20.90
N ARG D 1130 34.79 -16.54 21.04
CA ARG D 1130 33.98 -17.73 21.20
C ARG D 1130 32.95 -17.58 22.29
N GLU D 1131 33.41 -17.05 23.42
CA GLU D 1131 32.55 -16.87 24.58
C GLU D 1131 31.32 -16.06 24.23
N VAL D 1132 31.53 -14.83 23.76
CA VAL D 1132 30.41 -13.94 23.49
C VAL D 1132 29.55 -14.49 22.37
N GLN D 1133 30.17 -15.19 21.44
CA GLN D 1133 29.42 -15.85 20.37
C GLN D 1133 28.38 -16.79 20.97
N ILE D 1134 28.86 -17.74 21.76
CA ILE D 1134 28.03 -18.75 22.40
C ILE D 1134 26.96 -18.04 23.19
N HIS D 1135 27.36 -16.98 23.88
CA HIS D 1135 26.44 -16.21 24.69
C HIS D 1135 25.28 -15.65 23.87
N LEU D 1136 25.61 -14.84 22.88
CA LEU D 1136 24.60 -14.11 22.12
C LEU D 1136 23.66 -15.07 21.42
N VAL D 1137 24.22 -16.18 20.93
CA VAL D 1137 23.41 -17.15 20.20
C VAL D 1137 22.29 -17.66 21.10
N ARG D 1138 22.68 -18.27 22.22
CA ARG D 1138 21.71 -18.74 23.18
C ARG D 1138 20.80 -17.62 23.65
N GLU D 1139 21.33 -16.41 23.72
CA GLU D 1139 20.52 -15.27 24.12
C GLU D 1139 19.31 -15.09 23.20
N VAL D 1140 19.55 -14.88 21.92
CA VAL D 1140 18.44 -14.61 21.02
C VAL D 1140 17.58 -15.84 20.83
N GLN D 1141 18.22 -17.01 20.85
CA GLN D 1141 17.45 -18.25 20.89
C GLN D 1141 16.47 -18.24 22.04
N GLU D 1142 16.89 -17.67 23.18
CA GLU D 1142 16.00 -17.56 24.32
C GLU D 1142 14.76 -16.75 23.97
N VAL D 1143 14.97 -15.64 23.26
CA VAL D 1143 13.83 -14.81 22.87
C VAL D 1143 12.85 -15.62 22.04
N TYR D 1144 13.37 -16.28 21.02
CA TYR D 1144 12.44 -17.02 20.17
C TYR D 1144 11.90 -18.25 20.85
N ARG D 1145 12.56 -18.72 21.92
CA ARG D 1145 11.96 -19.69 22.82
C ARG D 1145 10.76 -19.07 23.51
N ALA D 1146 10.95 -17.85 24.02
CA ALA D 1146 9.87 -17.14 24.68
C ALA D 1146 8.66 -17.00 23.79
N GLN D 1147 8.87 -16.72 22.51
CA GLN D 1147 7.78 -16.82 21.55
C GLN D 1147 7.55 -18.25 21.10
N GLY D 1148 8.32 -19.20 21.62
CA GLY D 1148 8.20 -20.58 21.21
C GLY D 1148 8.40 -20.72 19.72
N VAL D 1149 9.59 -20.38 19.24
CA VAL D 1149 9.83 -20.23 17.81
C VAL D 1149 10.93 -21.17 17.38
N SER D 1150 10.70 -21.89 16.29
CA SER D 1150 11.68 -22.81 15.75
C SER D 1150 12.58 -22.08 14.76
N ILE D 1151 13.77 -21.74 15.21
CA ILE D 1151 14.75 -21.10 14.34
C ILE D 1151 16.08 -21.80 14.54
N HIS D 1152 16.55 -22.48 13.49
CA HIS D 1152 17.81 -23.19 13.60
C HIS D 1152 18.94 -22.21 13.87
N ASP D 1153 19.97 -22.69 14.55
CA ASP D 1153 20.95 -21.76 15.10
C ASP D 1153 21.86 -21.21 14.03
N LYS D 1154 22.13 -21.99 12.98
CA LYS D 1154 23.17 -21.63 12.03
C LYS D 1154 22.90 -20.31 11.37
N HIS D 1155 21.63 -19.91 11.26
CA HIS D 1155 21.30 -18.61 10.73
C HIS D 1155 22.00 -17.51 11.51
N ILE D 1156 21.66 -17.39 12.79
CA ILE D 1156 22.26 -16.39 13.65
C ILE D 1156 23.76 -16.60 13.74
N GLU D 1157 24.20 -17.86 13.67
CA GLU D 1157 25.62 -18.14 13.69
C GLU D 1157 26.33 -17.41 12.56
N VAL D 1158 25.85 -17.63 11.34
CA VAL D 1158 26.39 -16.94 10.18
C VAL D 1158 26.31 -15.43 10.38
N ILE D 1159 25.20 -14.98 10.93
CA ILE D 1159 25.00 -13.54 11.13
C ILE D 1159 26.12 -12.96 11.96
N VAL D 1160 26.36 -13.56 13.12
CA VAL D 1160 27.37 -13.04 14.03
C VAL D 1160 28.76 -13.19 13.43
N ARG D 1161 28.90 -14.18 12.54
CA ARG D 1161 30.15 -14.38 11.83
C ARG D 1161 30.56 -13.08 11.16
N GLN D 1162 29.62 -12.46 10.48
CA GLN D 1162 29.88 -11.14 9.93
C GLN D 1162 30.15 -10.13 11.04
N MET D 1163 29.53 -10.32 12.20
CA MET D 1163 29.64 -9.34 13.25
C MET D 1163 31.07 -9.22 13.75
N LEU D 1164 31.80 -10.34 13.77
CA LEU D 1164 33.16 -10.32 14.29
C LEU D 1164 34.21 -10.44 13.19
N ARG D 1165 33.96 -9.80 12.05
CA ARG D 1165 34.88 -9.94 10.93
C ARG D 1165 36.10 -9.04 11.03
N ARG D 1166 36.01 -7.91 11.73
CA ARG D 1166 37.01 -6.87 11.64
C ARG D 1166 37.88 -6.82 12.88
N VAL D 1167 38.99 -6.10 12.73
CA VAL D 1167 40.00 -5.94 13.77
C VAL D 1167 40.37 -4.48 13.87
N THR D 1168 40.97 -4.12 15.01
CA THR D 1168 41.37 -2.75 15.26
C THR D 1168 42.87 -2.57 15.07
N ILE D 1169 43.27 -1.32 14.99
CA ILE D 1169 44.67 -0.93 15.04
C ILE D 1169 44.88 -0.15 16.31
N ILE D 1170 45.33 -0.83 17.37
CA ILE D 1170 45.73 -0.10 18.57
C ILE D 1170 47.15 0.43 18.46
N ASP D 1171 47.99 -0.18 17.62
CA ASP D 1171 49.25 0.44 17.18
C ASP D 1171 49.32 0.20 15.68
N SER D 1172 49.96 1.13 14.97
CA SER D 1172 50.08 1.02 13.52
C SER D 1172 51.34 0.25 13.09
N GLY D 1173 52.17 -0.16 14.03
CA GLY D 1173 53.47 -0.69 13.66
C GLY D 1173 54.22 0.37 12.90
N SER D 1174 54.73 0.01 11.73
CA SER D 1174 55.18 0.99 10.75
C SER D 1174 54.74 0.51 9.37
N THR D 1175 53.54 -0.06 9.30
CA THR D 1175 53.04 -0.70 8.09
C THR D 1175 51.68 -0.13 7.72
N GLU D 1176 51.72 1.05 7.09
CA GLU D 1176 50.58 1.74 6.47
C GLU D 1176 49.28 1.63 7.28
N PHE D 1177 49.35 1.91 8.58
CA PHE D 1177 48.22 1.70 9.46
C PHE D 1177 48.00 2.94 10.30
N LEU D 1178 46.77 3.13 10.76
CA LEU D 1178 46.47 4.22 11.67
C LEU D 1178 45.87 3.66 12.95
N PRO D 1179 46.30 4.10 14.12
CA PRO D 1179 45.74 3.57 15.37
C PRO D 1179 44.25 3.84 15.44
N GLY D 1180 43.51 2.89 16.00
CA GLY D 1180 42.06 2.95 15.98
C GLY D 1180 41.42 2.59 14.67
N SER D 1181 42.19 2.52 13.58
CA SER D 1181 41.62 2.10 12.31
C SER D 1181 41.14 0.66 12.40
N LEU D 1182 40.12 0.36 11.59
CA LEU D 1182 39.44 -0.92 11.66
C LEU D 1182 39.45 -1.58 10.30
N ILE D 1183 39.82 -2.85 10.27
CA ILE D 1183 39.84 -3.61 9.02
C ILE D 1183 39.45 -5.04 9.33
N ASP D 1184 39.35 -5.84 8.27
CA ASP D 1184 39.19 -7.27 8.40
C ASP D 1184 40.28 -7.86 9.28
N ARG D 1185 39.92 -8.94 9.97
CA ARG D 1185 40.93 -9.77 10.60
C ARG D 1185 41.88 -10.34 9.57
N ALA D 1186 41.35 -11.05 8.57
CA ALA D 1186 42.22 -11.72 7.62
C ALA D 1186 43.05 -10.73 6.82
N GLU D 1187 42.48 -9.55 6.56
CA GLU D 1187 43.23 -8.46 5.94
C GLU D 1187 44.48 -8.14 6.72
N PHE D 1188 44.30 -7.73 7.97
CA PHE D 1188 45.41 -7.45 8.87
C PHE D 1188 46.37 -8.63 8.97
N GLU D 1189 45.83 -9.84 8.96
CA GLU D 1189 46.66 -11.04 9.03
C GLU D 1189 47.59 -11.14 7.84
N ALA D 1190 47.04 -11.05 6.63
CA ALA D 1190 47.86 -11.14 5.44
C ALA D 1190 48.85 -10.00 5.37
N GLU D 1191 48.45 -8.82 5.85
CA GLU D 1191 49.36 -7.70 5.85
C GLU D 1191 50.53 -7.97 6.79
N ASN D 1192 50.25 -8.58 7.94
CA ASN D 1192 51.31 -9.00 8.84
C ASN D 1192 52.20 -10.04 8.17
N ARG D 1193 51.58 -10.91 7.39
CA ARG D 1193 52.33 -11.91 6.63
C ARG D 1193 53.34 -11.22 5.72
N ARG D 1194 52.90 -10.17 5.05
CA ARG D 1194 53.80 -9.44 4.18
C ARG D 1194 54.88 -8.74 5.00
N VAL D 1195 54.49 -8.13 6.12
CA VAL D 1195 55.41 -7.31 6.89
C VAL D 1195 56.45 -8.12 7.63
N VAL D 1196 56.19 -9.41 7.92
CA VAL D 1196 57.24 -10.21 8.51
C VAL D 1196 58.38 -10.34 7.54
N ALA D 1197 58.08 -10.42 6.24
CA ALA D 1197 59.08 -10.14 5.23
C ALA D 1197 59.59 -8.73 5.45
N GLU D 1198 60.91 -8.57 5.32
CA GLU D 1198 61.62 -7.37 5.76
C GLU D 1198 61.65 -7.24 7.28
N GLY D 1199 61.23 -8.29 7.98
CA GLY D 1199 61.10 -8.21 9.42
C GLY D 1199 59.82 -7.50 9.78
N GLY D 1200 59.03 -8.09 10.67
CA GLY D 1200 57.73 -7.52 10.96
C GLY D 1200 57.74 -6.49 12.08
N GLU D 1201 57.02 -5.40 11.88
CA GLU D 1201 56.73 -4.42 12.93
C GLU D 1201 55.24 -4.47 13.21
N PRO D 1202 54.74 -5.62 13.69
CA PRO D 1202 53.31 -5.91 13.64
C PRO D 1202 52.49 -4.89 14.39
N ALA D 1203 51.67 -4.16 13.64
CA ALA D 1203 50.76 -3.18 14.22
C ALA D 1203 49.92 -3.83 15.30
N ALA D 1204 49.84 -3.18 16.45
CA ALA D 1204 49.03 -3.72 17.54
C ALA D 1204 47.57 -3.72 17.11
N GLY D 1205 47.02 -4.92 16.93
CA GLY D 1205 45.65 -5.09 16.50
C GLY D 1205 44.88 -5.92 17.51
N ARG D 1206 43.57 -5.71 17.56
CA ARG D 1206 42.75 -6.46 18.47
C ARG D 1206 41.39 -6.78 17.85
N PRO D 1207 40.82 -7.93 18.18
CA PRO D 1207 39.45 -8.23 17.76
C PRO D 1207 38.51 -7.18 18.28
N VAL D 1208 37.62 -6.71 17.42
CA VAL D 1208 36.77 -5.59 17.75
C VAL D 1208 35.38 -5.83 17.17
N LEU D 1209 34.37 -5.65 18.00
CA LEU D 1209 32.99 -5.83 17.60
C LEU D 1209 32.42 -4.48 17.19
N MET D 1210 31.52 -4.50 16.21
CA MET D 1210 30.89 -3.31 15.69
C MET D 1210 29.43 -3.60 15.40
N GLY D 1211 28.58 -2.60 15.64
CA GLY D 1211 27.16 -2.73 15.39
C GLY D 1211 26.87 -3.08 13.94
N ILE D 1212 25.81 -3.84 13.72
CA ILE D 1212 25.57 -4.43 12.41
C ILE D 1212 25.39 -3.34 11.36
N THR D 1213 24.71 -2.27 11.72
CA THR D 1213 24.57 -1.13 10.82
C THR D 1213 25.94 -0.57 10.48
N LYS D 1214 26.64 -0.06 11.49
CA LYS D 1214 27.98 0.46 11.29
C LYS D 1214 28.90 -0.56 10.65
N ALA D 1215 28.77 -1.82 11.05
CA ALA D 1215 29.60 -2.88 10.50
C ALA D 1215 29.43 -2.97 8.99
N SER D 1216 28.19 -3.09 8.53
CA SER D 1216 27.87 -3.07 7.13
C SER D 1216 28.42 -1.82 6.46
N LEU D 1217 28.34 -0.70 7.18
CA LEU D 1217 28.71 0.59 6.60
C LEU D 1217 30.14 0.59 6.09
N ALA D 1218 31.04 -0.05 6.82
CA ALA D 1218 32.44 -0.12 6.39
C ALA D 1218 32.67 -1.29 5.46
N THR D 1219 31.85 -1.40 4.42
CA THR D 1219 31.97 -2.51 3.48
C THR D 1219 33.03 -2.22 2.44
N ASP D 1220 33.06 -3.06 1.40
CA ASP D 1220 34.07 -2.90 0.36
C ASP D 1220 33.51 -2.21 -0.88
N SER D 1221 32.45 -2.76 -1.45
CA SER D 1221 31.84 -2.17 -2.65
C SER D 1221 31.20 -0.85 -2.27
N TRP D 1222 31.82 0.24 -2.71
CA TRP D 1222 31.25 1.55 -2.43
C TRP D 1222 29.87 1.69 -3.06
N LEU D 1223 29.68 1.08 -4.22
CA LEU D 1223 28.40 1.24 -4.90
C LEU D 1223 27.28 0.61 -4.10
N SER D 1224 27.50 -0.61 -3.61
CA SER D 1224 26.57 -1.18 -2.64
C SER D 1224 26.44 -0.25 -1.45
N ALA D 1225 27.58 0.27 -0.97
CA ALA D 1225 27.60 1.14 0.19
C ALA D 1225 26.66 2.31 0.05
N ALA D 1226 26.47 2.81 -1.18
CA ALA D 1226 25.55 3.90 -1.38
C ALA D 1226 24.11 3.52 -1.03
N SER D 1227 23.81 2.23 -1.02
CA SER D 1227 22.46 1.75 -0.86
C SER D 1227 21.95 1.82 0.58
N PHE D 1228 22.79 2.21 1.53
CA PHE D 1228 22.43 1.97 2.92
C PHE D 1228 21.93 3.23 3.62
N GLN D 1229 22.76 4.28 3.62
CA GLN D 1229 22.47 5.43 4.47
C GLN D 1229 23.42 6.56 4.14
N GLU D 1230 22.90 7.78 4.17
CA GLU D 1230 23.67 8.98 3.88
C GLU D 1230 24.43 8.83 2.57
N THR D 1231 23.65 8.66 1.50
CA THR D 1231 24.21 8.36 0.18
C THR D 1231 25.20 9.43 -0.23
N THR D 1232 24.87 10.69 0.04
CA THR D 1232 25.75 11.78 -0.36
C THR D 1232 27.10 11.67 0.33
N ARG D 1233 27.10 11.60 1.66
CA ARG D 1233 28.37 11.65 2.38
C ARG D 1233 29.17 10.38 2.14
N VAL D 1234 28.49 9.26 1.94
CA VAL D 1234 29.19 8.03 1.57
C VAL D 1234 29.88 8.22 0.23
N LEU D 1235 29.10 8.63 -0.77
CA LEU D 1235 29.61 8.73 -2.11
C LEU D 1235 30.75 9.72 -2.20
N THR D 1236 30.65 10.84 -1.46
CA THR D 1236 31.60 11.92 -1.66
C THR D 1236 33.00 11.49 -1.27
N ASP D 1237 33.19 11.05 -0.03
CA ASP D 1237 34.53 10.63 0.36
C ASP D 1237 34.91 9.33 -0.33
N ALA D 1238 33.93 8.53 -0.78
CA ALA D 1238 34.28 7.39 -1.60
C ALA D 1238 35.02 7.82 -2.86
N ALA D 1239 34.43 8.74 -3.60
CA ALA D 1239 35.10 9.24 -4.80
C ALA D 1239 36.39 9.97 -4.44
N ILE D 1240 36.42 10.63 -3.28
CA ILE D 1240 37.64 11.29 -2.82
C ILE D 1240 38.77 10.29 -2.75
N ASN D 1241 38.48 9.12 -2.19
CA ASN D 1241 39.46 8.05 -2.18
C ASN D 1241 39.61 7.50 -3.59
N CYS D 1242 38.63 7.76 -4.44
CA CYS D 1242 38.65 7.28 -5.82
C CYS D 1242 38.68 5.76 -5.82
N ARG D 1243 37.99 5.16 -4.86
CA ARG D 1243 37.92 3.72 -4.76
C ARG D 1243 37.10 3.18 -5.93
N SER D 1244 37.76 2.44 -6.83
CA SER D 1244 37.03 1.73 -7.86
C SER D 1244 36.39 0.49 -7.25
N ASP D 1245 35.28 0.05 -7.82
CA ASP D 1245 34.58 -1.09 -7.26
C ASP D 1245 34.67 -2.28 -8.22
N LYS D 1246 34.90 -3.45 -7.63
CA LYS D 1246 35.21 -4.64 -8.39
C LYS D 1246 34.01 -5.35 -8.98
N LEU D 1247 32.81 -4.89 -8.67
CA LEU D 1247 31.60 -5.42 -9.27
C LEU D 1247 31.41 -6.88 -8.86
N ASN D 1248 31.89 -7.24 -7.68
CA ASN D 1248 31.90 -8.62 -7.25
C ASN D 1248 30.81 -8.92 -6.23
N GLY D 1249 30.13 -7.93 -5.71
CA GLY D 1249 28.93 -8.19 -4.96
C GLY D 1249 27.84 -8.65 -5.90
N LEU D 1250 26.67 -8.85 -5.33
CA LEU D 1250 25.49 -9.24 -6.08
C LEU D 1250 24.54 -8.09 -6.36
N LYS D 1251 24.44 -7.14 -5.43
CA LYS D 1251 23.61 -5.96 -5.65
C LYS D 1251 24.09 -5.20 -6.86
N GLU D 1252 25.40 -5.27 -7.10
CA GLU D 1252 26.00 -4.72 -8.32
C GLU D 1252 25.33 -5.29 -9.55
N ASN D 1253 25.44 -6.61 -9.74
CA ASN D 1253 24.86 -7.24 -10.92
C ASN D 1253 23.36 -7.03 -10.99
N VAL D 1254 22.73 -6.90 -9.82
CA VAL D 1254 21.32 -6.51 -9.76
C VAL D 1254 21.12 -5.20 -10.49
N ILE D 1255 21.73 -4.14 -9.99
CA ILE D 1255 21.37 -2.80 -10.45
C ILE D 1255 21.91 -2.55 -11.84
N ILE D 1256 22.97 -3.27 -12.21
CA ILE D 1256 23.51 -3.17 -13.55
C ILE D 1256 22.74 -4.12 -14.43
N GLY D 1257 22.00 -5.03 -13.80
CA GLY D 1257 21.25 -6.02 -14.53
C GLY D 1257 22.07 -7.15 -15.10
N LYS D 1258 23.40 -7.05 -15.09
CA LYS D 1258 24.18 -8.20 -15.50
C LYS D 1258 23.97 -9.35 -14.52
N LEU D 1259 24.21 -10.56 -15.01
CA LEU D 1259 23.84 -11.77 -14.27
C LEU D 1259 24.48 -11.79 -12.89
N ILE D 1260 23.72 -12.23 -11.90
CA ILE D 1260 24.13 -12.13 -10.50
C ILE D 1260 25.35 -13.01 -10.27
N PRO D 1261 26.12 -12.75 -9.25
CA PRO D 1261 27.28 -13.59 -8.95
C PRO D 1261 26.91 -14.71 -7.99
N ALA D 1262 25.86 -15.45 -8.32
CA ALA D 1262 25.35 -16.43 -7.37
C ALA D 1262 24.32 -17.33 -8.03
N GLY D 1263 23.85 -18.29 -7.25
CA GLY D 1263 22.84 -19.24 -7.68
C GLY D 1263 23.22 -19.91 -8.97
N THR D 1264 22.47 -19.60 -10.02
CA THR D 1264 22.79 -20.03 -11.37
C THR D 1264 23.75 -19.07 -12.05
N GLY D 1265 24.43 -18.24 -11.28
CA GLY D 1265 25.19 -17.16 -11.88
C GLY D 1265 26.66 -17.46 -12.05
N ILE D 1266 27.20 -18.31 -11.19
CA ILE D 1266 28.64 -18.50 -11.20
C ILE D 1266 29.07 -19.19 -12.48
N ASN D 1267 30.37 -19.13 -12.73
CA ASN D 1267 30.90 -19.59 -14.02
C ASN D 1267 30.86 -21.09 -14.12
N ARG D 1268 31.06 -21.78 -13.00
CA ARG D 1268 31.02 -23.24 -12.99
C ARG D 1268 29.72 -23.77 -13.55
N TYR D 1269 28.63 -23.06 -13.32
CA TYR D 1269 27.33 -23.39 -13.89
C TYR D 1269 27.04 -22.59 -15.13
N ARG D 1270 27.40 -21.32 -15.14
CA ARG D 1270 26.98 -20.47 -16.24
C ARG D 1270 27.84 -20.73 -17.47
N ASN D 1271 28.95 -21.45 -17.29
CA ASN D 1271 29.82 -21.79 -18.41
C ASN D 1271 29.81 -23.29 -18.69
N ILE D 1272 28.70 -23.96 -18.40
CA ILE D 1272 28.64 -25.40 -18.59
C ILE D 1272 28.68 -25.76 -20.06
N ALA D 1273 29.42 -26.80 -20.38
CA ALA D 1273 29.37 -27.42 -21.71
C ALA D 1273 28.32 -28.52 -21.67
N VAL D 1274 27.57 -28.66 -22.76
CA VAL D 1274 26.48 -29.62 -22.84
C VAL D 1274 26.28 -30.00 -24.30
N GLN D 1275 25.99 -31.27 -24.54
CA GLN D 1275 25.60 -31.72 -25.87
C GLN D 1275 25.18 -33.19 -25.78
N PRO D 1276 24.64 -33.74 -26.86
CA PRO D 1276 24.23 -35.15 -26.82
C PRO D 1276 25.43 -36.07 -26.82
N THR D 1277 25.35 -37.12 -26.01
CA THR D 1277 26.34 -38.18 -26.08
C THR D 1277 26.37 -38.77 -27.48
N GLU D 1278 27.56 -38.94 -28.03
CA GLU D 1278 27.68 -39.42 -29.40
C GLU D 1278 27.29 -40.89 -29.50
N GLU D 1279 27.23 -41.58 -28.36
CA GLU D 1279 26.56 -42.88 -28.34
C GLU D 1279 25.15 -42.77 -28.90
N ALA D 1280 24.33 -41.94 -28.27
CA ALA D 1280 22.99 -41.72 -28.79
C ALA D 1280 23.03 -41.02 -30.15
N ARG D 1281 24.07 -40.23 -30.40
CA ARG D 1281 24.25 -39.64 -31.72
C ARG D 1281 24.33 -40.71 -32.78
N ALA D 1282 24.93 -41.85 -32.44
CA ALA D 1282 24.86 -43.02 -33.29
C ALA D 1282 23.41 -43.39 -33.56
N ALA D 1283 22.57 -43.32 -32.53
CA ALA D 1283 21.15 -43.59 -32.72
C ALA D 1283 20.51 -42.59 -33.66
N ALA D 1284 20.98 -41.35 -33.63
CA ALA D 1284 20.38 -40.29 -34.44
C ALA D 1284 21.43 -39.43 -35.13
N GLY E 27 11.78 -46.58 -7.68
CA GLY E 27 10.87 -47.15 -6.69
C GLY E 27 9.43 -47.15 -7.15
N GLY E 28 8.63 -48.04 -6.57
CA GLY E 28 7.23 -48.12 -6.92
C GLY E 28 6.39 -47.20 -6.05
N TYR E 29 6.06 -46.03 -6.59
CA TYR E 29 5.32 -45.01 -5.86
C TYR E 29 4.01 -44.63 -6.53
N ASP E 30 4.04 -44.23 -7.79
CA ASP E 30 2.91 -43.60 -8.46
C ASP E 30 3.40 -43.22 -9.86
N THR E 31 2.46 -42.76 -10.67
CA THR E 31 2.79 -42.09 -11.91
C THR E 31 2.80 -40.59 -11.69
N PRO E 32 3.70 -39.86 -12.32
CA PRO E 32 3.63 -38.39 -12.26
C PRO E 32 2.52 -37.89 -13.16
N LEU E 33 2.46 -36.59 -13.38
CA LEU E 33 1.49 -36.05 -14.32
C LEU E 33 2.00 -34.73 -14.88
N GLY E 34 2.06 -34.66 -16.21
CA GLY E 34 2.35 -33.44 -16.91
C GLY E 34 3.57 -32.67 -16.44
N ILE E 35 3.30 -31.52 -15.83
CA ILE E 35 4.35 -30.56 -15.49
C ILE E 35 5.33 -31.18 -14.50
N THR E 36 4.87 -32.13 -13.69
CA THR E 36 5.76 -32.78 -12.75
C THR E 36 6.46 -33.98 -13.35
N ASN E 37 6.05 -34.41 -14.48
CA ASN E 37 6.72 -35.53 -15.13
C ASN E 37 7.97 -35.03 -15.83
N PRO E 38 9.16 -35.62 -15.59
CA PRO E 38 9.49 -36.74 -14.71
C PRO E 38 9.80 -36.30 -13.29
N PRO E 39 9.94 -37.26 -12.39
CA PRO E 39 10.24 -36.93 -11.00
C PRO E 39 11.62 -36.31 -10.87
N ILE E 40 11.65 -35.06 -10.40
CA ILE E 40 12.90 -34.36 -10.17
C ILE E 40 13.75 -35.09 -9.16
N ASP E 41 13.13 -35.85 -8.25
CA ASP E 41 13.87 -36.76 -7.40
C ASP E 41 14.80 -37.64 -8.21
N GLU E 42 14.27 -38.30 -9.24
CA GLU E 42 15.13 -39.02 -10.15
C GLU E 42 16.07 -38.10 -10.91
N LEU E 43 15.56 -36.95 -11.34
CA LEU E 43 16.27 -36.12 -12.30
C LEU E 43 17.58 -35.62 -11.72
N LEU E 44 17.55 -35.18 -10.46
CA LEU E 44 18.76 -34.69 -9.79
C LEU E 44 19.78 -35.78 -9.59
N ASP E 45 19.41 -37.04 -9.71
CA ASP E 45 20.30 -38.14 -9.38
C ASP E 45 21.50 -38.22 -10.31
N ARG E 46 21.55 -37.45 -11.36
CA ARG E 46 22.67 -37.53 -12.29
C ARG E 46 23.43 -36.23 -12.41
N VAL E 47 22.75 -35.11 -12.30
CA VAL E 47 23.43 -33.83 -12.21
C VAL E 47 23.99 -33.70 -10.81
N SER E 48 25.12 -32.99 -10.70
CA SER E 48 25.68 -32.72 -9.39
C SER E 48 24.71 -31.92 -8.54
N SER E 49 24.35 -30.74 -9.00
CA SER E 49 23.42 -29.88 -8.31
C SER E 49 22.19 -29.67 -9.18
N LYS E 50 21.16 -29.12 -8.56
CA LYS E 50 20.01 -28.66 -9.31
C LYS E 50 20.41 -27.58 -10.31
N TYR E 51 21.36 -26.73 -9.92
CA TYR E 51 21.73 -25.58 -10.73
C TYR E 51 22.28 -26.01 -12.08
N ALA E 52 23.29 -26.87 -12.05
CA ALA E 52 23.87 -27.36 -13.30
C ALA E 52 22.81 -28.06 -14.13
N LEU E 53 21.91 -28.78 -13.46
CA LEU E 53 20.76 -29.36 -14.13
C LEU E 53 20.00 -28.29 -14.91
N VAL E 54 19.69 -27.18 -14.25
CA VAL E 54 18.91 -26.14 -14.89
C VAL E 54 19.62 -25.59 -16.09
N ILE E 55 20.91 -25.30 -15.93
CA ILE E 55 21.65 -24.65 -17.01
C ILE E 55 21.78 -25.60 -18.20
N TYR E 56 22.19 -26.83 -17.91
CA TYR E 56 22.14 -27.96 -18.82
C TYR E 56 20.86 -27.96 -19.64
N ALA E 57 19.72 -27.98 -18.95
CA ALA E 57 18.44 -28.04 -19.63
C ALA E 57 18.22 -26.82 -20.50
N ALA E 58 18.54 -25.63 -19.99
CA ALA E 58 18.25 -24.42 -20.74
C ALA E 58 19.07 -24.36 -22.02
N LYS E 59 20.34 -24.72 -21.94
CA LYS E 59 21.16 -24.73 -23.15
C LYS E 59 20.65 -25.74 -24.15
N ARG E 60 20.30 -26.94 -23.68
CA ARG E 60 19.73 -27.92 -24.61
C ARG E 60 18.47 -27.38 -25.26
N ALA E 61 17.64 -26.69 -24.48
CA ALA E 61 16.37 -26.22 -24.99
C ALA E 61 16.57 -25.16 -26.06
N ARG E 62 17.50 -24.24 -25.81
CA ARG E 62 17.81 -23.26 -26.84
C ARG E 62 18.31 -23.95 -28.09
N GLN E 63 19.13 -24.99 -27.91
CA GLN E 63 19.57 -25.81 -29.04
C GLN E 63 18.38 -26.33 -29.83
N ILE E 64 17.39 -26.86 -29.12
CA ILE E 64 16.21 -27.43 -29.77
C ILE E 64 15.47 -26.35 -30.55
N ASN E 65 15.28 -25.19 -29.93
CA ASN E 65 14.55 -24.12 -30.58
C ASN E 65 15.27 -23.69 -31.84
N ASP E 66 16.58 -23.58 -31.77
CA ASP E 66 17.37 -23.24 -32.94
C ASP E 66 17.21 -24.30 -34.01
N TYR E 67 17.16 -25.56 -33.58
CA TYR E 67 16.88 -26.67 -34.48
C TYR E 67 15.60 -26.42 -35.27
N TYR E 68 14.50 -26.19 -34.56
CA TYR E 68 13.24 -25.92 -35.25
C TYR E 68 13.32 -24.70 -36.14
N ASN E 69 13.93 -23.63 -35.64
CA ASN E 69 14.05 -22.41 -36.43
C ASN E 69 14.86 -22.65 -37.68
N GLN E 70 15.91 -23.45 -37.58
CA GLN E 70 16.74 -23.73 -38.74
C GLN E 70 16.17 -24.85 -39.61
N LEU E 71 15.13 -25.56 -39.15
CA LEU E 71 14.59 -26.65 -39.95
C LEU E 71 14.06 -26.16 -41.28
N GLY E 72 13.41 -25.00 -41.30
CA GLY E 72 12.95 -24.41 -42.53
C GLY E 72 14.08 -24.18 -43.51
N GLU E 73 15.21 -23.72 -42.99
CA GLU E 73 16.39 -23.51 -43.81
C GLU E 73 17.25 -24.78 -43.85
N GLY E 74 18.46 -24.63 -44.38
CA GLY E 74 19.36 -25.74 -44.62
C GLY E 74 19.75 -26.52 -43.39
N ILE E 75 20.59 -27.54 -43.59
CA ILE E 75 20.95 -28.43 -42.50
C ILE E 75 22.14 -27.88 -41.74
N LEU E 76 22.25 -28.30 -40.47
CA LEU E 76 23.37 -27.95 -39.63
C LEU E 76 23.62 -29.09 -38.66
N GLU E 77 24.67 -28.98 -37.87
CA GLU E 77 24.96 -29.94 -36.83
C GLU E 77 23.96 -29.90 -35.67
N TYR E 78 22.97 -29.01 -35.70
CA TYR E 78 22.00 -28.93 -34.63
C TYR E 78 21.19 -30.22 -34.59
N VAL E 79 21.50 -31.06 -33.62
CA VAL E 79 20.89 -32.36 -33.52
C VAL E 79 19.74 -32.26 -32.52
N GLY E 80 18.85 -33.26 -32.57
CA GLY E 80 17.76 -33.32 -31.64
C GLY E 80 16.49 -32.89 -32.31
N PRO E 81 15.34 -33.36 -31.81
CA PRO E 81 15.23 -34.24 -30.64
C PRO E 81 15.72 -35.64 -30.91
N LEU E 82 15.73 -36.45 -29.87
CA LEU E 82 16.09 -37.85 -29.99
C LEU E 82 14.92 -38.75 -29.61
N VAL E 83 14.36 -38.56 -28.43
CA VAL E 83 13.08 -39.18 -28.08
C VAL E 83 12.02 -38.61 -28.99
N GLU E 84 11.06 -39.44 -29.36
CA GLU E 84 9.98 -38.95 -30.20
C GLU E 84 9.21 -37.88 -29.43
N PRO E 85 9.29 -36.63 -29.85
CA PRO E 85 8.58 -35.56 -29.15
C PRO E 85 7.08 -35.77 -29.24
N GLY E 86 6.39 -35.25 -28.24
CA GLY E 86 4.95 -35.34 -28.20
C GLY E 86 4.31 -34.56 -29.33
N LEU E 87 2.98 -34.59 -29.35
CA LEU E 87 2.22 -33.79 -30.30
C LEU E 87 2.58 -32.32 -30.17
N GLN E 88 2.26 -31.72 -29.04
CA GLN E 88 2.60 -30.33 -28.78
C GLN E 88 3.29 -30.28 -27.43
N GLU E 89 4.61 -30.35 -27.45
CA GLU E 89 5.38 -30.36 -26.22
C GLU E 89 6.33 -29.18 -26.20
N LYS E 90 6.51 -28.61 -25.02
CA LYS E 90 7.52 -27.58 -24.88
C LYS E 90 8.90 -28.17 -25.17
N PRO E 91 9.75 -27.46 -25.90
CA PRO E 91 11.12 -27.96 -26.10
C PRO E 91 11.83 -28.17 -24.79
N LEU E 92 11.52 -27.35 -23.79
CA LEU E 92 11.99 -27.59 -22.44
C LEU E 92 11.58 -28.97 -21.96
N SER E 93 10.31 -29.31 -22.15
CA SER E 93 9.82 -30.61 -21.74
C SER E 93 10.57 -31.73 -22.46
N ILE E 94 10.73 -31.57 -23.77
CA ILE E 94 11.42 -32.58 -24.56
C ILE E 94 12.83 -32.78 -24.03
N ALA E 95 13.52 -31.67 -23.79
CA ALA E 95 14.87 -31.74 -23.25
C ALA E 95 14.88 -32.51 -21.95
N LEU E 96 13.94 -32.18 -21.05
CA LEU E 96 13.88 -32.86 -19.76
C LEU E 96 13.71 -34.36 -19.94
N ARG E 97 12.82 -34.75 -20.84
CA ARG E 97 12.55 -36.16 -21.01
C ARG E 97 13.76 -36.88 -21.57
N GLU E 98 14.45 -36.27 -22.53
CA GLU E 98 15.69 -36.85 -23.03
C GLU E 98 16.73 -36.93 -21.92
N ILE E 99 16.74 -35.92 -21.04
CA ILE E 99 17.67 -35.91 -19.92
C ILE E 99 17.48 -37.15 -19.07
N HIS E 100 16.25 -37.35 -18.62
CA HIS E 100 15.96 -38.55 -17.85
C HIS E 100 16.23 -39.80 -18.65
N ALA E 101 16.08 -39.73 -19.97
CA ALA E 101 16.56 -40.77 -20.85
C ALA E 101 18.07 -40.91 -20.78
N ASP E 102 18.77 -39.86 -20.38
CA ASP E 102 20.20 -39.92 -20.12
C ASP E 102 21.01 -40.06 -21.40
N LEU E 103 20.64 -39.29 -22.42
CA LEU E 103 21.33 -39.39 -23.71
C LEU E 103 22.18 -38.18 -24.05
N LEU E 104 22.63 -37.43 -23.06
CA LEU E 104 23.38 -36.23 -23.32
C LEU E 104 24.76 -36.31 -22.69
N GLU E 105 25.47 -35.20 -22.73
CA GLU E 105 26.83 -35.14 -22.23
C GLU E 105 27.18 -33.69 -21.96
N HIS E 106 27.76 -33.44 -20.79
CA HIS E 106 27.94 -32.07 -20.34
C HIS E 106 29.09 -31.98 -19.36
N THR E 107 29.61 -30.76 -19.19
CA THR E 107 30.68 -30.46 -18.27
C THR E 107 30.50 -29.04 -17.75
N GLU E 108 31.04 -28.76 -16.57
CA GLU E 108 30.83 -27.45 -15.95
C GLU E 108 31.57 -26.35 -16.71
N GLY E 109 31.49 -25.16 -16.15
CA GLY E 109 32.28 -24.03 -16.61
C GLY E 109 33.12 -23.44 -15.50
N SER F 212 20.58 29.75 35.49
CA SER F 212 22.01 29.98 35.27
C SER F 212 22.55 29.09 34.15
N GLU F 213 22.10 27.84 34.11
CA GLU F 213 22.49 26.92 33.05
C GLU F 213 21.67 27.09 31.78
N ALA F 214 20.77 28.08 31.74
CA ALA F 214 19.92 28.30 30.58
C ALA F 214 20.72 28.85 29.40
N LEU F 215 21.97 29.25 29.64
CA LEU F 215 22.77 29.92 28.64
C LEU F 215 23.18 29.03 27.47
N ARG F 216 22.84 27.73 27.51
CA ARG F 216 23.20 26.83 26.42
C ARG F 216 22.58 27.28 25.10
N GLN F 217 21.40 27.92 25.16
CA GLN F 217 20.78 28.45 23.96
C GLN F 217 21.58 29.63 23.40
N ALA F 218 22.37 30.27 24.26
CA ALA F 218 23.12 31.45 23.85
C ALA F 218 24.15 31.10 22.78
N ARG F 219 24.89 30.02 23.00
CA ARG F 219 25.84 29.55 21.98
C ARG F 219 25.11 29.15 20.72
N LYS F 220 23.98 28.48 20.85
CA LYS F 220 23.19 28.05 19.70
C LYS F 220 22.49 29.23 19.03
N ASP F 221 21.87 30.10 19.84
CA ASP F 221 21.08 31.19 19.27
C ASP F 221 21.94 32.12 18.43
N ALA F 222 23.21 32.27 18.79
CA ALA F 222 24.10 33.14 18.03
C ALA F 222 24.32 32.61 16.62
N GLU F 223 24.34 31.28 16.47
CA GLU F 223 24.74 30.71 15.18
C GLU F 223 23.56 30.56 14.23
N LEU F 224 22.35 30.37 14.78
CA LEU F 224 21.18 30.34 13.91
C LEU F 224 20.99 31.70 13.22
N THR F 225 21.19 32.78 13.97
CA THR F 225 20.77 34.09 13.49
C THR F 225 21.63 34.58 12.34
N ALA F 226 22.91 34.85 12.61
CA ALA F 226 23.75 35.52 11.62
C ALA F 226 24.06 34.60 10.45
N SER F 227 23.72 33.34 10.64
CA SER F 227 23.92 32.33 9.62
C SER F 227 23.99 32.94 8.23
N ALA F 228 23.04 32.65 7.36
CA ALA F 228 23.22 33.16 6.00
C ALA F 228 22.28 34.12 5.29
N ASP F 229 21.96 35.28 5.84
CA ASP F 229 21.15 36.15 5.00
C ASP F 229 22.04 36.91 4.04
N SER F 230 21.97 36.59 2.74
CA SER F 230 22.71 37.41 1.79
C SER F 230 21.99 38.72 1.55
N VAL F 231 20.66 38.70 1.60
CA VAL F 231 19.88 39.92 1.47
C VAL F 231 20.28 40.92 2.55
N ARG F 232 20.07 40.55 3.81
CA ARG F 232 20.38 41.47 4.90
C ARG F 232 21.88 41.74 5.00
N ALA F 233 22.70 40.75 4.63
CA ALA F 233 24.13 40.98 4.61
C ALA F 233 24.47 42.13 3.68
N TYR F 234 23.94 42.08 2.46
CA TYR F 234 24.16 43.16 1.52
C TYR F 234 23.49 44.44 1.99
N LEU F 235 22.41 44.31 2.74
CA LEU F 235 21.73 45.48 3.29
C LEU F 235 22.65 46.22 4.25
N LYS F 236 23.23 45.48 5.19
CA LYS F 236 24.21 46.07 6.07
C LYS F 236 25.40 46.60 5.29
N GLN F 237 25.79 45.88 4.24
CA GLN F 237 26.86 46.34 3.37
C GLN F 237 26.57 47.72 2.81
N ILE F 238 25.35 47.92 2.35
CA ILE F 238 25.01 49.11 1.59
C ILE F 238 24.65 50.26 2.51
N GLY F 239 24.19 49.97 3.72
CA GLY F 239 23.92 51.03 4.66
C GLY F 239 25.19 51.68 5.16
N LYS F 240 26.31 51.01 4.90
CA LYS F 240 27.62 51.46 5.37
C LYS F 240 27.98 52.84 4.86
N VAL F 241 27.49 53.23 3.69
CA VAL F 241 27.79 54.53 3.13
C VAL F 241 26.58 55.43 3.29
N ALA F 242 26.81 56.75 3.42
CA ALA F 242 25.74 57.71 3.57
C ALA F 242 25.36 58.34 2.24
N LEU F 243 24.29 59.13 2.26
CA LEU F 243 23.79 59.77 1.05
C LEU F 243 24.61 61.01 0.74
N LEU F 244 24.13 61.77 -0.25
CA LEU F 244 24.77 62.98 -0.71
C LEU F 244 23.71 64.00 -1.06
N ASN F 245 24.11 65.03 -1.80
CA ASN F 245 23.18 66.08 -2.18
C ASN F 245 23.56 66.70 -3.51
N ALA F 246 22.98 67.88 -3.74
CA ALA F 246 23.06 68.53 -5.05
C ALA F 246 24.49 68.80 -5.46
N GLU F 247 25.23 69.57 -4.66
CA GLU F 247 26.61 69.87 -5.01
C GLU F 247 27.46 68.61 -5.04
N GLU F 248 27.06 67.58 -4.29
CA GLU F 248 27.68 66.27 -4.45
C GLU F 248 27.57 65.82 -5.90
N GLU F 249 26.34 65.76 -6.40
CA GLU F 249 26.09 65.44 -7.80
C GLU F 249 26.94 66.33 -8.70
N VAL F 250 26.95 67.62 -8.37
CA VAL F 250 27.63 68.64 -9.16
C VAL F 250 29.09 68.26 -9.35
N GLU F 251 29.81 68.23 -8.25
CA GLU F 251 31.25 68.05 -8.32
C GLU F 251 31.60 66.66 -8.80
N LEU F 252 30.84 65.64 -8.40
CA LEU F 252 31.17 64.30 -8.82
C LEU F 252 31.03 64.13 -10.32
N ALA F 253 29.90 64.60 -10.87
CA ALA F 253 29.70 64.54 -12.31
C ALA F 253 30.77 65.33 -13.03
N LYS F 254 31.09 66.52 -12.53
CA LYS F 254 32.08 67.34 -13.21
C LYS F 254 33.44 66.69 -13.15
N ARG F 255 33.76 66.07 -12.02
CA ARG F 255 34.99 65.30 -11.89
C ARG F 255 35.04 64.20 -12.92
N ILE F 256 33.95 63.43 -13.03
CA ILE F 256 33.95 62.29 -13.93
C ILE F 256 34.06 62.76 -15.36
N GLU F 257 33.43 63.89 -15.67
CA GLU F 257 33.56 64.50 -16.98
C GLU F 257 35.00 64.84 -17.26
N ALA F 258 35.67 65.46 -16.28
CA ALA F 258 37.06 65.80 -16.42
C ALA F 258 37.89 64.56 -16.67
N GLY F 259 37.62 63.49 -15.93
CA GLY F 259 38.37 62.27 -16.10
C GLY F 259 38.15 61.64 -17.46
N LEU F 260 36.92 61.67 -17.96
CA LEU F 260 36.68 61.07 -19.28
C LEU F 260 37.34 61.87 -20.38
N TYR F 261 37.25 63.19 -20.33
CA TYR F 261 37.97 63.94 -21.35
C TYR F 261 39.47 63.84 -21.16
N ALA F 262 39.89 63.60 -19.93
CA ALA F 262 41.31 63.41 -19.65
C ALA F 262 41.80 62.13 -20.31
N THR F 263 41.11 61.02 -20.09
CA THR F 263 41.48 59.79 -20.75
C THR F 263 41.30 59.90 -22.25
N GLN F 264 40.37 60.74 -22.69
CA GLN F 264 40.24 60.99 -24.12
C GLN F 264 41.51 61.60 -24.67
N LEU F 265 41.95 62.71 -24.11
CA LEU F 265 43.20 63.31 -24.55
C LEU F 265 44.38 62.38 -24.30
N MET F 266 44.26 61.51 -23.30
CA MET F 266 45.26 60.48 -23.08
C MET F 266 45.39 59.58 -24.29
N THR F 267 44.29 59.00 -24.74
CA THR F 267 44.36 58.18 -25.94
C THR F 267 44.66 59.01 -27.16
N GLU F 268 44.39 60.32 -27.11
CA GLU F 268 44.84 61.21 -28.15
C GLU F 268 46.34 61.11 -28.29
N LEU F 269 47.04 61.28 -27.17
CA LEU F 269 48.49 61.07 -27.16
C LEU F 269 48.86 59.59 -27.17
N SER F 270 47.89 58.69 -27.14
CA SER F 270 48.18 57.26 -27.26
C SER F 270 48.77 56.97 -28.63
N GLU F 271 48.05 57.38 -29.69
CA GLU F 271 48.69 57.51 -30.98
C GLU F 271 49.80 58.54 -30.85
N ARG F 272 50.74 58.53 -31.78
CA ARG F 272 51.90 59.41 -31.66
C ARG F 272 51.47 60.87 -31.69
N GLY F 273 51.52 61.53 -30.54
CA GLY F 273 51.25 62.95 -30.49
C GLY F 273 52.34 63.76 -29.82
N GLU F 274 53.08 63.16 -28.90
CA GLU F 274 53.96 63.95 -28.06
C GLU F 274 54.73 63.03 -27.12
N LYS F 275 55.86 63.54 -26.63
CA LYS F 275 56.53 63.00 -25.45
C LYS F 275 55.90 63.72 -24.27
N LEU F 276 54.96 63.05 -23.61
CA LEU F 276 54.10 63.73 -22.67
C LEU F 276 54.88 64.07 -21.40
N PRO F 277 54.83 65.31 -20.93
CA PRO F 277 55.63 65.70 -19.77
C PRO F 277 55.15 65.04 -18.49
N ALA F 278 56.01 65.07 -17.47
CA ALA F 278 55.78 64.26 -16.27
C ALA F 278 54.57 64.75 -15.48
N ALA F 279 54.53 66.04 -15.15
CA ALA F 279 53.44 66.55 -14.34
C ALA F 279 52.11 66.45 -15.08
N GLN F 280 52.12 66.72 -16.39
CA GLN F 280 50.92 66.56 -17.17
C GLN F 280 50.44 65.12 -17.14
N ARG F 281 51.37 64.19 -17.26
CA ARG F 281 51.01 62.78 -17.21
C ARG F 281 50.40 62.43 -15.85
N ARG F 282 51.08 62.85 -14.78
CA ARG F 282 50.66 62.47 -13.44
C ARG F 282 49.26 63.00 -13.13
N ASP F 283 49.02 64.27 -13.44
CA ASP F 283 47.74 64.82 -13.03
C ASP F 283 46.64 64.44 -14.00
N MET F 284 46.97 64.16 -15.27
CA MET F 284 45.92 63.69 -16.17
C MET F 284 45.46 62.29 -15.76
N MET F 285 46.40 61.41 -15.48
CA MET F 285 46.02 60.08 -15.00
C MET F 285 45.32 60.20 -13.66
N TRP F 286 45.74 61.17 -12.85
CA TRP F 286 45.07 61.42 -11.60
C TRP F 286 43.62 61.83 -11.81
N ILE F 287 43.38 62.70 -12.79
CA ILE F 287 42.03 63.13 -13.10
C ILE F 287 41.19 61.95 -13.52
N CYS F 288 41.75 61.12 -14.39
CA CYS F 288 41.08 59.88 -14.77
C CYS F 288 40.69 59.07 -13.53
N ARG F 289 41.68 58.75 -12.70
CA ARG F 289 41.47 57.95 -11.52
C ARG F 289 40.45 58.58 -10.58
N ASP F 290 40.47 59.91 -10.48
CA ASP F 290 39.58 60.61 -9.57
C ASP F 290 38.14 60.58 -10.07
N GLY F 291 37.94 60.85 -11.35
CA GLY F 291 36.60 60.70 -11.91
C GLY F 291 36.07 59.30 -11.72
N ASP F 292 36.94 58.30 -11.86
CA ASP F 292 36.52 56.93 -11.62
C ASP F 292 36.10 56.72 -10.17
N ARG F 293 36.90 57.25 -9.25
CA ARG F 293 36.60 57.11 -7.83
C ARG F 293 35.26 57.71 -7.50
N ALA F 294 35.05 58.97 -7.88
CA ALA F 294 33.76 59.60 -7.63
C ALA F 294 32.64 58.86 -8.35
N LYS F 295 32.96 58.30 -9.51
CA LYS F 295 32.01 57.48 -10.24
C LYS F 295 31.48 56.38 -9.36
N ASN F 296 32.36 55.52 -8.87
CA ASN F 296 31.94 54.49 -7.94
C ASN F 296 31.24 55.08 -6.73
N HIS F 297 31.73 56.23 -6.26
CA HIS F 297 31.24 56.84 -5.03
C HIS F 297 29.75 57.15 -5.13
N LEU F 298 29.35 57.88 -6.16
CA LEU F 298 27.96 58.28 -6.29
C LEU F 298 27.06 57.07 -6.47
N LEU F 299 27.50 56.12 -7.28
CA LEU F 299 26.75 54.88 -7.48
C LEU F 299 26.46 54.23 -6.15
N GLU F 300 27.50 54.07 -5.34
CA GLU F 300 27.38 53.58 -3.98
C GLU F 300 26.33 54.37 -3.20
N ALA F 301 26.41 55.69 -3.28
CA ALA F 301 25.47 56.54 -2.55
C ALA F 301 24.03 56.25 -2.94
N ASN F 302 23.82 55.93 -4.21
CA ASN F 302 22.46 55.81 -4.72
C ASN F 302 21.94 54.38 -4.68
N LEU F 303 22.82 53.43 -4.34
CA LEU F 303 22.37 52.04 -4.23
C LEU F 303 21.22 51.89 -3.24
N ARG F 304 21.22 52.72 -2.20
CA ARG F 304 20.13 52.69 -1.24
C ARG F 304 18.80 53.00 -1.92
N LEU F 305 18.79 54.01 -2.78
CA LEU F 305 17.59 54.30 -3.56
C LEU F 305 17.25 53.15 -4.46
N VAL F 306 18.28 52.50 -5.00
CA VAL F 306 18.08 51.31 -5.81
C VAL F 306 17.22 50.31 -5.06
N VAL F 307 17.63 49.99 -3.85
CA VAL F 307 16.90 49.01 -3.04
C VAL F 307 15.51 49.53 -2.72
N SER F 308 15.44 50.80 -2.32
CA SER F 308 14.16 51.39 -1.92
C SER F 308 13.14 51.32 -3.05
N LEU F 309 13.61 51.39 -4.29
CA LEU F 309 12.71 51.19 -5.42
C LEU F 309 12.38 49.72 -5.59
N ALA F 310 13.42 48.88 -5.69
CA ALA F 310 13.23 47.51 -6.11
C ALA F 310 12.39 46.71 -5.11
N LYS F 311 12.32 47.19 -3.86
CA LYS F 311 11.59 46.49 -2.82
C LYS F 311 10.14 46.19 -3.20
N ARG F 312 9.53 47.04 -4.01
CA ARG F 312 8.08 47.03 -4.18
C ARG F 312 7.64 46.21 -5.38
N TYR F 313 8.55 45.46 -6.00
CA TYR F 313 8.21 44.74 -7.21
C TYR F 313 8.28 43.23 -7.03
N THR F 314 8.77 42.77 -5.89
CA THR F 314 9.03 41.36 -5.69
C THR F 314 7.73 40.63 -5.40
N GLY F 315 7.85 39.41 -4.87
CA GLY F 315 6.69 38.60 -4.54
C GLY F 315 6.03 38.10 -5.79
N ARG F 316 6.79 38.05 -6.87
CA ARG F 316 6.23 37.73 -8.17
C ARG F 316 7.34 37.36 -9.13
N GLY F 317 7.28 36.14 -9.65
CA GLY F 317 8.09 35.77 -10.79
C GLY F 317 9.57 35.59 -10.51
N MET F 318 10.26 36.68 -10.24
CA MET F 318 11.71 36.70 -10.28
C MET F 318 12.30 37.02 -8.91
N ALA F 319 13.46 36.43 -8.64
CA ALA F 319 14.10 36.54 -7.34
C ALA F 319 14.52 37.97 -7.08
N PHE F 320 14.75 38.28 -5.80
CA PHE F 320 14.94 39.64 -5.34
C PHE F 320 16.35 40.17 -5.63
N LEU F 321 17.36 39.36 -5.34
CA LEU F 321 18.73 39.81 -5.55
C LEU F 321 19.00 40.08 -7.03
N ASP F 322 18.43 39.26 -7.91
CA ASP F 322 18.58 39.49 -9.34
C ASP F 322 17.97 40.83 -9.72
N LEU F 323 16.78 41.10 -9.20
CA LEU F 323 16.18 42.41 -9.38
C LEU F 323 17.12 43.50 -8.92
N ILE F 324 17.75 43.26 -7.78
CA ILE F 324 18.72 44.21 -7.25
C ILE F 324 19.83 44.46 -8.25
N GLN F 325 20.40 43.39 -8.77
CA GLN F 325 21.51 43.51 -9.69
C GLN F 325 21.11 44.28 -10.93
N GLU F 326 19.95 43.98 -11.48
CA GLU F 326 19.56 44.62 -12.71
C GLU F 326 19.23 46.08 -12.47
N GLY F 327 18.63 46.38 -11.32
CA GLY F 327 18.47 47.77 -10.94
C GLY F 327 19.80 48.47 -10.82
N ASN F 328 20.81 47.75 -10.36
CA ASN F 328 22.16 48.30 -10.33
C ASN F 328 22.62 48.65 -11.73
N LEU F 329 22.42 47.72 -12.66
CA LEU F 329 22.82 47.96 -14.05
C LEU F 329 22.12 49.20 -14.61
N GLY F 330 20.82 49.28 -14.39
CA GLY F 330 20.08 50.45 -14.85
C GLY F 330 20.54 51.72 -14.19
N LEU F 331 20.89 51.63 -12.91
CA LEU F 331 21.55 52.74 -12.24
C LEU F 331 22.79 53.15 -13.01
N ILE F 332 23.57 52.16 -13.42
CA ILE F 332 24.79 52.42 -14.19
C ILE F 332 24.45 53.21 -15.43
N ARG F 333 23.52 52.69 -16.23
CA ARG F 333 23.15 53.32 -17.49
C ARG F 333 22.66 54.75 -17.26
N ALA F 334 21.78 54.95 -16.28
CA ALA F 334 21.22 56.26 -16.03
C ALA F 334 22.29 57.25 -15.61
N VAL F 335 23.13 56.87 -14.64
CA VAL F 335 24.19 57.76 -14.19
C VAL F 335 25.15 58.06 -15.33
N GLU F 336 25.32 57.10 -16.23
CA GLU F 336 26.07 57.36 -17.44
C GLU F 336 25.46 58.50 -18.22
N LYS F 337 24.18 58.36 -18.54
CA LYS F 337 23.52 59.29 -19.45
C LYS F 337 22.93 60.48 -18.73
N PHE F 338 23.36 60.74 -17.49
CA PHE F 338 22.82 61.81 -16.67
C PHE F 338 23.43 63.15 -17.03
N ASP F 339 22.61 64.20 -16.93
CA ASP F 339 23.06 65.57 -17.02
C ASP F 339 22.83 66.27 -15.69
N TYR F 340 23.79 67.09 -15.31
CA TYR F 340 23.60 68.05 -14.23
C TYR F 340 23.23 69.42 -14.74
N THR F 341 23.70 69.78 -15.94
CA THR F 341 23.48 71.12 -16.46
C THR F 341 22.00 71.39 -16.69
N LYS F 342 21.17 70.34 -16.72
CA LYS F 342 19.73 70.49 -16.67
C LYS F 342 19.28 70.83 -15.25
N GLY F 343 20.21 70.78 -14.30
CA GLY F 343 19.96 71.27 -12.96
C GLY F 343 18.85 70.57 -12.21
N TYR F 344 18.66 69.29 -12.49
CA TYR F 344 17.64 68.52 -11.78
C TYR F 344 18.27 67.74 -10.63
N LYS F 345 17.42 66.98 -9.95
CA LYS F 345 17.90 65.98 -9.04
C LYS F 345 18.35 64.76 -9.82
N PHE F 346 19.42 64.12 -9.35
CA PHE F 346 19.90 62.92 -10.02
C PHE F 346 18.84 61.84 -10.02
N SER F 347 18.16 61.68 -8.88
CA SER F 347 17.20 60.59 -8.72
C SER F 347 16.08 60.67 -9.74
N THR F 348 15.65 61.90 -10.07
CA THR F 348 14.54 62.06 -10.98
C THR F 348 14.85 61.46 -12.34
N TYR F 349 15.92 61.92 -12.98
CA TYR F 349 16.37 61.32 -14.23
C TYR F 349 16.75 59.86 -14.06
N ALA F 350 17.17 59.46 -12.86
CA ALA F 350 17.53 58.07 -12.65
C ALA F 350 16.33 57.17 -12.78
N THR F 351 15.21 57.55 -12.15
CA THR F 351 14.09 56.65 -11.95
C THR F 351 13.57 56.07 -13.24
N TRP F 352 13.63 56.86 -14.33
CA TRP F 352 13.25 56.35 -15.63
C TRP F 352 14.04 55.11 -15.99
N TRP F 353 15.36 55.25 -16.10
CA TRP F 353 16.22 54.12 -16.42
C TRP F 353 16.06 53.02 -15.39
N ILE F 354 15.86 53.41 -14.14
CA ILE F 354 15.73 52.45 -13.06
C ILE F 354 14.59 51.51 -13.33
N ARG F 355 13.37 52.03 -13.31
CA ARG F 355 12.21 51.17 -13.48
C ARG F 355 12.17 50.57 -14.86
N GLN F 356 12.75 51.25 -15.85
CA GLN F 356 12.81 50.69 -17.18
C GLN F 356 13.56 49.38 -17.16
N ALA F 357 14.83 49.42 -16.74
CA ALA F 357 15.62 48.20 -16.71
C ALA F 357 14.99 47.17 -15.79
N ILE F 358 14.38 47.63 -14.70
CA ILE F 358 13.73 46.71 -13.78
C ILE F 358 12.66 45.90 -14.48
N THR F 359 11.62 46.58 -14.93
CA THR F 359 10.51 45.91 -15.60
C THR F 359 10.99 45.19 -16.85
N ARG F 360 12.04 45.71 -17.49
CA ARG F 360 12.59 45.06 -18.64
C ARG F 360 13.05 43.66 -18.29
N ALA F 361 13.98 43.57 -17.33
CA ALA F 361 14.46 42.26 -16.88
C ALA F 361 13.32 41.43 -16.33
N MET F 362 12.32 42.09 -15.75
CA MET F 362 11.12 41.40 -15.30
C MET F 362 10.49 40.61 -16.43
N ALA F 363 10.15 41.29 -17.53
CA ALA F 363 9.60 40.60 -18.68
C ALA F 363 10.64 39.64 -19.27
N ASP F 364 11.90 39.94 -19.05
CA ASP F 364 12.96 39.13 -19.66
C ASP F 364 12.98 37.74 -19.07
N GLN F 365 13.19 37.64 -17.76
CA GLN F 365 13.59 36.39 -17.14
C GLN F 365 12.59 35.93 -16.08
N ALA F 366 11.33 36.27 -16.26
CA ALA F 366 10.30 35.80 -15.34
C ALA F 366 9.56 34.59 -15.88
N ARG F 367 9.79 34.22 -17.13
CA ARG F 367 9.18 33.04 -17.70
C ARG F 367 10.27 32.14 -18.25
N THR F 368 10.20 30.86 -17.89
CA THR F 368 11.12 29.90 -18.48
C THR F 368 10.90 29.77 -19.99
N ILE F 369 9.74 30.17 -20.48
CA ILE F 369 9.50 30.32 -21.90
C ILE F 369 9.55 31.81 -22.18
N ARG F 370 10.56 32.23 -22.93
CA ARG F 370 10.72 33.66 -23.18
C ARG F 370 9.62 34.14 -24.11
N ILE F 371 9.31 35.43 -24.02
CA ILE F 371 8.24 36.02 -24.80
C ILE F 371 8.66 37.41 -25.25
N PRO F 372 8.25 37.83 -26.43
CA PRO F 372 8.53 39.20 -26.85
C PRO F 372 7.93 40.22 -25.91
N VAL F 373 8.60 41.36 -25.79
CA VAL F 373 8.22 42.34 -24.78
C VAL F 373 6.86 42.95 -25.13
N HIS F 374 6.63 43.24 -26.41
CA HIS F 374 5.34 43.78 -26.81
C HIS F 374 4.22 42.81 -26.50
N MET F 375 4.50 41.52 -26.68
CA MET F 375 3.58 40.50 -26.23
C MET F 375 3.30 40.66 -24.74
N VAL F 376 4.34 40.95 -23.97
CA VAL F 376 4.18 41.13 -22.54
C VAL F 376 3.27 42.32 -22.26
N GLU F 377 3.53 43.44 -22.92
CA GLU F 377 2.74 44.64 -22.72
C GLU F 377 1.28 44.39 -23.02
N VAL F 378 1.00 43.73 -24.13
CA VAL F 378 -0.39 43.51 -24.50
C VAL F 378 -1.05 42.60 -23.49
N ILE F 379 -0.30 41.61 -22.98
CA ILE F 379 -0.84 40.75 -21.93
C ILE F 379 -1.15 41.56 -20.69
N ASN F 380 -0.31 42.55 -20.39
CA ASN F 380 -0.49 43.31 -19.17
C ASN F 380 -1.72 44.19 -19.29
N LYS F 381 -1.86 44.86 -20.43
CA LYS F 381 -3.09 45.59 -20.72
C LYS F 381 -4.29 44.67 -20.60
N LEU F 382 -4.16 43.44 -21.08
CA LEU F 382 -5.25 42.48 -21.02
C LEU F 382 -5.67 42.21 -19.59
N GLY F 383 -4.72 41.80 -18.76
CA GLY F 383 -5.06 41.51 -17.38
C GLY F 383 -5.62 42.73 -16.66
N ARG F 384 -5.04 43.91 -16.92
CA ARG F 384 -5.56 45.14 -16.37
C ARG F 384 -7.03 45.29 -16.69
N ILE F 385 -7.36 45.34 -17.98
CA ILE F 385 -8.73 45.47 -18.43
C ILE F 385 -9.59 44.35 -17.87
N GLN F 386 -8.98 43.18 -17.65
CA GLN F 386 -9.74 42.05 -17.13
C GLN F 386 -10.21 42.32 -15.71
N ARG F 387 -9.29 42.70 -14.82
CA ARG F 387 -9.73 43.03 -13.47
C ARG F 387 -10.71 44.20 -13.50
N GLU F 388 -10.46 45.17 -14.38
CA GLU F 388 -11.35 46.30 -14.53
C GLU F 388 -12.78 45.84 -14.80
N LEU F 389 -12.97 45.15 -15.92
CA LEU F 389 -14.27 44.68 -16.34
C LEU F 389 -14.83 43.63 -15.39
N LEU F 390 -13.97 42.97 -14.62
CA LEU F 390 -14.44 42.11 -13.54
C LEU F 390 -15.20 42.92 -12.52
N GLN F 391 -14.51 43.87 -11.88
CA GLN F 391 -15.15 44.65 -10.83
C GLN F 391 -16.26 45.51 -11.39
N ASP F 392 -16.21 45.84 -12.67
CA ASP F 392 -17.28 46.61 -13.28
C ASP F 392 -18.50 45.73 -13.53
N LEU F 393 -18.33 44.72 -14.37
CA LEU F 393 -19.37 43.73 -14.59
C LEU F 393 -19.71 42.97 -13.32
N GLY F 394 -18.81 42.95 -12.34
CA GLY F 394 -19.06 42.24 -11.11
C GLY F 394 -18.71 40.76 -11.22
N ARG F 395 -18.62 40.28 -12.44
CA ARG F 395 -18.26 38.90 -12.73
C ARG F 395 -17.12 38.88 -13.72
N GLU F 396 -16.63 37.69 -14.01
CA GLU F 396 -15.66 37.55 -15.09
C GLU F 396 -16.34 37.87 -16.41
N PRO F 397 -15.91 38.92 -17.09
CA PRO F 397 -16.55 39.31 -18.35
C PRO F 397 -16.42 38.23 -19.40
N THR F 398 -17.09 38.44 -20.51
CA THR F 398 -16.95 37.46 -21.57
C THR F 398 -15.71 37.74 -22.39
N PRO F 399 -15.10 36.70 -22.96
CA PRO F 399 -13.96 36.93 -23.85
C PRO F 399 -14.33 37.79 -25.03
N GLU F 400 -15.56 37.65 -25.54
CA GLU F 400 -16.01 38.50 -26.63
C GLU F 400 -16.11 39.94 -26.19
N GLU F 401 -16.65 40.17 -25.00
CA GLU F 401 -16.60 41.50 -24.39
C GLU F 401 -15.19 42.04 -24.35
N LEU F 402 -14.24 41.19 -23.94
CA LEU F 402 -12.87 41.66 -23.78
C LEU F 402 -12.25 42.03 -25.10
N ALA F 403 -12.40 41.16 -26.11
CA ALA F 403 -11.87 41.45 -27.44
C ALA F 403 -12.52 42.69 -28.01
N LYS F 404 -13.81 42.85 -27.76
CA LYS F 404 -14.48 44.11 -28.06
C LYS F 404 -13.81 45.27 -27.36
N GLU F 405 -13.37 45.06 -26.13
CA GLU F 405 -12.84 46.15 -25.33
C GLU F 405 -11.47 46.61 -25.79
N MET F 406 -10.55 45.70 -26.03
CA MET F 406 -9.21 46.06 -26.48
C MET F 406 -9.15 46.10 -28.00
N ASP F 407 -10.32 46.12 -28.64
CA ASP F 407 -10.45 46.41 -30.06
C ASP F 407 -9.67 45.42 -30.92
N ILE F 408 -9.67 44.16 -30.53
CA ILE F 408 -9.04 43.09 -31.30
C ILE F 408 -10.00 41.92 -31.39
N THR F 409 -9.57 40.92 -31.99
CA THR F 409 -10.53 39.85 -32.17
C THR F 409 -10.53 38.91 -30.98
N PRO F 410 -11.65 38.22 -30.77
CA PRO F 410 -11.74 37.30 -29.63
C PRO F 410 -10.73 36.18 -29.70
N GLU F 411 -10.56 35.56 -30.87
CA GLU F 411 -9.54 34.54 -31.02
C GLU F 411 -8.15 35.12 -30.77
N LYS F 412 -7.96 36.38 -31.15
CA LYS F 412 -6.70 37.04 -30.81
C LYS F 412 -6.51 37.07 -29.30
N VAL F 413 -7.56 37.46 -28.58
CA VAL F 413 -7.53 37.44 -27.13
C VAL F 413 -7.18 36.05 -26.61
N LEU F 414 -7.76 35.04 -27.25
CA LEU F 414 -7.53 33.67 -26.81
C LEU F 414 -6.06 33.31 -26.95
N GLU F 415 -5.50 33.59 -28.11
CA GLU F 415 -4.09 33.35 -28.37
C GLU F 415 -3.24 34.07 -27.35
N ILE F 416 -3.61 35.30 -27.05
CA ILE F 416 -2.87 36.10 -26.08
C ILE F 416 -2.88 35.42 -24.73
N GLN F 417 -4.06 35.00 -24.28
CA GLN F 417 -4.20 34.31 -23.01
C GLN F 417 -3.34 33.07 -22.98
N GLN F 418 -3.40 32.29 -24.06
CA GLN F 418 -2.66 31.04 -24.11
C GLN F 418 -1.17 31.27 -24.00
N TYR F 419 -0.65 32.20 -24.80
CA TYR F 419 0.71 32.66 -24.64
C TYR F 419 0.98 33.17 -23.24
N ALA F 420 -0.09 33.57 -22.58
CA ALA F 420 -0.05 34.08 -21.25
C ALA F 420 -0.55 33.01 -20.31
N ARG F 421 -0.11 31.79 -20.55
CA ARG F 421 -0.68 30.64 -19.91
C ARG F 421 0.59 30.01 -19.29
N GLU F 422 0.80 29.96 -17.96
CA GLU F 422 2.11 29.54 -17.50
C GLU F 422 2.15 28.02 -17.37
N PRO F 423 3.33 27.41 -17.52
CA PRO F 423 3.42 25.95 -17.38
C PRO F 423 3.26 25.49 -15.95
N ILE F 424 3.18 24.18 -15.79
CA ILE F 424 2.97 23.57 -14.49
C ILE F 424 4.13 22.61 -14.23
N SER F 425 4.40 22.33 -12.95
CA SER F 425 5.48 21.42 -12.60
C SER F 425 5.01 19.98 -12.59
N LEU F 426 5.97 19.07 -12.73
CA LEU F 426 5.71 17.64 -12.60
C LEU F 426 6.21 17.07 -11.29
N ASP F 427 6.41 17.90 -10.28
CA ASP F 427 6.96 17.45 -9.02
C ASP F 427 6.04 17.77 -7.86
N GLN F 428 4.74 17.64 -8.11
CA GLN F 428 3.73 17.66 -7.06
C GLN F 428 3.00 16.33 -7.13
N THR F 429 2.28 15.99 -6.06
CA THR F 429 1.52 14.75 -6.03
C THR F 429 0.05 15.01 -6.29
N ILE F 430 -0.52 14.34 -7.29
CA ILE F 430 -1.95 14.46 -7.59
C ILE F 430 -2.75 13.80 -6.47
N GLY F 431 -2.23 12.70 -5.94
CA GLY F 431 -2.89 12.08 -4.81
C GLY F 431 -2.69 12.88 -3.54
N ASP F 432 -3.74 12.92 -2.73
CA ASP F 432 -3.66 13.59 -1.44
C ASP F 432 -2.71 12.83 -0.52
N GLU F 433 -2.72 11.51 -0.63
CA GLU F 433 -1.62 10.68 -0.16
C GLU F 433 -0.46 10.82 -1.15
N GLY F 434 0.61 11.49 -0.73
CA GLY F 434 1.66 11.84 -1.65
C GLY F 434 2.72 10.76 -1.82
N ASP F 435 2.59 9.97 -2.88
CA ASP F 435 3.58 8.98 -3.23
C ASP F 435 3.88 8.92 -4.72
N SER F 436 3.00 9.46 -5.57
CA SER F 436 3.14 9.39 -7.01
C SER F 436 3.27 10.80 -7.53
N GLN F 437 4.27 11.02 -8.37
CA GLN F 437 4.44 12.31 -9.03
C GLN F 437 3.34 12.50 -10.06
N LEU F 438 3.12 13.76 -10.43
CA LEU F 438 2.12 14.08 -11.45
C LEU F 438 2.53 13.52 -12.81
N GLY F 439 3.82 13.44 -13.07
CA GLY F 439 4.31 12.92 -14.33
C GLY F 439 4.19 11.43 -14.49
N ASP F 440 3.73 10.73 -13.46
CA ASP F 440 3.53 9.29 -13.50
C ASP F 440 2.16 8.90 -14.04
N PHE F 441 1.51 9.79 -14.79
CA PHE F 441 0.19 9.52 -15.34
C PHE F 441 0.08 10.03 -16.77
N ILE F 442 1.21 10.32 -17.41
CA ILE F 442 1.21 10.90 -18.73
C ILE F 442 1.43 9.79 -19.74
N GLU F 443 0.39 9.48 -20.52
CA GLU F 443 0.53 8.56 -21.62
C GLU F 443 1.39 9.19 -22.70
N ASP F 444 2.48 8.52 -23.05
CA ASP F 444 3.31 9.00 -24.14
C ASP F 444 2.61 8.66 -25.44
N SER F 445 1.93 9.65 -26.02
CA SER F 445 1.20 9.45 -27.26
C SER F 445 2.11 9.38 -28.47
N GLU F 446 3.39 9.70 -28.31
CA GLU F 446 4.38 9.58 -29.38
C GLU F 446 5.35 8.44 -29.08
N ALA F 447 4.88 7.41 -28.40
CA ALA F 447 5.70 6.26 -28.07
C ALA F 447 5.46 5.16 -29.10
N VAL F 448 6.23 4.09 -28.93
CA VAL F 448 6.20 2.95 -29.83
C VAL F 448 5.14 1.88 -29.56
N VAL F 449 4.33 1.68 -30.59
CA VAL F 449 3.27 0.67 -30.66
C VAL F 449 3.90 -0.71 -30.68
N ALA F 450 5.14 -0.73 -31.16
CA ALA F 450 5.90 -1.91 -31.31
C ALA F 450 5.16 -2.95 -32.09
N VAL F 451 4.03 -3.42 -31.62
CA VAL F 451 3.74 -4.53 -32.51
C VAL F 451 3.64 -4.03 -33.95
N ASP F 452 3.24 -2.77 -34.10
CA ASP F 452 3.19 -2.13 -35.40
C ASP F 452 4.52 -2.25 -36.14
N ALA F 453 5.63 -2.23 -35.40
CA ALA F 453 6.94 -2.31 -36.03
C ALA F 453 7.13 -3.64 -36.74
N VAL F 454 6.92 -4.75 -36.03
CA VAL F 454 7.05 -6.05 -36.67
C VAL F 454 6.00 -6.21 -37.74
N SER F 455 4.84 -5.58 -37.54
CA SER F 455 3.85 -5.51 -38.60
C SER F 455 4.45 -4.92 -39.87
N PHE F 456 5.15 -3.80 -39.70
CA PHE F 456 5.81 -3.13 -40.81
C PHE F 456 6.85 -4.03 -41.45
N THR F 457 7.57 -4.76 -40.61
CA THR F 457 8.57 -5.70 -41.09
C THR F 457 7.95 -6.73 -42.02
N LEU F 458 6.94 -7.44 -41.50
CA LEU F 458 6.32 -8.50 -42.28
C LEU F 458 5.61 -7.94 -43.49
N LEU F 459 5.09 -6.72 -43.35
CA LEU F 459 4.65 -5.93 -44.47
C LEU F 459 5.70 -5.93 -45.57
N GLN F 460 6.90 -5.48 -45.24
CA GLN F 460 7.99 -5.48 -46.20
C GLN F 460 8.25 -6.87 -46.76
N ASP F 461 8.07 -7.89 -45.92
CA ASP F 461 8.43 -9.23 -46.30
C ASP F 461 7.51 -9.75 -47.40
N GLN F 462 6.22 -9.80 -47.10
CA GLN F 462 5.23 -10.14 -48.12
C GLN F 462 5.32 -9.20 -49.31
N LEU F 463 5.69 -7.95 -49.05
CA LEU F 463 5.93 -7.00 -50.12
C LEU F 463 6.93 -7.55 -51.11
N GLN F 464 8.16 -7.77 -50.65
CA GLN F 464 9.24 -8.22 -51.52
C GLN F 464 8.88 -9.53 -52.20
N SER F 465 8.17 -10.40 -51.48
CA SER F 465 7.67 -11.61 -52.10
C SER F 465 6.84 -11.27 -53.33
N VAL F 466 5.88 -10.36 -53.17
CA VAL F 466 4.98 -10.04 -54.27
C VAL F 466 5.74 -9.35 -55.38
N LEU F 467 6.70 -8.52 -55.02
CA LEU F 467 7.57 -7.89 -56.02
C LEU F 467 8.25 -8.94 -56.87
N ASP F 468 8.78 -9.98 -56.24
CA ASP F 468 9.38 -11.06 -56.99
C ASP F 468 8.34 -11.89 -57.72
N THR F 469 7.07 -11.77 -57.37
CA THR F 469 6.03 -12.48 -58.11
C THR F 469 5.88 -12.00 -59.55
N LEU F 470 6.45 -10.85 -59.90
CA LEU F 470 6.31 -10.29 -61.22
C LEU F 470 7.68 -10.05 -61.85
N SER F 471 7.69 -9.49 -63.07
CA SER F 471 8.90 -9.44 -63.85
C SER F 471 9.90 -8.46 -63.23
N GLU F 472 11.08 -8.38 -63.85
CA GLU F 472 12.18 -7.62 -63.29
C GLU F 472 11.98 -6.12 -63.43
N ARG F 473 11.88 -5.65 -64.68
CA ARG F 473 11.84 -4.21 -64.93
C ARG F 473 10.66 -3.57 -64.22
N GLU F 474 9.57 -4.32 -64.06
CA GLU F 474 8.45 -3.87 -63.26
C GLU F 474 8.89 -3.48 -61.85
N ALA F 475 9.41 -4.44 -61.10
CA ALA F 475 9.74 -4.19 -59.70
C ALA F 475 10.86 -3.16 -59.59
N GLY F 476 11.81 -3.20 -60.53
CA GLY F 476 12.85 -2.18 -60.53
C GLY F 476 12.27 -0.79 -60.65
N VAL F 477 11.39 -0.59 -61.64
CA VAL F 477 10.74 0.70 -61.84
C VAL F 477 9.96 1.08 -60.59
N VAL F 478 9.33 0.11 -59.95
CA VAL F 478 8.49 0.42 -58.81
C VAL F 478 9.33 0.91 -57.64
N ARG F 479 10.40 0.17 -57.34
CA ARG F 479 11.28 0.58 -56.26
C ARG F 479 11.90 1.94 -56.56
N LEU F 480 12.25 2.17 -57.82
CA LEU F 480 12.83 3.46 -58.20
C LEU F 480 11.82 4.59 -58.08
N ARG F 481 10.55 4.32 -58.36
CA ARG F 481 9.53 5.34 -58.33
C ARG F 481 9.02 5.60 -56.92
N PHE F 482 9.27 4.66 -56.00
CA PHE F 482 8.79 4.80 -54.64
C PHE F 482 9.94 5.02 -53.66
N GLY F 483 11.17 5.05 -54.15
CA GLY F 483 12.31 5.11 -53.27
C GLY F 483 12.47 3.82 -52.47
N LEU F 484 11.86 2.75 -52.97
CA LEU F 484 11.81 1.49 -52.26
C LEU F 484 13.17 0.85 -52.08
N THR F 485 14.17 1.30 -52.82
CA THR F 485 15.50 0.71 -52.78
C THR F 485 16.50 1.71 -52.21
N ASP F 486 16.21 3.00 -52.38
CA ASP F 486 17.11 4.05 -51.94
C ASP F 486 16.50 4.99 -50.92
N GLY F 487 15.20 4.89 -50.67
CA GLY F 487 14.50 5.89 -49.91
C GLY F 487 14.20 7.16 -50.68
N GLN F 488 14.60 7.22 -51.95
CA GLN F 488 14.33 8.36 -52.79
C GLN F 488 13.62 7.94 -54.07
N PRO F 489 12.34 8.20 -54.18
CA PRO F 489 11.62 7.90 -55.43
C PRO F 489 12.15 8.71 -56.61
N ARG F 490 12.38 8.04 -57.73
CA ARG F 490 12.80 8.71 -58.94
C ARG F 490 11.60 8.97 -59.84
N THR F 491 11.69 10.02 -60.65
CA THR F 491 10.66 10.34 -61.62
C THR F 491 10.76 9.43 -62.82
N LEU F 492 9.77 9.58 -63.72
CA LEU F 492 9.87 8.96 -65.04
C LEU F 492 11.17 9.35 -65.72
N ASP F 493 11.66 10.57 -65.46
CA ASP F 493 12.92 11.00 -66.00
C ASP F 493 14.04 10.05 -65.63
N GLU F 494 14.30 9.89 -64.33
CA GLU F 494 15.38 9.00 -63.90
C GLU F 494 15.13 7.58 -64.37
N ILE F 495 13.87 7.16 -64.38
CA ILE F 495 13.57 5.77 -64.68
C ILE F 495 13.88 5.47 -66.14
N GLY F 496 13.28 6.22 -67.06
CA GLY F 496 13.59 6.05 -68.46
C GLY F 496 15.04 6.37 -68.77
N GLN F 497 15.67 7.18 -67.92
CA GLN F 497 17.11 7.40 -68.00
C GLN F 497 17.87 6.09 -67.84
N VAL F 498 17.74 5.48 -66.66
CA VAL F 498 18.51 4.29 -66.31
C VAL F 498 18.13 3.15 -67.25
N TYR F 499 16.87 3.11 -67.68
CA TYR F 499 16.47 2.11 -68.66
C TYR F 499 16.68 2.57 -70.10
N GLY F 500 16.95 3.85 -70.32
CA GLY F 500 17.14 4.34 -71.67
C GLY F 500 15.87 4.48 -72.48
N VAL F 501 14.71 4.55 -71.85
CA VAL F 501 13.45 4.66 -72.55
C VAL F 501 12.77 5.97 -72.19
N THR F 502 11.65 6.23 -72.85
CA THR F 502 10.92 7.47 -72.65
C THR F 502 10.16 7.43 -71.34
N ARG F 503 9.76 8.62 -70.90
CA ARG F 503 8.85 8.70 -69.76
C ARG F 503 7.57 7.94 -70.06
N GLU F 504 6.95 8.25 -71.19
CA GLU F 504 5.63 7.70 -71.49
C GLU F 504 5.70 6.20 -71.70
N ARG F 505 6.83 5.68 -72.17
CA ARG F 505 7.01 4.25 -72.10
C ARG F 505 6.92 3.78 -70.67
N ILE F 506 7.53 4.54 -69.75
CA ILE F 506 7.45 4.19 -68.33
C ILE F 506 6.02 4.31 -67.84
N ARG F 507 5.24 5.20 -68.44
CA ARG F 507 3.87 5.38 -67.99
C ARG F 507 3.01 4.21 -68.43
N GLN F 508 3.20 3.75 -69.67
CA GLN F 508 2.65 2.46 -70.09
C GLN F 508 3.04 1.37 -69.11
N ILE F 509 4.32 1.34 -68.77
CA ILE F 509 4.84 0.36 -67.82
C ILE F 509 4.05 0.39 -66.53
N GLU F 510 3.96 1.58 -65.93
CA GLU F 510 3.28 1.74 -64.65
C GLU F 510 1.82 1.37 -64.76
N SER F 511 1.19 1.71 -65.88
CA SER F 511 -0.21 1.35 -66.07
C SER F 511 -0.38 -0.16 -66.01
N LYS F 512 0.37 -0.90 -66.82
CA LYS F 512 0.27 -2.35 -66.79
C LYS F 512 0.65 -2.91 -65.43
N THR F 513 1.62 -2.28 -64.76
CA THR F 513 2.05 -2.78 -63.47
C THR F 513 0.94 -2.68 -62.44
N MET F 514 0.35 -1.49 -62.29
CA MET F 514 -0.69 -1.34 -61.29
C MET F 514 -1.93 -2.11 -61.67
N SER F 515 -2.14 -2.33 -62.96
CA SER F 515 -3.17 -3.28 -63.37
C SER F 515 -2.88 -4.66 -62.80
N LYS F 516 -1.68 -5.16 -63.05
CA LYS F 516 -1.30 -6.49 -62.57
C LYS F 516 -1.36 -6.57 -61.05
N LEU F 517 -0.88 -5.54 -60.38
CA LEU F 517 -0.84 -5.54 -58.93
C LEU F 517 -2.23 -5.45 -58.34
N ARG F 518 -3.09 -4.69 -58.99
CA ARG F 518 -4.45 -4.49 -58.51
C ARG F 518 -5.28 -5.70 -58.89
N HIS F 519 -4.96 -6.84 -58.27
CA HIS F 519 -5.72 -8.08 -58.42
C HIS F 519 -6.13 -8.52 -57.03
N PRO F 520 -7.38 -8.89 -56.81
CA PRO F 520 -7.74 -9.49 -55.52
C PRO F 520 -6.93 -10.73 -55.24
N SER F 521 -6.60 -11.48 -56.30
CA SER F 521 -5.66 -12.59 -56.19
C SER F 521 -4.40 -12.20 -55.43
N ARG F 522 -3.85 -11.04 -55.75
CA ARG F 522 -2.63 -10.60 -55.12
C ARG F 522 -2.88 -9.90 -53.79
N SER F 523 -3.99 -9.20 -53.65
CA SER F 523 -4.22 -8.37 -52.49
C SER F 523 -4.93 -9.08 -51.35
N GLN F 524 -5.33 -10.34 -51.52
CA GLN F 524 -6.00 -11.05 -50.45
C GLN F 524 -5.17 -11.05 -49.17
N VAL F 525 -3.90 -11.40 -49.28
CA VAL F 525 -3.03 -11.37 -48.11
C VAL F 525 -2.74 -9.94 -47.72
N LEU F 526 -2.75 -9.03 -48.69
CA LEU F 526 -2.10 -7.75 -48.52
C LEU F 526 -3.01 -6.75 -47.83
N ARG F 527 -4.31 -6.89 -48.04
CA ARG F 527 -5.29 -5.94 -47.54
C ARG F 527 -5.21 -5.81 -46.02
N ASP F 528 -4.77 -6.87 -45.36
CA ASP F 528 -4.74 -6.95 -43.91
C ASP F 528 -3.85 -5.90 -43.27
N TYR F 529 -2.91 -5.33 -44.02
CA TYR F 529 -1.91 -4.43 -43.44
C TYR F 529 -2.35 -2.98 -43.44
N LEU F 530 -3.64 -2.72 -43.41
CA LEU F 530 -4.13 -1.36 -43.50
C LEU F 530 -4.70 -0.86 -42.18
N ARG G 4 -6.77 8.74 -14.33
CA ARG G 4 -7.22 9.37 -15.56
C ARG G 4 -6.07 9.50 -16.54
N VAL G 5 -6.33 9.27 -17.83
CA VAL G 5 -5.29 9.22 -18.84
C VAL G 5 -4.79 10.62 -19.13
N LEU G 6 -3.47 10.74 -19.19
CA LEU G 6 -2.79 11.99 -19.54
C LEU G 6 -1.58 11.63 -20.39
N ARG G 7 -1.63 11.95 -21.67
CA ARG G 7 -0.58 11.60 -22.60
C ARG G 7 0.26 12.81 -22.96
N GLY G 8 1.42 12.54 -23.56
CA GLY G 8 2.32 13.58 -24.00
C GLY G 8 3.10 13.14 -25.23
N SER G 9 3.94 14.05 -25.70
CA SER G 9 4.79 13.74 -26.83
C SER G 9 5.91 14.76 -27.01
N ARG G 10 7.15 14.29 -27.05
CA ARG G 10 8.26 15.18 -27.28
C ARG G 10 8.16 15.73 -28.70
N LEU G 11 8.54 16.99 -28.87
CA LEU G 11 8.26 17.66 -30.13
C LEU G 11 9.24 17.27 -31.23
N GLY G 12 9.26 15.98 -31.57
CA GLY G 12 10.10 15.51 -32.65
C GLY G 12 9.51 14.28 -33.29
N ALA G 13 9.95 13.99 -34.50
CA ALA G 13 9.50 12.82 -35.24
C ALA G 13 10.46 11.66 -35.05
N VAL G 14 9.91 10.46 -35.07
CA VAL G 14 10.67 9.23 -34.86
C VAL G 14 10.30 8.27 -36.00
N SER G 15 11.16 8.20 -37.01
CA SER G 15 11.00 7.21 -38.06
C SER G 15 11.70 5.92 -37.66
N TYR G 16 11.64 4.94 -38.55
CA TYR G 16 12.30 3.65 -38.34
C TYR G 16 12.66 3.01 -39.68
N GLU G 17 13.91 3.21 -40.10
CA GLU G 17 14.47 2.50 -41.24
C GLU G 17 15.34 1.35 -40.72
N THR G 18 16.11 0.75 -41.62
CA THR G 18 17.17 -0.18 -41.24
C THR G 18 18.51 0.54 -41.30
N ASP G 19 19.42 0.17 -40.41
CA ASP G 19 20.71 0.85 -40.40
C ASP G 19 21.62 0.33 -41.51
N ARG G 20 21.52 0.96 -42.68
CA ARG G 20 22.42 0.62 -43.77
C ARG G 20 23.82 1.12 -43.46
N ASN G 21 24.65 0.28 -42.85
CA ASN G 21 26.01 0.71 -42.59
C ASN G 21 26.82 0.80 -43.88
N HIS G 22 26.41 0.08 -44.92
CA HIS G 22 27.16 0.00 -46.17
C HIS G 22 26.94 1.23 -47.05
N ASP G 23 25.71 1.71 -47.13
CA ASP G 23 25.36 2.73 -48.11
C ASP G 23 25.04 4.01 -47.37
N LEU G 24 25.93 4.99 -47.49
CA LEU G 24 25.74 6.30 -46.88
C LEU G 24 26.04 7.37 -47.91
N ALA G 25 25.47 8.55 -47.73
CA ALA G 25 25.90 9.69 -48.50
C ALA G 25 27.37 9.98 -48.20
N PRO G 26 28.25 9.93 -49.20
CA PRO G 26 29.64 10.32 -48.96
C PRO G 26 29.72 11.79 -48.59
N ARG G 27 30.82 12.17 -47.95
CA ARG G 27 30.84 13.45 -47.26
C ARG G 27 32.26 13.90 -46.97
N GLN G 28 32.41 15.21 -46.86
CA GLN G 28 33.69 15.88 -46.67
C GLN G 28 34.01 16.02 -45.20
N ILE G 29 35.29 16.24 -44.91
CA ILE G 29 35.78 16.40 -43.55
C ILE G 29 36.63 17.65 -43.50
N ALA G 30 36.43 18.47 -42.48
CA ALA G 30 37.09 19.77 -42.36
C ALA G 30 37.81 19.86 -41.03
N ARG G 31 38.82 20.72 -40.97
CA ARG G 31 39.56 20.99 -39.74
C ARG G 31 39.48 22.49 -39.47
N TYR G 32 38.89 22.85 -38.35
CA TYR G 32 38.85 24.24 -37.95
C TYR G 32 39.75 24.46 -36.75
N ARG G 33 40.35 25.64 -36.69
CA ARG G 33 41.23 26.01 -35.60
C ARG G 33 40.51 27.00 -34.70
N THR G 34 40.82 26.94 -33.41
CA THR G 34 40.24 27.86 -32.45
C THR G 34 41.23 28.95 -32.11
N ASP G 35 40.85 29.81 -31.16
CA ASP G 35 41.76 30.83 -30.66
C ASP G 35 42.90 30.19 -29.89
N ASN G 36 42.56 29.25 -29.01
CA ASN G 36 43.56 28.47 -28.31
C ASN G 36 43.95 27.24 -29.13
N GLY G 37 44.27 27.50 -30.39
CA GLY G 37 44.75 26.51 -31.35
C GLY G 37 44.10 25.14 -31.33
N GLU G 38 42.83 25.08 -30.97
CA GLU G 38 42.14 23.80 -30.94
C GLU G 38 41.71 23.45 -32.35
N GLU G 39 41.75 22.17 -32.64
CA GLU G 39 41.38 21.67 -33.95
C GLU G 39 40.15 20.80 -33.79
N PHE G 40 39.04 21.25 -34.35
CA PHE G 40 37.81 20.50 -34.38
C PHE G 40 37.53 20.13 -35.83
N GLU G 41 36.96 18.97 -36.02
CA GLU G 41 36.85 18.40 -37.35
C GLU G 41 35.45 17.86 -37.55
N VAL G 42 34.83 18.25 -38.66
CA VAL G 42 33.42 17.96 -38.86
C VAL G 42 33.19 17.33 -40.22
N PRO G 43 32.64 16.14 -40.26
CA PRO G 43 32.29 15.55 -41.55
C PRO G 43 31.12 16.28 -42.17
N PHE G 44 31.40 17.08 -43.18
CA PHE G 44 30.35 17.74 -43.94
C PHE G 44 30.08 16.97 -45.21
N ALA G 45 28.92 17.25 -45.80
CA ALA G 45 28.55 16.65 -47.06
C ALA G 45 29.57 16.97 -48.13
N ASP G 46 29.65 16.10 -49.13
CA ASP G 46 30.50 16.39 -50.29
C ASP G 46 30.07 17.69 -50.94
N ASP G 47 28.80 17.76 -51.35
CA ASP G 47 28.22 19.00 -51.86
C ASP G 47 27.88 19.88 -50.66
N ALA G 48 28.89 20.57 -50.17
CA ALA G 48 28.70 21.44 -49.01
C ALA G 48 29.82 22.45 -48.96
N GLU G 49 29.46 23.72 -48.88
CA GLU G 49 30.45 24.76 -48.66
C GLU G 49 31.07 24.58 -47.28
N ILE G 50 32.36 24.85 -47.17
CA ILE G 50 33.04 24.74 -45.89
C ILE G 50 33.30 26.15 -45.36
N PRO G 51 32.39 26.72 -44.59
CA PRO G 51 32.61 28.08 -44.08
C PRO G 51 33.67 28.05 -43.00
N GLY G 52 34.72 28.86 -43.19
CA GLY G 52 35.87 28.80 -42.31
C GLY G 52 35.51 29.06 -40.86
N THR G 53 34.65 30.03 -40.63
CA THR G 53 34.17 30.30 -39.29
C THR G 53 33.25 29.18 -38.83
N TRP G 54 33.40 28.82 -37.56
CA TRP G 54 32.46 27.91 -36.95
C TRP G 54 32.67 27.84 -35.45
N LEU G 55 31.59 28.03 -34.69
CA LEU G 55 31.68 27.85 -33.24
C LEU G 55 31.74 26.36 -32.98
N CYS G 56 32.84 25.92 -32.38
CA CYS G 56 33.12 24.50 -32.30
C CYS G 56 32.65 23.92 -30.98
N ARG G 57 32.91 22.61 -30.83
CA ARG G 57 32.59 21.83 -29.64
C ARG G 57 33.17 22.47 -28.39
N ASN G 58 34.31 23.15 -28.55
CA ASN G 58 34.81 24.08 -27.55
C ASN G 58 33.73 25.03 -27.06
N GLY G 59 32.85 25.47 -27.94
CA GLY G 59 31.86 26.44 -27.59
C GLY G 59 32.24 27.85 -27.97
N MET G 60 33.52 28.12 -28.14
CA MET G 60 33.91 29.39 -28.74
C MET G 60 33.85 29.27 -30.26
N GLU G 61 34.09 30.38 -30.94
CA GLU G 61 34.12 30.38 -32.39
C GLU G 61 35.44 29.85 -32.90
N GLY G 62 35.38 29.05 -33.97
CA GLY G 62 36.59 28.50 -34.55
C GLY G 62 36.64 28.70 -36.05
N THR G 63 37.77 29.17 -36.55
CA THR G 63 37.93 29.38 -37.97
C THR G 63 38.57 28.16 -38.62
N LEU G 64 38.69 28.23 -39.94
CA LEU G 64 39.10 27.09 -40.71
C LEU G 64 40.59 26.84 -40.53
N ILE G 65 41.03 25.66 -40.97
CA ILE G 65 42.44 25.29 -40.94
C ILE G 65 43.25 26.20 -41.86
N GLU G 66 42.60 26.71 -42.90
CA GLU G 66 43.30 27.42 -43.97
C GLU G 66 43.32 28.92 -43.65
N GLY G 67 43.88 29.70 -44.58
CA GLY G 67 43.85 31.14 -44.44
C GLY G 67 43.04 31.79 -45.55
N ASP G 68 41.87 32.31 -45.20
CA ASP G 68 40.99 32.93 -46.17
C ASP G 68 40.71 34.39 -45.81
N LEU G 69 40.20 34.64 -44.60
CA LEU G 69 40.02 35.97 -44.05
C LEU G 69 39.13 36.85 -44.94
N PRO G 70 37.87 36.46 -45.15
CA PRO G 70 36.97 37.32 -45.94
C PRO G 70 36.71 38.66 -45.28
N GLU G 71 36.22 38.63 -44.05
CA GLU G 71 36.03 39.85 -43.28
C GLU G 71 36.17 39.48 -41.80
N PRO G 72 37.17 40.00 -41.11
CA PRO G 72 37.32 39.68 -39.68
C PRO G 72 36.13 40.13 -38.84
N LYS G 73 35.87 41.43 -38.78
CA LYS G 73 34.78 41.94 -37.95
C LYS G 73 33.74 42.71 -38.74
N LYS G 74 34.14 43.78 -39.44
CA LYS G 74 33.19 44.68 -40.10
C LYS G 74 32.15 45.23 -39.13
N VAL G 75 32.52 45.37 -37.85
CA VAL G 75 31.61 45.85 -36.81
C VAL G 75 32.43 46.56 -35.74
N LYS G 76 31.90 47.66 -35.22
CA LYS G 76 32.38 48.59 -34.19
C LYS G 76 31.75 48.24 -32.84
N PRO G 77 32.28 48.81 -31.77
CA PRO G 77 31.63 48.68 -30.47
C PRO G 77 30.29 49.37 -30.47
N PRO G 78 29.38 48.99 -29.57
CA PRO G 78 28.07 49.66 -29.53
C PRO G 78 28.16 51.12 -29.15
N ARG G 79 28.73 51.44 -27.99
CA ARG G 79 28.83 52.81 -27.51
C ARG G 79 30.03 52.90 -26.58
N THR G 80 30.34 54.12 -26.15
CA THR G 80 31.22 54.35 -25.01
C THR G 80 30.56 55.42 -24.18
N HIS G 81 30.74 55.35 -22.86
CA HIS G 81 30.24 56.44 -22.03
C HIS G 81 30.89 57.75 -22.42
N TRP G 82 32.14 57.69 -22.92
CA TRP G 82 32.69 58.81 -23.67
C TRP G 82 31.70 59.33 -24.70
N ASP G 83 31.13 58.43 -25.51
CA ASP G 83 30.26 58.87 -26.58
C ASP G 83 28.96 59.43 -26.03
N MET G 84 28.41 58.77 -25.01
CA MET G 84 27.18 59.27 -24.38
C MET G 84 27.39 60.66 -23.81
N LEU G 85 28.59 60.97 -23.36
CA LEU G 85 28.85 62.34 -22.94
C LEU G 85 29.09 63.26 -24.13
N LEU G 86 29.86 62.77 -25.10
CA LEU G 86 30.27 63.58 -26.24
C LEU G 86 29.07 64.10 -27.02
N GLU G 87 28.08 63.24 -27.22
CA GLU G 87 26.87 63.63 -27.92
C GLU G 87 26.15 64.72 -27.14
N ARG G 88 26.29 64.70 -25.82
CA ARG G 88 25.51 65.58 -24.96
C ARG G 88 26.35 66.70 -24.37
N ARG G 89 27.66 66.69 -24.60
CA ARG G 89 28.51 67.77 -24.10
C ARG G 89 29.55 68.10 -25.15
N SER G 90 30.00 69.34 -25.13
CA SER G 90 30.90 69.89 -26.14
C SER G 90 32.35 69.59 -25.79
N ILE G 91 33.17 69.52 -26.84
CA ILE G 91 34.61 69.43 -26.65
C ILE G 91 35.13 70.64 -25.90
N GLU G 92 34.50 71.78 -26.13
CA GLU G 92 34.93 73.00 -25.47
C GLU G 92 34.55 72.97 -24.00
N GLU G 93 33.35 72.45 -23.70
CA GLU G 93 33.00 72.15 -22.33
C GLU G 93 34.03 71.23 -21.69
N LEU G 94 34.46 70.23 -22.45
CA LEU G 94 35.46 69.27 -21.99
C LEU G 94 36.73 69.99 -21.60
N GLU G 95 37.27 70.79 -22.51
CA GLU G 95 38.49 71.53 -22.23
C GLU G 95 38.30 72.51 -21.08
N GLU G 96 37.09 73.08 -20.96
CA GLU G 96 36.80 73.96 -19.84
C GLU G 96 36.97 73.24 -18.52
N LEU G 97 36.25 72.14 -18.33
CA LEU G 97 36.41 71.37 -17.10
C LEU G 97 37.82 70.84 -16.96
N LEU G 98 38.49 70.61 -18.09
CA LEU G 98 39.85 70.08 -18.05
C LEU G 98 40.80 71.08 -17.41
N LYS G 99 40.88 72.27 -17.97
CA LYS G 99 41.76 73.30 -17.40
C LYS G 99 41.25 73.75 -16.04
N GLU G 100 39.93 73.69 -15.85
CA GLU G 100 39.33 73.81 -14.53
C GLU G 100 40.03 72.92 -13.53
N ARG G 101 40.03 71.61 -13.78
CA ARG G 101 40.64 70.67 -12.85
C ARG G 101 42.15 70.79 -12.83
N LEU G 102 42.75 71.27 -13.92
CA LEU G 102 44.17 71.55 -13.94
C LEU G 102 44.52 72.55 -12.84
N GLU G 103 43.94 73.74 -12.93
CA GLU G 103 44.12 74.74 -11.88
C GLU G 103 43.60 74.23 -10.55
N LEU G 104 42.60 73.35 -10.58
CA LEU G 104 42.09 72.76 -9.36
C LEU G 104 43.17 72.00 -8.61
N ILE G 105 43.79 71.03 -9.27
CA ILE G 105 44.86 70.26 -8.64
C ILE G 105 46.05 71.15 -8.35
N ARG G 106 46.22 72.21 -9.14
CA ARG G 106 47.32 73.12 -8.88
C ARG G 106 47.14 73.81 -7.55
N SER G 107 46.06 74.60 -7.44
CA SER G 107 45.66 75.27 -6.20
C SER G 107 45.33 74.30 -5.09
N ARG G 108 45.28 73.02 -5.40
CA ARG G 108 45.40 71.91 -4.47
C ARG G 108 46.89 71.86 -4.14
N ARG G 109 47.42 70.67 -3.87
CA ARG G 109 48.79 70.41 -3.40
C ARG G 109 49.85 71.39 -3.91
N ARG G 110 49.84 71.77 -5.19
CA ARG G 110 50.85 72.70 -5.65
C ARG G 110 50.38 74.15 -5.65
N GLY G 111 49.21 74.43 -5.08
CA GLY G 111 48.74 75.79 -4.92
C GLY G 111 48.61 76.55 -6.22
ZN ZN J . 34.28 -23.95 6.81
ZN ZN K . 18.45 21.58 -41.05
MG MG L . -6.16 -11.22 4.70
C01 C0L M . 24.68 4.36 -11.56
C02 C0L M . 24.73 4.10 -10.06
C03 C0L M . 25.23 5.02 -9.25
C04 C0L M . 25.28 4.79 -7.75
C05 C0L M . 23.86 4.47 -7.34
C06 C0L M . 22.94 5.34 -6.96
C07 C0L M . 23.20 6.81 -6.83
C08 C0L M . 21.53 4.92 -6.61
C09 C0L M . 21.44 3.62 -5.80
C10 C0L M . 21.22 2.41 -6.73
C11 C0L M . 19.81 2.38 -7.28
C12 C0L M . 19.53 2.88 -8.51
C13 C0L M . 18.08 2.81 -9.07
C14 C0L M . 17.83 2.85 -10.39
C15 C0L M . 18.94 2.90 -11.39
C16 C0L M . 16.36 2.68 -10.83
C17 C0L M . 16.05 1.29 -10.34
C18 C0L M . 15.24 1.17 -9.26
C20 C0L M . 15.03 -0.06 -8.75
C21 C0L M . 15.66 -1.14 -9.32
C23 C0L M . 16.73 0.21 -10.87
C25 C0L M . 15.48 -2.51 -8.76
C26 C0L M . 14.07 -2.97 -8.70
C27 C0L M . 16.07 -2.42 -7.35
C28 C0L M . 16.25 -3.83 -6.78
C29 C0L M . 17.33 -3.89 -5.69
C30 C0L M . 17.69 -5.08 -5.29
C32 C0L M . 19.02 -6.63 -3.93
C35 C0L M . 20.70 -7.33 -2.63
C37 C0L M . 18.73 1.78 -6.39
N31 C0L M . 18.69 -5.28 -4.27
O19 C0L M . 14.63 2.30 -8.74
O22 C0L M . 16.51 -1.03 -10.36
O24 C0L M . 17.59 0.35 -11.95
O33 C0L M . 18.99 -7.46 -4.77
O34 C0L M . 19.37 -6.96 -2.64
O36 C0L M . 15.66 3.45 -11.38
O38 C0L M . 20.94 5.89 -5.82
H012 C0L M . 24.19 3.64 -11.99
H013 C0L M . 25.59 4.38 -11.91
H011 C0L M . 24.24 5.20 -11.74
H021 C0L M . 24.41 3.31 -9.74
H031 C0L M . 25.55 5.81 -9.61
H041 C0L M . 25.84 4.03 -7.56
H042 C0L M . 25.62 5.56 -7.28
H051 C0L M . 23.63 3.59 -7.41
H072 C0L M . 22.41 7.29 -7.10
H073 C0L M . 23.92 7.08 -7.39
H071 C0L M . 23.39 7.00 -5.90
H081 C0L M . 21.04 4.85 -7.43
H092 C0L M . 22.25 3.51 -5.30
H091 C0L M . 20.68 3.69 -5.21
H101 C0L M . 21.81 2.41 -7.48
H102 C0L M . 21.37 1.61 -6.22
H121 C0L M . 20.22 3.22 -9.01
H131 C0L M . 17.38 2.76 -8.48
H152 C0L M . 18.56 2.92 -12.28
H153 C0L M . 19.49 2.12 -11.28
H151 C0L M . 19.46 3.69 -11.24
H201 C0L M . 14.46 -0.18 -8.04
H251 C0L M . 15.99 -3.13 -9.29
H263 C0L M . 13.80 -3.10 -7.78
H261 C0L M . 14.02 -3.82 -9.17
H262 C0L M . 13.50 -2.33 -9.12
H271 C0L M . 16.92 -1.97 -7.39
H272 C0L M . 15.47 -1.92 -6.77
H281 C0L M . 15.41 -4.12 -6.41
H282 C0L M . 16.50 -4.43 -7.49
H291 C0L M . 17.70 -3.12 -5.31
H301 C0L M . 17.30 -5.82 -5.69
H352 C0L M . 21.01 -7.49 -1.73
H353 C0L M . 21.20 -6.62 -3.04
H351 C0L M . 20.79 -8.13 -3.16
H373 C0L M . 19.15 1.44 -5.59
H371 C0L M . 18.29 1.08 -6.87
H372 C0L M . 18.11 2.49 -6.17
H381 C0L M . 21.42 5.97 -5.12
H311 C0L M . 18.86 -4.65 -3.71
#